data_4CYI
#
_entry.id   4CYI
#
_cell.length_a   51.520
_cell.length_b   146.040
_cell.length_c   149.930
_cell.angle_alpha   89.81
_cell.angle_beta   81.13
_cell.angle_gamma   82.77
#
_symmetry.space_group_name_H-M   'P 1'
#
loop_
_entity.id
_entity.type
_entity.pdbx_description
1 polymer 'PAB-DEPENDENT POLY(A)-SPECIFIC RIBONUCLEASE SUBUNIT PAN3-LIKE PROTEIN, PAB-DEPENDENT POLY(A)-SPECIFIC RIBONUCLEASE SUBUNIT PAN3-L PROTEIN'
2 non-polymer "ADENOSINE-5'-TRIPHOSPHATE"
3 non-polymer 'MAGNESIUM ION'
4 water water
#
_entity_poly.entity_id   1
_entity_poly.type   'polypeptide(L)'
_entity_poly.pdbx_seq_one_letter_code
;GSRQELQPWQRATYDFF(MSE)PQNLREDLQKKQFATLQVIPNSGLPQLEHWHSLVPLDTSNRKNTSCFGYPSWVYKAQN
SRNGRHYALRRLEGYRLTNEKAILNV(MSE)KDWKKIKNASIVTIHEVFTTREFGDSSLIFAYDFHPLSKTLQEHHFQPI
HGNRYRPPPAVPENTIWGYICQIANALKTIHSNRLAARCLEPSKIILTDINRIRLSACAILDVVQFG(MSE)NSRSVVEL
QQEDFVKFGKLILSLATGTLPAHLNNIPAALETLGNKYSANLKSAVNWLLDTSSGETKTIEHF(MSE)TGIASQ(MSE)T
TFFDLALQDNDEKLFHLAREVENGRIARSL(MSE)KLLTILERGDYDGVPSWSETGDRYQLKLFRDYVFHRVDADGKPNL
SIGH(MSE)LTC(MSE)SKLEAGVDENILLTSRDNETVFVLSYRELRQ(MSE)YDRAFNELVKASKTGAPGANT
;
_entity_poly.pdbx_strand_id   A,B,C,D,E,F,G,H
#
loop_
_chem_comp.id
_chem_comp.type
_chem_comp.name
_chem_comp.formula
ATP non-polymer ADENOSINE-5'-TRIPHOSPHATE 'C10 H16 N5 O13 P3'
MG non-polymer 'MAGNESIUM ION' 'Mg 2'
#
# COMPACT_ATOMS: atom_id res chain seq x y z
N THR A 13 29.86 34.91 -17.71
CA THR A 13 28.92 34.88 -16.60
C THR A 13 29.43 33.83 -15.60
N TYR A 14 28.85 33.83 -14.40
CA TYR A 14 29.32 32.98 -13.29
C TYR A 14 29.32 31.46 -13.53
N ASP A 15 28.38 30.94 -14.33
CA ASP A 15 28.24 29.49 -14.45
C ASP A 15 29.08 28.83 -15.54
N PHE A 16 30.21 29.43 -15.90
CA PHE A 16 31.02 28.91 -17.00
C PHE A 16 31.42 27.45 -16.83
N PHE A 17 31.88 27.10 -15.63
CA PHE A 17 32.33 25.72 -15.34
C PHE A 17 31.26 24.91 -14.60
N MSE A 18 30.07 25.47 -14.45
CA MSE A 18 29.02 24.84 -13.65
C MSE A 18 28.07 23.99 -14.50
O MSE A 18 27.34 24.52 -15.35
CB MSE A 18 28.22 25.90 -12.89
CG MSE A 18 29.06 26.85 -12.04
SE MSE A 18 27.97 28.11 -11.00
CE MSE A 18 29.41 29.13 -10.17
H MSE A 18 29.84 26.24 -14.80
HA MSE A 18 29.43 24.27 -12.99
HB2 MSE A 18 27.74 26.45 -13.54
HB3 MSE A 18 27.58 25.47 -12.32
HG2 MSE A 18 29.57 26.31 -11.41
HG3 MSE A 18 29.64 27.36 -12.61
HE1 MSE A 18 29.01 29.82 -9.61
HE2 MSE A 18 29.94 28.53 -9.64
HE3 MSE A 18 29.94 29.53 -10.87
N PRO A 19 28.05 22.66 -14.28
CA PRO A 19 27.08 21.82 -15.01
C PRO A 19 25.63 22.25 -14.81
N GLN A 20 24.83 22.09 -15.85
CA GLN A 20 23.42 22.49 -15.80
C GLN A 20 22.62 21.60 -14.84
N ASN A 21 22.92 20.31 -14.85
CA ASN A 21 22.27 19.37 -13.94
C ASN A 21 23.29 18.41 -13.34
N LEU A 22 23.84 18.79 -12.20
CA LEU A 22 24.94 18.05 -11.58
C LEU A 22 24.50 16.65 -11.15
N ARG A 23 23.24 16.53 -10.74
CA ARG A 23 22.71 15.28 -10.23
C ARG A 23 22.66 14.20 -11.31
N GLU A 24 21.97 14.49 -12.40
CA GLU A 24 21.85 13.55 -13.50
C GLU A 24 23.20 13.15 -14.05
N ASP A 25 24.08 14.14 -14.17
CA ASP A 25 25.41 13.95 -14.73
C ASP A 25 26.25 12.98 -13.91
N LEU A 26 26.21 13.14 -12.59
CA LEU A 26 27.00 12.29 -11.69
C LEU A 26 26.49 10.86 -11.72
N GLN A 27 25.19 10.70 -11.85
CA GLN A 27 24.58 9.38 -11.91
C GLN A 27 25.03 8.65 -13.18
N LYS A 28 24.98 9.36 -14.31
CA LYS A 28 25.40 8.80 -15.60
C LYS A 28 26.87 8.39 -15.59
N LYS A 29 27.70 9.20 -14.94
CA LYS A 29 29.13 8.96 -14.90
C LYS A 29 29.45 7.77 -14.00
N GLN A 30 28.67 7.61 -12.94
CA GLN A 30 28.80 6.46 -12.05
C GLN A 30 28.43 5.17 -12.80
N PHE A 31 27.33 5.21 -13.53
CA PHE A 31 26.91 4.05 -14.34
C PHE A 31 27.96 3.70 -15.40
N ALA A 32 28.50 4.72 -16.07
CA ALA A 32 29.47 4.50 -17.14
C ALA A 32 30.75 3.89 -16.61
N THR A 33 31.07 4.15 -15.34
CA THR A 33 32.30 3.65 -14.75
C THR A 33 32.20 2.16 -14.39
N LEU A 34 31.01 1.74 -13.98
CA LEU A 34 30.81 0.35 -13.55
C LEU A 34 30.33 -0.55 -14.69
N GLN A 35 29.95 0.04 -15.82
CA GLN A 35 29.41 -0.71 -16.95
C GLN A 35 30.38 -1.77 -17.46
N VAL A 36 29.85 -2.94 -17.77
CA VAL A 36 30.63 -3.98 -18.44
C VAL A 36 29.80 -4.64 -19.54
N ILE A 37 30.48 -5.08 -20.59
CA ILE A 37 29.85 -5.83 -21.68
C ILE A 37 30.21 -7.29 -21.51
N PRO A 38 29.19 -8.13 -21.23
CA PRO A 38 29.44 -9.52 -20.84
C PRO A 38 30.38 -10.30 -21.76
N ASN A 39 30.09 -10.43 -23.05
CA ASN A 39 30.91 -11.29 -23.91
C ASN A 39 31.32 -10.62 -25.21
N SER A 40 32.39 -9.84 -25.11
CA SER A 40 32.95 -9.18 -26.27
C SER A 40 34.20 -9.92 -26.65
N GLY A 41 34.66 -9.71 -27.88
CA GLY A 41 35.85 -10.35 -28.37
C GLY A 41 37.11 -9.83 -27.72
N LEU A 42 36.96 -8.78 -26.90
CA LEU A 42 38.11 -8.13 -26.29
C LEU A 42 38.76 -9.05 -25.26
N PRO A 43 40.09 -9.03 -25.18
CA PRO A 43 40.78 -9.95 -24.28
C PRO A 43 40.89 -9.43 -22.86
N GLN A 44 41.47 -10.24 -21.98
CA GLN A 44 41.85 -9.80 -20.65
C GLN A 44 43.36 -9.69 -20.63
N LEU A 45 43.87 -8.55 -20.19
CA LEU A 45 45.31 -8.33 -20.13
C LEU A 45 45.86 -8.84 -18.81
N GLU A 46 47.19 -8.82 -18.68
CA GLU A 46 47.84 -9.38 -17.50
C GLU A 46 47.39 -8.71 -16.21
N HIS A 47 47.13 -7.41 -16.28
CA HIS A 47 46.78 -6.64 -15.09
C HIS A 47 45.50 -5.84 -15.29
N TRP A 48 44.81 -6.10 -16.40
CA TRP A 48 43.58 -5.38 -16.75
C TRP A 48 42.48 -6.35 -17.19
N HIS A 49 41.24 -5.98 -16.91
CA HIS A 49 40.10 -6.80 -17.29
C HIS A 49 38.83 -5.98 -17.45
N SER A 50 37.79 -6.61 -17.99
CA SER A 50 36.51 -5.95 -18.21
C SER A 50 36.66 -4.73 -19.10
N LEU A 51 37.39 -4.87 -20.19
CA LEU A 51 37.58 -3.79 -21.14
C LEU A 51 36.26 -3.43 -21.81
N VAL A 52 36.02 -2.14 -21.98
CA VAL A 52 34.82 -1.62 -22.64
C VAL A 52 35.25 -0.56 -23.66
N PRO A 53 34.89 -0.74 -24.94
CA PRO A 53 35.35 0.22 -25.95
C PRO A 53 34.75 1.61 -25.75
N LEU A 54 35.55 2.66 -25.93
CA LEU A 54 35.04 4.03 -25.85
C LEU A 54 34.91 4.71 -27.21
N ASP A 55 35.57 4.17 -28.23
CA ASP A 55 35.47 4.75 -29.57
C ASP A 55 34.01 4.69 -30.04
N THR A 56 33.45 5.87 -30.31
CA THR A 56 32.06 5.97 -30.76
C THR A 56 31.81 5.34 -32.12
N SER A 57 32.72 5.59 -33.05
CA SER A 57 32.62 5.03 -34.40
C SER A 57 33.94 4.34 -34.75
N ASN A 58 33.86 3.07 -35.14
CA ASN A 58 35.07 2.34 -35.51
C ASN A 58 35.45 2.51 -36.99
N ARG A 59 35.90 3.72 -37.32
CA ARG A 59 36.47 4.00 -38.64
C ARG A 59 37.98 4.06 -38.47
N LYS A 60 38.66 3.27 -39.28
CA LYS A 60 40.09 3.10 -39.15
C LYS A 60 40.87 4.32 -39.65
N ASN A 61 41.28 5.14 -38.70
CA ASN A 61 42.02 6.37 -38.99
C ASN A 61 43.40 6.33 -38.34
N THR A 62 44.41 6.76 -39.10
CA THR A 62 45.79 6.70 -38.64
C THR A 62 46.45 8.08 -38.62
N SER A 63 45.63 9.11 -38.77
CA SER A 63 46.12 10.49 -38.93
C SER A 63 47.02 10.97 -37.78
N CYS A 64 46.63 10.65 -36.54
CA CYS A 64 47.28 11.26 -35.38
C CYS A 64 48.63 10.66 -35.04
N PHE A 65 48.73 9.33 -35.07
CA PHE A 65 49.94 8.64 -34.62
C PHE A 65 50.54 7.72 -35.67
N GLY A 66 49.90 7.63 -36.83
CA GLY A 66 50.34 6.74 -37.89
C GLY A 66 49.87 5.32 -37.63
N TYR A 67 49.16 5.12 -36.53
CA TYR A 67 48.56 3.82 -36.22
C TYR A 67 47.12 4.05 -35.78
N PRO A 68 46.25 3.05 -35.98
CA PRO A 68 44.88 3.21 -35.46
C PRO A 68 44.89 3.24 -33.93
N SER A 69 44.10 4.13 -33.32
CA SER A 69 44.13 4.28 -31.88
C SER A 69 42.75 3.96 -31.31
N TRP A 70 42.76 3.05 -30.34
CA TRP A 70 41.55 2.63 -29.66
C TRP A 70 41.65 3.04 -28.21
N VAL A 71 40.52 3.37 -27.59
CA VAL A 71 40.48 3.68 -26.18
C VAL A 71 39.51 2.75 -25.45
N TYR A 72 40.00 2.13 -24.39
CA TYR A 72 39.20 1.24 -23.57
C TYR A 72 39.08 1.76 -22.14
N LYS A 73 37.88 1.62 -21.56
CA LYS A 73 37.73 1.70 -20.13
C LYS A 73 38.11 0.33 -19.59
N ALA A 74 39.08 0.29 -18.69
CA ALA A 74 39.51 -0.99 -18.12
C ALA A 74 39.65 -0.86 -16.61
N GLN A 75 39.44 -1.97 -15.93
CA GLN A 75 39.56 -2.02 -14.49
C GLN A 75 40.89 -2.66 -14.12
N ASN A 76 41.63 -1.99 -13.25
CA ASN A 76 42.91 -2.51 -12.82
C ASN A 76 42.72 -3.69 -11.90
N SER A 77 43.65 -4.65 -11.94
CA SER A 77 43.54 -5.87 -11.13
C SER A 77 44.19 -5.67 -9.77
N ARG A 78 45.27 -4.88 -9.76
CA ARG A 78 46.06 -4.65 -8.55
C ARG A 78 45.25 -3.81 -7.57
N ASN A 79 44.84 -2.62 -7.98
CA ASN A 79 43.89 -1.81 -7.23
C ASN A 79 42.57 -2.00 -7.96
N GLY A 80 41.45 -1.64 -7.35
CA GLY A 80 40.16 -1.89 -7.99
C GLY A 80 39.66 -0.77 -8.88
N ARG A 81 40.56 0.13 -9.27
CA ARG A 81 40.16 1.35 -9.97
C ARG A 81 40.07 1.20 -11.48
N HIS A 82 39.28 2.09 -12.09
CA HIS A 82 39.09 2.11 -13.53
C HIS A 82 40.06 3.11 -14.18
N TYR A 83 40.60 2.72 -15.34
CA TYR A 83 41.54 3.56 -16.08
C TYR A 83 41.18 3.54 -17.55
N ALA A 84 41.67 4.55 -18.28
CA ALA A 84 41.52 4.62 -19.72
C ALA A 84 42.78 4.07 -20.36
N LEU A 85 42.62 3.01 -21.15
CA LEU A 85 43.73 2.41 -21.88
C LEU A 85 43.71 2.88 -23.33
N ARG A 86 44.77 3.54 -23.78
CA ARG A 86 44.93 3.89 -25.19
C ARG A 86 45.73 2.80 -25.88
N ARG A 87 45.15 2.22 -26.93
CA ARG A 87 45.80 1.15 -27.68
C ARG A 87 46.21 1.61 -29.07
N LEU A 88 47.48 1.44 -29.41
CA LEU A 88 47.96 1.63 -30.77
C LEU A 88 48.02 0.28 -31.47
N GLU A 89 47.11 0.09 -32.42
CA GLU A 89 46.99 -1.19 -33.13
C GLU A 89 48.12 -1.38 -34.12
N GLY A 90 48.73 -2.57 -34.09
CA GLY A 90 49.71 -2.94 -35.09
C GLY A 90 51.07 -2.31 -34.87
N TYR A 91 51.26 -1.68 -33.71
CA TYR A 91 52.55 -1.10 -33.39
C TYR A 91 53.46 -2.14 -32.78
N ARG A 92 54.59 -2.39 -33.44
CA ARG A 92 55.57 -3.35 -32.91
C ARG A 92 56.74 -2.60 -32.28
N LEU A 93 56.92 -2.81 -30.98
CA LEU A 93 57.99 -2.16 -30.23
C LEU A 93 59.32 -2.78 -30.57
N THR A 94 60.25 -1.97 -31.04
CA THR A 94 61.59 -2.43 -31.39
C THR A 94 62.58 -2.03 -30.30
N ASN A 95 62.26 -0.95 -29.59
CA ASN A 95 63.14 -0.39 -28.56
C ASN A 95 62.40 0.00 -27.28
N GLU A 96 62.71 -0.70 -26.19
CA GLU A 96 62.12 -0.41 -24.88
C GLU A 96 62.64 0.91 -24.31
N LYS A 97 63.77 1.38 -24.83
CA LYS A 97 64.38 2.61 -24.33
C LYS A 97 63.42 3.78 -24.51
N ALA A 98 62.56 3.69 -25.52
CA ALA A 98 61.56 4.72 -25.77
C ALA A 98 60.56 4.77 -24.62
N ILE A 99 60.14 3.59 -24.15
CA ILE A 99 59.17 3.50 -23.07
C ILE A 99 59.76 3.96 -21.76
N LEU A 100 60.94 3.45 -21.43
CA LEU A 100 61.56 3.74 -20.14
C LEU A 100 61.89 5.23 -20.01
N ASN A 101 62.46 5.81 -21.06
CA ASN A 101 62.87 7.21 -21.03
C ASN A 101 61.70 8.19 -21.05
N VAL A 102 60.68 7.89 -21.85
CA VAL A 102 59.52 8.78 -21.97
C VAL A 102 58.66 8.75 -20.72
N MSE A 103 58.55 7.60 -20.05
CA MSE A 103 57.78 7.50 -18.82
C MSE A 103 58.46 8.26 -17.68
O MSE A 103 57.79 8.89 -16.87
CB MSE A 103 57.57 6.05 -18.40
CG MSE A 103 56.31 5.41 -18.95
SE MSE A 103 54.66 6.38 -18.49
CE MSE A 103 54.52 7.48 -20.09
H MSE A 103 58.92 6.87 -20.30
HA MSE A 103 56.90 7.90 -18.96
HB2 MSE A 103 58.33 5.53 -18.72
HB3 MSE A 103 57.53 6.00 -17.44
HG2 MSE A 103 56.37 5.38 -19.92
HG3 MSE A 103 56.24 4.51 -18.59
HE1 MSE A 103 53.72 8.03 -20.02
HE2 MSE A 103 55.30 8.03 -20.17
HE3 MSE A 103 54.43 6.90 -20.87
N LYS A 104 59.77 8.18 -17.63
CA LYS A 104 60.53 8.89 -16.62
C LYS A 104 60.23 10.39 -16.68
N ASP A 105 59.91 10.88 -17.88
CA ASP A 105 59.64 12.30 -18.07
C ASP A 105 58.22 12.70 -17.73
N TRP A 106 57.27 11.83 -18.08
CA TRP A 106 55.85 12.17 -17.99
C TRP A 106 55.16 11.72 -16.69
N LYS A 107 55.79 10.84 -15.93
CA LYS A 107 55.20 10.40 -14.66
C LYS A 107 55.17 11.54 -13.64
N LYS A 108 56.09 12.50 -13.80
CA LYS A 108 56.15 13.67 -12.93
C LYS A 108 54.93 14.55 -13.11
N ILE A 109 54.44 14.61 -14.34
CA ILE A 109 53.45 15.61 -14.73
C ILE A 109 52.10 15.45 -14.04
N LYS A 110 51.68 16.52 -13.37
CA LYS A 110 50.38 16.60 -12.73
C LYS A 110 49.81 17.98 -12.94
N ASN A 111 48.79 18.06 -13.79
CA ASN A 111 48.22 19.34 -14.20
C ASN A 111 46.73 19.15 -14.50
N ALA A 112 45.93 20.13 -14.12
CA ALA A 112 44.47 20.02 -14.24
C ALA A 112 44.01 19.92 -15.68
N SER A 113 44.88 20.31 -16.62
CA SER A 113 44.52 20.37 -18.04
C SER A 113 45.23 19.30 -18.86
N ILE A 114 45.80 18.32 -18.17
CA ILE A 114 46.45 17.19 -18.82
C ILE A 114 45.97 15.91 -18.16
N VAL A 115 45.56 14.94 -18.98
CA VAL A 115 45.17 13.63 -18.47
C VAL A 115 46.43 12.89 -18.05
N THR A 116 46.50 12.51 -16.78
CA THR A 116 47.64 11.83 -16.21
C THR A 116 47.90 10.49 -16.89
N ILE A 117 49.16 10.24 -17.23
CA ILE A 117 49.62 8.95 -17.76
C ILE A 117 50.31 8.17 -16.64
N HIS A 118 50.05 6.87 -16.59
CA HIS A 118 50.59 6.04 -15.51
C HIS A 118 51.56 4.97 -16.00
N GLU A 119 51.31 4.44 -17.19
CA GLU A 119 51.98 3.22 -17.63
C GLU A 119 51.99 3.09 -19.15
N VAL A 120 53.03 2.41 -19.65
CA VAL A 120 53.12 2.07 -21.06
C VAL A 120 53.68 0.66 -21.19
N PHE A 121 53.01 -0.19 -21.96
CA PHE A 121 53.45 -1.57 -22.13
C PHE A 121 52.94 -2.15 -23.44
N THR A 122 53.61 -3.18 -23.93
CA THR A 122 53.20 -3.89 -25.13
C THR A 122 52.43 -5.16 -24.77
N THR A 123 51.52 -5.57 -25.65
CA THR A 123 50.73 -6.78 -25.43
C THR A 123 50.39 -7.44 -26.77
N ARG A 124 50.22 -8.77 -26.74
CA ARG A 124 49.85 -9.54 -27.91
C ARG A 124 48.45 -10.14 -27.75
N GLU A 125 47.79 -9.80 -26.65
CA GLU A 125 46.52 -10.43 -26.29
C GLU A 125 45.37 -10.01 -27.20
N PHE A 126 45.56 -8.93 -27.96
CA PHE A 126 44.54 -8.44 -28.87
C PHE A 126 44.61 -9.20 -30.20
N GLY A 127 45.57 -10.13 -30.31
CA GLY A 127 45.75 -10.91 -31.52
C GLY A 127 46.71 -10.26 -32.50
N ASP A 128 47.47 -9.28 -32.02
CA ASP A 128 48.41 -8.54 -32.84
C ASP A 128 49.44 -7.87 -31.95
N SER A 129 50.43 -7.21 -32.53
CA SER A 129 51.35 -6.37 -31.76
C SER A 129 50.69 -5.04 -31.44
N SER A 130 50.38 -4.81 -30.17
CA SER A 130 49.79 -3.55 -29.72
C SER A 130 50.59 -2.87 -28.60
N LEU A 131 50.58 -1.54 -28.61
CA LEU A 131 51.20 -0.73 -27.56
C LEU A 131 50.12 -0.06 -26.73
N ILE A 132 50.18 -0.22 -25.41
CA ILE A 132 49.13 0.27 -24.52
C ILE A 132 49.60 1.39 -23.60
N PHE A 133 48.85 2.50 -23.57
CA PHE A 133 49.08 3.62 -22.66
C PHE A 133 47.93 3.75 -21.66
N ALA A 134 48.24 3.68 -20.36
CA ALA A 134 47.20 3.74 -19.33
C ALA A 134 47.07 5.16 -18.74
N TYR A 135 45.88 5.74 -18.90
CA TYR A 135 45.60 7.09 -18.42
C TYR A 135 44.55 7.08 -17.31
N ASP A 136 44.42 8.20 -16.60
CA ASP A 136 43.25 8.44 -15.75
C ASP A 136 42.02 8.25 -16.58
N PHE A 137 40.90 7.91 -15.94
CA PHE A 137 39.64 7.72 -16.63
C PHE A 137 38.69 8.85 -16.28
N HIS A 138 38.15 9.49 -17.32
CA HIS A 138 37.20 10.58 -17.14
C HIS A 138 35.89 10.18 -17.81
N PRO A 139 34.92 9.72 -17.01
CA PRO A 139 33.71 9.12 -17.59
C PRO A 139 32.94 10.08 -18.49
N LEU A 140 32.40 9.52 -19.58
CA LEU A 140 31.58 10.24 -20.55
C LEU A 140 32.29 11.47 -21.15
N SER A 141 33.59 11.35 -21.37
CA SER A 141 34.35 12.39 -22.06
C SER A 141 34.10 12.35 -23.56
N LYS A 142 34.03 13.53 -24.17
CA LYS A 142 33.94 13.64 -25.63
C LYS A 142 35.03 14.58 -26.15
N THR A 143 35.54 14.27 -27.34
CA THR A 143 36.60 15.06 -27.94
C THR A 143 36.03 16.39 -28.43
N LEU A 144 36.89 17.39 -28.59
CA LEU A 144 36.46 18.66 -29.19
C LEU A 144 35.99 18.41 -30.63
N GLN A 145 36.58 17.43 -31.30
CA GLN A 145 36.14 17.06 -32.63
C GLN A 145 34.70 16.58 -32.59
N GLU A 146 34.42 15.62 -31.72
CA GLU A 146 33.07 15.09 -31.60
C GLU A 146 32.09 16.16 -31.15
N HIS A 147 32.54 17.10 -30.31
CA HIS A 147 31.61 18.05 -29.75
C HIS A 147 31.34 19.22 -30.69
N HIS A 148 32.39 19.72 -31.34
CA HIS A 148 32.26 20.94 -32.15
C HIS A 148 32.18 20.71 -33.67
N PHE A 149 32.64 19.57 -34.17
CA PHE A 149 32.70 19.37 -35.61
C PHE A 149 31.72 18.29 -36.14
N GLN A 150 31.42 17.30 -35.30
CA GLN A 150 30.45 16.23 -35.62
C GLN A 150 29.00 16.74 -35.72
N PRO A 151 28.27 16.40 -36.79
CA PRO A 151 26.86 16.82 -36.84
C PRO A 151 25.90 16.07 -35.88
N ILE A 152 26.23 14.86 -35.44
CA ILE A 152 25.25 14.07 -34.67
C ILE A 152 25.46 14.08 -33.14
N HIS A 153 24.39 14.40 -32.43
CA HIS A 153 24.39 14.42 -30.97
C HIS A 153 23.07 13.88 -30.44
N GLY A 154 23.16 12.88 -29.57
CA GLY A 154 21.97 12.26 -29.00
C GLY A 154 21.13 11.58 -30.05
N ASN A 155 21.79 10.91 -30.98
CA ASN A 155 21.12 10.18 -32.06
C ASN A 155 20.22 11.11 -32.89
N ARG A 156 20.65 12.36 -33.03
CA ARG A 156 19.94 13.32 -33.86
C ARG A 156 20.93 14.20 -34.60
N TYR A 157 20.53 14.65 -35.79
CA TYR A 157 21.35 15.51 -36.62
C TYR A 157 21.19 16.94 -36.17
N ARG A 158 22.25 17.49 -35.60
CA ARG A 158 22.22 18.86 -35.11
C ARG A 158 23.58 19.52 -35.32
N PRO A 159 23.78 20.16 -36.48
CA PRO A 159 25.09 20.77 -36.67
C PRO A 159 25.36 21.75 -35.52
N PRO A 160 26.59 21.74 -35.00
CA PRO A 160 26.86 22.54 -33.81
C PRO A 160 27.05 24.02 -34.08
N PRO A 161 26.61 24.86 -33.14
CA PRO A 161 26.62 26.30 -33.34
C PRO A 161 28.03 26.86 -33.29
N ALA A 162 28.17 28.14 -33.62
CA ALA A 162 29.46 28.79 -33.56
C ALA A 162 29.93 28.79 -32.11
N VAL A 163 31.23 28.58 -31.92
CA VAL A 163 31.79 28.54 -30.58
C VAL A 163 31.88 29.98 -30.06
N PRO A 164 31.25 30.25 -28.90
CA PRO A 164 31.34 31.59 -28.31
C PRO A 164 32.79 31.99 -28.04
N GLU A 165 33.11 33.27 -28.22
CA GLU A 165 34.48 33.72 -28.01
C GLU A 165 34.97 33.46 -26.59
N ASN A 166 34.09 33.62 -25.60
CA ASN A 166 34.48 33.39 -24.21
C ASN A 166 34.87 31.93 -23.97
N THR A 167 34.20 31.02 -24.67
CA THR A 167 34.53 29.60 -24.59
C THR A 167 35.92 29.36 -25.16
N ILE A 168 36.25 30.05 -26.25
CA ILE A 168 37.56 29.92 -26.86
C ILE A 168 38.64 30.48 -25.94
N TRP A 169 38.41 31.64 -25.35
CA TRP A 169 39.37 32.18 -24.37
C TRP A 169 39.50 31.18 -23.22
N GLY A 170 38.38 30.57 -22.83
CA GLY A 170 38.40 29.53 -21.82
C GLY A 170 39.33 28.38 -22.20
N TYR A 171 39.22 27.90 -23.43
CA TYR A 171 40.08 26.83 -23.94
C TYR A 171 41.53 27.23 -23.96
N ILE A 172 41.81 28.43 -24.45
CA ILE A 172 43.18 28.94 -24.52
C ILE A 172 43.84 28.99 -23.14
N CYS A 173 43.12 29.45 -22.13
CA CYS A 173 43.71 29.55 -20.79
C CYS A 173 44.05 28.17 -20.25
N GLN A 174 43.22 27.18 -20.57
CA GLN A 174 43.46 25.82 -20.07
C GLN A 174 44.62 25.16 -20.82
N ILE A 175 44.70 25.37 -22.13
CA ILE A 175 45.84 24.88 -22.91
C ILE A 175 47.13 25.62 -22.54
N ALA A 176 47.04 26.93 -22.35
CA ALA A 176 48.20 27.70 -21.87
C ALA A 176 48.68 27.11 -20.55
N ASN A 177 47.74 26.80 -19.67
CA ASN A 177 48.06 26.15 -18.40
C ASN A 177 48.82 24.86 -18.60
N ALA A 178 48.34 24.01 -19.50
CA ALA A 178 49.01 22.74 -19.79
C ALA A 178 50.41 22.93 -20.35
N LEU A 179 50.56 23.84 -21.32
CA LEU A 179 51.86 24.08 -21.95
C LEU A 179 52.89 24.67 -20.98
N LYS A 180 52.43 25.43 -19.99
CA LYS A 180 53.36 25.97 -18.99
C LYS A 180 54.08 24.83 -18.28
N THR A 181 53.31 23.84 -17.84
CA THR A 181 53.88 22.71 -17.11
C THR A 181 54.73 21.84 -18.02
N ILE A 182 54.20 21.56 -19.21
CA ILE A 182 54.90 20.72 -20.18
C ILE A 182 56.20 21.38 -20.62
N HIS A 183 56.13 22.64 -21.00
CA HIS A 183 57.36 23.32 -21.46
C HIS A 183 58.34 23.53 -20.30
N SER A 184 57.84 23.74 -19.09
CA SER A 184 58.73 23.91 -17.93
C SER A 184 59.52 22.65 -17.64
N ASN A 185 59.02 21.50 -18.08
CA ASN A 185 59.70 20.22 -17.87
C ASN A 185 60.53 19.81 -19.06
N ARG A 186 60.85 20.77 -19.93
CA ARG A 186 61.68 20.53 -21.11
C ARG A 186 61.02 19.49 -22.03
N LEU A 187 59.70 19.58 -22.17
CA LEU A 187 58.93 18.67 -23.01
C LEU A 187 58.05 19.47 -23.96
N ALA A 188 57.38 18.76 -24.85
CA ALA A 188 56.43 19.38 -25.76
C ALA A 188 55.14 18.56 -25.79
N ALA A 189 54.03 19.25 -25.99
CA ALA A 189 52.76 18.60 -26.26
C ALA A 189 52.72 18.32 -27.75
N ARG A 190 53.32 17.20 -28.15
CA ARG A 190 53.46 16.87 -29.57
C ARG A 190 52.13 16.99 -30.32
N CYS A 191 51.05 16.63 -29.64
CA CYS A 191 49.74 16.48 -30.26
C CYS A 191 48.68 17.43 -29.70
N LEU A 192 48.18 18.33 -30.54
CA LEU A 192 47.16 19.30 -30.15
C LEU A 192 45.92 19.23 -31.04
N GLU A 193 45.70 18.09 -31.68
CA GLU A 193 44.52 17.96 -32.55
C GLU A 193 43.24 17.96 -31.71
N PRO A 194 42.12 18.46 -32.29
CA PRO A 194 40.84 18.51 -31.57
C PRO A 194 40.32 17.14 -31.13
N SER A 195 40.78 16.08 -31.79
CA SER A 195 40.32 14.74 -31.45
C SER A 195 41.05 14.19 -30.24
N LYS A 196 42.14 14.84 -29.85
CA LYS A 196 42.95 14.36 -28.73
C LYS A 196 42.92 15.37 -27.57
N ILE A 197 41.88 16.19 -27.58
CA ILE A 197 41.57 17.06 -26.46
C ILE A 197 40.13 16.77 -26.05
N ILE A 198 39.93 16.35 -24.80
CA ILE A 198 38.63 15.89 -24.35
C ILE A 198 37.96 16.85 -23.37
N LEU A 199 36.65 16.99 -23.52
CA LEU A 199 35.83 17.67 -22.55
C LEU A 199 35.44 16.69 -21.45
N THR A 200 36.05 16.80 -20.28
CA THR A 200 35.74 15.89 -19.18
C THR A 200 34.55 16.40 -18.39
N ASP A 201 34.20 17.66 -18.63
CA ASP A 201 33.00 18.28 -18.09
C ASP A 201 32.78 19.58 -18.85
N ILE A 202 31.71 20.29 -18.53
CA ILE A 202 31.33 21.50 -19.26
C ILE A 202 32.48 22.53 -19.35
N ASN A 203 32.82 22.89 -20.58
CA ASN A 203 33.87 23.88 -20.89
C ASN A 203 35.22 23.52 -20.25
N ARG A 204 35.37 22.26 -19.86
CA ARG A 204 36.58 21.83 -19.18
C ARG A 204 37.34 20.84 -20.04
N ILE A 205 38.50 21.26 -20.55
CA ILE A 205 39.27 20.43 -21.48
C ILE A 205 40.60 19.95 -20.91
N ARG A 206 41.04 18.79 -21.40
CA ARG A 206 42.27 18.16 -20.98
C ARG A 206 42.92 17.47 -22.17
N LEU A 207 44.25 17.56 -22.27
CA LEU A 207 44.98 16.88 -23.34
C LEU A 207 45.02 15.39 -23.05
N SER A 208 44.43 14.58 -23.93
CA SER A 208 44.23 13.15 -23.67
C SER A 208 45.35 12.25 -24.19
N ALA A 209 46.24 12.76 -25.03
CA ALA A 209 47.23 11.90 -25.67
C ALA A 209 48.66 12.43 -25.57
N CYS A 210 49.14 12.56 -24.35
CA CYS A 210 50.51 13.01 -24.12
C CYS A 210 51.44 11.81 -23.96
N ALA A 211 52.66 11.98 -24.47
CA ALA A 211 53.74 10.98 -24.42
C ALA A 211 53.59 9.90 -25.49
N ILE A 212 52.49 9.90 -26.25
CA ILE A 212 52.34 8.90 -27.30
C ILE A 212 53.32 9.15 -28.45
N LEU A 213 53.34 10.37 -28.98
CA LEU A 213 54.27 10.69 -30.06
C LEU A 213 55.73 10.68 -29.59
N ASP A 214 55.95 10.86 -28.29
CA ASP A 214 57.29 10.81 -27.74
C ASP A 214 57.88 9.42 -27.95
N VAL A 215 57.05 8.39 -27.79
CA VAL A 215 57.49 7.00 -27.96
C VAL A 215 57.53 6.63 -29.43
N VAL A 216 56.51 7.03 -30.18
CA VAL A 216 56.41 6.67 -31.59
C VAL A 216 57.55 7.29 -32.40
N GLN A 217 57.88 8.54 -32.09
CA GLN A 217 58.91 9.28 -32.81
C GLN A 217 60.26 9.27 -32.08
N PHE A 218 60.43 8.36 -31.14
CA PHE A 218 61.65 8.34 -30.31
C PHE A 218 62.92 8.20 -31.14
N GLY A 219 62.97 7.17 -31.98
CA GLY A 219 64.14 6.90 -32.79
C GLY A 219 64.33 7.88 -33.92
N MSE A 220 63.25 8.12 -34.68
CA MSE A 220 63.33 8.91 -35.90
C MSE A 220 63.55 10.40 -35.66
O MSE A 220 64.37 11.03 -36.34
CB MSE A 220 62.07 8.72 -36.73
CG MSE A 220 62.10 7.49 -37.64
SE MSE A 220 61.74 5.82 -36.70
CE MSE A 220 59.83 6.07 -36.37
H MSE A 220 62.47 7.85 -34.49
HA MSE A 220 64.08 8.58 -36.43
HB2 MSE A 220 61.32 8.62 -36.14
HB3 MSE A 220 61.95 9.50 -37.30
HG2 MSE A 220 61.43 7.61 -38.33
HG3 MSE A 220 62.98 7.42 -38.05
HE1 MSE A 220 59.49 5.30 -35.90
HE2 MSE A 220 59.71 6.87 -35.84
HE3 MSE A 220 59.38 6.17 -37.22
N ASN A 221 62.82 10.97 -34.70
CA ASN A 221 62.80 12.41 -34.51
C ASN A 221 64.21 12.96 -34.27
N SER A 222 64.51 14.08 -34.92
CA SER A 222 65.81 14.74 -34.79
C SER A 222 65.67 16.16 -34.26
N ARG A 223 64.46 16.70 -34.33
CA ARG A 223 64.19 18.06 -33.87
C ARG A 223 64.41 18.17 -32.37
N SER A 224 64.92 19.31 -31.93
CA SER A 224 65.24 19.51 -30.52
C SER A 224 64.00 19.90 -29.72
N VAL A 225 64.19 20.04 -28.41
CA VAL A 225 63.09 20.37 -27.52
C VAL A 225 62.49 21.72 -27.89
N VAL A 226 63.35 22.71 -28.08
CA VAL A 226 62.89 24.06 -28.39
C VAL A 226 62.13 24.08 -29.71
N GLU A 227 62.59 23.32 -30.69
CA GLU A 227 61.92 23.24 -31.99
C GLU A 227 60.54 22.62 -31.86
N LEU A 228 60.44 21.54 -31.09
CA LEU A 228 59.16 20.90 -30.85
C LEU A 228 58.20 21.85 -30.12
N GLN A 229 58.75 22.68 -29.25
CA GLN A 229 57.94 23.64 -28.51
C GLN A 229 57.41 24.75 -29.41
N GLN A 230 58.20 25.13 -30.42
CA GLN A 230 57.75 26.12 -31.40
C GLN A 230 56.58 25.56 -32.20
N GLU A 231 56.63 24.25 -32.47
CA GLU A 231 55.55 23.61 -33.22
C GLU A 231 54.26 23.55 -32.38
N ASP A 232 54.39 23.41 -31.06
CA ASP A 232 53.20 23.43 -30.20
C ASP A 232 52.40 24.70 -30.39
N PHE A 233 53.09 25.82 -30.53
CA PHE A 233 52.40 27.10 -30.70
C PHE A 233 51.67 27.18 -32.04
N VAL A 234 52.31 26.69 -33.10
CA VAL A 234 51.66 26.64 -34.42
C VAL A 234 50.43 25.76 -34.36
N LYS A 235 50.58 24.56 -33.80
CA LYS A 235 49.46 23.64 -33.64
C LYS A 235 48.37 24.22 -32.76
N PHE A 236 48.79 24.97 -31.74
CA PHE A 236 47.89 25.69 -30.84
C PHE A 236 47.09 26.72 -31.66
N GLY A 237 47.78 27.51 -32.47
CA GLY A 237 47.11 28.49 -33.31
C GLY A 237 46.15 27.86 -34.31
N LYS A 238 46.52 26.71 -34.86
CA LYS A 238 45.65 26.04 -35.83
C LYS A 238 44.43 25.46 -35.14
N LEU A 239 44.57 25.07 -33.88
CA LEU A 239 43.43 24.58 -33.11
C LEU A 239 42.38 25.68 -32.93
N ILE A 240 42.84 26.88 -32.59
CA ILE A 240 41.93 28.02 -32.38
C ILE A 240 41.29 28.37 -33.72
N LEU A 241 42.11 28.39 -34.77
CA LEU A 241 41.63 28.72 -36.10
C LEU A 241 40.54 27.73 -36.52
N SER A 242 40.75 26.45 -36.20
CA SER A 242 39.73 25.42 -36.47
C SER A 242 38.42 25.70 -35.75
N LEU A 243 38.51 26.05 -34.47
CA LEU A 243 37.32 26.27 -33.65
C LEU A 243 36.56 27.50 -34.11
N ALA A 244 37.29 28.50 -34.59
CA ALA A 244 36.67 29.74 -35.06
C ALA A 244 36.02 29.57 -36.44
N THR A 245 36.59 28.71 -37.28
CA THR A 245 36.11 28.55 -38.66
C THR A 245 35.29 27.28 -38.89
N GLY A 246 35.44 26.29 -38.01
CA GLY A 246 34.71 25.05 -38.14
C GLY A 246 35.36 24.07 -39.10
N THR A 247 36.63 24.31 -39.40
CA THR A 247 37.41 23.44 -40.27
C THR A 247 38.52 22.74 -39.51
N LEU A 248 38.60 21.41 -39.67
CA LEU A 248 39.62 20.61 -39.00
C LEU A 248 41.02 21.14 -39.34
N PRO A 249 41.97 21.07 -38.40
CA PRO A 249 43.32 21.59 -38.67
C PRO A 249 43.95 21.03 -39.95
N ALA A 250 43.76 19.74 -40.19
CA ALA A 250 44.34 19.07 -41.35
C ALA A 250 43.74 19.56 -42.68
N HIS A 251 42.61 20.25 -42.60
CA HIS A 251 41.90 20.71 -43.80
C HIS A 251 42.01 22.22 -44.00
N LEU A 252 42.95 22.85 -43.29
CA LEU A 252 43.18 24.28 -43.41
C LEU A 252 44.16 24.58 -44.54
N ASN A 253 43.64 24.72 -45.76
CA ASN A 253 44.49 24.93 -46.92
C ASN A 253 44.91 26.38 -47.07
N ASN A 254 44.07 27.29 -46.57
CA ASN A 254 44.32 28.71 -46.71
C ASN A 254 44.31 29.41 -45.35
N ILE A 255 45.47 29.47 -44.70
CA ILE A 255 45.57 30.08 -43.38
C ILE A 255 45.16 31.55 -43.45
N PRO A 256 45.66 32.28 -44.48
CA PRO A 256 45.21 33.68 -44.58
C PRO A 256 43.69 33.84 -44.70
N ALA A 257 43.05 32.97 -45.48
CA ALA A 257 41.60 33.07 -45.65
C ALA A 257 40.89 32.70 -44.36
N ALA A 258 41.47 31.78 -43.60
CA ALA A 258 40.91 31.36 -42.32
C ALA A 258 41.08 32.47 -41.29
N LEU A 259 42.23 33.16 -41.33
CA LEU A 259 42.49 34.26 -40.42
C LEU A 259 41.53 35.42 -40.64
N GLU A 260 41.09 35.61 -41.88
CA GLU A 260 40.16 36.67 -42.20
C GLU A 260 38.74 36.31 -41.75
N THR A 261 38.43 35.03 -41.78
CA THR A 261 37.16 34.56 -41.25
C THR A 261 37.13 34.79 -39.74
N LEU A 262 38.21 34.41 -39.08
CA LEU A 262 38.32 34.58 -37.64
C LEU A 262 38.16 36.05 -37.27
N GLY A 263 38.81 36.93 -38.04
CA GLY A 263 38.76 38.34 -37.78
C GLY A 263 37.38 38.95 -37.98
N ASN A 264 36.56 38.32 -38.81
CA ASN A 264 35.21 38.83 -39.07
C ASN A 264 34.19 38.32 -38.06
N LYS A 265 34.48 37.18 -37.44
CA LYS A 265 33.57 36.56 -36.49
C LYS A 265 33.96 36.87 -35.03
N TYR A 266 35.23 37.16 -34.80
CA TYR A 266 35.75 37.34 -33.45
C TYR A 266 36.53 38.65 -33.30
N SER A 267 36.86 39.00 -32.06
CA SER A 267 37.52 40.27 -31.77
C SER A 267 38.95 40.31 -32.30
N ALA A 268 39.51 41.52 -32.34
CA ALA A 268 40.87 41.73 -32.82
C ALA A 268 41.88 41.11 -31.87
N ASN A 269 41.57 41.08 -30.58
CA ASN A 269 42.46 40.48 -29.59
C ASN A 269 42.71 39.01 -29.88
N LEU A 270 41.64 38.27 -30.18
CA LEU A 270 41.77 36.85 -30.49
C LEU A 270 42.59 36.68 -31.76
N LYS A 271 42.29 37.50 -32.76
CA LYS A 271 43.00 37.44 -34.03
C LYS A 271 44.49 37.72 -33.84
N SER A 272 44.81 38.61 -32.92
CA SER A 272 46.19 38.93 -32.61
C SER A 272 46.90 37.77 -31.93
N ALA A 273 46.19 37.10 -31.02
CA ALA A 273 46.75 35.97 -30.30
C ALA A 273 47.08 34.82 -31.25
N VAL A 274 46.12 34.48 -32.11
CA VAL A 274 46.32 33.40 -33.07
C VAL A 274 47.48 33.72 -34.00
N ASN A 275 47.55 34.98 -34.43
CA ASN A 275 48.59 35.39 -35.33
C ASN A 275 49.97 35.26 -34.70
N TRP A 276 50.07 35.56 -33.41
CA TRP A 276 51.31 35.41 -32.69
C TRP A 276 51.70 33.94 -32.59
N LEU A 277 50.69 33.09 -32.41
CA LEU A 277 50.90 31.65 -32.32
C LEU A 277 51.34 31.03 -33.64
N LEU A 278 50.74 31.47 -34.74
CA LEU A 278 51.05 30.94 -36.07
C LEU A 278 52.40 31.42 -36.60
N ASP A 279 52.73 32.66 -36.28
CA ASP A 279 53.91 33.32 -36.84
C ASP A 279 55.21 32.62 -36.52
N THR A 280 56.05 32.46 -37.55
CA THR A 280 57.39 31.90 -37.40
C THR A 280 58.44 32.82 -38.01
N SER A 281 57.99 34.00 -38.46
CA SER A 281 58.85 34.95 -39.18
C SER A 281 59.45 36.07 -38.34
N SER A 282 58.96 36.26 -37.12
CA SER A 282 59.39 37.40 -36.29
C SER A 282 60.87 37.35 -35.89
N GLY A 283 61.50 36.20 -36.00
CA GLY A 283 62.89 36.06 -35.63
C GLY A 283 63.07 36.00 -34.11
N GLU A 284 61.95 35.99 -33.40
CA GLU A 284 61.95 35.92 -31.94
C GLU A 284 61.41 34.54 -31.53
N THR A 285 62.13 33.86 -30.65
CA THR A 285 61.67 32.57 -30.15
C THR A 285 60.40 32.75 -29.32
N LYS A 286 59.37 32.00 -29.66
CA LYS A 286 58.11 32.05 -28.94
C LYS A 286 58.21 31.27 -27.63
N THR A 287 57.75 31.87 -26.55
CA THR A 287 57.75 31.21 -25.24
C THR A 287 56.37 31.29 -24.60
N ILE A 288 56.04 30.29 -23.80
CA ILE A 288 54.77 30.28 -23.10
C ILE A 288 54.71 31.44 -22.09
N GLU A 289 55.88 31.84 -21.59
CA GLU A 289 55.99 32.98 -20.69
C GLU A 289 55.46 34.25 -21.37
N HIS A 290 55.94 34.49 -22.58
CA HIS A 290 55.50 35.64 -23.35
C HIS A 290 54.01 35.55 -23.69
N PHE A 291 53.55 34.34 -24.02
CA PHE A 291 52.14 34.17 -24.39
C PHE A 291 51.24 34.43 -23.18
N MSE A 292 51.56 33.80 -22.05
CA MSE A 292 50.84 34.06 -20.80
C MSE A 292 50.75 35.54 -20.47
O MSE A 292 49.68 36.04 -20.09
CB MSE A 292 51.50 33.31 -19.64
CG MSE A 292 51.16 31.82 -19.59
SE MSE A 292 51.87 30.97 -17.98
CE MSE A 292 53.77 31.34 -18.23
H MSE A 292 52.20 33.22 -21.98
HA MSE A 292 49.93 33.70 -20.89
HB2 MSE A 292 52.46 33.40 -19.72
HB3 MSE A 292 51.20 33.71 -18.81
HG2 MSE A 292 50.21 31.72 -19.60
HG3 MSE A 292 51.55 31.39 -20.37
HE1 MSE A 292 54.26 30.95 -17.48
HE2 MSE A 292 54.06 30.93 -19.06
HE3 MSE A 292 53.90 32.29 -18.27
N THR A 293 51.86 36.26 -20.61
CA THR A 293 51.87 37.71 -20.36
C THR A 293 50.78 38.41 -21.18
N GLY A 294 50.54 37.93 -22.39
CA GLY A 294 49.56 38.55 -23.27
C GLY A 294 48.10 38.25 -22.97
N ILE A 295 47.82 37.17 -22.24
CA ILE A 295 46.44 36.81 -21.88
C ILE A 295 46.20 36.90 -20.38
N ALA A 296 46.98 37.74 -19.69
CA ALA A 296 46.92 37.85 -18.23
C ALA A 296 45.52 38.20 -17.74
N SER A 297 44.86 39.14 -18.42
CA SER A 297 43.53 39.55 -18.02
C SER A 297 42.53 38.38 -18.12
N GLN A 298 42.60 37.64 -19.21
CA GLN A 298 41.73 36.49 -19.43
C GLN A 298 41.96 35.42 -18.36
N MSE A 299 43.24 35.14 -18.10
CA MSE A 299 43.61 34.15 -17.09
C MSE A 299 42.99 34.52 -15.74
O MSE A 299 42.61 33.63 -14.97
CB MSE A 299 45.14 34.06 -16.97
CG MSE A 299 45.62 32.84 -16.19
SE MSE A 299 45.14 31.12 -17.05
CE MSE A 299 46.33 31.24 -18.60
H MSE A 299 43.90 35.51 -18.49
HA MSE A 299 43.27 33.28 -17.37
HB2 MSE A 299 45.52 34.02 -17.86
HB3 MSE A 299 45.45 34.85 -16.51
HG2 MSE A 299 46.59 32.88 -16.12
HG3 MSE A 299 45.23 32.86 -15.31
HE1 MSE A 299 46.22 30.45 -19.15
HE2 MSE A 299 46.10 32.03 -19.11
HE3 MSE A 299 47.25 31.30 -18.30
N THR A 300 42.89 35.82 -15.47
CA THR A 300 42.32 36.29 -14.20
C THR A 300 40.83 36.01 -14.15
N THR A 301 40.16 36.19 -15.28
CA THR A 301 38.72 35.95 -15.36
C THR A 301 38.35 34.49 -15.06
N PHE A 302 39.15 33.55 -15.57
CA PHE A 302 38.85 32.13 -15.42
C PHE A 302 39.39 31.54 -14.13
N PHE A 303 40.30 32.28 -13.51
CA PHE A 303 40.70 31.97 -12.15
C PHE A 303 39.48 32.20 -11.29
N ASP A 304 38.82 33.33 -11.50
CA ASP A 304 37.61 33.70 -10.77
C ASP A 304 36.48 32.69 -10.95
N LEU A 305 36.22 32.32 -12.20
CA LEU A 305 35.12 31.42 -12.53
C LEU A 305 35.35 30.05 -11.95
N ALA A 306 36.60 29.59 -11.98
CA ALA A 306 36.96 28.33 -11.35
C ALA A 306 36.69 28.36 -9.86
N LEU A 307 37.03 29.47 -9.20
CA LEU A 307 36.79 29.60 -7.76
C LEU A 307 35.30 29.68 -7.46
N GLN A 308 34.52 30.29 -8.34
CA GLN A 308 33.08 30.37 -8.11
C GLN A 308 32.45 28.98 -8.26
N ASP A 309 33.00 28.16 -9.16
CA ASP A 309 32.52 26.78 -9.28
C ASP A 309 32.94 25.97 -8.06
N ASN A 310 34.09 26.33 -7.50
CA ASN A 310 34.57 25.71 -6.26
C ASN A 310 33.52 25.88 -5.17
N ASP A 311 33.02 27.10 -5.05
CA ASP A 311 31.99 27.44 -4.07
C ASP A 311 30.69 26.69 -4.35
N GLU A 312 30.38 26.51 -5.63
CA GLU A 312 29.16 25.84 -6.04
C GLU A 312 29.18 24.39 -5.60
N LYS A 313 30.29 23.71 -5.84
CA LYS A 313 30.44 22.32 -5.47
C LYS A 313 30.47 22.13 -3.97
N LEU A 314 31.05 23.10 -3.26
CA LEU A 314 31.13 23.04 -1.81
C LEU A 314 29.72 23.15 -1.21
N PHE A 315 28.90 24.00 -1.81
CA PHE A 315 27.51 24.16 -1.40
C PHE A 315 26.76 22.82 -1.49
N HIS A 316 26.91 22.11 -2.60
CA HIS A 316 26.24 20.81 -2.79
C HIS A 316 26.83 19.74 -1.87
N LEU A 317 28.14 19.76 -1.70
CA LEU A 317 28.82 18.80 -0.81
C LEU A 317 28.31 18.96 0.63
N ALA A 318 28.06 20.20 1.04
CA ALA A 318 27.60 20.48 2.40
C ALA A 318 26.24 19.84 2.64
N ARG A 319 25.42 19.81 1.59
CA ARG A 319 24.08 19.23 1.65
C ARG A 319 24.13 17.70 1.70
N GLU A 320 25.12 17.13 1.03
CA GLU A 320 25.25 15.68 0.85
C GLU A 320 26.11 14.97 1.91
N VAL A 321 26.88 15.73 2.69
CA VAL A 321 27.90 15.17 3.57
C VAL A 321 27.42 14.15 4.61
N GLU A 322 26.19 14.26 5.07
CA GLU A 322 25.64 13.33 6.05
C GLU A 322 25.30 11.94 5.47
N ASN A 323 25.19 11.87 4.15
CA ASN A 323 24.83 10.63 3.47
C ASN A 323 25.72 9.43 3.80
N GLY A 324 27.01 9.66 3.99
CA GLY A 324 27.91 8.60 4.39
C GLY A 324 27.54 8.00 5.73
N ARG A 325 27.23 8.86 6.70
CA ARG A 325 26.87 8.43 8.04
C ARG A 325 25.55 7.67 8.06
N ILE A 326 24.55 8.19 7.36
CA ILE A 326 23.25 7.54 7.26
C ILE A 326 23.36 6.15 6.66
N ALA A 327 24.12 6.03 5.57
CA ALA A 327 24.32 4.76 4.90
C ALA A 327 24.98 3.74 5.83
N ARG A 328 25.99 4.18 6.57
CA ARG A 328 26.70 3.29 7.48
C ARG A 328 25.82 2.86 8.64
N SER A 329 24.83 3.69 9.00
CA SER A 329 23.90 3.34 10.07
C SER A 329 22.97 2.22 9.62
N LEU A 330 22.51 2.32 8.38
CA LEU A 330 21.61 1.33 7.83
C LEU A 330 22.37 0.02 7.63
N MSE A 331 23.64 0.13 7.23
CA MSE A 331 24.46 -1.05 7.01
C MSE A 331 24.74 -1.80 8.30
O MSE A 331 24.72 -3.04 8.32
CB MSE A 331 25.77 -0.66 6.33
CG MSE A 331 25.62 -0.38 4.86
SE MSE A 331 27.32 0.04 4.01
CE MSE A 331 26.83 -0.33 2.16
H MSE A 331 24.04 0.87 7.09
HA MSE A 331 23.99 -1.65 6.40
HB2 MSE A 331 26.12 0.13 6.75
HB3 MSE A 331 26.40 -1.39 6.43
HG2 MSE A 331 25.25 -1.16 4.41
HG3 MSE A 331 25.03 0.39 4.73
HE1 MSE A 331 27.59 -0.17 1.59
HE2 MSE A 331 26.56 -1.27 2.08
HE3 MSE A 331 26.09 0.25 1.90
N LYS A 332 25.01 -1.06 9.36
CA LYS A 332 25.22 -1.64 10.69
C LYS A 332 24.00 -2.46 11.09
N LEU A 333 22.83 -1.87 10.92
CA LEU A 333 21.57 -2.55 11.26
C LEU A 333 21.41 -3.85 10.47
N LEU A 334 21.67 -3.79 9.17
CA LEU A 334 21.53 -4.98 8.32
C LEU A 334 22.54 -6.06 8.67
N THR A 335 23.70 -5.63 9.17
CA THR A 335 24.76 -6.55 9.56
C THR A 335 24.41 -7.32 10.83
N ILE A 336 23.71 -6.65 11.74
CA ILE A 336 23.42 -7.22 13.06
C ILE A 336 22.28 -8.23 13.04
N LEU A 337 21.21 -7.93 12.31
CA LEU A 337 20.00 -8.74 12.36
C LEU A 337 20.03 -9.91 11.37
N GLU A 338 19.38 -11.00 11.77
CA GLU A 338 19.31 -12.24 11.01
C GLU A 338 20.68 -12.84 10.70
N ARG A 339 21.61 -12.77 11.66
CA ARG A 339 22.89 -13.46 11.55
C ARG A 339 22.75 -14.98 11.57
N GLY A 340 22.08 -15.51 12.58
CA GLY A 340 21.90 -16.94 12.72
C GLY A 340 23.20 -17.64 13.09
N ASP A 353 18.42 -9.57 23.28
CA ASP A 353 18.58 -8.18 22.87
C ASP A 353 18.25 -8.01 21.38
N ARG A 354 18.50 -9.03 20.59
CA ARG A 354 18.30 -8.95 19.15
C ARG A 354 16.81 -8.88 18.83
N TYR A 355 15.99 -9.43 19.72
CA TYR A 355 14.55 -9.44 19.53
C TYR A 355 14.00 -8.01 19.55
N GLN A 356 14.49 -7.19 20.47
CA GLN A 356 14.09 -5.79 20.56
C GLN A 356 14.51 -5.00 19.32
N LEU A 357 15.74 -5.24 18.86
CA LEU A 357 16.24 -4.60 17.66
C LEU A 357 15.41 -5.00 16.44
N LYS A 358 14.91 -6.24 16.46
CA LYS A 358 14.07 -6.73 15.37
C LYS A 358 12.75 -5.97 15.36
N LEU A 359 12.19 -5.74 16.56
CA LEU A 359 10.93 -5.01 16.68
C LEU A 359 11.10 -3.54 16.30
N PHE A 360 12.27 -2.99 16.60
CA PHE A 360 12.56 -1.62 16.23
C PHE A 360 12.62 -1.50 14.71
N ARG A 361 13.33 -2.41 14.07
CA ARG A 361 13.38 -2.43 12.61
C ARG A 361 11.97 -2.50 12.04
N ASP A 362 11.12 -3.30 12.65
CA ASP A 362 9.73 -3.44 12.20
C ASP A 362 8.99 -2.10 12.38
N TYR A 363 9.23 -1.45 13.50
CA TYR A 363 8.61 -0.17 13.81
C TYR A 363 9.00 0.91 12.80
N VAL A 364 10.22 0.84 12.29
CA VAL A 364 10.73 1.88 11.40
C VAL A 364 10.41 1.60 9.93
N PHE A 365 10.66 0.38 9.46
CA PHE A 365 10.60 0.06 8.04
C PHE A 365 9.37 -0.76 7.60
N HIS A 366 8.62 -1.32 8.55
CA HIS A 366 7.47 -2.17 8.23
C HIS A 366 6.13 -1.59 8.67
N ARG A 367 6.03 -0.26 8.64
CA ARG A 367 4.80 0.44 8.99
C ARG A 367 3.66 0.08 8.04
N VAL A 368 2.46 -0.06 8.60
CA VAL A 368 1.26 -0.33 7.82
C VAL A 368 0.14 0.62 8.23
N ASP A 369 -0.67 1.02 7.24
CA ASP A 369 -1.80 1.90 7.49
C ASP A 369 -2.87 1.15 8.28
N ALA A 370 -3.91 1.86 8.68
CA ALA A 370 -5.02 1.25 9.44
C ALA A 370 -5.69 0.17 8.59
N ASP A 371 -5.67 0.35 7.28
CA ASP A 371 -6.29 -0.59 6.35
C ASP A 371 -5.48 -1.87 6.22
N GLY A 372 -4.20 -1.79 6.56
CA GLY A 372 -3.29 -2.91 6.44
C GLY A 372 -2.27 -2.68 5.34
N LYS A 373 -2.46 -1.62 4.56
CA LYS A 373 -1.54 -1.27 3.48
C LYS A 373 -0.22 -0.77 4.05
N PRO A 374 0.90 -1.09 3.38
CA PRO A 374 2.22 -0.66 3.87
C PRO A 374 2.47 0.83 3.67
N ASN A 375 3.11 1.48 4.64
CA ASN A 375 3.45 2.89 4.51
C ASN A 375 4.95 3.05 4.28
N LEU A 376 5.29 3.80 3.24
CA LEU A 376 6.67 3.91 2.76
C LEU A 376 7.22 5.32 2.90
N SER A 377 6.66 6.08 3.83
CA SER A 377 7.12 7.45 4.09
C SER A 377 8.58 7.47 4.50
N ILE A 378 9.39 8.23 3.76
CA ILE A 378 10.82 8.29 3.98
C ILE A 378 11.15 9.08 5.25
N GLY A 379 10.32 10.07 5.54
CA GLY A 379 10.55 10.96 6.66
C GLY A 379 10.64 10.21 7.98
N HIS A 380 9.70 9.29 8.17
CA HIS A 380 9.68 8.47 9.37
C HIS A 380 10.98 7.68 9.52
N MSE A 381 11.43 7.09 8.42
CA MSE A 381 12.62 6.23 8.44
C MSE A 381 13.87 7.02 8.81
O MSE A 381 14.67 6.58 9.64
CB MSE A 381 12.80 5.55 7.09
CG MSE A 381 11.66 4.62 6.73
SE MSE A 381 11.81 3.86 4.93
CE MSE A 381 10.19 2.76 4.93
H MSE A 381 11.07 7.16 7.64
HA MSE A 381 12.49 5.55 9.11
HB2 MSE A 381 12.85 6.23 6.40
HB3 MSE A 381 13.62 5.04 7.11
HG2 MSE A 381 11.65 3.88 7.37
HG3 MSE A 381 10.82 5.11 6.78
HE1 MSE A 381 10.12 2.31 4.08
HE2 MSE A 381 10.25 2.11 5.65
HE3 MSE A 381 9.42 3.33 5.07
N LEU A 382 14.06 8.18 8.18
CA LEU A 382 15.24 9.00 8.44
C LEU A 382 15.22 9.56 9.86
N THR A 383 14.06 10.02 10.30
CA THR A 383 13.91 10.56 11.65
C THR A 383 14.25 9.52 12.70
N CYS A 384 13.76 8.30 12.53
CA CYS A 384 13.98 7.23 13.51
C CYS A 384 15.44 6.79 13.58
N MSE A 385 16.09 6.69 12.42
CA MSE A 385 17.51 6.33 12.40
C MSE A 385 18.38 7.43 12.99
O MSE A 385 19.41 7.17 13.60
CB MSE A 385 17.97 6.02 10.97
CG MSE A 385 17.37 4.74 10.39
SE MSE A 385 17.68 3.14 11.49
CE MSE A 385 19.62 3.06 11.37
H MSE A 385 15.75 6.82 11.65
HA MSE A 385 17.63 5.52 12.92
HB2 MSE A 385 17.72 6.75 10.39
HB3 MSE A 385 18.94 5.92 10.97
HG2 MSE A 385 16.41 4.86 10.30
HG3 MSE A 385 17.77 4.58 9.52
HE1 MSE A 385 19.94 2.29 11.88
HE2 MSE A 385 19.88 2.96 10.44
HE3 MSE A 385 20.00 3.87 11.73
N SER A 386 17.95 8.67 12.79
CA SER A 386 18.68 9.81 13.34
C SER A 386 18.60 9.83 14.86
N LYS A 387 17.40 9.62 15.39
CA LYS A 387 17.20 9.57 16.84
C LYS A 387 17.98 8.41 17.44
N LEU A 388 18.09 7.33 16.69
CA LEU A 388 18.88 6.18 17.14
C LEU A 388 20.34 6.58 17.24
N GLU A 389 20.83 7.28 16.22
CA GLU A 389 22.22 7.72 16.19
C GLU A 389 22.52 8.65 17.36
N ALA A 390 21.59 9.53 17.66
CA ALA A 390 21.76 10.52 18.72
C ALA A 390 21.48 9.95 20.12
N GLY A 391 20.76 8.83 20.18
CA GLY A 391 20.42 8.22 21.44
C GLY A 391 19.59 9.14 22.32
N VAL A 392 18.61 9.80 21.70
CA VAL A 392 17.74 10.76 22.38
C VAL A 392 16.94 10.06 23.47
N ASP A 393 16.66 10.79 24.55
CA ASP A 393 15.86 10.27 25.65
C ASP A 393 14.37 10.35 25.36
N GLU A 394 13.98 9.94 24.16
CA GLU A 394 12.58 9.84 23.78
C GLU A 394 12.15 8.37 23.73
N ASN A 395 10.96 8.07 24.24
CA ASN A 395 10.46 6.69 24.31
C ASN A 395 9.58 6.32 23.12
N ILE A 396 9.67 5.07 22.70
CA ILE A 396 8.76 4.54 21.68
C ILE A 396 8.13 3.25 22.18
N LEU A 397 6.95 2.97 21.65
CA LEU A 397 6.20 1.78 22.01
C LEU A 397 6.34 0.74 20.91
N LEU A 398 7.10 -0.31 21.18
CA LEU A 398 7.27 -1.40 20.23
C LEU A 398 6.23 -2.50 20.46
N THR A 399 5.55 -2.90 19.39
CA THR A 399 4.53 -3.93 19.47
C THR A 399 4.93 -5.11 18.60
N SER A 400 5.04 -6.31 19.18
CA SER A 400 5.25 -7.51 18.38
C SER A 400 3.89 -7.84 17.74
N ARG A 401 3.87 -8.48 16.58
CA ARG A 401 2.58 -8.78 15.94
C ARG A 401 1.81 -9.87 16.69
N ASP A 402 2.51 -10.88 17.20
CA ASP A 402 1.92 -11.63 18.29
C ASP A 402 1.89 -10.53 19.34
N ASN A 403 0.70 -10.04 19.68
CA ASN A 403 0.59 -8.91 20.59
C ASN A 403 0.79 -9.22 22.07
N GLU A 404 1.27 -10.43 22.38
CA GLU A 404 1.35 -10.90 23.76
C GLU A 404 2.37 -10.13 24.60
N THR A 405 3.45 -9.67 23.95
CA THR A 405 4.49 -8.92 24.65
C THR A 405 4.63 -7.52 24.04
N VAL A 406 4.82 -6.51 24.90
CA VAL A 406 5.00 -5.13 24.46
C VAL A 406 6.23 -4.56 25.17
N PHE A 407 6.85 -3.55 24.56
CA PHE A 407 8.06 -2.95 25.11
C PHE A 407 8.08 -1.43 25.02
N VAL A 408 8.35 -0.78 26.16
CA VAL A 408 8.59 0.66 26.17
C VAL A 408 10.10 0.90 26.21
N LEU A 409 10.65 1.52 25.16
CA LEU A 409 12.08 1.76 25.08
C LEU A 409 12.44 3.15 24.57
N SER A 410 13.56 3.66 25.05
CA SER A 410 14.08 4.95 24.60
C SER A 410 15.12 4.70 23.51
N TYR A 411 15.32 5.70 22.66
CA TYR A 411 16.33 5.58 21.61
C TYR A 411 17.71 5.44 22.25
N ARG A 412 17.87 6.02 23.44
CA ARG A 412 19.11 5.90 24.18
C ARG A 412 19.41 4.45 24.52
N GLU A 413 18.37 3.74 24.96
CA GLU A 413 18.51 2.32 25.30
C GLU A 413 18.75 1.51 24.04
N LEU A 414 17.99 1.80 22.98
CA LEU A 414 18.14 1.08 21.73
C LEU A 414 19.52 1.30 21.11
N ARG A 415 20.06 2.51 21.26
CA ARG A 415 21.40 2.79 20.78
C ARG A 415 22.42 1.95 21.56
N GLN A 416 22.13 1.75 22.85
CA GLN A 416 23.00 0.96 23.71
C GLN A 416 23.07 -0.48 23.22
N MSE A 417 21.92 -1.06 22.89
CA MSE A 417 21.86 -2.45 22.44
C MSE A 417 22.43 -2.56 21.04
O MSE A 417 23.17 -3.50 20.73
CB MSE A 417 20.41 -2.94 22.43
CG MSE A 417 19.67 -2.71 23.75
SE MSE A 417 17.77 -3.07 23.57
CE MSE A 417 17.84 -5.01 23.66
H MSE A 417 21.16 -0.67 22.94
HA MSE A 417 22.38 -3.01 23.04
HB2 MSE A 417 19.92 -2.49 21.74
HB3 MSE A 417 20.41 -3.90 22.27
HG2 MSE A 417 20.03 -3.31 24.43
HG3 MSE A 417 19.78 -1.79 24.02
HE1 MSE A 417 16.95 -5.36 23.59
HE2 MSE A 417 18.39 -5.34 22.93
HE3 MSE A 417 18.23 -5.27 24.51
N TYR A 418 22.05 -1.60 20.20
CA TYR A 418 22.53 -1.49 18.83
C TYR A 418 24.05 -1.55 18.77
N ASP A 419 24.71 -0.78 19.65
CA ASP A 419 26.17 -0.75 19.70
C ASP A 419 26.74 -2.03 20.31
N ARG A 420 26.06 -2.58 21.31
CA ARG A 420 26.55 -3.79 21.98
C ARG A 420 26.51 -4.96 21.00
N ALA A 421 25.46 -5.02 20.20
CA ALA A 421 25.29 -6.11 19.25
C ALA A 421 26.38 -6.08 18.18
N PHE A 422 26.80 -4.87 17.78
CA PHE A 422 27.78 -4.74 16.72
C PHE A 422 29.20 -5.03 17.19
N ASN A 423 29.62 -4.42 18.30
CA ASN A 423 30.98 -4.60 18.78
C ASN A 423 31.21 -6.02 19.31
N GLU A 424 30.12 -6.78 19.41
CA GLU A 424 30.23 -8.20 19.71
C GLU A 424 30.73 -8.95 18.47
N LEU A 425 30.34 -8.47 17.30
CA LEU A 425 30.80 -9.06 16.03
C LEU A 425 32.25 -8.64 15.76
N VAL A 426 32.60 -7.43 16.18
CA VAL A 426 33.97 -6.96 16.07
C VAL A 426 34.84 -7.79 17.01
N LYS A 427 34.24 -8.26 18.10
CA LYS A 427 34.92 -9.13 19.04
C LYS A 427 35.31 -10.43 18.36
N ALA A 428 34.34 -11.02 17.65
CA ALA A 428 34.56 -12.29 16.94
C ALA A 428 35.61 -12.16 15.84
N SER A 429 35.80 -10.93 15.35
CA SER A 429 36.80 -10.68 14.31
C SER A 429 38.20 -10.58 14.91
N ARG B 11 56.66 26.32 -6.82
CA ARG B 11 56.92 25.97 -5.43
C ARG B 11 55.64 25.56 -4.70
N ALA B 12 54.50 25.92 -5.28
CA ALA B 12 53.22 25.60 -4.65
C ALA B 12 52.87 24.13 -4.86
N THR B 13 52.16 23.55 -3.88
CA THR B 13 51.73 22.16 -3.96
C THR B 13 50.36 22.12 -4.62
N TYR B 14 49.98 20.96 -5.13
CA TYR B 14 48.70 20.78 -5.81
C TYR B 14 47.54 21.05 -4.85
N ASP B 15 47.76 20.75 -3.56
CA ASP B 15 46.72 20.85 -2.54
C ASP B 15 46.63 22.25 -1.91
N PHE B 16 47.03 23.27 -2.66
CA PHE B 16 47.07 24.63 -2.16
C PHE B 16 45.73 25.10 -1.60
N PHE B 17 44.66 24.81 -2.32
CA PHE B 17 43.31 25.20 -1.90
C PHE B 17 42.55 24.05 -1.23
N MSE B 18 43.23 22.96 -0.89
CA MSE B 18 42.58 21.74 -0.38
C MSE B 18 42.61 21.64 1.15
O MSE B 18 43.70 21.52 1.74
CB MSE B 18 43.22 20.49 -0.98
CG MSE B 18 42.97 20.30 -2.48
SE MSE B 18 43.75 18.66 -3.19
CE MSE B 18 43.78 19.13 -5.09
H MSE B 18 44.09 22.89 -0.95
HA MSE B 18 41.65 21.76 -0.66
HB2 MSE B 18 44.19 20.55 -0.86
HB3 MSE B 18 42.88 19.72 -0.52
HG2 MSE B 18 42.01 20.27 -2.63
HG3 MSE B 18 43.35 21.05 -2.96
HE1 MSE B 18 44.16 18.38 -5.59
HE2 MSE B 18 42.87 19.30 -5.38
HE3 MSE B 18 44.33 19.92 -5.21
N PRO B 19 41.44 21.67 1.80
CA PRO B 19 41.40 21.40 3.25
C PRO B 19 41.90 20.00 3.57
N GLN B 20 42.53 19.86 4.73
CA GLN B 20 43.08 18.58 5.16
C GLN B 20 41.97 17.57 5.43
N ASN B 21 40.87 18.04 6.02
CA ASN B 21 39.71 17.21 6.31
C ASN B 21 38.46 17.96 5.91
N LEU B 22 38.02 17.73 4.67
CA LEU B 22 36.92 18.50 4.09
C LEU B 22 35.63 18.19 4.85
N ARG B 23 35.49 16.95 5.31
CA ARG B 23 34.28 16.52 6.01
C ARG B 23 34.13 17.21 7.37
N GLU B 24 35.13 17.09 8.22
CA GLU B 24 35.11 17.72 9.54
C GLU B 24 34.91 19.22 9.43
N ASP B 25 35.54 19.82 8.44
CA ASP B 25 35.48 21.26 8.23
C ASP B 25 34.06 21.73 7.93
N LEU B 26 33.35 20.99 7.08
CA LEU B 26 31.97 21.34 6.73
C LEU B 26 31.02 21.16 7.91
N GLN B 27 31.26 20.14 8.72
CA GLN B 27 30.43 19.90 9.87
C GLN B 27 30.58 21.04 10.87
N LYS B 28 31.82 21.47 11.12
CA LYS B 28 32.06 22.59 12.03
C LYS B 28 31.38 23.86 11.52
N LYS B 29 31.42 24.07 10.21
CA LYS B 29 30.84 25.28 9.63
C LYS B 29 29.32 25.26 9.69
N GLN B 30 28.75 24.07 9.53
CA GLN B 30 27.31 23.89 9.66
C GLN B 30 26.88 24.15 11.10
N PHE B 31 27.67 23.63 12.04
CA PHE B 31 27.39 23.84 13.46
C PHE B 31 27.38 25.34 13.76
N ALA B 32 28.38 26.05 13.26
CA ALA B 32 28.52 27.49 13.50
C ALA B 32 27.41 28.31 12.85
N THR B 33 26.84 27.81 11.76
CA THR B 33 25.83 28.55 11.02
C THR B 33 24.49 28.56 11.75
N LEU B 34 24.24 27.49 12.52
CA LEU B 34 22.94 27.31 13.16
C LEU B 34 22.87 27.85 14.60
N GLN B 35 24.01 28.16 15.20
CA GLN B 35 24.02 28.62 16.60
C GLN B 35 23.23 29.89 16.84
N VAL B 36 22.48 29.90 17.96
CA VAL B 36 21.74 31.08 18.41
C VAL B 36 21.88 31.26 19.92
N ILE B 37 21.77 32.50 20.39
CA ILE B 37 21.72 32.78 21.82
C ILE B 37 20.27 33.09 22.20
N PRO B 38 19.62 32.19 22.97
CA PRO B 38 18.19 32.30 23.28
C PRO B 38 17.75 33.67 23.81
N ASN B 39 18.43 34.17 24.84
CA ASN B 39 18.02 35.42 25.47
C ASN B 39 19.21 36.38 25.61
N SER B 40 19.46 37.12 24.55
CA SER B 40 20.52 38.12 24.52
C SER B 40 19.93 39.53 24.55
N GLY B 41 20.78 40.50 24.87
CA GLY B 41 20.36 41.88 24.89
C GLY B 41 20.17 42.42 23.48
N LEU B 42 20.62 41.64 22.48
CA LEU B 42 20.54 42.06 21.09
C LEU B 42 19.10 42.07 20.60
N PRO B 43 18.75 43.08 19.78
CA PRO B 43 17.35 43.22 19.36
C PRO B 43 17.02 42.39 18.12
N GLN B 44 15.76 42.40 17.72
CA GLN B 44 15.35 41.85 16.44
C GLN B 44 14.94 42.97 15.51
N LEU B 45 15.49 42.97 14.30
CA LEU B 45 15.17 43.99 13.31
C LEU B 45 13.93 43.56 12.55
N GLU B 46 13.41 44.45 11.70
CA GLU B 46 12.17 44.19 10.98
C GLU B 46 12.27 42.93 10.10
N HIS B 47 13.46 42.68 9.56
CA HIS B 47 13.66 41.53 8.67
C HIS B 47 14.84 40.65 9.09
N TRP B 48 15.38 40.91 10.29
CA TRP B 48 16.51 40.12 10.80
C TRP B 48 16.26 39.71 12.24
N HIS B 49 16.76 38.53 12.61
CA HIS B 49 16.60 38.03 13.96
C HIS B 49 17.67 36.99 14.30
N SER B 50 17.72 36.61 15.58
CA SER B 50 18.69 35.64 16.07
C SER B 50 20.12 36.11 15.80
N LEU B 51 20.38 37.37 16.13
CA LEU B 51 21.70 37.94 15.96
C LEU B 51 22.70 37.26 16.88
N VAL B 52 23.88 36.96 16.35
CA VAL B 52 24.95 36.34 17.14
C VAL B 52 26.25 37.09 16.86
N PRO B 53 26.89 37.63 17.91
CA PRO B 53 28.13 38.40 17.66
C PRO B 53 29.27 37.54 17.15
N LEU B 54 30.02 38.06 16.18
CA LEU B 54 31.19 37.37 15.65
C LEU B 54 32.47 38.02 16.13
N ASP B 55 32.37 39.24 16.64
CA ASP B 55 33.52 39.94 17.18
C ASP B 55 34.12 39.22 18.37
N THR B 56 35.38 38.84 18.25
CA THR B 56 36.10 38.24 19.37
C THR B 56 36.20 39.33 20.41
N SER B 57 36.40 40.55 19.92
CA SER B 57 36.51 41.71 20.78
C SER B 57 35.53 42.82 20.44
N ASN B 58 34.76 43.22 21.45
CA ASN B 58 33.84 44.34 21.35
C ASN B 58 34.62 45.63 21.68
N ARG B 59 35.94 45.52 21.54
CA ARG B 59 36.88 46.62 21.72
C ARG B 59 36.43 47.77 20.83
N LYS B 60 36.17 48.93 21.42
CA LYS B 60 35.71 50.04 20.59
C LYS B 60 36.93 50.61 19.89
N ASN B 61 37.11 50.16 18.65
CA ASN B 61 38.23 50.58 17.81
C ASN B 61 37.62 51.24 16.60
N THR B 62 38.22 52.35 16.20
CA THR B 62 37.66 53.21 15.17
C THR B 62 38.58 53.35 13.96
N SER B 63 39.63 52.53 13.93
CA SER B 63 40.70 52.65 12.93
C SER B 63 40.21 52.61 11.50
N CYS B 64 39.31 51.68 11.21
CA CYS B 64 38.94 51.40 9.83
C CYS B 64 37.93 52.39 9.21
N PHE B 65 36.90 52.77 9.96
CA PHE B 65 35.83 53.60 9.40
C PHE B 65 35.55 54.90 10.14
N GLY B 66 36.24 55.13 11.25
CA GLY B 66 36.00 56.32 12.04
C GLY B 66 34.79 56.16 12.93
N TYR B 67 34.17 54.99 12.84
CA TYR B 67 33.05 54.61 13.70
C TYR B 67 33.34 53.20 14.21
N PRO B 68 32.88 52.86 15.42
CA PRO B 68 33.03 51.48 15.91
C PRO B 68 32.14 50.50 15.17
N SER B 69 32.68 49.34 14.79
CA SER B 69 31.93 48.37 13.98
C SER B 69 31.81 46.97 14.58
N TRP B 70 30.58 46.46 14.62
CA TRP B 70 30.32 45.09 15.05
C TRP B 70 29.74 44.26 13.92
N VAL B 71 30.06 42.98 13.95
CA VAL B 71 29.59 42.03 12.96
C VAL B 71 28.75 40.96 13.63
N TYR B 72 27.54 40.78 13.11
CA TYR B 72 26.62 39.76 13.61
C TYR B 72 26.29 38.76 12.53
N LYS B 73 26.17 37.49 12.91
CA LYS B 73 25.45 36.51 12.10
C LYS B 73 23.98 36.68 12.43
N ALA B 74 23.18 36.88 11.40
CA ALA B 74 21.74 37.04 11.57
C ALA B 74 21.00 36.21 10.54
N GLN B 75 19.78 35.80 10.88
CA GLN B 75 18.95 35.05 9.95
C GLN B 75 17.94 35.99 9.32
N ASN B 76 17.89 35.98 7.99
CA ASN B 76 16.93 36.81 7.28
C ASN B 76 15.54 36.22 7.45
N SER B 77 14.52 37.08 7.45
CA SER B 77 13.16 36.65 7.74
C SER B 77 12.45 36.13 6.51
N ARG B 78 12.74 36.70 5.35
CA ARG B 78 12.07 36.33 4.11
C ARG B 78 12.45 34.94 3.60
N ASN B 79 13.75 34.71 3.40
CA ASN B 79 14.25 33.42 2.91
C ASN B 79 14.81 32.48 3.99
N GLY B 80 14.88 32.96 5.22
CA GLY B 80 15.42 32.17 6.32
C GLY B 80 16.90 31.83 6.25
N ARG B 81 17.65 32.49 5.36
CA ARG B 81 19.09 32.20 5.26
C ARG B 81 19.89 33.14 6.17
N HIS B 82 21.12 32.72 6.45
CA HIS B 82 21.99 33.46 7.35
C HIS B 82 22.90 34.43 6.58
N TYR B 83 23.09 35.60 7.17
CA TYR B 83 23.91 36.67 6.60
C TYR B 83 24.80 37.27 7.66
N ALA B 84 25.86 37.95 7.22
CA ALA B 84 26.72 38.71 8.11
C ALA B 84 26.28 40.17 8.09
N LEU B 85 25.85 40.67 9.25
CA LEU B 85 25.42 42.06 9.36
C LEU B 85 26.55 42.90 9.94
N ARG B 86 27.01 43.88 9.16
CA ARG B 86 27.99 44.85 9.65
C ARG B 86 27.25 46.06 10.21
N ARG B 87 27.49 46.35 11.48
CA ARG B 87 26.82 47.47 12.16
C ARG B 87 27.81 48.60 12.44
N LEU B 88 27.51 49.79 11.95
CA LEU B 88 28.26 50.99 12.30
C LEU B 88 27.51 51.79 13.36
N GLU B 89 28.04 51.82 14.58
CA GLU B 89 27.37 52.49 15.69
C GLU B 89 27.50 54.00 15.60
N GLY B 90 26.40 54.71 15.86
CA GLY B 90 26.44 56.16 15.97
C GLY B 90 26.39 56.92 14.67
N TYR B 91 26.07 56.23 13.57
CA TYR B 91 25.96 56.89 12.27
C TYR B 91 24.57 57.49 12.12
N ARG B 92 24.51 58.82 11.96
CA ARG B 92 23.24 59.52 11.78
C ARG B 92 23.07 59.86 10.31
N LEU B 93 21.98 59.40 9.73
CA LEU B 93 21.72 59.59 8.30
C LEU B 93 21.43 61.04 7.93
N THR B 94 22.29 61.60 7.07
CA THR B 94 22.13 62.98 6.60
C THR B 94 21.66 63.01 5.15
N ASN B 95 22.06 62.00 4.38
CA ASN B 95 21.72 61.92 2.96
C ASN B 95 21.30 60.52 2.55
N GLU B 96 20.05 60.36 2.15
CA GLU B 96 19.54 59.07 1.73
C GLU B 96 20.12 58.65 0.39
N LYS B 97 20.53 59.63 -0.40
CA LYS B 97 21.06 59.39 -1.73
C LYS B 97 22.39 58.64 -1.65
N ALA B 98 23.10 58.81 -0.53
CA ALA B 98 24.38 58.15 -0.34
C ALA B 98 24.23 56.64 -0.29
N ILE B 99 23.19 56.17 0.41
CA ILE B 99 22.95 54.74 0.54
C ILE B 99 22.48 54.13 -0.77
N LEU B 100 21.48 54.76 -1.41
CA LEU B 100 20.89 54.20 -2.62
C LEU B 100 21.88 54.16 -3.78
N ASN B 101 22.66 55.22 -3.97
CA ASN B 101 23.59 55.29 -5.09
C ASN B 101 24.78 54.35 -4.94
N VAL B 102 25.30 54.21 -3.72
CA VAL B 102 26.43 53.32 -3.49
C VAL B 102 25.97 51.87 -3.62
N MSE B 103 24.81 51.58 -3.05
CA MSE B 103 24.26 50.22 -3.11
C MSE B 103 23.89 49.84 -4.54
O MSE B 103 23.92 48.67 -4.90
CB MSE B 103 23.04 50.12 -2.20
CG MSE B 103 22.39 48.74 -2.15
SE MSE B 103 21.01 48.66 -0.76
CE MSE B 103 19.87 47.27 -1.51
H MSE B 103 24.32 52.13 -2.62
HA MSE B 103 24.93 49.60 -2.78
HB2 MSE B 103 23.30 50.34 -1.29
HB3 MSE B 103 22.37 50.75 -2.50
HG2 MSE B 103 21.97 48.56 -3.00
HG3 MSE B 103 23.06 48.07 -1.95
HE1 MSE B 103 19.13 47.12 -0.92
HE2 MSE B 103 19.55 47.56 -2.38
HE3 MSE B 103 20.39 46.46 -1.61
N LYS B 104 23.56 50.85 -5.36
CA LYS B 104 23.19 50.60 -6.75
C LYS B 104 24.40 50.16 -7.56
N ASP B 105 25.57 50.60 -7.15
CA ASP B 105 26.82 50.27 -7.85
C ASP B 105 27.36 48.92 -7.39
N TRP B 106 27.17 48.60 -6.11
CA TRP B 106 27.80 47.43 -5.52
C TRP B 106 26.93 46.16 -5.57
N LYS B 107 25.63 46.32 -5.81
CA LYS B 107 24.75 45.15 -5.93
C LYS B 107 25.09 44.35 -7.18
N LYS B 108 25.66 45.03 -8.18
CA LYS B 108 26.07 44.37 -9.41
C LYS B 108 27.22 43.39 -9.16
N ILE B 109 28.11 43.77 -8.24
CA ILE B 109 29.39 43.09 -8.08
C ILE B 109 29.21 41.67 -7.58
N LYS B 110 29.78 40.72 -8.32
CA LYS B 110 29.79 39.31 -7.94
C LYS B 110 31.14 38.73 -8.31
N ASN B 111 31.94 38.41 -7.30
CA ASN B 111 33.32 37.99 -7.49
C ASN B 111 33.77 37.02 -6.40
N ALA B 112 34.54 36.01 -6.79
CA ALA B 112 34.95 34.98 -5.83
C ALA B 112 35.79 35.54 -4.68
N SER B 113 36.37 36.71 -4.88
CA SER B 113 37.30 37.29 -3.92
C SER B 113 36.76 38.53 -3.20
N ILE B 114 35.45 38.71 -3.29
CA ILE B 114 34.77 39.80 -2.61
C ILE B 114 33.52 39.25 -1.93
N VAL B 115 33.33 39.59 -0.66
CA VAL B 115 32.10 39.20 0.04
C VAL B 115 30.96 40.06 -0.51
N THR B 116 29.95 39.40 -1.06
CA THR B 116 28.82 40.07 -1.69
C THR B 116 28.03 40.94 -0.71
N ILE B 117 27.67 42.14 -1.16
CA ILE B 117 26.81 43.05 -0.41
C ILE B 117 25.38 42.95 -0.92
N HIS B 118 24.41 42.94 -0.02
CA HIS B 118 23.01 42.78 -0.39
C HIS B 118 22.13 43.97 -0.05
N GLU B 119 22.43 44.65 1.06
CA GLU B 119 21.52 45.66 1.59
C GLU B 119 22.24 46.65 2.51
N VAL B 120 21.72 47.88 2.57
CA VAL B 120 22.22 48.89 3.48
C VAL B 120 21.04 49.65 4.07
N PHE B 121 21.00 49.76 5.39
CA PHE B 121 19.90 50.43 6.05
C PHE B 121 20.26 50.95 7.44
N THR B 122 19.49 51.93 7.90
CA THR B 122 19.64 52.49 9.24
C THR B 122 18.62 51.83 10.17
N THR B 123 18.95 51.75 11.45
CA THR B 123 18.06 51.12 12.42
C THR B 123 18.14 51.81 13.78
N ARG B 124 17.06 51.74 14.54
CA ARG B 124 16.99 52.35 15.86
C ARG B 124 16.89 51.28 16.95
N GLU B 125 16.88 50.02 16.54
CA GLU B 125 16.63 48.92 17.46
C GLU B 125 17.79 48.66 18.41
N PHE B 126 18.96 49.17 18.08
CA PHE B 126 20.16 49.00 18.89
C PHE B 126 20.25 50.03 20.02
N GLY B 127 19.26 50.91 20.08
CA GLY B 127 19.21 51.95 21.11
C GLY B 127 19.94 53.21 20.67
N ASP B 128 20.25 53.29 19.38
CA ASP B 128 20.95 54.42 18.82
C ASP B 128 20.77 54.44 17.31
N SER B 129 21.27 55.48 16.65
CA SER B 129 21.31 55.50 15.20
C SER B 129 22.48 54.66 14.73
N SER B 130 22.17 53.52 14.12
CA SER B 130 23.20 52.61 13.59
C SER B 130 22.99 52.36 12.09
N LEU B 131 24.10 52.14 11.38
CA LEU B 131 24.08 51.81 9.97
C LEU B 131 24.43 50.34 9.76
N ILE B 132 23.56 49.63 9.05
CA ILE B 132 23.70 48.18 8.88
C ILE B 132 23.99 47.81 7.43
N PHE B 133 25.03 47.00 7.23
CA PHE B 133 25.36 46.44 5.92
C PHE B 133 25.17 44.92 5.95
N ALA B 134 24.36 44.39 5.04
CA ALA B 134 24.12 42.95 4.98
C ALA B 134 24.99 42.28 3.91
N TYR B 135 25.84 41.36 4.36
CA TYR B 135 26.76 40.64 3.47
C TYR B 135 26.40 39.16 3.42
N ASP B 136 26.97 38.44 2.44
CA ASP B 136 27.00 36.98 2.50
C ASP B 136 27.63 36.61 3.82
N PHE B 137 27.33 35.43 4.34
CA PHE B 137 27.93 34.92 5.57
C PHE B 137 28.86 33.76 5.25
N HIS B 138 30.09 33.82 5.74
CA HIS B 138 31.07 32.74 5.54
C HIS B 138 31.50 32.19 6.90
N PRO B 139 30.93 31.03 7.30
CA PRO B 139 31.16 30.56 8.68
C PRO B 139 32.63 30.27 9.02
N LEU B 140 32.98 30.60 10.26
CA LEU B 140 34.33 30.39 10.81
C LEU B 140 35.42 31.11 10.02
N SER B 141 35.09 32.27 9.47
CA SER B 141 36.08 33.09 8.79
C SER B 141 36.95 33.81 9.81
N LYS B 142 38.24 33.90 9.50
CA LYS B 142 39.17 34.67 10.31
C LYS B 142 39.91 35.67 9.44
N THR B 143 40.21 36.83 10.01
CA THR B 143 40.90 37.88 9.29
C THR B 143 42.37 37.53 9.11
N LEU B 144 43.03 38.16 8.13
CA LEU B 144 44.46 37.98 7.95
C LEU B 144 45.20 38.46 9.20
N GLN B 145 44.64 39.48 9.84
CA GLN B 145 45.22 39.99 11.08
C GLN B 145 45.23 38.91 12.16
N GLU B 146 44.06 38.31 12.40
CA GLU B 146 43.90 37.26 13.40
C GLU B 146 44.78 36.05 13.09
N HIS B 147 44.94 35.76 11.81
CA HIS B 147 45.63 34.54 11.38
C HIS B 147 47.15 34.69 11.35
N HIS B 148 47.63 35.85 10.88
CA HIS B 148 49.07 36.05 10.67
C HIS B 148 49.79 36.91 11.68
N PHE B 149 49.07 37.81 12.36
CA PHE B 149 49.71 38.78 13.24
C PHE B 149 49.43 38.50 14.70
N GLN B 150 48.40 37.71 14.97
CA GLN B 150 48.07 37.36 16.34
C GLN B 150 49.27 36.64 16.96
N PRO B 151 49.74 37.11 18.13
CA PRO B 151 50.93 36.48 18.72
C PRO B 151 50.71 35.03 19.16
N ILE B 152 51.82 34.33 19.40
CA ILE B 152 51.78 32.90 19.71
C ILE B 152 51.89 32.68 21.23
N PRO B 161 54.30 32.32 12.56
CA PRO B 161 55.43 31.95 11.70
C PRO B 161 55.51 32.79 10.42
N ALA B 162 56.62 32.66 9.70
CA ALA B 162 56.82 33.40 8.46
C ALA B 162 55.81 32.94 7.40
N VAL B 163 55.27 33.89 6.66
CA VAL B 163 54.30 33.57 5.62
C VAL B 163 55.06 33.05 4.39
N PRO B 164 54.76 31.81 3.94
CA PRO B 164 55.42 31.32 2.72
C PRO B 164 55.15 32.22 1.53
N GLU B 165 56.14 32.37 0.65
CA GLU B 165 55.99 33.25 -0.51
C GLU B 165 54.86 32.79 -1.45
N ASN B 166 54.66 31.48 -1.59
CA ASN B 166 53.58 30.99 -2.46
C ASN B 166 52.22 31.41 -1.92
N THR B 167 52.08 31.47 -0.60
CA THR B 167 50.85 31.93 0.02
C THR B 167 50.60 33.40 -0.31
N ILE B 168 51.67 34.20 -0.28
CA ILE B 168 51.56 35.62 -0.59
C ILE B 168 51.18 35.81 -2.05
N TRP B 169 51.81 35.07 -2.96
CA TRP B 169 51.42 35.15 -4.38
C TRP B 169 49.96 34.75 -4.59
N GLY B 170 49.52 33.73 -3.86
CA GLY B 170 48.12 33.34 -3.90
C GLY B 170 47.21 34.48 -3.52
N TYR B 171 47.54 35.16 -2.43
CA TYR B 171 46.78 36.32 -1.96
C TYR B 171 46.76 37.43 -2.99
N ILE B 172 47.92 37.71 -3.57
CA ILE B 172 48.06 38.74 -4.59
C ILE B 172 47.15 38.46 -5.78
N CYS B 173 47.14 37.21 -6.22
CA CYS B 173 46.31 36.86 -7.37
C CYS B 173 44.84 37.05 -7.02
N GLN B 174 44.48 36.74 -5.78
CA GLN B 174 43.09 36.85 -5.37
C GLN B 174 42.67 38.29 -5.18
N ILE B 175 43.55 39.11 -4.62
CA ILE B 175 43.29 40.54 -4.52
C ILE B 175 43.27 41.16 -5.91
N ALA B 176 44.22 40.77 -6.75
CA ALA B 176 44.25 41.26 -8.14
C ALA B 176 42.93 40.96 -8.84
N ASN B 177 42.43 39.75 -8.64
CA ASN B 177 41.13 39.34 -9.17
C ASN B 177 40.02 40.27 -8.72
N ALA B 178 39.97 40.57 -7.43
CA ALA B 178 38.97 41.48 -6.88
C ALA B 178 39.09 42.89 -7.47
N LEU B 179 40.31 43.42 -7.55
CA LEU B 179 40.51 44.78 -8.04
C LEU B 179 40.14 44.91 -9.51
N LYS B 180 40.30 43.83 -10.27
CA LYS B 180 39.89 43.86 -11.68
C LYS B 180 38.41 44.17 -11.78
N THR B 181 37.60 43.47 -10.99
CA THR B 181 36.15 43.64 -11.06
C THR B 181 35.73 44.99 -10.49
N ILE B 182 36.31 45.37 -9.36
CA ILE B 182 35.98 46.64 -8.73
C ILE B 182 36.39 47.81 -9.63
N HIS B 183 37.63 47.80 -10.10
CA HIS B 183 38.11 48.93 -10.91
C HIS B 183 37.41 49.02 -12.27
N SER B 184 37.05 47.87 -12.83
CA SER B 184 36.34 47.85 -14.11
C SER B 184 34.94 48.45 -13.98
N ASN B 185 34.41 48.47 -12.77
CA ASN B 185 33.10 49.06 -12.52
C ASN B 185 33.20 50.50 -12.05
N ARG B 186 34.35 51.12 -12.30
CA ARG B 186 34.59 52.52 -11.94
C ARG B 186 34.43 52.71 -10.43
N LEU B 187 34.96 51.75 -9.67
CA LEU B 187 34.92 51.79 -8.21
C LEU B 187 36.33 51.53 -7.68
N ALA B 188 36.46 51.64 -6.36
CA ALA B 188 37.72 51.36 -5.69
C ALA B 188 37.45 50.52 -4.44
N ALA B 189 38.43 49.68 -4.10
CA ALA B 189 38.42 48.99 -2.83
C ALA B 189 39.02 49.91 -1.75
N ARG B 190 38.20 50.78 -1.17
CA ARG B 190 38.67 51.77 -0.21
C ARG B 190 39.52 51.15 0.91
N CYS B 191 39.14 49.93 1.31
CA CYS B 191 39.73 49.29 2.48
C CYS B 191 40.43 47.96 2.14
N LEU B 192 41.74 47.93 2.36
CA LEU B 192 42.56 46.74 2.13
C LEU B 192 43.29 46.33 3.41
N GLU B 193 42.78 46.73 4.56
CA GLU B 193 43.42 46.40 5.84
C GLU B 193 43.35 44.89 6.07
N PRO B 194 44.35 44.33 6.76
CA PRO B 194 44.35 42.89 7.06
C PRO B 194 43.13 42.45 7.87
N SER B 195 42.54 43.38 8.62
CA SER B 195 41.42 43.03 9.48
C SER B 195 40.11 42.98 8.69
N LYS B 196 40.14 43.46 7.45
CA LYS B 196 38.95 43.50 6.61
C LYS B 196 39.14 42.62 5.37
N ILE B 197 40.09 41.69 5.48
CA ILE B 197 40.26 40.63 4.51
C ILE B 197 40.21 39.31 5.27
N ILE B 198 39.24 38.47 4.93
CA ILE B 198 39.00 37.23 5.67
C ILE B 198 39.40 35.99 4.90
N LEU B 199 39.98 35.05 5.61
CA LEU B 199 40.20 33.70 5.13
C LEU B 199 38.92 32.89 5.33
N THR B 200 38.20 32.63 4.24
CA THR B 200 36.96 31.85 4.33
C THR B 200 37.22 30.35 4.24
N ASP B 201 38.42 29.98 3.82
CA ASP B 201 38.89 28.60 3.83
C ASP B 201 40.39 28.64 3.59
N ILE B 202 41.05 27.49 3.60
CA ILE B 202 42.50 27.46 3.46
C ILE B 202 43.00 28.22 2.22
N ASN B 203 43.86 29.21 2.47
CA ASN B 203 44.47 30.06 1.44
C ASN B 203 43.48 30.78 0.55
N ARG B 204 42.24 30.90 1.02
CA ARG B 204 41.17 31.53 0.25
C ARG B 204 40.70 32.81 0.93
N ILE B 205 41.00 33.95 0.32
CA ILE B 205 40.67 35.24 0.94
C ILE B 205 39.60 36.02 0.17
N ARG B 206 38.87 36.85 0.91
CA ARG B 206 37.79 37.68 0.38
C ARG B 206 37.76 39.03 1.11
N LEU B 207 37.47 40.10 0.38
CA LEU B 207 37.33 41.44 0.97
C LEU B 207 35.98 41.57 1.69
N SER B 208 36.02 41.81 3.00
CA SER B 208 34.81 41.79 3.83
C SER B 208 34.09 43.12 4.00
N ALA B 209 34.76 44.23 3.66
CA ALA B 209 34.21 45.54 3.96
C ALA B 209 34.26 46.45 2.75
N CYS B 210 33.52 46.08 1.71
CA CYS B 210 33.40 46.90 0.52
C CYS B 210 32.13 47.74 0.64
N ALA B 211 32.21 48.95 0.11
CA ALA B 211 31.12 49.92 0.04
C ALA B 211 30.84 50.62 1.37
N ILE B 212 31.53 50.24 2.44
CA ILE B 212 31.31 50.91 3.73
C ILE B 212 31.87 52.33 3.68
N LEU B 213 33.13 52.49 3.30
CA LEU B 213 33.71 53.82 3.21
C LEU B 213 33.07 54.63 2.09
N ASP B 214 32.47 53.95 1.12
CA ASP B 214 31.77 54.63 0.04
C ASP B 214 30.56 55.40 0.56
N VAL B 215 29.87 54.81 1.53
CA VAL B 215 28.68 55.43 2.11
C VAL B 215 29.08 56.45 3.18
N VAL B 216 30.06 56.11 4.00
CA VAL B 216 30.48 56.98 5.09
C VAL B 216 31.07 58.30 4.57
N GLN B 217 31.87 58.23 3.50
CA GLN B 217 32.55 59.41 2.98
C GLN B 217 31.83 60.06 1.79
N PHE B 218 30.56 59.72 1.58
CA PHE B 218 29.80 60.28 0.47
C PHE B 218 29.74 61.80 0.62
N GLY B 219 30.20 62.53 -0.40
CA GLY B 219 30.24 63.98 -0.34
C GLY B 219 31.43 64.47 0.46
N MSE B 220 31.66 63.85 1.61
CA MSE B 220 32.80 64.12 2.47
C MSE B 220 34.15 63.96 1.75
O MSE B 220 35.19 64.41 2.23
CB MSE B 220 32.75 63.19 3.69
CG MSE B 220 33.80 63.42 4.74
SE MSE B 220 33.05 63.19 6.54
CE MSE B 220 34.69 63.23 7.59
H MSE B 220 31.13 63.25 1.93
HA MSE B 220 32.74 65.03 2.80
HB2 MSE B 220 31.88 63.30 4.12
HB3 MSE B 220 32.84 62.27 3.38
HG2 MSE B 220 34.52 62.77 4.64
HG3 MSE B 220 34.15 64.32 4.67
HE1 MSE B 220 34.46 63.13 8.52
HE2 MSE B 220 35.26 62.50 7.31
HE3 MSE B 220 35.13 64.08 7.45
N ASN B 221 34.11 63.29 0.59
CA ASN B 221 35.29 63.04 -0.23
C ASN B 221 35.42 63.96 -1.44
N SER B 222 36.66 64.34 -1.77
CA SER B 222 36.95 65.19 -2.91
C SER B 222 37.81 64.45 -3.95
N ARG B 223 38.43 63.34 -3.54
CA ARG B 223 39.24 62.54 -4.46
C ARG B 223 38.38 61.88 -5.53
N SER B 224 38.94 61.77 -6.74
CA SER B 224 38.20 61.19 -7.87
C SER B 224 38.29 59.67 -7.85
N VAL B 225 37.60 59.02 -8.79
CA VAL B 225 37.61 57.57 -8.87
C VAL B 225 39.03 57.08 -9.12
N VAL B 226 39.70 57.68 -10.11
CA VAL B 226 41.04 57.25 -10.49
C VAL B 226 42.04 57.43 -9.34
N GLU B 227 41.92 58.52 -8.59
CA GLU B 227 42.81 58.76 -7.47
C GLU B 227 42.60 57.72 -6.38
N LEU B 228 41.34 57.40 -6.10
CA LEU B 228 41.03 56.37 -5.12
C LEU B 228 41.61 55.03 -5.55
N GLN B 229 41.63 54.79 -6.86
CA GLN B 229 42.18 53.54 -7.38
C GLN B 229 43.70 53.50 -7.22
N GLN B 230 44.35 54.66 -7.32
CA GLN B 230 45.79 54.74 -7.11
C GLN B 230 46.13 54.37 -5.67
N GLU B 231 45.28 54.77 -4.74
CA GLU B 231 45.49 54.45 -3.33
C GLU B 231 45.32 52.97 -3.04
N ASP B 232 44.43 52.31 -3.78
CA ASP B 232 44.23 50.86 -3.62
C ASP B 232 45.54 50.13 -3.79
N PHE B 233 46.33 50.57 -4.77
CA PHE B 233 47.60 49.92 -5.05
C PHE B 233 48.61 50.12 -3.93
N VAL B 234 48.67 51.35 -3.39
CA VAL B 234 49.58 51.62 -2.27
C VAL B 234 49.19 50.75 -1.09
N LYS B 235 47.90 50.74 -0.75
CA LYS B 235 47.40 49.92 0.33
C LYS B 235 47.67 48.44 0.06
N PHE B 236 47.53 48.03 -1.20
CA PHE B 236 47.85 46.68 -1.65
C PHE B 236 49.32 46.40 -1.35
N GLY B 237 50.18 47.34 -1.72
CA GLY B 237 51.60 47.21 -1.46
C GLY B 237 51.92 47.16 0.01
N LYS B 238 51.19 47.92 0.82
CA LYS B 238 51.42 47.94 2.26
C LYS B 238 50.94 46.64 2.92
N LEU B 239 49.91 46.04 2.35
CA LEU B 239 49.39 44.76 2.84
C LEU B 239 50.45 43.67 2.70
N ILE B 240 51.11 43.61 1.56
CA ILE B 240 52.12 42.58 1.33
C ILE B 240 53.29 42.81 2.28
N LEU B 241 53.65 44.07 2.41
CA LEU B 241 54.76 44.47 3.25
C LEU B 241 54.48 44.01 4.68
N SER B 242 53.24 44.17 5.13
CA SER B 242 52.84 43.70 6.45
C SER B 242 53.04 42.20 6.65
N LEU B 243 52.66 41.41 5.65
CA LEU B 243 52.74 39.96 5.72
C LEU B 243 54.20 39.49 5.74
N ALA B 244 55.06 40.20 5.04
CA ALA B 244 56.47 39.84 4.95
C ALA B 244 57.24 40.22 6.21
N THR B 245 56.84 41.30 6.87
CA THR B 245 57.56 41.83 8.02
C THR B 245 56.88 41.50 9.35
N GLY B 246 55.58 41.26 9.30
CA GLY B 246 54.82 40.90 10.47
C GLY B 246 54.36 42.08 11.30
N THR B 247 54.48 43.29 10.74
CA THR B 247 54.01 44.49 11.41
C THR B 247 52.87 45.09 10.61
N LEU B 248 51.77 45.39 11.29
CA LEU B 248 50.54 45.90 10.70
C LEU B 248 50.78 47.17 9.88
N PRO B 249 49.98 47.37 8.80
CA PRO B 249 50.20 48.54 7.92
C PRO B 249 50.24 49.90 8.63
N ALA B 250 49.35 50.13 9.58
CA ALA B 250 49.28 51.41 10.28
C ALA B 250 50.52 51.63 11.13
N HIS B 251 51.28 50.56 11.35
CA HIS B 251 52.48 50.62 12.18
C HIS B 251 53.73 50.53 11.32
N LEU B 252 53.57 50.72 10.01
CA LEU B 252 54.70 50.79 9.09
C LEU B 252 55.18 52.22 8.98
N ASN B 253 56.05 52.61 9.91
CA ASN B 253 56.56 53.97 9.97
C ASN B 253 57.76 54.20 9.02
N ASN B 254 58.45 53.12 8.67
CA ASN B 254 59.63 53.14 7.79
C ASN B 254 59.47 52.18 6.60
N ILE B 255 58.91 52.67 5.50
CA ILE B 255 58.68 51.82 4.32
C ILE B 255 59.97 51.28 3.69
N PRO B 256 61.00 52.14 3.51
CA PRO B 256 62.25 51.59 2.94
C PRO B 256 62.86 50.44 3.73
N ALA B 257 62.79 50.50 5.06
CA ALA B 257 63.35 49.43 5.89
C ALA B 257 62.53 48.14 5.72
N ALA B 258 61.24 48.30 5.49
CA ALA B 258 60.37 47.14 5.30
C ALA B 258 60.67 46.44 3.98
N LEU B 259 60.96 47.22 2.94
CA LEU B 259 61.29 46.66 1.64
C LEU B 259 62.58 45.85 1.70
N GLU B 260 63.50 46.27 2.55
CA GLU B 260 64.77 45.59 2.71
C GLU B 260 64.60 44.30 3.50
N THR B 261 63.68 44.31 4.46
CA THR B 261 63.36 43.09 5.20
C THR B 261 62.73 42.10 4.24
N LEU B 262 61.79 42.58 3.44
CA LEU B 262 61.14 41.76 2.42
C LEU B 262 62.15 41.21 1.42
N GLY B 263 63.09 42.05 1.00
CA GLY B 263 64.07 41.65 0.00
C GLY B 263 65.02 40.55 0.46
N ASN B 264 65.22 40.44 1.76
CA ASN B 264 66.10 39.41 2.33
C ASN B 264 65.38 38.09 2.59
N LYS B 265 64.06 38.16 2.74
CA LYS B 265 63.24 36.98 3.04
C LYS B 265 62.60 36.37 1.80
N TYR B 266 62.38 37.20 0.78
CA TYR B 266 61.63 36.80 -0.40
C TYR B 266 62.35 37.11 -1.71
N SER B 267 61.83 36.56 -2.80
CA SER B 267 62.46 36.69 -4.11
C SER B 267 62.43 38.12 -4.63
N ALA B 268 63.23 38.39 -5.66
CA ALA B 268 63.30 39.71 -6.26
C ALA B 268 62.01 40.07 -6.96
N ASN B 269 61.33 39.06 -7.51
CA ASN B 269 60.05 39.28 -8.19
C ASN B 269 59.01 39.88 -7.26
N LEU B 270 58.89 39.34 -6.06
CA LEU B 270 57.94 39.87 -5.09
C LEU B 270 58.33 41.30 -4.70
N LYS B 271 59.61 41.52 -4.44
CA LYS B 271 60.09 42.86 -4.09
C LYS B 271 59.80 43.85 -5.21
N SER B 272 59.90 43.38 -6.45
CA SER B 272 59.62 44.22 -7.61
C SER B 272 58.15 44.58 -7.71
N ALA B 273 57.28 43.60 -7.43
CA ALA B 273 55.84 43.81 -7.49
C ALA B 273 55.38 44.81 -6.42
N VAL B 274 55.85 44.61 -5.20
CA VAL B 274 55.51 45.50 -4.09
C VAL B 274 56.04 46.91 -4.37
N ASN B 275 57.23 46.99 -4.94
CA ASN B 275 57.81 48.29 -5.26
C ASN B 275 56.95 49.02 -6.30
N TRP B 276 56.40 48.27 -7.25
CA TRP B 276 55.52 48.85 -8.26
C TRP B 276 54.22 49.34 -7.64
N LEU B 277 53.71 48.58 -6.68
CA LEU B 277 52.46 48.91 -6.00
C LEU B 277 52.59 50.16 -5.13
N LEU B 278 53.74 50.30 -4.44
CA LEU B 278 53.98 51.42 -3.54
C LEU B 278 54.30 52.72 -4.27
N ASP B 279 55.02 52.63 -5.37
CA ASP B 279 55.52 53.81 -6.08
C ASP B 279 54.40 54.72 -6.57
N THR B 280 54.56 56.02 -6.32
CA THR B 280 53.63 57.04 -6.77
C THR B 280 54.35 58.14 -7.53
N SER B 281 55.66 57.96 -7.75
CA SER B 281 56.47 59.01 -8.34
C SER B 281 56.63 58.85 -9.84
N SER B 282 56.28 57.68 -10.36
CA SER B 282 56.37 57.43 -11.79
C SER B 282 55.34 58.29 -12.50
N GLY B 283 55.65 58.75 -13.71
CA GLY B 283 54.74 59.60 -14.45
C GLY B 283 53.60 58.83 -15.09
N GLU B 284 53.49 57.54 -14.79
CA GLU B 284 52.46 56.70 -15.37
C GLU B 284 51.40 56.28 -14.36
N THR B 285 50.14 56.43 -14.75
CA THR B 285 49.01 56.01 -13.93
C THR B 285 49.00 54.49 -13.81
N LYS B 286 48.92 53.98 -12.59
CA LYS B 286 48.89 52.54 -12.35
C LYS B 286 47.51 51.96 -12.63
N THR B 287 47.50 50.83 -13.36
CA THR B 287 46.26 50.15 -13.71
C THR B 287 46.32 48.69 -13.32
N ILE B 288 45.17 48.11 -13.00
CA ILE B 288 45.10 46.69 -12.68
C ILE B 288 45.49 45.85 -13.91
N GLU B 289 45.25 46.39 -15.10
CA GLU B 289 45.65 45.73 -16.35
C GLU B 289 47.17 45.51 -16.40
N HIS B 290 47.91 46.58 -16.15
CA HIS B 290 49.37 46.52 -16.18
C HIS B 290 49.91 45.61 -15.09
N PHE B 291 49.31 45.64 -13.92
CA PHE B 291 49.76 44.80 -12.81
C PHE B 291 49.53 43.33 -13.16
N MSE B 292 48.31 42.99 -13.58
CA MSE B 292 48.01 41.60 -13.96
C MSE B 292 49.00 41.05 -14.99
O MSE B 292 49.44 39.91 -14.87
CB MSE B 292 46.60 41.51 -14.53
CG MSE B 292 45.52 41.54 -13.48
SE MSE B 292 43.76 41.27 -14.26
CE MSE B 292 43.77 42.69 -15.60
H MSE B 292 47.65 43.53 -13.65
HA MSE B 292 48.04 41.05 -13.17
HB2 MSE B 292 46.45 42.24 -15.13
HB3 MSE B 292 46.52 40.66 -15.02
HG2 MSE B 292 45.68 40.83 -12.83
HG3 MSE B 292 45.53 42.40 -13.04
HE1 MSE B 292 42.93 42.68 -16.08
HE2 MSE B 292 43.87 43.55 -15.15
HE3 MSE B 292 44.51 42.55 -16.21
N THR B 293 49.35 41.89 -15.97
CA THR B 293 50.33 41.51 -16.99
C THR B 293 51.65 41.05 -16.36
N GLY B 294 52.04 41.66 -15.24
CA GLY B 294 53.29 41.33 -14.58
C GLY B 294 53.24 40.06 -13.75
N ILE B 295 52.04 39.62 -13.37
CA ILE B 295 51.88 38.39 -12.58
C ILE B 295 51.15 37.30 -13.37
N ALA B 296 51.24 37.35 -14.70
CA ALA B 296 50.53 36.41 -15.58
C ALA B 296 50.91 34.96 -15.25
N SER B 297 52.21 34.73 -15.04
CA SER B 297 52.69 33.39 -14.73
C SER B 297 52.08 32.88 -13.41
N GLN B 298 52.07 33.73 -12.39
CA GLN B 298 51.50 33.36 -11.11
C GLN B 298 50.00 33.07 -11.22
N MSE B 299 49.31 33.81 -12.08
CA MSE B 299 47.86 33.67 -12.23
C MSE B 299 47.50 32.34 -12.90
O MSE B 299 46.47 31.74 -12.62
CB MSE B 299 47.27 34.84 -13.03
CG MSE B 299 45.74 34.88 -13.05
SE MSE B 299 44.93 35.31 -11.30
CE MSE B 299 45.68 37.12 -11.11
H MSE B 299 49.65 34.42 -12.59
HA MSE B 299 47.46 33.69 -11.34
HB2 MSE B 299 47.59 35.67 -12.65
HB3 MSE B 299 47.58 34.76 -13.95
HG2 MSE B 299 45.46 35.56 -13.68
HG3 MSE B 299 45.41 34.02 -13.32
HE1 MSE B 299 45.38 37.50 -10.26
HE2 MSE B 299 46.66 37.07 -11.11
HE3 MSE B 299 45.37 37.67 -11.85
N THR B 300 48.37 31.89 -13.81
CA THR B 300 48.15 30.62 -14.48
C THR B 300 48.31 29.48 -13.48
N THR B 301 49.28 29.62 -12.59
CA THR B 301 49.55 28.61 -11.58
C THR B 301 48.37 28.42 -10.64
N PHE B 302 47.74 29.52 -10.24
CA PHE B 302 46.62 29.43 -9.30
C PHE B 302 45.28 29.16 -9.99
N PHE B 303 45.24 29.37 -11.31
CA PHE B 303 44.12 28.88 -12.11
C PHE B 303 44.16 27.35 -12.08
N ASP B 304 45.34 26.79 -12.31
CA ASP B 304 45.52 25.34 -12.26
C ASP B 304 45.15 24.74 -10.91
N LEU B 305 45.64 25.37 -9.84
CA LEU B 305 45.43 24.88 -8.48
C LEU B 305 43.96 24.97 -8.07
N ALA B 306 43.28 26.00 -8.52
CA ALA B 306 41.85 26.10 -8.30
C ALA B 306 41.08 24.96 -9.02
N LEU B 307 41.48 24.64 -10.24
CA LEU B 307 40.83 23.57 -10.98
C LEU B 307 41.14 22.20 -10.35
N GLN B 308 42.33 22.05 -9.77
CA GLN B 308 42.66 20.79 -9.13
C GLN B 308 41.83 20.62 -7.85
N ASP B 309 41.58 21.70 -7.14
CA ASP B 309 40.73 21.63 -5.95
C ASP B 309 39.27 21.37 -6.35
N ASN B 310 38.85 21.90 -7.49
CA ASN B 310 37.52 21.62 -8.02
C ASN B 310 37.30 20.12 -8.23
N ASP B 311 38.31 19.45 -8.78
CA ASP B 311 38.27 18.01 -8.99
C ASP B 311 38.21 17.29 -7.65
N GLU B 312 38.92 17.82 -6.67
CA GLU B 312 38.98 17.24 -5.34
C GLU B 312 37.59 17.26 -4.72
N LYS B 313 36.93 18.41 -4.83
CA LYS B 313 35.58 18.57 -4.31
C LYS B 313 34.57 17.74 -5.09
N LEU B 314 34.80 17.60 -6.40
CA LEU B 314 33.90 16.79 -7.22
C LEU B 314 34.01 15.32 -6.83
N PHE B 315 35.23 14.85 -6.59
CA PHE B 315 35.45 13.48 -6.16
C PHE B 315 34.69 13.19 -4.85
N HIS B 316 34.80 14.08 -3.86
CA HIS B 316 34.10 13.85 -2.61
C HIS B 316 32.59 13.98 -2.79
N LEU B 317 32.17 14.97 -3.58
CA LEU B 317 30.75 15.15 -3.86
C LEU B 317 30.13 13.92 -4.56
N ALA B 318 30.85 13.33 -5.50
CA ALA B 318 30.33 12.19 -6.24
C ALA B 318 30.17 11.00 -5.29
N ARG B 319 31.08 10.89 -4.33
CA ARG B 319 31.06 9.79 -3.39
C ARG B 319 29.90 9.92 -2.42
N GLU B 320 29.52 11.15 -2.06
CA GLU B 320 28.49 11.32 -1.05
C GLU B 320 27.12 11.29 -1.71
N VAL B 321 27.07 11.63 -2.99
CA VAL B 321 25.81 11.52 -3.73
C VAL B 321 25.48 10.04 -3.92
N GLU B 322 26.52 9.21 -4.08
CA GLU B 322 26.34 7.77 -4.26
C GLU B 322 26.00 7.10 -2.94
N ASN B 323 26.55 7.62 -1.85
CA ASN B 323 26.21 7.14 -0.51
C ASN B 323 24.73 7.39 -0.27
N GLY B 324 24.25 8.50 -0.80
CA GLY B 324 22.84 8.83 -0.75
C GLY B 324 22.01 7.80 -1.49
N ARG B 325 22.46 7.40 -2.68
CA ARG B 325 21.72 6.41 -3.47
C ARG B 325 21.71 5.07 -2.74
N ILE B 326 22.87 4.67 -2.23
CA ILE B 326 23.01 3.42 -1.48
C ILE B 326 22.08 3.43 -0.26
N ALA B 327 22.04 4.55 0.45
CA ALA B 327 21.19 4.65 1.64
C ALA B 327 19.72 4.43 1.28
N ARG B 328 19.27 5.03 0.17
CA ARG B 328 17.88 4.87 -0.22
C ARG B 328 17.60 3.42 -0.64
N SER B 329 18.63 2.76 -1.15
CA SER B 329 18.51 1.36 -1.54
C SER B 329 18.44 0.44 -0.33
N LEU B 330 19.23 0.75 0.68
CA LEU B 330 19.25 -0.08 1.88
C LEU B 330 17.92 0.05 2.61
N MSE B 331 17.33 1.24 2.57
CA MSE B 331 16.03 1.45 3.20
C MSE B 331 14.96 0.62 2.51
O MSE B 331 14.11 0.02 3.18
CB MSE B 331 15.65 2.93 3.15
CG MSE B 331 16.47 3.79 4.09
SE MSE B 331 15.79 5.61 4.24
CE MSE B 331 17.04 6.54 3.08
H MSE B 331 17.65 1.93 2.19
HA MSE B 331 16.08 1.19 4.13
HB2 MSE B 331 15.78 3.26 2.25
HB3 MSE B 331 14.71 3.02 3.41
HG2 MSE B 331 16.46 3.39 4.98
HG3 MSE B 331 17.38 3.84 3.77
HE1 MSE B 331 16.82 7.48 3.07
HE2 MSE B 331 17.94 6.43 3.44
HE3 MSE B 331 16.99 6.17 2.19
N LYS B 332 14.99 0.59 1.19
CA LYS B 332 14.05 -0.23 0.43
C LYS B 332 14.27 -1.70 0.77
N LEU B 333 15.53 -2.10 0.82
CA LEU B 333 15.90 -3.48 1.15
C LEU B 333 15.32 -3.90 2.50
N LEU B 334 15.47 -3.03 3.50
CA LEU B 334 14.97 -3.29 4.85
C LEU B 334 13.45 -3.33 4.88
N THR B 335 12.82 -2.54 4.01
CA THR B 335 11.37 -2.47 3.95
C THR B 335 10.80 -3.76 3.38
N ILE B 336 11.54 -4.36 2.46
CA ILE B 336 11.08 -5.56 1.76
C ILE B 336 11.25 -6.83 2.60
N LEU B 337 12.39 -6.97 3.27
CA LEU B 337 12.70 -8.26 3.90
C LEU B 337 12.15 -8.43 5.32
N GLU B 338 11.75 -9.66 5.61
CA GLU B 338 11.20 -10.07 6.89
C GLU B 338 9.98 -9.22 7.28
N ARG B 339 9.14 -8.89 6.30
CA ARG B 339 7.93 -8.14 6.59
C ARG B 339 7.01 -8.95 7.50
N VAL B 345 0.00 -11.91 0.52
CA VAL B 345 0.10 -13.37 0.60
C VAL B 345 1.00 -13.79 1.77
N PRO B 346 0.80 -15.02 2.27
CA PRO B 346 1.62 -15.51 3.39
C PRO B 346 3.06 -15.83 2.99
N SER B 347 4.00 -15.59 3.89
CA SER B 347 5.42 -15.85 3.66
C SER B 347 5.94 -15.07 2.46
N TRP B 348 5.37 -13.89 2.21
CA TRP B 348 5.70 -13.09 1.05
C TRP B 348 7.19 -12.79 0.91
N SER B 349 7.85 -12.51 2.03
CA SER B 349 9.27 -12.15 2.01
C SER B 349 10.18 -13.37 1.91
N GLU B 350 9.61 -14.55 2.04
CA GLU B 350 10.37 -15.80 2.05
C GLU B 350 10.27 -16.55 0.73
N THR B 351 9.46 -16.04 -0.19
CA THR B 351 9.14 -16.75 -1.42
C THR B 351 9.45 -15.94 -2.68
N GLY B 352 9.60 -16.65 -3.79
CA GLY B 352 9.83 -16.02 -5.07
C GLY B 352 11.11 -15.21 -5.08
N ASP B 353 10.98 -13.96 -5.53
CA ASP B 353 12.13 -13.07 -5.65
C ASP B 353 12.68 -12.61 -4.31
N ARG B 354 11.82 -12.53 -3.29
CA ARG B 354 12.23 -11.94 -2.03
C ARG B 354 13.24 -12.85 -1.34
N TYR B 355 13.15 -14.15 -1.62
CA TYR B 355 14.07 -15.12 -1.05
C TYR B 355 15.50 -14.93 -1.56
N GLN B 356 15.66 -14.70 -2.85
CA GLN B 356 16.99 -14.44 -3.42
C GLN B 356 17.54 -13.13 -2.86
N LEU B 357 16.66 -12.13 -2.72
CA LEU B 357 17.07 -10.86 -2.14
C LEU B 357 17.57 -11.06 -0.70
N LYS B 358 17.00 -12.04 0.00
CA LYS B 358 17.46 -12.35 1.35
C LYS B 358 18.89 -12.91 1.33
N LEU B 359 19.14 -13.80 0.39
CA LEU B 359 20.46 -14.42 0.26
C LEU B 359 21.50 -13.38 -0.19
N PHE B 360 21.04 -12.41 -0.98
CA PHE B 360 21.92 -11.32 -1.41
C PHE B 360 22.33 -10.48 -0.21
N ARG B 361 21.37 -10.16 0.63
CA ARG B 361 21.65 -9.44 1.88
C ARG B 361 22.71 -10.18 2.68
N ASP B 362 22.57 -11.50 2.75
CA ASP B 362 23.52 -12.34 3.47
C ASP B 362 24.91 -12.30 2.84
N TYR B 363 24.96 -12.35 1.51
CA TYR B 363 26.22 -12.31 0.78
C TYR B 363 26.97 -11.00 1.05
N VAL B 364 26.23 -9.92 1.21
CA VAL B 364 26.82 -8.60 1.38
C VAL B 364 27.15 -8.28 2.85
N PHE B 365 26.19 -8.51 3.74
CA PHE B 365 26.30 -8.02 5.12
C PHE B 365 26.60 -9.10 6.15
N HIS B 366 26.50 -10.38 5.77
CA HIS B 366 26.73 -11.48 6.70
C HIS B 366 27.97 -12.29 6.31
N ARG B 367 28.96 -11.63 5.73
CA ARG B 367 30.19 -12.30 5.33
C ARG B 367 30.94 -12.93 6.49
N VAL B 368 31.48 -14.13 6.24
CA VAL B 368 32.28 -14.86 7.21
C VAL B 368 33.55 -15.41 6.56
N ASP B 369 34.65 -15.40 7.30
CA ASP B 369 35.92 -15.91 6.82
C ASP B 369 35.89 -17.44 6.72
N ALA B 370 36.95 -18.01 6.18
CA ALA B 370 37.07 -19.46 6.05
C ALA B 370 37.08 -20.13 7.42
N ASP B 371 37.61 -19.42 8.41
CA ASP B 371 37.67 -19.94 9.77
C ASP B 371 36.30 -19.90 10.44
N GLY B 372 35.41 -19.05 9.92
CA GLY B 372 34.09 -18.87 10.48
C GLY B 372 33.90 -17.52 11.13
N LYS B 373 34.99 -16.76 11.25
CA LYS B 373 34.93 -15.43 11.85
C LYS B 373 34.18 -14.47 10.94
N PRO B 374 33.39 -13.55 11.52
CA PRO B 374 32.65 -12.61 10.67
C PRO B 374 33.55 -11.52 10.09
N ASN B 375 33.33 -11.17 8.82
CA ASN B 375 34.08 -10.09 8.18
C ASN B 375 33.22 -8.86 7.98
N LEU B 376 33.73 -7.71 8.43
CA LEU B 376 32.96 -6.47 8.48
C LEU B 376 33.53 -5.38 7.56
N SER B 377 34.27 -5.80 6.54
CA SER B 377 34.85 -4.84 5.60
C SER B 377 33.77 -4.04 4.90
N ILE B 378 33.86 -2.71 5.02
CA ILE B 378 32.85 -1.81 4.48
C ILE B 378 32.96 -1.73 2.95
N GLY B 379 34.19 -1.89 2.43
CA GLY B 379 34.44 -1.75 1.01
C GLY B 379 33.60 -2.70 0.17
N HIS B 380 33.54 -3.96 0.59
CA HIS B 380 32.75 -4.96 -0.10
C HIS B 380 31.27 -4.57 -0.15
N MSE B 381 30.76 -4.05 0.97
CA MSE B 381 29.36 -3.70 1.07
C MSE B 381 28.96 -2.58 0.11
O MSE B 381 27.98 -2.69 -0.62
CB MSE B 381 29.03 -3.29 2.51
CG MSE B 381 29.27 -4.37 3.56
SE MSE B 381 29.05 -3.71 5.40
CE MSE B 381 29.38 -5.36 6.38
H MSE B 381 31.22 -3.91 1.68
HA MSE B 381 28.82 -4.48 0.87
HB2 MSE B 381 29.58 -2.53 2.75
HB3 MSE B 381 28.09 -3.03 2.56
HG2 MSE B 381 28.62 -5.09 3.42
HG3 MSE B 381 30.17 -4.71 3.47
HE1 MSE B 381 29.30 -5.18 7.34
HE2 MSE B 381 28.72 -6.02 6.12
HE3 MSE B 381 30.27 -5.67 6.17
N LEU B 382 29.75 -1.51 0.10
CA LEU B 382 29.49 -0.36 -0.75
C LEU B 382 29.55 -0.74 -2.24
N THR B 383 30.55 -1.56 -2.59
CA THR B 383 30.73 -2.01 -3.96
C THR B 383 29.53 -2.81 -4.45
N CYS B 384 29.04 -3.72 -3.62
CA CYS B 384 27.93 -4.59 -4.00
C CYS B 384 26.65 -3.78 -4.20
N MSE B 385 26.42 -2.79 -3.35
CA MSE B 385 25.22 -1.99 -3.47
C MSE B 385 25.29 -1.10 -4.71
O MSE B 385 24.30 -0.94 -5.43
CB MSE B 385 25.00 -1.12 -2.22
CG MSE B 385 24.72 -1.92 -0.95
SE MSE B 385 23.28 -3.22 -1.16
CE MSE B 385 21.84 -2.02 -1.68
H MSE B 385 26.93 -2.59 -2.68
HA MSE B 385 24.46 -2.57 -3.55
HB2 MSE B 385 25.80 -0.59 -2.07
HB3 MSE B 385 24.25 -0.54 -2.37
HG2 MSE B 385 25.53 -2.40 -0.70
HG3 MSE B 385 24.47 -1.30 -0.25
HE1 MSE B 385 21.03 -2.54 -1.81
HE2 MSE B 385 21.70 -1.37 -0.96
HE3 MSE B 385 22.09 -1.56 -2.49
N SER B 386 26.48 -0.55 -4.99
CA SER B 386 26.67 0.26 -6.19
C SER B 386 26.46 -0.58 -7.45
N LYS B 387 27.01 -1.79 -7.45
CA LYS B 387 26.81 -2.70 -8.58
C LYS B 387 25.34 -3.08 -8.71
N LEU B 388 24.63 -3.18 -7.60
CA LEU B 388 23.20 -3.49 -7.63
C LEU B 388 22.40 -2.39 -8.31
N GLU B 389 22.65 -1.14 -7.94
CA GLU B 389 21.95 0.00 -8.51
C GLU B 389 22.23 0.14 -10.02
N ALA B 390 23.46 -0.13 -10.40
CA ALA B 390 23.88 0.00 -11.79
C ALA B 390 23.41 -1.18 -12.64
N GLY B 391 23.01 -2.27 -11.98
CA GLY B 391 22.55 -3.45 -12.69
C GLY B 391 23.67 -4.03 -13.53
N VAL B 392 24.86 -4.12 -12.92
CA VAL B 392 26.04 -4.58 -13.63
C VAL B 392 25.86 -6.01 -14.11
N ASP B 393 26.40 -6.30 -15.29
CA ASP B 393 26.36 -7.66 -15.84
C ASP B 393 27.52 -8.52 -15.33
N GLU B 394 27.69 -8.49 -14.01
CA GLU B 394 28.64 -9.37 -13.33
C GLU B 394 27.87 -10.41 -12.51
N ASN B 395 28.33 -11.65 -12.48
CA ASN B 395 27.61 -12.72 -11.75
C ASN B 395 28.18 -12.93 -10.34
N ILE B 396 27.30 -13.23 -9.40
CA ILE B 396 27.73 -13.61 -8.04
C ILE B 396 27.06 -14.90 -7.60
N LEU B 397 27.71 -15.59 -6.67
CA LEU B 397 27.23 -16.87 -6.16
C LEU B 397 26.54 -16.74 -4.81
N LEU B 398 25.21 -16.88 -4.81
CA LEU B 398 24.42 -16.82 -3.59
C LEU B 398 24.25 -18.21 -2.99
N THR B 399 24.53 -18.33 -1.69
CA THR B 399 24.46 -19.60 -0.97
C THR B 399 23.41 -19.50 0.14
N SER B 400 22.56 -20.50 0.23
CA SER B 400 21.53 -20.53 1.27
C SER B 400 22.14 -20.64 2.68
N ARG B 401 21.36 -20.25 3.67
CA ARG B 401 21.77 -20.30 5.07
C ARG B 401 21.94 -21.77 5.45
N ASP B 402 21.04 -22.57 4.91
CA ASP B 402 21.18 -24.02 4.92
C ASP B 402 22.46 -24.33 4.15
N ASN B 403 22.65 -23.65 3.01
CA ASN B 403 23.83 -23.78 2.16
C ASN B 403 23.80 -25.03 1.28
N GLU B 404 22.69 -25.76 1.30
CA GLU B 404 22.57 -26.97 0.50
C GLU B 404 22.44 -26.56 -0.97
N THR B 405 21.83 -25.39 -1.19
CA THR B 405 21.58 -24.87 -2.52
C THR B 405 22.32 -23.56 -2.77
N VAL B 406 22.75 -23.36 -4.02
CA VAL B 406 23.44 -22.14 -4.42
C VAL B 406 22.74 -21.55 -5.64
N PHE B 407 22.90 -20.25 -5.84
CA PHE B 407 22.25 -19.55 -6.93
C PHE B 407 23.26 -18.61 -7.59
N VAL B 408 23.38 -18.70 -8.91
CA VAL B 408 24.20 -17.75 -9.67
C VAL B 408 23.32 -16.68 -10.29
N LEU B 409 23.55 -15.43 -9.89
CA LEU B 409 22.76 -14.30 -10.38
C LEU B 409 23.64 -13.11 -10.70
N SER B 410 23.17 -12.29 -11.64
CA SER B 410 23.85 -11.07 -12.01
C SER B 410 23.22 -9.91 -11.26
N TYR B 411 23.99 -8.83 -11.09
CA TYR B 411 23.46 -7.64 -10.44
C TYR B 411 22.31 -7.07 -11.27
N ARG B 412 22.35 -7.26 -12.58
CA ARG B 412 21.28 -6.79 -13.44
C ARG B 412 19.98 -7.50 -13.07
N GLU B 413 20.07 -8.81 -12.85
CA GLU B 413 18.92 -9.61 -12.45
C GLU B 413 18.43 -9.28 -11.05
N LEU B 414 19.35 -9.13 -10.10
CA LEU B 414 18.99 -8.82 -8.73
C LEU B 414 18.28 -7.47 -8.68
N ARG B 415 18.71 -6.53 -9.51
CA ARG B 415 18.05 -5.23 -9.57
C ARG B 415 16.61 -5.39 -10.07
N GLN B 416 16.42 -6.31 -11.01
CA GLN B 416 15.09 -6.58 -11.56
C GLN B 416 14.14 -7.09 -10.47
N MSE B 417 14.59 -8.13 -9.77
CA MSE B 417 13.83 -8.68 -8.66
C MSE B 417 13.61 -7.60 -7.60
O MSE B 417 12.49 -7.40 -7.11
CB MSE B 417 14.59 -9.87 -8.03
CG MSE B 417 14.97 -10.97 -9.00
SE MSE B 417 16.29 -12.18 -8.23
CE MSE B 417 15.16 -13.73 -7.90
H MSE B 417 15.32 -8.54 -9.92
HA MSE B 417 12.97 -9.01 -8.97
HB2 MSE B 417 15.41 -9.52 -7.63
HB3 MSE B 417 14.02 -10.26 -7.35
HG2 MSE B 417 14.18 -11.48 -9.22
HG3 MSE B 417 15.35 -10.57 -9.80
HE1 MSE B 417 15.69 -14.43 -7.51
HE2 MSE B 417 14.45 -13.46 -7.29
HE3 MSE B 417 14.77 -14.03 -8.74
N TYR B 418 14.69 -6.92 -7.27
CA TYR B 418 14.71 -5.87 -6.27
C TYR B 418 13.67 -4.79 -6.56
N ASP B 419 13.61 -4.34 -7.82
CA ASP B 419 12.65 -3.32 -8.21
C ASP B 419 11.23 -3.87 -8.23
N ARG B 420 11.08 -5.10 -8.67
CA ARG B 420 9.76 -5.72 -8.72
C ARG B 420 9.20 -5.95 -7.31
N ALA B 421 10.06 -6.35 -6.38
CA ALA B 421 9.60 -6.61 -5.01
C ALA B 421 9.10 -5.34 -4.32
N PHE B 422 9.73 -4.21 -4.62
CA PHE B 422 9.38 -2.94 -3.98
C PHE B 422 8.09 -2.35 -4.54
N ASN B 423 7.97 -2.30 -5.87
CA ASN B 423 6.81 -1.66 -6.49
C ASN B 423 5.50 -2.43 -6.29
N GLU B 424 5.56 -3.62 -5.71
CA GLU B 424 4.34 -4.30 -5.28
C GLU B 424 3.79 -3.60 -4.05
N LEU B 425 4.68 -3.08 -3.21
CA LEU B 425 4.28 -2.36 -2.01
C LEU B 425 3.76 -0.97 -2.37
N VAL B 426 4.32 -0.39 -3.43
CA VAL B 426 3.84 0.89 -3.94
C VAL B 426 2.44 0.72 -4.51
N LYS B 427 2.15 -0.46 -5.05
CA LYS B 427 0.82 -0.80 -5.55
C LYS B 427 -0.17 -0.79 -4.40
N ALA B 428 0.20 -1.44 -3.30
CA ALA B 428 -0.66 -1.52 -2.13
C ALA B 428 -0.89 -0.12 -1.53
N SER B 429 0.02 0.79 -1.83
CA SER B 429 -0.07 2.18 -1.36
C SER B 429 -0.07 2.26 0.15
N THR C 13 -3.23 -16.92 -49.29
CA THR C 13 -2.02 -16.39 -49.89
C THR C 13 -2.37 -15.16 -50.75
N TYR C 14 -1.36 -14.38 -51.11
CA TYR C 14 -1.59 -13.09 -51.78
C TYR C 14 -2.30 -13.20 -53.14
N ASP C 15 -2.09 -14.29 -53.87
CA ASP C 15 -2.62 -14.42 -55.24
C ASP C 15 -4.03 -15.02 -55.26
N PHE C 16 -4.78 -14.80 -54.18
CA PHE C 16 -6.11 -15.38 -54.01
C PHE C 16 -7.05 -15.07 -55.18
N PHE C 17 -7.05 -13.84 -55.65
CA PHE C 17 -7.91 -13.43 -56.75
C PHE C 17 -7.18 -13.41 -58.09
N MSE C 18 -5.91 -13.81 -58.10
CA MSE C 18 -5.10 -13.73 -59.31
C MSE C 18 -5.23 -14.98 -60.18
O MSE C 18 -4.88 -16.07 -59.74
CB MSE C 18 -3.64 -13.51 -58.95
CG MSE C 18 -3.40 -12.28 -58.09
SE MSE C 18 -1.52 -11.99 -57.66
CE MSE C 18 -1.73 -10.51 -56.40
H MSE C 18 -5.49 -14.13 -57.41
HA MSE C 18 -5.40 -12.96 -59.84
HB2 MSE C 18 -3.31 -14.28 -58.46
HB3 MSE C 18 -3.12 -13.40 -59.77
HG2 MSE C 18 -3.73 -11.50 -58.56
HG3 MSE C 18 -3.89 -12.38 -57.26
HE1 MSE C 18 -0.85 -10.24 -56.08
HE2 MSE C 18 -2.16 -9.77 -56.85
HE3 MSE C 18 -2.27 -10.81 -55.65
N PRO C 19 -5.73 -14.84 -61.42
CA PRO C 19 -5.75 -16.01 -62.30
C PRO C 19 -4.35 -16.55 -62.60
N GLN C 20 -4.23 -17.86 -62.74
CA GLN C 20 -2.94 -18.48 -62.98
C GLN C 20 -2.40 -18.10 -64.37
N ASN C 21 -3.29 -18.05 -65.35
CA ASN C 21 -2.91 -17.63 -66.69
C ASN C 21 -3.93 -16.65 -67.27
N LEU C 22 -3.67 -15.37 -67.06
CA LEU C 22 -4.59 -14.31 -67.45
C LEU C 22 -4.75 -14.20 -68.95
N ARG C 23 -3.67 -14.46 -69.68
CA ARG C 23 -3.67 -14.33 -71.14
C ARG C 23 -4.61 -15.33 -71.80
N GLU C 24 -4.38 -16.62 -71.55
CA GLU C 24 -5.23 -17.66 -72.11
C GLU C 24 -6.68 -17.49 -71.68
N ASP C 25 -6.87 -17.12 -70.42
CA ASP C 25 -8.20 -16.96 -69.83
C ASP C 25 -9.01 -15.90 -70.55
N LEU C 26 -8.39 -14.77 -70.83
CA LEU C 26 -9.09 -13.68 -71.50
C LEU C 26 -9.44 -14.01 -72.94
N GLN C 27 -8.56 -14.76 -73.61
CA GLN C 27 -8.80 -15.13 -75.00
C GLN C 27 -10.01 -16.06 -75.09
N LYS C 28 -10.07 -17.04 -74.21
CA LYS C 28 -11.20 -17.98 -74.18
C LYS C 28 -12.51 -17.25 -73.91
N LYS C 29 -12.45 -16.25 -73.04
CA LYS C 29 -13.64 -15.49 -72.67
C LYS C 29 -14.07 -14.62 -73.83
N GLN C 30 -13.10 -14.12 -74.59
CA GLN C 30 -13.38 -13.35 -75.79
C GLN C 30 -14.08 -14.21 -76.84
N PHE C 31 -13.56 -15.40 -77.08
CA PHE C 31 -14.18 -16.32 -78.03
C PHE C 31 -15.59 -16.69 -77.57
N ALA C 32 -15.76 -16.96 -76.28
CA ALA C 32 -17.06 -17.37 -75.77
C ALA C 32 -18.11 -16.27 -75.93
N THR C 33 -17.68 -15.02 -75.92
CA THR C 33 -18.60 -13.88 -76.01
C THR C 33 -19.11 -13.69 -77.44
N LEU C 34 -18.27 -14.01 -78.42
CA LEU C 34 -18.60 -13.80 -79.83
C LEU C 34 -19.20 -15.05 -80.49
N GLN C 35 -19.11 -16.18 -79.82
CA GLN C 35 -19.57 -17.45 -80.40
C GLN C 35 -21.04 -17.37 -80.77
N VAL C 36 -21.39 -17.93 -81.92
CA VAL C 36 -22.79 -18.07 -82.30
C VAL C 36 -22.99 -19.46 -82.88
N ILE C 37 -24.19 -20.01 -82.68
CA ILE C 37 -24.58 -21.28 -83.29
C ILE C 37 -25.51 -20.98 -84.45
N PRO C 38 -25.05 -21.26 -85.68
CA PRO C 38 -25.78 -20.84 -86.88
C PRO C 38 -27.27 -21.18 -86.89
N ASN C 39 -27.67 -22.44 -86.72
CA ASN C 39 -29.11 -22.78 -86.83
C ASN C 39 -29.61 -23.70 -85.72
N SER C 40 -29.98 -23.10 -84.60
CA SER C 40 -30.55 -23.87 -83.50
C SER C 40 -32.04 -23.58 -83.47
N GLY C 41 -32.78 -24.41 -82.75
CA GLY C 41 -34.22 -24.23 -82.64
C GLY C 41 -34.62 -23.00 -81.85
N LEU C 42 -33.64 -22.31 -81.27
CA LEU C 42 -33.92 -21.15 -80.44
C LEU C 42 -34.45 -19.98 -81.28
N PRO C 43 -35.39 -19.20 -80.71
CA PRO C 43 -36.03 -18.12 -81.47
C PRO C 43 -35.26 -16.80 -81.42
N GLN C 44 -35.78 -15.82 -82.14
CA GLN C 44 -35.29 -14.45 -82.05
C GLN C 44 -36.34 -13.62 -81.32
N LEU C 45 -35.92 -12.92 -80.26
CA LEU C 45 -36.84 -12.11 -79.45
C LEU C 45 -36.96 -10.69 -80.01
N GLU C 46 -37.87 -9.92 -79.43
CA GLU C 46 -38.16 -8.57 -79.91
C GLU C 46 -36.92 -7.67 -79.91
N HIS C 47 -36.07 -7.84 -78.90
CA HIS C 47 -34.87 -7.01 -78.74
C HIS C 47 -33.61 -7.84 -78.51
N TRP C 48 -33.72 -9.16 -78.70
CA TRP C 48 -32.60 -10.06 -78.48
C TRP C 48 -32.45 -11.03 -79.63
N HIS C 49 -31.21 -11.44 -79.91
CA HIS C 49 -30.95 -12.41 -80.97
C HIS C 49 -29.64 -13.15 -80.75
N SER C 50 -29.42 -14.17 -81.58
CA SER C 50 -28.22 -15.01 -81.51
C SER C 50 -28.08 -15.65 -80.13
N LEU C 51 -29.17 -16.23 -79.65
CA LEU C 51 -29.16 -16.90 -78.36
C LEU C 51 -28.25 -18.12 -78.41
N VAL C 52 -27.50 -18.32 -77.33
CA VAL C 52 -26.59 -19.47 -77.20
C VAL C 52 -26.81 -20.08 -75.82
N PRO C 53 -27.17 -21.38 -75.75
CA PRO C 53 -27.41 -21.99 -74.43
C PRO C 53 -26.17 -22.10 -73.57
N LEU C 54 -26.29 -21.82 -72.28
CA LEU C 54 -25.18 -21.96 -71.34
C LEU C 54 -25.35 -23.17 -70.41
N ASP C 55 -26.57 -23.72 -70.36
CA ASP C 55 -26.81 -24.91 -69.55
C ASP C 55 -25.95 -26.07 -70.03
N THR C 56 -25.10 -26.56 -69.14
CA THR C 56 -24.19 -27.66 -69.43
C THR C 56 -24.90 -28.99 -69.70
N SER C 57 -25.96 -29.26 -68.95
CA SER C 57 -26.71 -30.49 -69.09
C SER C 57 -28.19 -30.18 -69.32
N ASN C 58 -28.77 -30.76 -70.37
CA ASN C 58 -30.18 -30.55 -70.63
C ASN C 58 -30.97 -31.55 -69.80
N ARG C 59 -30.80 -31.47 -68.49
CA ARG C 59 -31.56 -32.29 -67.56
C ARG C 59 -32.53 -31.35 -66.86
N LYS C 60 -33.83 -31.63 -66.97
CA LYS C 60 -34.86 -30.73 -66.46
C LYS C 60 -35.13 -30.79 -64.95
N ASN C 61 -34.61 -29.81 -64.23
CA ASN C 61 -34.74 -29.69 -62.78
C ASN C 61 -35.50 -28.42 -62.40
N THR C 62 -36.42 -28.54 -61.44
CA THR C 62 -37.31 -27.43 -61.06
C THR C 62 -37.15 -27.03 -59.58
N SER C 63 -36.11 -27.54 -58.95
CA SER C 63 -35.90 -27.38 -57.50
C SER C 63 -35.88 -25.92 -57.03
N CYS C 64 -35.22 -25.05 -57.79
CA CYS C 64 -34.94 -23.70 -57.30
C CYS C 64 -36.11 -22.72 -57.37
N PHE C 65 -36.84 -22.72 -58.48
CA PHE C 65 -37.89 -21.71 -58.70
C PHE C 65 -39.26 -22.31 -58.97
N GLY C 66 -39.34 -23.64 -59.00
CA GLY C 66 -40.59 -24.33 -59.31
C GLY C 66 -40.87 -24.41 -60.81
N TYR C 67 -39.94 -23.89 -61.61
CA TYR C 67 -39.99 -24.01 -63.05
C TYR C 67 -38.62 -24.41 -63.57
N PRO C 68 -38.57 -25.07 -64.74
CA PRO C 68 -37.25 -25.33 -65.30
C PRO C 68 -36.56 -24.02 -65.68
N SER C 69 -35.28 -23.88 -65.38
CA SER C 69 -34.59 -22.62 -65.61
C SER C 69 -33.47 -22.82 -66.61
N TRP C 70 -33.50 -21.99 -67.66
CA TRP C 70 -32.50 -22.02 -68.73
C TRP C 70 -31.75 -20.71 -68.78
N VAL C 71 -30.47 -20.77 -69.14
CA VAL C 71 -29.66 -19.58 -69.29
C VAL C 71 -29.07 -19.48 -70.69
N TYR C 72 -29.31 -18.34 -71.34
CA TYR C 72 -28.78 -18.09 -72.67
C TYR C 72 -27.86 -16.87 -72.68
N LYS C 73 -26.77 -16.95 -73.45
CA LYS C 73 -26.03 -15.77 -73.86
C LYS C 73 -26.76 -15.17 -75.06
N ALA C 74 -27.13 -13.90 -74.96
CA ALA C 74 -27.83 -13.23 -76.06
C ALA C 74 -27.22 -11.88 -76.34
N GLN C 75 -27.35 -11.43 -77.58
CA GLN C 75 -26.87 -10.12 -77.98
C GLN C 75 -28.03 -9.15 -78.06
N ASN C 76 -27.89 -7.99 -77.41
CA ASN C 76 -28.94 -6.98 -77.46
C ASN C 76 -29.02 -6.30 -78.82
N SER C 77 -30.22 -5.88 -79.21
CA SER C 77 -30.45 -5.26 -80.51
C SER C 77 -30.25 -3.75 -80.43
N ARG C 78 -30.64 -3.17 -79.30
CA ARG C 78 -30.57 -1.73 -79.09
C ARG C 78 -29.11 -1.30 -78.98
N ASN C 79 -28.39 -1.86 -78.02
CA ASN C 79 -26.94 -1.70 -77.95
C ASN C 79 -26.38 -3.03 -78.44
N GLY C 80 -25.11 -3.08 -78.85
CA GLY C 80 -24.55 -4.30 -79.40
C GLY C 80 -23.96 -5.25 -78.36
N ARG C 81 -24.34 -5.06 -77.10
CA ARG C 81 -23.72 -5.81 -76.01
C ARG C 81 -24.37 -7.15 -75.73
N HIS C 82 -23.59 -8.03 -75.11
CA HIS C 82 -24.02 -9.37 -74.76
C HIS C 82 -24.55 -9.43 -73.34
N TYR C 83 -25.63 -10.19 -73.15
CA TYR C 83 -26.28 -10.34 -71.86
C TYR C 83 -26.58 -11.80 -71.60
N ALA C 84 -26.78 -12.12 -70.33
CA ALA C 84 -27.22 -13.44 -69.92
C ALA C 84 -28.72 -13.40 -69.69
N LEU C 85 -29.47 -14.22 -70.42
CA LEU C 85 -30.91 -14.30 -70.25
C LEU C 85 -31.30 -15.52 -69.43
N ARG C 86 -31.91 -15.30 -68.26
CA ARG C 86 -32.47 -16.39 -67.47
C ARG C 86 -33.93 -16.57 -67.84
N ARG C 87 -34.28 -17.78 -68.26
CA ARG C 87 -35.64 -18.11 -68.69
C ARG C 87 -36.32 -19.08 -67.71
N LEU C 88 -37.49 -18.68 -67.21
CA LEU C 88 -38.35 -19.60 -66.47
C LEU C 88 -39.39 -20.18 -67.42
N GLU C 89 -39.25 -21.47 -67.72
CA GLU C 89 -40.13 -22.13 -68.68
C GLU C 89 -41.51 -22.42 -68.11
N GLY C 90 -42.55 -22.11 -68.88
CA GLY C 90 -43.92 -22.47 -68.54
C GLY C 90 -44.58 -21.55 -67.53
N TYR C 91 -43.95 -20.42 -67.22
CA TYR C 91 -44.52 -19.44 -66.30
C TYR C 91 -45.45 -18.47 -67.02
N ARG C 92 -46.71 -18.43 -66.59
CA ARG C 92 -47.68 -17.49 -67.15
C ARG C 92 -47.92 -16.33 -66.18
N LEU C 93 -47.65 -15.11 -66.66
CA LEU C 93 -47.78 -13.91 -65.83
C LEU C 93 -49.26 -13.60 -65.58
N THR C 94 -49.63 -13.52 -64.30
CA THR C 94 -51.00 -13.25 -63.89
C THR C 94 -51.13 -11.80 -63.41
N ASN C 95 -50.03 -11.24 -62.93
CA ASN C 95 -50.01 -9.88 -62.39
C ASN C 95 -48.83 -9.10 -62.94
N GLU C 96 -49.13 -8.06 -63.71
CA GLU C 96 -48.09 -7.22 -64.32
C GLU C 96 -47.38 -6.36 -63.27
N LYS C 97 -48.03 -6.16 -62.13
CA LYS C 97 -47.47 -5.35 -61.06
C LYS C 97 -46.21 -5.98 -60.49
N ALA C 98 -46.10 -7.29 -60.62
CA ALA C 98 -44.95 -8.03 -60.12
C ALA C 98 -43.66 -7.60 -60.83
N ILE C 99 -43.74 -7.39 -62.14
CA ILE C 99 -42.57 -6.99 -62.91
C ILE C 99 -42.17 -5.57 -62.57
N LEU C 100 -43.14 -4.67 -62.59
CA LEU C 100 -42.86 -3.25 -62.38
C LEU C 100 -42.35 -2.98 -60.97
N ASN C 101 -42.97 -3.60 -59.98
CA ASN C 101 -42.59 -3.38 -58.58
C ASN C 101 -41.25 -3.99 -58.22
N VAL C 102 -40.99 -5.21 -58.71
CA VAL C 102 -39.74 -5.90 -58.41
C VAL C 102 -38.57 -5.25 -59.14
N MSE C 103 -38.82 -4.65 -60.29
CA MSE C 103 -37.76 -3.98 -61.03
C MSE C 103 -37.43 -2.62 -60.45
O MSE C 103 -36.29 -2.18 -60.51
CB MSE C 103 -38.14 -3.84 -62.51
CG MSE C 103 -37.78 -5.04 -63.37
SE MSE C 103 -35.88 -5.53 -63.31
CE MSE C 103 -35.95 -6.88 -61.89
H MSE C 103 -39.60 -4.62 -60.66
HA MSE C 103 -36.97 -4.54 -60.99
HB2 MSE C 103 -39.10 -3.70 -62.57
HB3 MSE C 103 -37.67 -3.07 -62.87
HG2 MSE C 103 -38.29 -5.81 -63.06
HG3 MSE C 103 -38.00 -4.85 -64.29
HE1 MSE C 103 -35.06 -7.23 -61.74
HE2 MSE C 103 -36.29 -6.47 -61.08
HE3 MSE C 103 -36.54 -7.60 -62.17
N LYS C 104 -38.43 -1.95 -59.89
CA LYS C 104 -38.18 -0.65 -59.27
C LYS C 104 -37.21 -0.77 -58.11
N ASP C 105 -37.21 -1.93 -57.46
CA ASP C 105 -36.37 -2.18 -56.30
C ASP C 105 -34.96 -2.65 -56.67
N TRP C 106 -34.86 -3.46 -57.72
CA TRP C 106 -33.60 -4.12 -58.05
C TRP C 106 -32.77 -3.38 -59.10
N LYS C 107 -33.37 -2.42 -59.81
CA LYS C 107 -32.64 -1.64 -60.80
C LYS C 107 -31.57 -0.78 -60.13
N LYS C 108 -31.80 -0.43 -58.87
CA LYS C 108 -30.84 0.35 -58.09
C LYS C 108 -29.56 -0.43 -57.82
N ILE C 109 -29.69 -1.73 -57.57
CA ILE C 109 -28.61 -2.53 -57.01
C ILE C 109 -27.41 -2.62 -57.94
N LYS C 110 -26.25 -2.24 -57.40
CA LYS C 110 -24.98 -2.32 -58.08
C LYS C 110 -23.92 -2.76 -57.08
N ASN C 111 -23.47 -4.00 -57.20
CA ASN C 111 -22.57 -4.60 -56.22
C ASN C 111 -21.64 -5.63 -56.88
N ALA C 112 -20.39 -5.65 -56.46
CA ALA C 112 -19.39 -6.52 -57.08
C ALA C 112 -19.71 -8.01 -56.92
N SER C 113 -20.58 -8.33 -55.96
CA SER C 113 -20.89 -9.72 -55.65
C SER C 113 -22.32 -10.10 -56.04
N ILE C 114 -22.95 -9.25 -56.85
CA ILE C 114 -24.28 -9.51 -57.37
C ILE C 114 -24.27 -9.27 -58.86
N VAL C 115 -24.81 -10.22 -59.62
CA VAL C 115 -24.97 -10.05 -61.06
C VAL C 115 -26.11 -9.07 -61.28
N THR C 116 -25.82 -7.95 -61.93
CA THR C 116 -26.83 -6.92 -62.18
C THR C 116 -27.99 -7.44 -63.02
N ILE C 117 -29.21 -7.10 -62.62
CA ILE C 117 -30.41 -7.38 -63.40
C ILE C 117 -30.80 -6.10 -64.12
N HIS C 118 -31.20 -6.23 -65.38
CA HIS C 118 -31.51 -5.06 -66.22
C HIS C 118 -32.98 -4.98 -66.63
N GLU C 119 -33.60 -6.13 -66.85
CA GLU C 119 -34.91 -6.14 -67.48
C GLU C 119 -35.66 -7.43 -67.17
N VAL C 120 -37.00 -7.34 -67.14
CA VAL C 120 -37.85 -8.51 -66.97
C VAL C 120 -39.06 -8.41 -67.90
N PHE C 121 -39.31 -9.48 -68.65
CA PHE C 121 -40.40 -9.50 -69.61
C PHE C 121 -40.89 -10.91 -69.92
N THR C 122 -42.14 -11.01 -70.37
CA THR C 122 -42.72 -12.29 -70.77
C THR C 122 -42.65 -12.44 -72.28
N THR C 123 -42.54 -13.68 -72.75
CA THR C 123 -42.47 -13.94 -74.18
C THR C 123 -43.11 -15.28 -74.54
N ARG C 124 -43.63 -15.35 -75.76
CA ARG C 124 -44.20 -16.57 -76.33
C ARG C 124 -43.37 -17.08 -77.50
N GLU C 125 -42.24 -16.43 -77.74
CA GLU C 125 -41.42 -16.74 -78.89
C GLU C 125 -40.76 -18.11 -78.75
N PHE C 126 -40.73 -18.62 -77.52
CA PHE C 126 -40.16 -19.94 -77.24
C PHE C 126 -41.18 -21.06 -77.47
N GLY C 127 -42.40 -20.69 -77.84
CA GLY C 127 -43.46 -21.66 -78.08
C GLY C 127 -44.25 -21.99 -76.83
N ASP C 128 -44.08 -21.16 -75.80
CA ASP C 128 -44.75 -21.37 -74.52
C ASP C 128 -44.78 -20.06 -73.76
N SER C 129 -45.46 -20.04 -72.61
CA SER C 129 -45.40 -18.88 -71.73
C SER C 129 -44.09 -18.94 -70.94
N SER C 130 -43.18 -18.03 -71.25
CA SER C 130 -41.89 -17.96 -70.57
C SER C 130 -41.65 -16.59 -69.93
N LEU C 131 -40.96 -16.58 -68.81
CA LEU C 131 -40.56 -15.37 -68.11
C LEU C 131 -39.05 -15.17 -68.25
N ILE C 132 -38.63 -13.99 -68.73
CA ILE C 132 -37.24 -13.73 -69.03
C ILE C 132 -36.59 -12.66 -68.13
N PHE C 133 -35.43 -12.99 -67.56
CA PHE C 133 -34.63 -12.05 -66.79
C PHE C 133 -33.29 -11.77 -67.47
N ALA C 134 -33.02 -10.49 -67.76
CA ALA C 134 -31.80 -10.10 -68.44
C ALA C 134 -30.74 -9.64 -67.45
N TYR C 135 -29.61 -10.34 -67.43
CA TYR C 135 -28.52 -10.06 -66.52
C TYR C 135 -27.27 -9.58 -67.27
N ASP C 136 -26.31 -9.01 -66.54
CA ASP C 136 -24.96 -8.86 -67.06
C ASP C 136 -24.49 -10.22 -67.54
N PHE C 137 -23.53 -10.25 -68.45
CA PHE C 137 -22.98 -11.52 -68.93
C PHE C 137 -21.57 -11.70 -68.42
N HIS C 138 -21.30 -12.86 -67.83
CA HIS C 138 -19.96 -13.18 -67.34
C HIS C 138 -19.44 -14.44 -68.03
N PRO C 139 -18.60 -14.26 -69.08
CA PRO C 139 -18.23 -15.41 -69.91
C PRO C 139 -17.54 -16.52 -69.14
N LEU C 140 -17.86 -17.76 -69.52
CA LEU C 140 -17.26 -18.96 -68.94
C LEU C 140 -17.43 -19.03 -67.42
N SER C 141 -18.55 -18.54 -66.90
CA SER C 141 -18.90 -18.69 -65.49
C SER C 141 -19.40 -20.10 -65.19
N LYS C 142 -19.01 -20.63 -64.03
CA LYS C 142 -19.51 -21.91 -63.56
C LYS C 142 -20.08 -21.76 -62.15
N THR C 143 -21.13 -22.52 -61.85
CA THR C 143 -21.77 -22.48 -60.54
C THR C 143 -20.89 -23.13 -59.49
N LEU C 144 -21.11 -22.77 -58.23
CA LEU C 144 -20.40 -23.42 -57.12
C LEU C 144 -20.71 -24.91 -57.09
N GLN C 145 -21.92 -25.27 -57.48
CA GLN C 145 -22.32 -26.67 -57.54
C GLN C 145 -21.46 -27.44 -58.53
N GLU C 146 -21.38 -26.95 -59.77
CA GLU C 146 -20.59 -27.60 -60.80
C GLU C 146 -19.12 -27.68 -60.43
N HIS C 147 -18.63 -26.68 -59.72
CA HIS C 147 -17.21 -26.57 -59.43
C HIS C 147 -16.80 -27.45 -58.25
N HIS C 148 -17.65 -27.55 -57.24
CA HIS C 148 -17.28 -28.23 -56.01
C HIS C 148 -17.84 -29.66 -55.88
N PHE C 149 -18.93 -29.98 -56.60
CA PHE C 149 -19.56 -31.29 -56.42
C PHE C 149 -19.40 -32.23 -57.61
N GLN C 150 -19.34 -31.69 -58.83
CA GLN C 150 -19.12 -32.52 -60.02
C GLN C 150 -17.71 -33.12 -59.99
N PRO C 151 -17.60 -34.45 -60.14
CA PRO C 151 -16.24 -35.04 -60.14
C PRO C 151 -15.42 -34.64 -61.36
N PRO C 160 -13.07 -33.19 -57.23
CA PRO C 160 -13.96 -32.65 -56.21
C PRO C 160 -13.30 -32.64 -54.82
N PRO C 161 -12.18 -31.92 -54.68
CA PRO C 161 -11.44 -31.94 -53.41
C PRO C 161 -12.10 -31.11 -52.31
N ALA C 162 -11.60 -31.27 -51.09
CA ALA C 162 -12.10 -30.52 -49.94
C ALA C 162 -11.81 -29.03 -50.13
N VAL C 163 -12.78 -28.19 -49.76
CA VAL C 163 -12.64 -26.75 -49.89
C VAL C 163 -11.76 -26.17 -48.77
N PRO C 164 -10.65 -25.49 -49.14
CA PRO C 164 -9.83 -24.84 -48.12
C PRO C 164 -10.62 -23.80 -47.32
N GLU C 165 -10.30 -23.67 -46.03
CA GLU C 165 -11.01 -22.76 -45.16
C GLU C 165 -10.87 -21.32 -45.65
N ASN C 166 -9.72 -20.99 -46.22
CA ASN C 166 -9.49 -19.65 -46.73
C ASN C 166 -10.46 -19.29 -47.84
N THR C 167 -10.78 -20.27 -48.69
CA THR C 167 -11.75 -20.10 -49.77
C THR C 167 -13.14 -19.84 -49.20
N ILE C 168 -13.50 -20.55 -48.15
CA ILE C 168 -14.82 -20.39 -47.55
C ILE C 168 -15.00 -18.99 -46.97
N TRP C 169 -14.01 -18.51 -46.21
CA TRP C 169 -14.06 -17.15 -45.68
C TRP C 169 -14.13 -16.15 -46.84
N GLY C 170 -13.38 -16.42 -47.89
CA GLY C 170 -13.44 -15.60 -49.09
C GLY C 170 -14.86 -15.53 -49.60
N TYR C 171 -15.52 -16.69 -49.71
CA TYR C 171 -16.91 -16.75 -50.15
C TYR C 171 -17.83 -15.99 -49.20
N ILE C 172 -17.63 -16.22 -47.90
CA ILE C 172 -18.46 -15.59 -46.88
C ILE C 172 -18.40 -14.06 -46.97
N CYS C 173 -17.21 -13.51 -47.13
CA CYS C 173 -17.06 -12.05 -47.20
C CYS C 173 -17.77 -11.49 -48.42
N GLN C 174 -17.73 -12.23 -49.52
CA GLN C 174 -18.34 -11.78 -50.75
C GLN C 174 -19.87 -11.89 -50.67
N ILE C 175 -20.37 -12.97 -50.06
CA ILE C 175 -21.80 -13.10 -49.86
C ILE C 175 -22.28 -12.06 -48.86
N ALA C 176 -21.52 -11.86 -47.79
CA ALA C 176 -21.83 -10.83 -46.82
C ALA C 176 -21.90 -9.46 -47.49
N ASN C 177 -20.93 -9.19 -48.36
CA ASN C 177 -20.91 -7.94 -49.12
C ASN C 177 -22.22 -7.76 -49.88
N ALA C 178 -22.66 -8.80 -50.57
CA ALA C 178 -23.92 -8.75 -51.30
C ALA C 178 -25.11 -8.54 -50.36
N LEU C 179 -25.13 -9.26 -49.25
CA LEU C 179 -26.24 -9.17 -48.31
C LEU C 179 -26.32 -7.79 -47.66
N LYS C 180 -25.19 -7.12 -47.51
CA LYS C 180 -25.20 -5.77 -46.96
C LYS C 180 -26.04 -4.85 -47.84
N THR C 181 -25.79 -4.90 -49.15
CA THR C 181 -26.47 -4.02 -50.09
C THR C 181 -27.94 -4.38 -50.25
N ILE C 182 -28.23 -5.68 -50.36
CA ILE C 182 -29.61 -6.13 -50.54
C ILE C 182 -30.46 -5.77 -49.32
N HIS C 183 -29.98 -6.11 -48.14
CA HIS C 183 -30.75 -5.86 -46.92
C HIS C 183 -30.88 -4.36 -46.66
N SER C 184 -29.86 -3.61 -47.05
CA SER C 184 -29.88 -2.16 -46.86
C SER C 184 -30.96 -1.50 -47.71
N ASN C 185 -31.37 -2.18 -48.77
CA ASN C 185 -32.42 -1.68 -49.65
C ASN C 185 -33.79 -2.29 -49.34
N ARG C 186 -33.93 -2.83 -48.13
CA ARG C 186 -35.19 -3.43 -47.70
C ARG C 186 -35.60 -4.58 -48.61
N LEU C 187 -34.61 -5.39 -48.99
CA LEU C 187 -34.83 -6.56 -49.85
C LEU C 187 -34.20 -7.79 -49.23
N ALA C 188 -34.42 -8.94 -49.87
CA ALA C 188 -33.81 -10.19 -49.45
C ALA C 188 -33.24 -10.93 -50.65
N ALA C 189 -32.15 -11.66 -50.42
CA ALA C 189 -31.62 -12.58 -51.42
C ALA C 189 -32.34 -13.91 -51.27
N ARG C 190 -33.51 -14.02 -51.90
CA ARG C 190 -34.38 -15.19 -51.74
C ARG C 190 -33.62 -16.50 -51.97
N CYS C 191 -32.68 -16.47 -52.91
CA CYS C 191 -32.00 -17.67 -53.39
C CYS C 191 -30.49 -17.62 -53.16
N LEU C 192 -29.99 -18.54 -52.33
CA LEU C 192 -28.57 -18.66 -52.04
C LEU C 192 -28.03 -20.06 -52.30
N GLU C 193 -28.74 -20.84 -53.12
CA GLU C 193 -28.30 -22.20 -53.42
C GLU C 193 -27.01 -22.19 -54.26
N PRO C 194 -26.17 -23.22 -54.11
CA PRO C 194 -24.88 -23.29 -54.82
C PRO C 194 -24.98 -23.23 -56.33
N SER C 195 -26.13 -23.61 -56.89
CA SER C 195 -26.29 -23.62 -58.34
C SER C 195 -26.61 -22.23 -58.86
N LYS C 196 -26.91 -21.31 -57.96
CA LYS C 196 -27.29 -19.95 -58.34
C LYS C 196 -26.28 -18.93 -57.79
N ILE C 197 -25.09 -19.42 -57.49
CA ILE C 197 -23.95 -18.59 -57.17
C ILE C 197 -22.83 -19.00 -58.13
N ILE C 198 -22.37 -18.05 -58.94
CA ILE C 198 -21.42 -18.37 -60.00
C ILE C 198 -20.02 -17.84 -59.73
N LEU C 199 -19.03 -18.64 -60.12
CA LEU C 199 -17.65 -18.21 -60.17
C LEU C 199 -17.39 -17.51 -61.50
N THR C 200 -17.31 -16.19 -61.47
CA THR C 200 -17.06 -15.43 -62.69
C THR C 200 -15.56 -15.36 -62.93
N ASP C 201 -14.79 -15.70 -61.91
CA ASP C 201 -13.35 -15.82 -62.02
C ASP C 201 -12.85 -16.54 -60.78
N ILE C 202 -11.54 -16.77 -60.70
CA ILE C 202 -10.95 -17.50 -59.60
C ILE C 202 -11.35 -16.91 -58.24
N ASN C 203 -11.97 -17.74 -57.41
CA ASN C 203 -12.41 -17.38 -56.05
C ASN C 203 -13.30 -16.14 -55.98
N ARG C 204 -13.88 -15.78 -57.13
CA ARG C 204 -14.72 -14.59 -57.22
C ARG C 204 -16.16 -15.01 -57.51
N ILE C 205 -17.03 -14.84 -56.53
CA ILE C 205 -18.41 -15.28 -56.65
C ILE C 205 -19.42 -14.15 -56.69
N ARG C 206 -20.54 -14.42 -57.37
CA ARG C 206 -21.61 -13.45 -57.56
C ARG C 206 -22.96 -14.16 -57.53
N LEU C 207 -23.96 -13.55 -56.93
CA LEU C 207 -25.30 -14.14 -56.90
C LEU C 207 -25.94 -13.99 -58.28
N SER C 208 -26.23 -15.11 -58.94
CA SER C 208 -26.65 -15.08 -60.34
C SER C 208 -28.16 -14.96 -60.48
N ALA C 209 -28.86 -15.18 -59.38
CA ALA C 209 -30.32 -15.20 -59.39
C ALA C 209 -30.85 -14.29 -58.29
N CYS C 210 -31.18 -13.07 -58.66
CA CYS C 210 -31.82 -12.11 -57.76
C CYS C 210 -33.08 -11.61 -58.42
N ALA C 211 -34.11 -11.39 -57.60
CA ALA C 211 -35.39 -10.84 -58.03
C ALA C 211 -36.26 -11.87 -58.75
N ILE C 212 -35.75 -13.08 -58.98
CA ILE C 212 -36.55 -14.11 -59.65
C ILE C 212 -37.66 -14.59 -58.75
N LEU C 213 -37.30 -15.02 -57.53
CA LEU C 213 -38.31 -15.48 -56.59
C LEU C 213 -39.19 -14.33 -56.13
N ASP C 214 -38.69 -13.10 -56.27
CA ASP C 214 -39.47 -11.92 -55.92
C ASP C 214 -40.70 -11.81 -56.83
N VAL C 215 -40.54 -12.18 -58.10
CA VAL C 215 -41.64 -12.11 -59.06
C VAL C 215 -42.55 -13.33 -58.94
N VAL C 216 -41.96 -14.51 -58.81
CA VAL C 216 -42.71 -15.75 -58.75
C VAL C 216 -43.60 -15.81 -57.50
N GLN C 217 -43.05 -15.37 -56.37
CA GLN C 217 -43.75 -15.43 -55.09
C GLN C 217 -44.42 -14.11 -54.74
N PHE C 218 -44.60 -13.26 -55.74
CA PHE C 218 -45.15 -11.92 -55.53
C PHE C 218 -46.51 -11.94 -54.85
N GLY C 219 -47.43 -12.72 -55.41
CA GLY C 219 -48.79 -12.80 -54.88
C GLY C 219 -48.92 -13.72 -53.67
N MSE C 220 -48.28 -14.88 -53.74
CA MSE C 220 -48.47 -15.92 -52.72
C MSE C 220 -47.78 -15.60 -51.40
O MSE C 220 -48.34 -15.86 -50.33
CB MSE C 220 -47.96 -17.26 -53.24
CG MSE C 220 -48.98 -18.05 -54.04
SE MSE C 220 -49.23 -17.36 -55.86
CE MSE C 220 -47.48 -17.83 -56.58
H MSE C 220 -47.73 -15.09 -54.35
HA MSE C 220 -49.43 -16.01 -52.56
HB2 MSE C 220 -47.19 -17.10 -53.81
HB3 MSE C 220 -47.70 -17.80 -52.48
HG2 MSE C 220 -48.69 -18.97 -54.12
HG3 MSE C 220 -49.84 -18.00 -53.60
HE1 MSE C 220 -47.43 -17.55 -57.51
HE2 MSE C 220 -46.79 -17.37 -56.06
HE3 MSE C 220 -47.34 -18.79 -56.52
N ASN C 221 -46.58 -15.05 -51.47
CA ASN C 221 -45.77 -14.84 -50.27
C ASN C 221 -46.49 -13.96 -49.26
N SER C 222 -46.42 -14.33 -47.99
CA SER C 222 -47.06 -13.57 -46.91
C SER C 222 -46.03 -13.09 -45.88
N ARG C 223 -44.86 -13.70 -45.91
CA ARG C 223 -43.77 -13.33 -45.00
C ARG C 223 -43.27 -11.92 -45.27
N SER C 224 -42.89 -11.21 -44.21
CA SER C 224 -42.44 -9.83 -44.33
C SER C 224 -40.97 -9.75 -44.75
N VAL C 225 -40.50 -8.53 -44.95
CA VAL C 225 -39.13 -8.30 -45.39
C VAL C 225 -38.13 -8.82 -44.35
N VAL C 226 -38.35 -8.47 -43.09
CA VAL C 226 -37.44 -8.88 -42.03
C VAL C 226 -37.41 -10.39 -41.92
N GLU C 227 -38.57 -11.03 -42.07
CA GLU C 227 -38.66 -12.48 -42.01
C GLU C 227 -37.90 -13.14 -43.14
N LEU C 228 -38.04 -12.60 -44.35
CA LEU C 228 -37.31 -13.12 -45.50
C LEU C 228 -35.80 -12.97 -45.30
N GLN C 229 -35.40 -11.91 -44.62
CA GLN C 229 -33.99 -11.67 -44.34
C GLN C 229 -33.44 -12.66 -43.32
N GLN C 230 -34.28 -13.08 -42.38
CA GLN C 230 -33.85 -14.10 -41.42
C GLN C 230 -33.58 -15.41 -42.14
N GLU C 231 -34.37 -15.71 -43.16
CA GLU C 231 -34.17 -16.94 -43.92
C GLU C 231 -32.88 -16.89 -44.73
N ASP C 232 -32.50 -15.70 -45.20
CA ASP C 232 -31.25 -15.55 -45.94
C ASP C 232 -30.07 -16.06 -45.12
N PHE C 233 -30.07 -15.75 -43.83
CA PHE C 233 -28.97 -16.18 -42.97
C PHE C 233 -28.98 -17.70 -42.82
N VAL C 234 -30.17 -18.28 -42.69
CA VAL C 234 -30.29 -19.74 -42.63
C VAL C 234 -29.79 -20.36 -43.93
N LYS C 235 -30.26 -19.84 -45.06
CA LYS C 235 -29.83 -20.32 -46.36
C LYS C 235 -28.33 -20.13 -46.55
N PHE C 236 -27.83 -19.02 -46.02
CA PHE C 236 -26.39 -18.71 -46.03
C PHE C 236 -25.63 -19.79 -45.26
N GLY C 237 -26.07 -20.11 -44.04
CA GLY C 237 -25.41 -21.13 -43.25
C GLY C 237 -25.45 -22.51 -43.88
N LYS C 238 -26.56 -22.84 -44.54
CA LYS C 238 -26.69 -24.14 -45.18
C LYS C 238 -25.80 -24.24 -46.42
N LEU C 239 -25.58 -23.10 -47.07
CA LEU C 239 -24.66 -23.04 -48.21
C LEU C 239 -23.24 -23.39 -47.77
N ILE C 240 -22.81 -22.81 -46.65
CA ILE C 240 -21.46 -23.04 -46.13
C ILE C 240 -21.32 -24.49 -45.69
N LEU C 241 -22.35 -25.00 -45.00
CA LEU C 241 -22.36 -26.38 -44.53
C LEU C 241 -22.19 -27.35 -45.69
N SER C 242 -22.88 -27.06 -46.79
CA SER C 242 -22.76 -27.88 -48.00
C SER C 242 -21.32 -27.94 -48.51
N LEU C 243 -20.65 -26.78 -48.54
CA LEU C 243 -19.29 -26.68 -49.06
C LEU C 243 -18.28 -27.36 -48.13
N ALA C 244 -18.54 -27.31 -46.83
CA ALA C 244 -17.63 -27.88 -45.85
C ALA C 244 -17.73 -29.41 -45.80
N THR C 245 -18.92 -29.94 -46.06
CA THR C 245 -19.18 -31.37 -45.94
C THR C 245 -19.24 -32.08 -47.30
N GLY C 246 -19.48 -31.32 -48.36
CA GLY C 246 -19.53 -31.90 -49.69
C GLY C 246 -20.89 -32.48 -50.02
N THR C 247 -21.91 -32.09 -49.23
CA THR C 247 -23.28 -32.56 -49.44
C THR C 247 -24.21 -31.44 -49.87
N LEU C 248 -24.98 -31.68 -50.92
CA LEU C 248 -25.92 -30.69 -51.46
C LEU C 248 -26.90 -30.22 -50.38
N PRO C 249 -27.30 -28.94 -50.44
CA PRO C 249 -28.22 -28.40 -49.42
C PRO C 249 -29.51 -29.21 -49.27
N ALA C 250 -30.08 -29.65 -50.39
CA ALA C 250 -31.34 -30.39 -50.37
C ALA C 250 -31.19 -31.76 -49.73
N HIS C 251 -29.95 -32.23 -49.59
CA HIS C 251 -29.67 -33.55 -49.03
C HIS C 251 -29.05 -33.49 -47.63
N LEU C 252 -29.16 -32.33 -46.98
CA LEU C 252 -28.66 -32.18 -45.62
C LEU C 252 -29.75 -32.56 -44.62
N ASN C 253 -29.84 -33.85 -44.32
CA ASN C 253 -30.90 -34.37 -43.46
C ASN C 253 -30.57 -34.22 -41.97
N ASN C 254 -29.27 -34.24 -41.66
CA ASN C 254 -28.81 -34.20 -40.28
C ASN C 254 -27.85 -33.03 -40.08
N ILE C 255 -28.41 -31.87 -39.73
CA ILE C 255 -27.62 -30.66 -39.56
C ILE C 255 -26.60 -30.84 -38.43
N PRO C 256 -27.02 -31.41 -37.28
CA PRO C 256 -26.04 -31.63 -36.21
C PRO C 256 -24.85 -32.48 -36.63
N ALA C 257 -25.10 -33.53 -37.42
CA ALA C 257 -24.04 -34.41 -37.89
C ALA C 257 -23.12 -33.70 -38.86
N ALA C 258 -23.67 -32.78 -39.65
CA ALA C 258 -22.88 -32.02 -40.60
C ALA C 258 -21.99 -31.00 -39.88
N LEU C 259 -22.52 -30.40 -38.82
CA LEU C 259 -21.74 -29.44 -38.04
C LEU C 259 -20.56 -30.12 -37.34
N GLU C 260 -20.74 -31.38 -36.96
CA GLU C 260 -19.68 -32.13 -36.30
C GLU C 260 -18.62 -32.54 -37.31
N THR C 261 -19.05 -32.79 -38.54
CA THR C 261 -18.11 -33.05 -39.63
C THR C 261 -17.33 -31.77 -39.90
N LEU C 262 -18.05 -30.66 -39.98
CA LEU C 262 -17.45 -29.35 -40.18
C LEU C 262 -16.49 -29.01 -39.05
N GLY C 263 -16.90 -29.32 -37.81
CA GLY C 263 -16.11 -29.01 -36.64
C GLY C 263 -14.80 -29.78 -36.58
N ASN C 264 -14.76 -30.94 -37.22
CA ASN C 264 -13.56 -31.78 -37.20
C ASN C 264 -12.59 -31.44 -38.33
N LYS C 265 -13.11 -30.83 -39.39
CA LYS C 265 -12.30 -30.50 -40.56
C LYS C 265 -11.83 -29.05 -40.53
N TYR C 266 -12.58 -28.20 -39.83
CA TYR C 266 -12.33 -26.76 -39.85
C TYR C 266 -12.20 -26.17 -38.46
N SER C 267 -11.75 -24.93 -38.41
CA SER C 267 -11.50 -24.22 -37.17
C SER C 267 -12.79 -23.94 -36.41
N ALA C 268 -12.66 -23.55 -35.14
CA ALA C 268 -13.80 -23.25 -34.30
C ALA C 268 -14.49 -21.97 -34.75
N ASN C 269 -13.71 -21.04 -35.32
CA ASN C 269 -14.26 -19.78 -35.79
C ASN C 269 -15.33 -20.00 -36.85
N LEU C 270 -15.03 -20.86 -37.82
CA LEU C 270 -15.99 -21.17 -38.86
C LEU C 270 -17.22 -21.85 -38.29
N LYS C 271 -17.01 -22.82 -37.41
CA LYS C 271 -18.11 -23.57 -36.80
C LYS C 271 -19.03 -22.62 -36.03
N SER C 272 -18.44 -21.62 -35.38
CA SER C 272 -19.23 -20.64 -34.64
C SER C 272 -20.03 -19.76 -35.59
N ALA C 273 -19.40 -19.37 -36.70
CA ALA C 273 -20.04 -18.50 -37.68
C ALA C 273 -21.25 -19.18 -38.33
N VAL C 274 -21.05 -20.41 -38.78
CA VAL C 274 -22.12 -21.16 -39.42
C VAL C 274 -23.25 -21.38 -38.43
N ASN C 275 -22.90 -21.70 -37.19
CA ASN C 275 -23.89 -21.94 -36.16
C ASN C 275 -24.73 -20.69 -35.88
N TRP C 276 -24.10 -19.53 -35.94
CA TRP C 276 -24.81 -18.27 -35.75
C TRP C 276 -25.82 -18.08 -36.88
N LEU C 277 -25.41 -18.47 -38.09
CA LEU C 277 -26.27 -18.34 -39.27
C LEU C 277 -27.45 -19.31 -39.24
N LEU C 278 -27.21 -20.55 -38.79
CA LEU C 278 -28.27 -21.56 -38.76
C LEU C 278 -29.25 -21.35 -37.59
N ASP C 279 -28.71 -20.94 -36.45
CA ASP C 279 -29.50 -20.84 -35.22
C ASP C 279 -30.65 -19.85 -35.36
N THR C 280 -31.83 -20.26 -34.89
CA THR C 280 -33.02 -19.40 -34.87
C THR C 280 -33.61 -19.35 -33.46
N SER C 281 -32.91 -19.96 -32.51
CA SER C 281 -33.43 -20.10 -31.15
C SER C 281 -32.92 -19.01 -30.19
N SER C 282 -31.93 -18.24 -30.62
CA SER C 282 -31.33 -17.23 -29.76
C SER C 282 -32.29 -16.11 -29.35
N GLY C 283 -33.44 -16.02 -30.00
CA GLY C 283 -34.41 -14.98 -29.69
C GLY C 283 -33.95 -13.59 -30.10
N GLU C 284 -32.82 -13.54 -30.80
CA GLU C 284 -32.24 -12.28 -31.26
C GLU C 284 -32.39 -12.14 -32.76
N THR C 285 -32.87 -10.98 -33.21
CA THR C 285 -32.99 -10.72 -34.63
C THR C 285 -31.61 -10.66 -35.26
N LYS C 286 -31.38 -11.48 -36.26
CA LYS C 286 -30.11 -11.48 -36.97
C LYS C 286 -30.05 -10.36 -37.99
N THR C 287 -28.95 -9.62 -37.98
CA THR C 287 -28.74 -8.55 -38.95
C THR C 287 -27.38 -8.72 -39.61
N ILE C 288 -27.27 -8.26 -40.85
CA ILE C 288 -26.00 -8.33 -41.55
C ILE C 288 -24.97 -7.43 -40.83
N GLU C 289 -25.44 -6.37 -40.17
CA GLU C 289 -24.58 -5.50 -39.37
C GLU C 289 -23.85 -6.30 -38.30
N HIS C 290 -24.62 -7.09 -37.56
CA HIS C 290 -24.08 -7.92 -36.50
C HIS C 290 -23.13 -8.97 -37.07
N PHE C 291 -23.50 -9.56 -38.20
CA PHE C 291 -22.68 -10.61 -38.81
C PHE C 291 -21.35 -10.05 -39.33
N MSE C 292 -21.40 -8.86 -39.92
CA MSE C 292 -20.18 -8.21 -40.42
C MSE C 292 -19.20 -7.92 -39.27
O MSE C 292 -18.00 -8.09 -39.41
CB MSE C 292 -20.51 -6.91 -41.15
CG MSE C 292 -21.08 -7.11 -42.54
SE MSE C 292 -21.38 -5.43 -43.50
CE MSE C 292 -22.70 -4.65 -42.29
H MSE C 292 -22.12 -8.40 -40.06
HA MSE C 292 -19.74 -8.80 -41.05
HB2 MSE C 292 -21.17 -6.42 -40.64
HB3 MSE C 292 -19.70 -6.38 -41.23
HG2 MSE C 292 -20.46 -7.64 -43.07
HG3 MSE C 292 -21.94 -7.58 -42.48
HE1 MSE C 292 -22.96 -3.77 -42.63
HE2 MSE C 292 -23.48 -5.23 -42.24
HE3 MSE C 292 -22.30 -4.55 -41.40
N THR C 293 -19.75 -7.47 -38.15
CA THR C 293 -18.94 -7.13 -36.97
C THR C 293 -18.10 -8.33 -36.54
N GLY C 294 -18.67 -9.52 -36.69
CA GLY C 294 -18.05 -10.76 -36.28
C GLY C 294 -16.98 -11.31 -37.21
N ILE C 295 -16.96 -10.84 -38.46
CA ILE C 295 -15.95 -11.28 -39.43
C ILE C 295 -15.05 -10.12 -39.87
N ALA C 296 -14.93 -9.11 -39.02
CA ALA C 296 -14.17 -7.90 -39.34
C ALA C 296 -12.73 -8.21 -39.74
N SER C 297 -12.10 -9.14 -39.03
CA SER C 297 -10.72 -9.52 -39.34
C SER C 297 -10.62 -10.15 -40.74
N GLN C 298 -11.53 -11.07 -41.05
CA GLN C 298 -11.54 -11.73 -42.35
C GLN C 298 -11.79 -10.73 -43.48
N MSE C 299 -12.74 -9.84 -43.31
CA MSE C 299 -13.06 -8.83 -44.32
C MSE C 299 -11.86 -7.95 -44.63
O MSE C 299 -11.68 -7.50 -45.77
CB MSE C 299 -14.24 -7.97 -43.85
CG MSE C 299 -14.81 -7.06 -44.92
SE MSE C 299 -15.69 -8.03 -46.38
CE MSE C 299 -17.09 -8.92 -45.33
H MSE C 299 -13.23 -9.79 -42.60
HA MSE C 299 -13.34 -9.29 -45.13
HB2 MSE C 299 -14.96 -8.55 -43.55
HB3 MSE C 299 -13.95 -7.41 -43.11
HG2 MSE C 299 -15.47 -6.47 -44.51
HG3 MSE C 299 -14.09 -6.52 -45.31
HE1 MSE C 299 -17.63 -9.48 -45.92
HE2 MSE C 299 -16.67 -9.49 -44.65
HE3 MSE C 299 -17.64 -8.26 -44.90
N THR C 300 -11.03 -7.69 -43.62
CA THR C 300 -9.83 -6.89 -43.81
C THR C 300 -8.80 -7.61 -44.68
N THR C 301 -8.66 -8.92 -44.47
CA THR C 301 -7.68 -9.70 -45.23
C THR C 301 -8.01 -9.74 -46.72
N PHE C 302 -9.29 -9.86 -47.05
CA PHE C 302 -9.68 -9.98 -48.45
C PHE C 302 -9.81 -8.61 -49.12
N PHE C 303 -9.86 -7.57 -48.30
CA PHE C 303 -9.71 -6.21 -48.80
C PHE C 303 -8.27 -6.06 -49.32
N ASP C 304 -7.32 -6.54 -48.53
CA ASP C 304 -5.93 -6.52 -48.91
C ASP C 304 -5.71 -7.30 -50.19
N LEU C 305 -6.27 -8.50 -50.26
CA LEU C 305 -6.06 -9.37 -51.41
C LEU C 305 -6.66 -8.81 -52.69
N ALA C 306 -7.82 -8.17 -52.58
CA ALA C 306 -8.41 -7.51 -53.74
C ALA C 306 -7.50 -6.39 -54.25
N LEU C 307 -6.93 -5.62 -53.32
CA LEU C 307 -6.05 -4.53 -53.71
C LEU C 307 -4.75 -5.05 -54.32
N GLN C 308 -4.26 -6.20 -53.84
CA GLN C 308 -3.03 -6.74 -54.41
C GLN C 308 -3.29 -7.24 -55.83
N ASP C 309 -4.47 -7.77 -56.06
CA ASP C 309 -4.86 -8.19 -57.39
C ASP C 309 -5.09 -6.98 -58.30
N ASN C 310 -5.57 -5.90 -57.69
CA ASN C 310 -5.72 -4.64 -58.39
C ASN C 310 -4.38 -4.20 -58.98
N ASP C 311 -3.34 -4.28 -58.17
CA ASP C 311 -1.99 -3.94 -58.59
C ASP C 311 -1.48 -4.90 -59.67
N GLU C 312 -1.87 -6.17 -59.55
CA GLU C 312 -1.44 -7.18 -60.50
C GLU C 312 -1.99 -6.89 -61.89
N LYS C 313 -3.28 -6.57 -61.94
CA LYS C 313 -3.95 -6.26 -63.18
C LYS C 313 -3.42 -4.96 -63.78
N LEU C 314 -3.09 -4.01 -62.91
CA LEU C 314 -2.55 -2.73 -63.36
C LEU C 314 -1.16 -2.93 -63.97
N PHE C 315 -0.38 -3.83 -63.37
CA PHE C 315 0.93 -4.18 -63.88
C PHE C 315 0.85 -4.72 -65.30
N HIS C 316 -0.08 -5.64 -65.55
CA HIS C 316 -0.28 -6.22 -66.87
C HIS C 316 -0.83 -5.21 -67.86
N LEU C 317 -1.75 -4.37 -67.40
CA LEU C 317 -2.33 -3.33 -68.23
C LEU C 317 -1.26 -2.38 -68.75
N ALA C 318 -0.29 -2.06 -67.90
CA ALA C 318 0.78 -1.13 -68.28
C ALA C 318 1.62 -1.71 -69.40
N ARG C 319 1.81 -3.02 -69.41
CA ARG C 319 2.60 -3.68 -70.44
C ARG C 319 1.84 -3.76 -71.78
N GLU C 320 0.52 -3.91 -71.68
CA GLU C 320 -0.34 -4.12 -72.85
C GLU C 320 -0.90 -2.84 -73.47
N VAL C 321 -0.81 -1.72 -72.74
CA VAL C 321 -1.46 -0.47 -73.13
C VAL C 321 -1.02 0.08 -74.51
N GLU C 322 0.19 -0.23 -74.93
CA GLU C 322 0.68 0.25 -76.22
C GLU C 322 0.01 -0.46 -77.39
N ASN C 323 -0.59 -1.61 -77.13
CA ASN C 323 -1.28 -2.37 -78.16
C ASN C 323 -2.37 -1.56 -78.88
N GLY C 324 -3.05 -0.70 -78.14
CA GLY C 324 -4.05 0.16 -78.74
C GLY C 324 -3.46 1.13 -79.76
N ARG C 325 -2.33 1.75 -79.41
CA ARG C 325 -1.69 2.71 -80.31
C ARG C 325 -1.17 2.04 -81.58
N ILE C 326 -0.50 0.90 -81.42
CA ILE C 326 -0.01 0.14 -82.56
C ILE C 326 -1.15 -0.27 -83.49
N ALA C 327 -2.24 -0.78 -82.93
CA ALA C 327 -3.38 -1.23 -83.73
C ALA C 327 -3.99 -0.07 -84.52
N ARG C 328 -4.16 1.06 -83.84
CA ARG C 328 -4.75 2.25 -84.46
C ARG C 328 -3.85 2.85 -85.53
N SER C 329 -2.54 2.62 -85.40
CA SER C 329 -1.60 3.10 -86.41
C SER C 329 -1.71 2.27 -87.68
N LEU C 330 -1.88 0.96 -87.49
CA LEU C 330 -2.02 0.03 -88.60
C LEU C 330 -3.34 0.22 -89.32
N MSE C 331 -4.38 0.60 -88.56
CA MSE C 331 -5.70 0.81 -89.13
C MSE C 331 -5.73 2.07 -89.98
O MSE C 331 -6.35 2.08 -91.06
CB MSE C 331 -6.75 0.90 -88.02
CG MSE C 331 -7.11 -0.45 -87.40
SE MSE C 331 -8.56 -0.32 -86.11
CE MSE C 331 -9.26 -2.14 -86.29
H MSE C 331 -4.33 0.74 -87.72
HA MSE C 331 -5.93 0.04 -89.69
HB2 MSE C 331 -6.41 1.46 -87.31
HB3 MSE C 331 -7.56 1.28 -88.39
HG2 MSE C 331 -7.39 -1.05 -88.11
HG3 MSE C 331 -6.34 -0.80 -86.95
HE1 MSE C 331 -10.02 -2.24 -85.69
HE2 MSE C 331 -9.54 -2.27 -87.21
HE3 MSE C 331 -8.57 -2.77 -86.06
N LYS C 332 -5.09 3.11 -89.50
CA LYS C 332 -4.96 4.36 -90.24
C LYS C 332 -4.37 4.13 -91.62
N LEU C 333 -3.27 3.37 -91.63
CA LEU C 333 -2.58 3.04 -92.88
C LEU C 333 -3.51 2.32 -93.84
N LEU C 334 -4.25 1.34 -93.33
CA LEU C 334 -5.15 0.55 -94.15
C LEU C 334 -6.29 1.42 -94.68
N THR C 335 -6.67 2.42 -93.90
CA THR C 335 -7.76 3.31 -94.29
C THR C 335 -7.33 4.27 -95.40
N ILE C 336 -6.07 4.69 -95.39
CA ILE C 336 -5.57 5.69 -96.34
C ILE C 336 -5.26 5.09 -97.72
N LEU C 337 -4.62 3.93 -97.74
CA LEU C 337 -4.10 3.32 -98.96
C LEU C 337 -5.11 2.43 -99.68
N GLU C 338 -4.96 2.33 -101.00
CA GLU C 338 -5.82 1.51 -101.85
C GLU C 338 -7.27 1.94 -101.73
N ARG C 339 -7.49 3.25 -101.57
CA ARG C 339 -8.84 3.78 -101.50
C ARG C 339 -9.59 3.54 -102.82
N GLY C 340 -8.87 3.66 -103.92
CA GLY C 340 -9.46 3.49 -105.24
C GLY C 340 -10.30 4.68 -105.66
N ASP C 353 1.08 11.92 -103.32
CA ASP C 353 1.46 11.70 -101.93
C ASP C 353 1.20 10.24 -101.53
N ARG C 354 0.16 9.65 -102.10
CA ARG C 354 -0.21 8.29 -101.75
C ARG C 354 0.84 7.31 -102.27
N TYR C 355 1.54 7.70 -103.33
CA TYR C 355 2.54 6.86 -103.96
C TYR C 355 3.71 6.58 -103.01
N GLN C 356 4.17 7.60 -102.30
CA GLN C 356 5.25 7.44 -101.34
C GLN C 356 4.83 6.55 -100.17
N LEU C 357 3.61 6.77 -99.71
CA LEU C 357 3.04 5.95 -98.63
C LEU C 357 2.92 4.50 -99.08
N LYS C 358 2.64 4.30 -100.35
CA LYS C 358 2.54 2.97 -100.93
C LYS C 358 3.91 2.28 -100.91
N LEU C 359 4.95 3.03 -101.25
CA LEU C 359 6.30 2.51 -101.26
C LEU C 359 6.77 2.19 -99.84
N PHE C 360 6.32 2.99 -98.88
CA PHE C 360 6.67 2.76 -97.49
C PHE C 360 6.04 1.47 -96.99
N ARG C 361 4.76 1.28 -97.30
CA ARG C 361 4.07 0.03 -96.96
C ARG C 361 4.82 -1.17 -97.53
N ASP C 362 5.30 -1.04 -98.77
CA ASP C 362 6.06 -2.11 -99.41
C ASP C 362 7.37 -2.34 -98.66
N TYR C 363 8.01 -1.26 -98.25
CA TYR C 363 9.27 -1.32 -97.51
C TYR C 363 9.13 -2.05 -96.18
N VAL C 364 7.99 -1.88 -95.52
CA VAL C 364 7.77 -2.46 -94.20
C VAL C 364 7.22 -3.89 -94.25
N PHE C 365 6.17 -4.09 -95.05
CA PHE C 365 5.41 -5.34 -94.98
C PHE C 365 5.65 -6.30 -96.17
N HIS C 366 6.29 -5.83 -97.24
CA HIS C 366 6.51 -6.66 -98.42
C HIS C 366 7.98 -6.97 -98.67
N ARG C 367 8.76 -7.07 -97.61
CA ARG C 367 10.19 -7.38 -97.73
C ARG C 367 10.43 -8.75 -98.36
N VAL C 368 11.44 -8.83 -99.20
CA VAL C 368 11.83 -10.08 -99.85
C VAL C 368 13.33 -10.28 -99.75
N ASP C 369 13.75 -11.54 -99.60
CA ASP C 369 15.16 -11.89 -99.54
C ASP C 369 15.79 -11.77 -100.93
N ALA C 370 17.10 -11.95 -101.00
CA ALA C 370 17.83 -11.88 -102.26
C ALA C 370 17.35 -12.94 -103.24
N ASP C 371 16.91 -14.08 -102.71
CA ASP C 371 16.43 -15.17 -103.55
C ASP C 371 15.06 -14.85 -104.14
N GLY C 372 14.36 -13.91 -103.51
CA GLY C 372 13.03 -13.52 -103.94
C GLY C 372 11.97 -13.98 -102.94
N LYS C 373 12.41 -14.78 -101.97
CA LYS C 373 11.49 -15.28 -100.95
C LYS C 373 11.04 -14.14 -100.03
N PRO C 374 9.78 -14.17 -99.59
CA PRO C 374 9.27 -13.11 -98.72
C PRO C 374 9.80 -13.20 -97.29
N ASN C 375 10.10 -12.06 -96.68
CA ASN C 375 10.56 -12.03 -95.29
C ASN C 375 9.45 -11.50 -94.38
N LEU C 376 9.17 -12.26 -93.33
CA LEU C 376 8.02 -12.01 -92.47
C LEU C 376 8.44 -11.66 -91.04
N SER C 377 9.66 -11.18 -90.87
CA SER C 377 10.16 -10.80 -89.55
C SER C 377 9.26 -9.72 -88.95
N ILE C 378 8.71 -10.02 -87.77
CA ILE C 378 7.77 -9.11 -87.13
C ILE C 378 8.46 -7.89 -86.53
N GLY C 379 9.72 -8.07 -86.10
CA GLY C 379 10.47 -7.02 -85.47
C GLY C 379 10.64 -5.81 -86.38
N HIS C 380 10.96 -6.06 -87.64
CA HIS C 380 11.12 -5.00 -88.62
C HIS C 380 9.85 -4.18 -88.79
N MSE C 381 8.70 -4.84 -88.68
CA MSE C 381 7.42 -4.18 -88.91
C MSE C 381 7.07 -3.22 -87.77
O MSE C 381 6.70 -2.07 -88.01
CB MSE C 381 6.31 -5.21 -89.09
CG MSE C 381 6.52 -6.13 -90.29
SE MSE C 381 5.16 -7.52 -90.46
CE MSE C 381 5.74 -8.32 -92.14
H MSE C 381 8.63 -5.67 -88.49
HA MSE C 381 7.47 -3.67 -89.74
HB2 MSE C 381 6.27 -5.78 -88.30
HB3 MSE C 381 5.47 -4.75 -89.21
HG2 MSE C 381 6.50 -5.59 -91.10
HG3 MSE C 381 7.38 -6.56 -90.21
HE1 MSE C 381 5.14 -9.06 -92.37
HE2 MSE C 381 5.71 -7.66 -92.84
HE3 MSE C 381 6.64 -8.66 -92.04
N LEU C 382 7.19 -3.70 -86.54
CA LEU C 382 6.88 -2.88 -85.37
C LEU C 382 7.82 -1.68 -85.25
N THR C 383 9.11 -1.89 -85.51
CA THR C 383 10.09 -0.82 -85.42
C THR C 383 9.76 0.31 -86.40
N CYS C 384 9.42 -0.04 -87.64
CA CYS C 384 9.13 0.95 -88.66
C CYS C 384 7.85 1.72 -88.34
N MSE C 385 6.84 1.03 -87.81
CA MSE C 385 5.59 1.69 -87.46
C MSE C 385 5.75 2.56 -86.22
O MSE C 385 5.00 3.52 -86.02
CB MSE C 385 4.49 0.65 -87.22
CG MSE C 385 4.05 -0.07 -88.49
SE MSE C 385 3.37 1.13 -89.87
CE MSE C 385 1.88 1.92 -88.87
H MSE C 385 6.86 0.19 -87.65
HA MSE C 385 5.31 2.25 -88.20
HB2 MSE C 385 4.82 -0.01 -86.60
HB3 MSE C 385 3.72 1.10 -86.85
HG2 MSE C 385 4.80 -0.56 -88.85
HG3 MSE C 385 3.33 -0.70 -88.26
HE1 MSE C 385 1.42 2.56 -89.44
HE2 MSE C 385 1.27 1.21 -88.62
HE3 MSE C 385 2.24 2.35 -88.08
N SER C 386 6.75 2.24 -85.40
CA SER C 386 7.04 3.04 -84.22
C SER C 386 7.79 4.31 -84.60
N LYS C 387 8.78 4.14 -85.47
CA LYS C 387 9.55 5.26 -85.98
C LYS C 387 8.65 6.21 -86.76
N LEU C 388 7.64 5.64 -87.44
CA LEU C 388 6.68 6.44 -88.18
C LEU C 388 5.85 7.31 -87.24
N GLU C 389 5.35 6.70 -86.17
CA GLU C 389 4.51 7.40 -85.21
C GLU C 389 5.26 8.56 -84.55
N ALA C 390 6.53 8.33 -84.24
CA ALA C 390 7.36 9.33 -83.58
C ALA C 390 7.90 10.37 -84.57
N GLY C 391 7.88 10.05 -85.86
CA GLY C 391 8.37 10.95 -86.89
C GLY C 391 9.86 11.26 -86.74
N VAL C 392 10.65 10.22 -86.51
CA VAL C 392 12.09 10.36 -86.30
C VAL C 392 12.78 10.96 -87.53
N ASP C 393 13.83 11.74 -87.29
CA ASP C 393 14.63 12.33 -88.36
C ASP C 393 15.68 11.35 -88.89
N GLU C 394 15.25 10.11 -89.11
CA GLU C 394 16.09 9.08 -89.70
C GLU C 394 15.62 8.84 -91.13
N ASN C 395 16.57 8.66 -92.05
CA ASN C 395 16.25 8.48 -93.47
C ASN C 395 16.18 7.02 -93.88
N ILE C 396 15.27 6.72 -94.81
CA ILE C 396 15.20 5.39 -95.40
C ILE C 396 15.21 5.51 -96.91
N LEU C 397 15.66 4.44 -97.58
CA LEU C 397 15.75 4.41 -99.03
C LEU C 397 14.58 3.59 -99.58
N LEU C 398 13.61 4.29 -100.16
CA LEU C 398 12.45 3.64 -100.78
C LEU C 398 12.66 3.38 -102.27
N THR C 399 12.44 2.14 -102.69
CA THR C 399 12.57 1.74 -104.08
C THR C 399 11.24 1.19 -104.60
N SER C 400 10.79 1.72 -105.74
CA SER C 400 9.59 1.23 -106.40
C SER C 400 9.84 -0.16 -107.00
N ARG C 401 8.77 -0.91 -107.30
CA ARG C 401 8.95 -2.25 -107.83
C ARG C 401 9.65 -2.22 -109.18
N ASP C 402 9.23 -1.31 -110.06
CA ASP C 402 10.09 -0.97 -111.19
C ASP C 402 11.25 -0.27 -110.50
N ASN C 403 12.46 -0.69 -110.80
CA ASN C 403 13.62 -0.16 -110.10
C ASN C 403 14.03 1.24 -110.56
N GLU C 404 13.24 1.85 -111.43
CA GLU C 404 13.62 3.12 -112.07
C GLU C 404 13.58 4.37 -111.15
N THR C 405 12.72 4.40 -110.14
CA THR C 405 12.67 5.58 -109.26
C THR C 405 13.01 5.24 -107.80
N VAL C 406 13.75 6.14 -107.16
CA VAL C 406 14.10 6.00 -105.74
C VAL C 406 13.78 7.28 -104.99
N PHE C 407 13.59 7.14 -103.68
CA PHE C 407 13.23 8.25 -102.82
C PHE C 407 14.01 8.18 -101.51
N VAL C 408 14.66 9.27 -101.15
CA VAL C 408 15.26 9.38 -99.82
C VAL C 408 14.29 10.17 -98.97
N LEU C 409 13.73 9.54 -97.95
CA LEU C 409 12.75 10.19 -97.09
C LEU C 409 12.99 9.89 -95.62
N SER C 410 12.61 10.84 -94.78
CA SER C 410 12.68 10.66 -93.35
C SER C 410 11.33 10.23 -92.82
N TYR C 411 11.33 9.56 -91.67
CA TYR C 411 10.08 9.16 -91.04
C TYR C 411 9.28 10.39 -90.65
N ARG C 412 9.99 11.49 -90.38
CA ARG C 412 9.32 12.75 -90.05
C ARG C 412 8.48 13.23 -91.21
N GLU C 413 9.04 13.16 -92.42
CA GLU C 413 8.32 13.57 -93.62
C GLU C 413 7.17 12.61 -93.90
N LEU C 414 7.43 11.31 -93.74
CA LEU C 414 6.39 10.31 -93.96
C LEU C 414 5.21 10.50 -92.99
N ARG C 415 5.52 10.88 -91.75
CA ARG C 415 4.48 11.15 -90.78
C ARG C 415 3.66 12.35 -91.22
N GLN C 416 4.32 13.31 -91.87
CA GLN C 416 3.68 14.52 -92.37
C GLN C 416 2.62 14.18 -93.42
N MSE C 417 2.96 13.26 -94.32
CA MSE C 417 2.07 12.84 -95.39
C MSE C 417 1.00 11.89 -94.86
O MSE C 417 -0.17 11.98 -95.21
CB MSE C 417 2.85 12.15 -96.51
CG MSE C 417 4.12 12.88 -96.94
SE MSE C 417 5.19 11.85 -98.18
CE MSE C 417 4.01 11.96 -99.73
H MSE C 417 3.73 12.85 -94.33
HA MSE C 417 1.64 13.62 -95.76
HB2 MSE C 417 3.12 11.26 -96.21
HB3 MSE C 417 2.28 12.07 -97.29
HG2 MSE C 417 3.87 13.71 -97.38
HG3 MSE C 417 4.66 13.07 -96.16
HE1 MSE C 417 4.40 11.48 -100.46
HE2 MSE C 417 3.15 11.58 -99.50
HE3 MSE C 417 3.90 12.90 -99.96
N TYR C 418 1.46 10.97 -94.01
CA TYR C 418 0.61 10.00 -93.34
C TYR C 418 -0.56 10.69 -92.64
N ASP C 419 -0.24 11.76 -91.91
CA ASP C 419 -1.25 12.54 -91.20
C ASP C 419 -2.07 13.41 -92.15
N ARG C 420 -1.44 13.96 -93.18
CA ARG C 420 -2.15 14.80 -94.13
C ARG C 420 -3.19 14.00 -94.90
N ALA C 421 -2.83 12.76 -95.25
CA ALA C 421 -3.72 11.90 -96.01
C ALA C 421 -4.96 11.55 -95.19
N PHE C 422 -4.79 11.37 -93.88
CA PHE C 422 -5.89 10.96 -93.03
C PHE C 422 -6.85 12.12 -92.72
N ASN C 423 -6.31 13.24 -92.28
CA ASN C 423 -7.15 14.37 -91.89
C ASN C 423 -7.82 15.00 -93.11
N GLU C 424 -7.41 14.59 -94.30
CA GLU C 424 -8.12 14.96 -95.52
C GLU C 424 -9.42 14.17 -95.63
N LEU C 425 -9.39 12.93 -95.17
CA LEU C 425 -10.58 12.08 -95.16
C LEU C 425 -11.52 12.52 -94.05
N VAL C 426 -10.95 12.99 -92.94
CA VAL C 426 -11.75 13.55 -91.86
C VAL C 426 -12.41 14.84 -92.34
N LYS C 427 -11.72 15.54 -93.24
CA LYS C 427 -12.25 16.74 -93.86
C LYS C 427 -13.49 16.39 -94.68
N ALA C 428 -13.36 15.34 -95.48
CA ALA C 428 -14.44 14.90 -96.36
C ALA C 428 -15.68 14.45 -95.56
N SER C 429 -15.47 14.07 -94.30
CA SER C 429 -16.57 13.64 -93.44
C SER C 429 -16.93 14.75 -92.46
N ALA D 12 -20.16 6.58 -50.42
CA ALA D 12 -19.12 6.59 -51.46
C ALA D 12 -19.68 6.12 -52.80
N THR D 13 -19.07 6.59 -53.88
CA THR D 13 -19.47 6.22 -55.23
C THR D 13 -18.70 4.96 -55.65
N TYR D 14 -19.18 4.28 -56.70
CA TYR D 14 -18.57 3.04 -57.16
C TYR D 14 -17.15 3.27 -57.67
N ASP D 15 -16.88 4.47 -58.20
CA ASP D 15 -15.60 4.78 -58.82
C ASP D 15 -14.56 5.31 -57.83
N PHE D 16 -14.68 4.93 -56.56
CA PHE D 16 -13.81 5.44 -55.51
C PHE D 16 -12.33 5.22 -55.81
N PHE D 17 -11.99 4.02 -56.28
CA PHE D 17 -10.60 3.69 -56.60
C PHE D 17 -10.29 3.80 -58.10
N MSE D 18 -11.22 4.36 -58.87
CA MSE D 18 -11.07 4.41 -60.33
C MSE D 18 -10.46 5.73 -60.82
O MSE D 18 -11.06 6.79 -60.63
CB MSE D 18 -12.43 4.20 -61.01
CG MSE D 18 -13.12 2.89 -60.67
SE MSE D 18 -14.74 2.56 -61.73
CE MSE D 18 -15.40 0.96 -60.81
H MSE D 18 -11.95 4.72 -58.57
HA MSE D 18 -10.49 3.69 -60.61
HB2 MSE D 18 -13.03 4.93 -60.74
HB3 MSE D 18 -12.30 4.23 -61.97
HG2 MSE D 18 -12.50 2.15 -60.84
HG3 MSE D 18 -13.37 2.89 -59.74
HE1 MSE D 18 -16.22 0.67 -61.24
HE2 MSE D 18 -14.73 0.26 -60.88
HE3 MSE D 18 -15.56 1.18 -59.88
N PRO D 19 -9.28 5.67 -61.46
CA PRO D 19 -8.75 6.87 -62.12
C PRO D 19 -9.69 7.36 -63.21
N GLN D 20 -9.73 8.67 -63.44
CA GLN D 20 -10.60 9.25 -64.45
C GLN D 20 -10.15 8.89 -65.86
N ASN D 21 -8.83 8.88 -66.07
CA ASN D 21 -8.25 8.50 -67.36
C ASN D 21 -7.06 7.57 -67.15
N LEU D 22 -7.33 6.27 -67.18
CA LEU D 22 -6.34 5.26 -66.83
C LEU D 22 -5.18 5.21 -67.83
N ARG D 23 -5.47 5.42 -69.11
CA ARG D 23 -4.44 5.35 -70.14
C ARG D 23 -3.42 6.49 -69.97
N GLU D 24 -3.90 7.73 -69.88
CA GLU D 24 -3.00 8.86 -69.68
C GLU D 24 -2.17 8.71 -68.41
N ASP D 25 -2.78 8.20 -67.35
CA ASP D 25 -2.09 8.01 -66.07
C ASP D 25 -0.91 7.06 -66.23
N LEU D 26 -1.13 5.98 -66.97
CA LEU D 26 -0.09 4.97 -67.18
C LEU D 26 1.08 5.51 -68.00
N GLN D 27 0.79 6.35 -68.99
CA GLN D 27 1.84 6.93 -69.82
C GLN D 27 2.70 7.90 -69.00
N LYS D 28 2.07 8.77 -68.24
CA LYS D 28 2.81 9.71 -67.39
C LYS D 28 3.65 8.97 -66.38
N LYS D 29 3.12 7.87 -65.83
CA LYS D 29 3.86 7.11 -64.83
C LYS D 29 5.02 6.36 -65.46
N GLN D 30 4.80 5.85 -66.67
CA GLN D 30 5.87 5.19 -67.41
C GLN D 30 6.96 6.18 -67.78
N PHE D 31 6.56 7.35 -68.24
CA PHE D 31 7.49 8.41 -68.61
C PHE D 31 8.37 8.79 -67.41
N ALA D 32 7.74 8.96 -66.25
CA ALA D 32 8.44 9.36 -65.03
C ALA D 32 9.44 8.30 -64.55
N THR D 33 9.13 7.05 -64.87
CA THR D 33 9.94 5.92 -64.42
C THR D 33 11.25 5.83 -65.17
N LEU D 34 11.26 6.30 -66.41
CA LEU D 34 12.41 6.13 -67.27
C LEU D 34 13.36 7.34 -67.23
N GLN D 35 12.90 8.45 -66.66
CA GLN D 35 13.70 9.69 -66.64
C GLN D 35 15.03 9.52 -65.90
N VAL D 36 16.07 10.10 -66.49
CA VAL D 36 17.38 10.18 -65.88
C VAL D 36 18.00 11.55 -66.11
N ILE D 37 18.89 11.97 -65.21
CA ILE D 37 19.66 13.18 -65.39
C ILE D 37 21.07 12.77 -65.82
N PRO D 38 21.46 13.06 -67.08
CA PRO D 38 22.72 12.56 -67.66
C PRO D 38 23.95 12.79 -66.79
N ASN D 39 24.18 14.03 -66.38
CA ASN D 39 25.37 14.36 -65.60
C ASN D 39 25.02 15.18 -64.38
N SER D 40 24.66 14.48 -63.31
CA SER D 40 24.33 15.07 -62.03
C SER D 40 25.46 14.84 -61.03
N GLY D 41 25.46 15.61 -59.95
CA GLY D 41 26.46 15.44 -58.92
C GLY D 41 26.27 14.18 -58.11
N LEU D 42 25.14 13.50 -58.30
CA LEU D 42 24.82 12.31 -57.53
C LEU D 42 25.71 11.13 -57.94
N PRO D 43 26.09 10.29 -56.96
CA PRO D 43 27.02 9.19 -57.23
C PRO D 43 26.34 7.93 -57.72
N GLN D 44 27.16 6.93 -58.03
CA GLN D 44 26.69 5.58 -58.30
C GLN D 44 27.07 4.70 -57.12
N LEU D 45 26.09 3.94 -56.62
CA LEU D 45 26.35 3.03 -55.51
C LEU D 45 26.85 1.73 -56.10
N GLU D 46 27.28 0.81 -55.24
CA GLU D 46 27.86 -0.45 -55.70
C GLU D 46 26.88 -1.23 -56.56
N HIS D 47 25.59 -1.11 -56.26
CA HIS D 47 24.54 -1.84 -56.98
C HIS D 47 23.42 -0.94 -57.51
N TRP D 48 23.61 0.37 -57.42
CA TRP D 48 22.60 1.32 -57.88
C TRP D 48 23.20 2.42 -58.76
N HIS D 49 22.39 2.91 -59.69
CA HIS D 49 22.83 3.99 -60.57
C HIS D 49 21.65 4.76 -61.15
N SER D 50 21.96 5.87 -61.81
CA SER D 50 20.96 6.75 -62.42
C SER D 50 19.96 7.28 -61.39
N LEU D 51 20.49 7.75 -60.27
CA LEU D 51 19.65 8.33 -59.22
C LEU D 51 18.99 9.62 -59.70
N VAL D 52 17.71 9.77 -59.36
CA VAL D 52 16.95 10.96 -59.70
C VAL D 52 16.23 11.42 -58.44
N PRO D 53 16.47 12.66 -57.99
CA PRO D 53 15.82 13.11 -56.76
C PRO D 53 14.30 13.24 -56.89
N LEU D 54 13.57 12.82 -55.86
CA LEU D 54 12.13 12.96 -55.84
C LEU D 54 11.69 14.09 -54.90
N ASP D 55 12.58 14.52 -54.01
CA ASP D 55 12.29 15.64 -53.12
C ASP D 55 12.07 16.94 -53.89
N THR D 56 10.87 17.51 -53.73
CA THR D 56 10.57 18.80 -54.33
C THR D 56 11.43 19.87 -53.69
N SER D 57 11.60 19.78 -52.37
CA SER D 57 12.45 20.70 -51.65
C SER D 57 13.45 19.96 -50.75
N ASN D 58 14.74 20.20 -50.98
CA ASN D 58 15.78 19.64 -50.12
C ASN D 58 16.12 20.60 -48.97
N ARG D 59 15.19 20.67 -48.02
CA ARG D 59 15.35 21.48 -46.83
C ARG D 59 15.78 20.47 -45.78
N LYS D 60 16.88 20.71 -45.09
CA LYS D 60 17.37 19.70 -44.17
C LYS D 60 16.43 19.70 -42.98
N ASN D 61 15.55 18.71 -43.01
CA ASN D 61 14.49 18.53 -42.03
C ASN D 61 14.71 17.23 -41.29
N THR D 62 14.59 17.26 -39.96
CA THR D 62 14.91 16.10 -39.14
C THR D 62 13.69 15.63 -38.38
N SER D 63 12.54 16.22 -38.72
CA SER D 63 11.31 16.03 -37.97
C SER D 63 10.87 14.56 -37.87
N CYS D 64 10.97 13.81 -38.96
CA CYS D 64 10.42 12.45 -38.99
C CYS D 64 11.33 11.41 -38.35
N PHE D 65 12.65 11.49 -38.62
CA PHE D 65 13.59 10.47 -38.16
C PHE D 65 14.76 10.97 -37.32
N GLY D 66 14.85 12.28 -37.11
CA GLY D 66 15.96 12.85 -36.38
C GLY D 66 17.18 13.04 -37.26
N TYR D 67 17.05 12.65 -38.53
CA TYR D 67 18.09 12.88 -39.55
C TYR D 67 17.44 13.40 -40.83
N PRO D 68 18.19 14.19 -41.62
CA PRO D 68 17.64 14.62 -42.91
C PRO D 68 17.47 13.44 -43.85
N SER D 69 16.34 13.40 -44.55
CA SER D 69 16.01 12.27 -45.41
C SER D 69 15.83 12.72 -46.87
N TRP D 70 16.52 12.03 -47.77
CA TRP D 70 16.41 12.31 -49.20
C TRP D 70 15.83 11.06 -49.86
N VAL D 71 15.02 11.24 -50.91
CA VAL D 71 14.46 10.10 -51.64
C VAL D 71 14.88 10.14 -53.11
N TYR D 72 15.47 9.04 -53.58
CA TYR D 72 15.90 8.94 -54.98
C TYR D 72 15.19 7.80 -55.71
N LYS D 73 14.84 8.03 -56.96
CA LYS D 73 14.54 6.93 -57.88
C LYS D 73 15.86 6.40 -58.43
N ALA D 74 16.12 5.11 -58.25
CA ALA D 74 17.35 4.49 -58.73
C ALA D 74 17.07 3.18 -59.47
N GLN D 75 17.97 2.82 -60.38
CA GLN D 75 17.85 1.58 -61.10
C GLN D 75 18.80 0.53 -60.52
N ASN D 76 18.26 -0.65 -60.22
CA ASN D 76 19.06 -1.74 -59.69
C ASN D 76 19.95 -2.32 -60.76
N SER D 77 21.12 -2.81 -60.36
CA SER D 77 22.11 -3.31 -61.32
C SER D 77 21.85 -4.76 -61.68
N ARG D 78 21.36 -5.54 -60.72
CA ARG D 78 21.13 -6.97 -60.93
C ARG D 78 19.96 -7.26 -61.87
N ASN D 79 18.79 -6.74 -61.54
CA ASN D 79 17.58 -6.94 -62.36
C ASN D 79 17.16 -5.79 -63.27
N GLY D 80 17.85 -4.67 -63.19
CA GLY D 80 17.52 -3.50 -64.01
C GLY D 80 16.19 -2.83 -63.72
N ARG D 81 15.55 -3.15 -62.60
CA ARG D 81 14.28 -2.53 -62.24
C ARG D 81 14.52 -1.30 -61.38
N HIS D 82 13.52 -0.41 -61.34
CA HIS D 82 13.62 0.82 -60.60
C HIS D 82 13.10 0.69 -59.18
N TYR D 83 13.81 1.35 -58.25
CA TYR D 83 13.47 1.34 -56.84
C TYR D 83 13.55 2.74 -56.24
N ALA D 84 12.86 2.92 -55.11
CA ALA D 84 12.92 4.16 -54.38
C ALA D 84 13.94 4.01 -53.27
N LEU D 85 14.98 4.85 -53.31
CA LEU D 85 16.03 4.82 -52.30
C LEU D 85 15.79 5.92 -51.28
N ARG D 86 15.59 5.51 -50.03
CA ARG D 86 15.51 6.46 -48.93
C ARG D 86 16.88 6.62 -48.30
N ARG D 87 17.37 7.85 -48.26
CA ARG D 87 18.69 8.14 -47.70
C ARG D 87 18.58 8.95 -46.42
N LEU D 88 19.15 8.43 -45.34
CA LEU D 88 19.31 9.19 -44.10
C LEU D 88 20.70 9.78 -44.09
N GLU D 89 20.77 11.10 -44.23
CA GLU D 89 22.06 11.78 -44.30
C GLU D 89 22.71 11.86 -42.91
N GLY D 90 23.99 11.52 -42.86
CA GLY D 90 24.77 11.71 -41.64
C GLY D 90 24.58 10.63 -40.60
N TYR D 91 23.91 9.53 -40.95
CA TYR D 91 23.70 8.45 -39.98
C TYR D 91 24.92 7.53 -39.95
N ARG D 92 25.50 7.40 -38.76
CA ARG D 92 26.68 6.58 -38.54
C ARG D 92 26.35 5.21 -37.93
N LEU D 93 26.74 4.15 -38.62
CA LEU D 93 26.48 2.79 -38.16
C LEU D 93 27.35 2.44 -36.96
N THR D 94 26.70 2.14 -35.83
CA THR D 94 27.40 1.75 -34.61
C THR D 94 27.22 0.26 -34.36
N ASN D 95 26.11 -0.29 -34.82
CA ASN D 95 25.77 -1.69 -34.62
C ASN D 95 25.24 -2.34 -35.89
N GLU D 96 25.98 -3.31 -36.40
CA GLU D 96 25.58 -4.01 -37.62
C GLU D 96 24.37 -4.90 -37.36
N LYS D 97 24.19 -5.28 -36.11
CA LYS D 97 23.09 -6.16 -35.70
C LYS D 97 21.74 -5.46 -35.91
N ALA D 98 21.76 -4.13 -35.89
CA ALA D 98 20.55 -3.34 -36.07
C ALA D 98 19.94 -3.60 -37.44
N ILE D 99 20.78 -3.68 -38.46
CA ILE D 99 20.29 -3.89 -39.82
C ILE D 99 19.75 -5.31 -40.01
N LEU D 100 20.51 -6.30 -39.60
CA LEU D 100 20.13 -7.69 -39.83
C LEU D 100 18.85 -8.09 -39.11
N ASN D 101 18.72 -7.68 -37.84
CA ASN D 101 17.55 -8.05 -37.05
C ASN D 101 16.29 -7.34 -37.52
N VAL D 102 16.40 -6.07 -37.88
CA VAL D 102 15.24 -5.32 -38.33
C VAL D 102 14.77 -5.80 -39.70
N MSE D 103 15.72 -5.94 -40.62
CA MSE D 103 15.39 -6.32 -41.99
C MSE D 103 14.85 -7.75 -42.06
O MSE D 103 14.04 -8.07 -42.93
CB MSE D 103 16.63 -6.19 -42.87
CG MSE D 103 16.37 -6.32 -44.36
SE MSE D 103 17.96 -5.95 -45.41
CE MSE D 103 17.84 -7.40 -46.70
H MSE D 103 16.55 -5.82 -40.48
HA MSE D 103 14.72 -5.71 -42.34
HB2 MSE D 103 17.03 -5.31 -42.72
HB3 MSE D 103 17.27 -6.88 -42.62
HG2 MSE D 103 16.09 -7.24 -44.55
HG3 MSE D 103 15.68 -5.70 -44.62
HE1 MSE D 103 18.59 -7.35 -47.32
HE2 MSE D 103 17.86 -8.25 -46.22
HE3 MSE D 103 17.01 -7.32 -47.20
N LYS D 104 15.27 -8.59 -41.13
CA LYS D 104 14.81 -9.97 -41.08
C LYS D 104 13.32 -10.03 -40.74
N ASP D 105 12.85 -9.01 -40.01
CA ASP D 105 11.46 -8.93 -39.59
C ASP D 105 10.57 -8.35 -40.67
N TRP D 106 11.10 -7.39 -41.43
CA TRP D 106 10.29 -6.64 -42.39
C TRP D 106 10.32 -7.25 -43.79
N LYS D 107 11.27 -8.13 -44.07
CA LYS D 107 11.32 -8.79 -45.37
C LYS D 107 10.11 -9.71 -45.54
N LYS D 108 9.56 -10.17 -44.42
CA LYS D 108 8.37 -11.00 -44.43
C LYS D 108 7.18 -10.21 -44.95
N ILE D 109 7.13 -8.94 -44.57
CA ILE D 109 5.94 -8.12 -44.76
C ILE D 109 5.63 -7.85 -46.24
N LYS D 110 4.41 -8.20 -46.63
CA LYS D 110 3.91 -7.95 -47.97
C LYS D 110 2.45 -7.56 -47.83
N ASN D 111 2.13 -6.30 -48.09
CA ASN D 111 0.80 -5.77 -47.85
C ASN D 111 0.46 -4.66 -48.82
N ALA D 112 -0.79 -4.62 -49.27
CA ALA D 112 -1.21 -3.67 -50.29
C ALA D 112 -1.11 -2.22 -49.81
N SER D 113 -1.05 -2.02 -48.49
CA SER D 113 -1.05 -0.68 -47.92
C SER D 113 0.29 -0.32 -47.27
N ILE D 114 1.32 -1.09 -47.62
CA ILE D 114 2.68 -0.83 -47.15
C ILE D 114 3.66 -0.93 -48.30
N VAL D 115 4.52 0.07 -48.45
CA VAL D 115 5.57 0.02 -49.46
C VAL D 115 6.65 -0.97 -48.99
N THR D 116 6.89 -2.00 -49.80
CA THR D 116 7.84 -3.05 -49.48
C THR D 116 9.28 -2.53 -49.32
N ILE D 117 9.98 -3.02 -48.29
CA ILE D 117 11.42 -2.77 -48.12
C ILE D 117 12.16 -4.01 -48.60
N HIS D 118 13.26 -3.79 -49.30
CA HIS D 118 14.03 -4.90 -49.87
C HIS D 118 15.40 -4.99 -49.24
N GLU D 119 15.98 -3.84 -48.89
CA GLU D 119 17.39 -3.81 -48.49
C GLU D 119 17.72 -2.60 -47.63
N VAL D 120 18.74 -2.77 -46.78
CA VAL D 120 19.25 -1.68 -45.96
C VAL D 120 20.77 -1.77 -45.93
N PHE D 121 21.44 -0.66 -46.23
CA PHE D 121 22.89 -0.65 -46.26
C PHE D 121 23.48 0.75 -46.04
N THR D 122 24.73 0.79 -45.60
CA THR D 122 25.45 2.04 -45.40
C THR D 122 26.34 2.32 -46.60
N THR D 123 26.59 3.60 -46.86
CA THR D 123 27.43 4.00 -47.99
C THR D 123 28.19 5.29 -47.70
N ARG D 124 29.34 5.46 -48.35
CA ARG D 124 30.18 6.64 -48.18
C ARG D 124 30.20 7.46 -49.47
N GLU D 125 29.45 7.01 -50.47
CA GLU D 125 29.52 7.57 -51.82
C GLU D 125 28.92 8.97 -51.93
N PHE D 126 28.13 9.36 -50.93
CA PHE D 126 27.50 10.67 -50.91
C PHE D 126 28.41 11.75 -50.31
N GLY D 127 29.61 11.35 -49.89
CA GLY D 127 30.56 12.26 -49.30
C GLY D 127 30.39 12.37 -47.79
N ASP D 128 29.64 11.43 -47.24
CA ASP D 128 29.33 11.39 -45.82
C ASP D 128 28.91 9.98 -45.45
N SER D 129 28.69 9.74 -44.17
CA SER D 129 28.08 8.48 -43.73
C SER D 129 26.58 8.56 -43.93
N SER D 130 26.05 7.76 -44.87
CA SER D 130 24.62 7.72 -45.15
C SER D 130 24.05 6.31 -44.97
N LEU D 131 22.80 6.24 -44.52
CA LEU D 131 22.08 4.97 -44.41
C LEU D 131 20.98 4.92 -45.47
N ILE D 132 20.99 3.86 -46.28
CA ILE D 132 20.07 3.75 -47.42
C ILE D 132 19.06 2.63 -47.26
N PHE D 133 17.79 2.95 -47.46
CA PHE D 133 16.71 1.96 -47.46
C PHE D 133 16.12 1.85 -48.86
N ALA D 134 16.10 0.64 -49.42
CA ALA D 134 15.58 0.43 -50.78
C ALA D 134 14.14 -0.09 -50.75
N TYR D 135 13.24 0.70 -51.32
CA TYR D 135 11.81 0.39 -51.37
C TYR D 135 11.35 0.10 -52.78
N ASP D 136 10.15 -0.47 -52.89
CA ASP D 136 9.43 -0.50 -54.17
C ASP D 136 9.35 0.94 -54.67
N PHE D 137 9.20 1.14 -55.96
CA PHE D 137 9.04 2.48 -56.52
C PHE D 137 7.62 2.66 -57.06
N HIS D 138 6.94 3.72 -56.63
CA HIS D 138 5.59 4.02 -57.09
C HIS D 138 5.56 5.38 -57.78
N PRO D 139 5.58 5.38 -59.14
CA PRO D 139 5.75 6.63 -59.89
C PRO D 139 4.67 7.68 -59.64
N LEU D 140 5.12 8.94 -59.59
CA LEU D 140 4.25 10.10 -59.39
C LEU D 140 3.43 10.02 -58.11
N SER D 141 4.03 9.42 -57.09
CA SER D 141 3.40 9.39 -55.77
C SER D 141 3.55 10.72 -55.07
N LYS D 142 2.49 11.15 -54.40
CA LYS D 142 2.55 12.35 -53.56
C LYS D 142 2.06 12.03 -52.15
N THR D 143 2.67 12.72 -51.18
CA THR D 143 2.34 12.51 -49.79
C THR D 143 0.97 13.10 -49.48
N LEU D 144 0.35 12.61 -48.41
CA LEU D 144 -0.89 13.20 -47.93
C LEU D 144 -0.66 14.65 -47.55
N GLN D 145 0.54 14.95 -47.08
CA GLN D 145 0.89 16.32 -46.76
C GLN D 145 0.83 17.15 -48.03
N GLU D 146 1.54 16.70 -49.07
CA GLU D 146 1.59 17.44 -50.33
C GLU D 146 0.21 17.61 -50.94
N HIS D 147 -0.63 16.59 -50.80
CA HIS D 147 -1.93 16.60 -51.47
C HIS D 147 -3.00 17.37 -50.70
N HIS D 148 -3.01 17.23 -49.38
CA HIS D 148 -4.08 17.81 -48.54
C HIS D 148 -3.72 19.09 -47.78
N PHE D 149 -2.44 19.34 -47.51
CA PHE D 149 -2.05 20.46 -46.65
C PHE D 149 -1.38 21.60 -47.41
N GLN D 150 -0.89 21.34 -48.62
CA GLN D 150 -0.28 22.39 -49.43
C GLN D 150 -1.29 23.51 -49.69
N PRO D 151 -0.90 24.77 -49.42
CA PRO D 151 -1.84 25.89 -49.61
C PRO D 151 -2.21 26.14 -51.07
N ILE D 152 -3.11 27.09 -51.29
CA ILE D 152 -3.63 27.38 -52.63
C ILE D 152 -2.90 28.56 -53.25
N PRO D 161 -8.61 22.12 -50.17
CA PRO D 161 -10.03 21.97 -49.85
C PRO D 161 -10.32 20.89 -48.80
N ALA D 162 -11.54 20.87 -48.29
CA ALA D 162 -11.94 19.91 -47.26
C ALA D 162 -11.92 18.46 -47.73
N VAL D 163 -11.42 17.58 -46.88
CA VAL D 163 -11.37 16.16 -47.15
C VAL D 163 -12.75 15.53 -46.92
N PRO D 164 -13.34 14.91 -47.95
CA PRO D 164 -14.63 14.23 -47.76
C PRO D 164 -14.56 13.12 -46.72
N GLU D 165 -15.61 12.92 -45.95
CA GLU D 165 -15.60 11.91 -44.90
C GLU D 165 -15.37 10.49 -45.44
N ASN D 166 -15.91 10.19 -46.62
CA ASN D 166 -15.71 8.86 -47.21
C ASN D 166 -14.24 8.61 -47.54
N THR D 167 -13.53 9.65 -47.96
CA THR D 167 -12.10 9.56 -48.24
C THR D 167 -11.34 9.23 -46.94
N ILE D 168 -11.76 9.83 -45.83
CA ILE D 168 -11.12 9.55 -44.55
C ILE D 168 -11.36 8.11 -44.12
N TRP D 169 -12.58 7.61 -44.25
CA TRP D 169 -12.86 6.21 -43.95
C TRP D 169 -12.05 5.28 -44.85
N GLY D 170 -11.91 5.67 -46.12
CA GLY D 170 -11.07 4.94 -47.05
C GLY D 170 -9.65 4.84 -46.53
N TYR D 171 -9.10 5.97 -46.11
CA TYR D 171 -7.76 6.02 -45.54
C TYR D 171 -7.67 5.15 -44.28
N ILE D 172 -8.67 5.26 -43.42
CA ILE D 172 -8.70 4.50 -42.18
C ILE D 172 -8.66 2.99 -42.42
N CYS D 173 -9.47 2.52 -43.37
CA CYS D 173 -9.51 1.09 -43.67
C CYS D 173 -8.18 0.60 -44.21
N GLN D 174 -7.50 1.44 -44.98
CA GLN D 174 -6.23 1.05 -45.57
C GLN D 174 -5.11 1.03 -44.53
N ILE D 175 -5.11 2.01 -43.63
CA ILE D 175 -4.14 2.01 -42.54
C ILE D 175 -4.44 0.83 -41.60
N ALA D 176 -5.72 0.61 -41.32
CA ALA D 176 -6.12 -0.53 -40.49
C ALA D 176 -5.58 -1.84 -41.08
N ASN D 177 -5.68 -1.97 -42.39
CA ASN D 177 -5.14 -3.11 -43.12
C ASN D 177 -3.64 -3.27 -42.88
N ALA D 178 -2.93 -2.16 -43.01
CA ALA D 178 -1.49 -2.14 -42.77
C ALA D 178 -1.15 -2.51 -41.33
N LEU D 179 -1.89 -1.94 -40.38
CA LEU D 179 -1.61 -2.22 -38.97
C LEU D 179 -1.90 -3.67 -38.60
N LYS D 180 -2.88 -4.29 -39.25
CA LYS D 180 -3.16 -5.70 -38.96
C LYS D 180 -1.93 -6.56 -39.23
N THR D 181 -1.31 -6.35 -40.38
CA THR D 181 -0.17 -7.15 -40.80
C THR D 181 1.05 -6.84 -39.96
N ILE D 182 1.29 -5.56 -39.71
CA ILE D 182 2.45 -5.13 -38.93
C ILE D 182 2.36 -5.64 -37.49
N HIS D 183 1.21 -5.46 -36.85
CA HIS D 183 1.06 -5.87 -35.46
C HIS D 183 1.09 -7.40 -35.29
N SER D 184 0.57 -8.12 -36.28
CA SER D 184 0.57 -9.58 -36.23
C SER D 184 1.98 -10.17 -36.30
N ASN D 185 2.92 -9.40 -36.84
CA ASN D 185 4.31 -9.86 -36.94
C ASN D 185 5.16 -9.36 -35.78
N ARG D 186 4.49 -8.95 -34.69
CA ARG D 186 5.15 -8.45 -33.49
C ARG D 186 5.99 -7.20 -33.81
N LEU D 187 5.43 -6.33 -34.64
CA LEU D 187 6.09 -5.10 -35.05
C LEU D 187 5.15 -3.91 -34.86
N ALA D 188 5.68 -2.71 -35.09
CA ALA D 188 4.91 -1.49 -35.02
C ALA D 188 5.21 -0.59 -36.20
N ALA D 189 4.21 0.18 -36.62
CA ALA D 189 4.41 1.25 -37.59
C ALA D 189 4.85 2.49 -36.84
N ARG D 190 6.15 2.60 -36.59
CA ARG D 190 6.70 3.69 -35.79
C ARG D 190 6.24 5.06 -36.29
N CYS D 191 6.12 5.18 -37.61
CA CYS D 191 5.86 6.45 -38.27
C CYS D 191 4.56 6.49 -39.07
N LEU D 192 3.64 7.37 -38.65
CA LEU D 192 2.36 7.55 -39.32
C LEU D 192 2.14 9.02 -39.74
N GLU D 193 3.22 9.78 -39.90
CA GLU D 193 3.11 11.19 -40.30
C GLU D 193 2.54 11.30 -41.73
N PRO D 194 1.79 12.38 -42.00
CA PRO D 194 1.19 12.57 -43.34
C PRO D 194 2.22 12.63 -44.46
N SER D 195 3.46 12.98 -44.14
CA SER D 195 4.51 13.10 -45.15
C SER D 195 5.11 11.73 -45.50
N LYS D 196 4.80 10.73 -44.69
CA LYS D 196 5.36 9.40 -44.90
C LYS D 196 4.25 8.39 -45.23
N ILE D 197 3.13 8.93 -45.69
CA ILE D 197 2.06 8.12 -46.27
C ILE D 197 1.81 8.67 -47.67
N ILE D 198 2.01 7.84 -48.69
CA ILE D 198 1.96 8.33 -50.06
C ILE D 198 0.73 7.84 -50.80
N LEU D 199 0.14 8.73 -51.58
CA LEU D 199 -0.89 8.37 -52.53
C LEU D 199 -0.22 7.85 -53.79
N THR D 200 -0.30 6.55 -54.01
CA THR D 200 0.28 5.95 -55.22
C THR D 200 -0.73 5.96 -56.37
N ASP D 201 -2.00 6.20 -56.04
CA ASP D 201 -3.05 6.36 -57.02
C ASP D 201 -4.27 6.93 -56.30
N ILE D 202 -5.33 7.21 -57.04
CA ILE D 202 -6.51 7.85 -56.44
C ILE D 202 -7.05 7.09 -55.22
N ASN D 203 -7.06 7.80 -54.10
CA ASN D 203 -7.55 7.28 -52.82
C ASN D 203 -6.83 6.02 -52.36
N ARG D 204 -5.65 5.78 -52.92
CA ARG D 204 -4.86 4.59 -52.58
C ARG D 204 -3.58 5.01 -51.83
N ILE D 205 -3.53 4.71 -50.55
CA ILE D 205 -2.41 5.13 -49.70
C ILE D 205 -1.56 3.95 -49.23
N ARG D 206 -0.28 4.24 -49.00
CA ARG D 206 0.69 3.23 -48.57
C ARG D 206 1.68 3.88 -47.60
N LEU D 207 2.09 3.15 -46.57
CA LEU D 207 3.10 3.64 -45.62
C LEU D 207 4.49 3.56 -46.27
N SER D 208 5.14 4.71 -46.45
CA SER D 208 6.38 4.78 -47.22
C SER D 208 7.67 4.62 -46.42
N ALA D 209 7.59 4.75 -45.09
CA ALA D 209 8.81 4.74 -44.29
C ALA D 209 8.72 3.75 -43.14
N CYS D 210 8.56 2.47 -43.47
CA CYS D 210 8.52 1.42 -42.48
C CYS D 210 9.93 0.90 -42.28
N ALA D 211 10.23 0.53 -41.04
CA ALA D 211 11.52 -0.03 -40.62
C ALA D 211 12.61 1.04 -40.45
N ILE D 212 12.32 2.30 -40.75
CA ILE D 212 13.32 3.36 -40.61
C ILE D 212 13.64 3.60 -39.13
N LEU D 213 12.61 3.90 -38.35
CA LEU D 213 12.77 4.12 -36.93
C LEU D 213 13.19 2.87 -36.16
N ASP D 214 12.92 1.70 -36.74
CA ASP D 214 13.32 0.44 -36.10
C ASP D 214 14.85 0.41 -36.03
N VAL D 215 15.50 0.90 -37.09
CA VAL D 215 16.96 0.90 -37.17
C VAL D 215 17.58 2.07 -36.43
N VAL D 216 16.96 3.25 -36.59
CA VAL D 216 17.49 4.47 -35.98
C VAL D 216 17.45 4.39 -34.45
N GLN D 217 16.38 3.81 -33.92
CA GLN D 217 16.19 3.73 -32.47
C GLN D 217 16.62 2.39 -31.90
N PHE D 218 17.37 1.62 -32.69
CA PHE D 218 17.80 0.29 -32.27
C PHE D 218 18.68 0.41 -31.01
N GLY D 219 18.31 -0.30 -29.95
CA GLY D 219 19.04 -0.25 -28.70
C GLY D 219 18.64 0.95 -27.85
N MSE D 220 18.66 2.14 -28.45
CA MSE D 220 18.21 3.37 -27.79
C MSE D 220 16.87 3.19 -27.12
O MSE D 220 16.65 3.64 -25.98
CB MSE D 220 18.12 4.50 -28.82
CG MSE D 220 19.32 5.42 -28.90
SE MSE D 220 20.95 4.49 -29.45
CE MSE D 220 21.99 6.04 -29.98
H MSE D 220 18.93 2.26 -29.25
HA MSE D 220 18.87 3.62 -27.13
HB2 MSE D 220 17.98 4.12 -29.71
HB3 MSE D 220 17.35 5.06 -28.58
HG2 MSE D 220 19.15 6.12 -29.55
HG3 MSE D 220 19.49 5.81 -28.03
HE1 MSE D 220 22.86 5.74 -30.29
HE2 MSE D 220 21.54 6.50 -30.70
HE3 MSE D 220 22.10 6.63 -29.23
N ASN D 221 15.96 2.53 -27.81
CA ASN D 221 14.57 2.37 -27.38
C ASN D 221 14.44 1.42 -26.20
N SER D 222 13.57 1.77 -25.25
CA SER D 222 13.32 0.95 -24.07
C SER D 222 11.86 0.47 -24.07
N ARG D 223 11.03 1.11 -24.88
CA ARG D 223 9.62 0.74 -25.01
C ARG D 223 9.48 -0.65 -25.64
N SER D 224 8.50 -1.41 -25.16
CA SER D 224 8.28 -2.77 -25.65
C SER D 224 7.47 -2.77 -26.93
N VAL D 225 7.25 -3.95 -27.49
CA VAL D 225 6.48 -4.07 -28.73
C VAL D 225 5.06 -3.54 -28.53
N VAL D 226 4.41 -3.99 -27.46
CA VAL D 226 3.03 -3.60 -27.20
C VAL D 226 2.90 -2.10 -26.98
N GLU D 227 3.86 -1.50 -26.27
CA GLU D 227 3.84 -0.08 -26.03
C GLU D 227 4.00 0.70 -27.33
N LEU D 228 4.93 0.26 -28.18
CA LEU D 228 5.11 0.90 -29.48
C LEU D 228 3.82 0.81 -30.30
N GLN D 229 3.11 -0.30 -30.14
CA GLN D 229 1.85 -0.51 -30.85
C GLN D 229 0.74 0.40 -30.31
N GLN D 230 0.74 0.65 -29.00
CA GLN D 230 -0.23 1.57 -28.43
C GLN D 230 -0.02 2.97 -29.01
N GLU D 231 1.25 3.32 -29.26
CA GLU D 231 1.56 4.62 -29.83
C GLU D 231 1.06 4.75 -31.27
N ASP D 232 1.07 3.63 -32.01
CA ASP D 232 0.58 3.64 -33.40
C ASP D 232 -0.84 4.19 -33.48
N PHE D 233 -1.68 3.80 -32.52
CA PHE D 233 -3.07 4.24 -32.51
C PHE D 233 -3.19 5.73 -32.22
N VAL D 234 -2.39 6.23 -31.28
CA VAL D 234 -2.37 7.67 -30.96
C VAL D 234 -1.95 8.45 -32.20
N LYS D 235 -0.85 8.03 -32.81
CA LYS D 235 -0.35 8.65 -34.04
C LYS D 235 -1.38 8.53 -35.18
N PHE D 236 -2.07 7.39 -35.23
CA PHE D 236 -3.16 7.16 -36.18
C PHE D 236 -4.28 8.18 -35.96
N GLY D 237 -4.70 8.33 -34.71
CA GLY D 237 -5.75 9.27 -34.36
C GLY D 237 -5.38 10.71 -34.70
N LYS D 238 -4.11 11.05 -34.52
CA LYS D 238 -3.64 12.40 -34.82
C LYS D 238 -3.61 12.64 -36.33
N LEU D 239 -3.35 11.59 -37.10
CA LEU D 239 -3.38 11.68 -38.55
C LEU D 239 -4.77 12.05 -39.03
N ILE D 240 -5.79 11.39 -38.48
CA ILE D 240 -7.17 11.67 -38.89
C ILE D 240 -7.52 13.08 -38.49
N LEU D 241 -7.14 13.44 -37.28
CA LEU D 241 -7.40 14.76 -36.74
C LEU D 241 -6.75 15.83 -37.63
N SER D 242 -5.53 15.55 -38.10
CA SER D 242 -4.86 16.45 -39.02
C SER D 242 -5.63 16.68 -40.32
N LEU D 243 -6.15 15.60 -40.89
CA LEU D 243 -6.87 15.66 -42.16
C LEU D 243 -8.20 16.40 -42.03
N ALA D 244 -8.85 16.27 -40.88
CA ALA D 244 -10.15 16.90 -40.67
C ALA D 244 -10.03 18.40 -40.41
N THR D 245 -8.93 18.80 -39.77
CA THR D 245 -8.74 20.19 -39.36
C THR D 245 -7.78 20.96 -40.24
N GLY D 246 -6.91 20.22 -40.93
CA GLY D 246 -5.97 20.82 -41.85
C GLY D 246 -4.70 21.34 -41.18
N THR D 247 -4.47 20.96 -39.93
CA THR D 247 -3.25 21.35 -39.23
C THR D 247 -2.42 20.09 -38.97
N LEU D 248 -1.15 20.17 -39.32
CA LEU D 248 -0.20 19.07 -39.23
C LEU D 248 -0.10 18.50 -37.81
N PRO D 249 0.15 17.17 -37.69
CA PRO D 249 0.24 16.55 -36.36
C PRO D 249 1.23 17.23 -35.42
N ALA D 250 2.39 17.65 -35.93
CA ALA D 250 3.41 18.26 -35.09
C ALA D 250 2.94 19.61 -34.54
N HIS D 251 1.89 20.15 -35.14
CA HIS D 251 1.35 21.45 -34.78
C HIS D 251 0.03 21.33 -34.03
N LEU D 252 -0.29 20.12 -33.57
CA LEU D 252 -1.49 19.90 -32.76
C LEU D 252 -1.15 20.05 -31.28
N ASN D 253 -1.16 21.29 -30.81
CA ASN D 253 -0.85 21.60 -29.41
C ASN D 253 -2.07 21.44 -28.51
N ASN D 254 -3.25 21.55 -29.10
CA ASN D 254 -4.54 21.48 -28.38
C ASN D 254 -5.47 20.43 -28.99
N ILE D 255 -5.35 19.18 -28.54
CA ILE D 255 -6.15 18.06 -29.07
C ILE D 255 -7.66 18.24 -28.86
N PRO D 256 -8.09 18.63 -27.64
CA PRO D 256 -9.54 18.82 -27.45
C PRO D 256 -10.16 19.83 -28.42
N ALA D 257 -9.46 20.90 -28.73
CA ALA D 257 -9.99 21.90 -29.66
C ALA D 257 -10.10 21.30 -31.07
N ALA D 258 -9.18 20.40 -31.41
CA ALA D 258 -9.18 19.76 -32.71
C ALA D 258 -10.36 18.79 -32.85
N LEU D 259 -10.66 18.07 -31.78
CA LEU D 259 -11.78 17.11 -31.79
C LEU D 259 -13.12 17.80 -31.98
N GLU D 260 -13.23 19.02 -31.46
CA GLU D 260 -14.46 19.79 -31.59
C GLU D 260 -14.61 20.32 -33.01
N THR D 261 -13.49 20.61 -33.66
CA THR D 261 -13.51 21.02 -35.06
C THR D 261 -13.97 19.84 -35.90
N LEU D 262 -13.39 18.68 -35.61
CA LEU D 262 -13.76 17.44 -36.27
C LEU D 262 -15.23 17.13 -36.05
N GLY D 263 -15.69 17.31 -34.81
CA GLY D 263 -17.07 17.00 -34.47
C GLY D 263 -18.08 17.88 -35.17
N ASN D 264 -17.66 19.07 -35.56
CA ASN D 264 -18.55 20.01 -36.22
C ASN D 264 -18.61 19.80 -37.73
N LYS D 265 -17.56 19.21 -38.29
CA LYS D 265 -17.45 18.99 -39.73
C LYS D 265 -17.85 17.58 -40.18
N TYR D 266 -17.70 16.60 -39.29
CA TYR D 266 -17.88 15.20 -39.64
C TYR D 266 -18.83 14.50 -38.67
N SER D 267 -19.23 13.28 -39.03
CA SER D 267 -20.22 12.53 -38.26
C SER D 267 -19.72 12.13 -36.88
N ALA D 268 -20.66 11.70 -36.03
CA ALA D 268 -20.33 11.27 -34.68
C ALA D 268 -19.53 9.96 -34.70
N ASN D 269 -19.78 9.14 -35.71
CA ASN D 269 -19.06 7.88 -35.87
C ASN D 269 -17.57 8.09 -36.04
N LEU D 270 -17.19 9.04 -36.89
CA LEU D 270 -15.77 9.36 -37.07
C LEU D 270 -15.17 9.91 -35.77
N LYS D 271 -15.90 10.82 -35.12
CA LYS D 271 -15.42 11.40 -33.88
C LYS D 271 -15.22 10.31 -32.84
N SER D 272 -16.08 9.31 -32.86
CA SER D 272 -15.99 8.20 -31.93
C SER D 272 -14.75 7.34 -32.18
N ALA D 273 -14.46 7.09 -33.46
CA ALA D 273 -13.31 6.27 -33.84
C ALA D 273 -12.01 6.96 -33.45
N VAL D 274 -11.89 8.24 -33.79
CA VAL D 274 -10.69 9.00 -33.47
C VAL D 274 -10.47 9.06 -31.96
N ASN D 275 -11.55 9.23 -31.21
CA ASN D 275 -11.47 9.31 -29.76
C ASN D 275 -10.96 8.01 -29.15
N TRP D 276 -11.36 6.89 -29.75
CA TRP D 276 -10.87 5.59 -29.32
C TRP D 276 -9.38 5.46 -29.60
N LEU D 277 -8.95 6.00 -30.73
CA LEU D 277 -7.55 5.93 -31.12
C LEU D 277 -6.67 6.79 -30.21
N LEU D 278 -7.15 7.97 -29.85
CA LEU D 278 -6.38 8.91 -29.02
C LEU D 278 -6.35 8.50 -27.55
N ASP D 279 -7.46 7.97 -27.06
CA ASP D 279 -7.59 7.68 -25.64
C ASP D 279 -6.52 6.70 -25.15
N THR D 280 -5.89 7.06 -24.03
CA THR D 280 -4.89 6.21 -23.40
C THR D 280 -5.20 5.97 -21.93
N SER D 281 -6.34 6.47 -21.48
CA SER D 281 -6.69 6.43 -20.06
C SER D 281 -7.56 5.23 -19.72
N SER D 282 -8.12 4.58 -20.73
CA SER D 282 -8.97 3.42 -20.51
C SER D 282 -8.09 2.29 -19.97
N GLY D 283 -8.64 1.48 -19.07
CA GLY D 283 -7.89 0.39 -18.48
C GLY D 283 -7.67 -0.79 -19.40
N GLU D 284 -8.08 -0.65 -20.65
CA GLU D 284 -7.97 -1.73 -21.63
C GLU D 284 -6.93 -1.44 -22.71
N THR D 285 -6.06 -2.41 -22.96
CA THR D 285 -5.07 -2.32 -24.02
C THR D 285 -5.76 -2.31 -25.37
N LYS D 286 -5.41 -1.32 -26.20
CA LYS D 286 -6.00 -1.19 -27.52
C LYS D 286 -5.36 -2.17 -28.50
N THR D 287 -6.21 -2.87 -29.26
CA THR D 287 -5.74 -3.84 -30.25
C THR D 287 -6.36 -3.56 -31.61
N ILE D 288 -5.61 -3.91 -32.65
CA ILE D 288 -6.11 -3.74 -34.01
C ILE D 288 -7.31 -4.67 -34.28
N GLU D 289 -7.36 -5.79 -33.56
CA GLU D 289 -8.52 -6.69 -33.63
C GLU D 289 -9.79 -5.95 -33.20
N HIS D 290 -9.71 -5.29 -32.06
CA HIS D 290 -10.85 -4.55 -31.52
C HIS D 290 -11.24 -3.41 -32.45
N PHE D 291 -10.25 -2.71 -32.99
CA PHE D 291 -10.51 -1.57 -33.86
C PHE D 291 -11.18 -1.96 -35.18
N MSE D 292 -10.77 -3.07 -35.76
CA MSE D 292 -11.40 -3.57 -36.99
C MSE D 292 -12.87 -3.88 -36.77
O MSE D 292 -13.72 -3.56 -37.59
CB MSE D 292 -10.68 -4.81 -37.52
CG MSE D 292 -9.32 -4.50 -38.13
SE MSE D 292 -8.38 -6.08 -38.76
CE MSE D 292 -8.30 -7.12 -37.12
H MSE D 292 -10.13 -3.57 -35.48
HA MSE D 292 -11.33 -2.87 -37.68
HB2 MSE D 292 -10.54 -5.42 -36.79
HB3 MSE D 292 -11.23 -5.22 -38.20
HG2 MSE D 292 -9.44 -3.90 -38.89
HG3 MSE D 292 -8.76 -4.07 -37.46
HE1 MSE D 292 -7.84 -7.95 -37.29
HE2 MSE D 292 -7.82 -6.60 -36.44
HE3 MSE D 292 -9.21 -7.28 -36.81
N THR D 293 -13.16 -4.50 -35.63
CA THR D 293 -14.52 -4.90 -35.29
C THR D 293 -15.49 -3.73 -35.35
N GLY D 294 -15.01 -2.55 -34.97
CA GLY D 294 -15.84 -1.35 -34.97
C GLY D 294 -16.04 -0.71 -36.33
N ILE D 295 -15.17 -1.04 -37.30
CA ILE D 295 -15.28 -0.48 -38.66
C ILE D 295 -15.60 -1.57 -39.70
N ALA D 296 -16.23 -2.64 -39.25
CA ALA D 296 -16.55 -3.79 -40.11
C ALA D 296 -17.40 -3.37 -41.30
N SER D 297 -18.39 -2.52 -41.05
CA SER D 297 -19.29 -2.04 -42.10
C SER D 297 -18.53 -1.26 -43.17
N GLN D 298 -17.65 -0.35 -42.74
CA GLN D 298 -16.85 0.43 -43.67
C GLN D 298 -15.93 -0.46 -44.50
N MSE D 299 -15.35 -1.47 -43.86
CA MSE D 299 -14.37 -2.35 -44.51
C MSE D 299 -15.02 -3.15 -45.62
O MSE D 299 -14.40 -3.44 -46.65
CB MSE D 299 -13.73 -3.28 -43.48
CG MSE D 299 -12.56 -4.11 -44.00
SE MSE D 299 -10.99 -3.04 -44.47
CE MSE D 299 -10.54 -2.32 -42.70
H MSE D 299 -15.51 -1.68 -43.05
HA MSE D 299 -13.67 -1.80 -44.89
HB2 MSE D 299 -13.41 -2.75 -42.74
HB3 MSE D 299 -14.41 -3.90 -43.17
HG2 MSE D 299 -12.29 -4.73 -43.30
HG3 MSE D 299 -12.85 -4.59 -44.78
HE1 MSE D 299 -9.76 -1.75 -42.77
HE2 MSE D 299 -11.30 -1.80 -42.37
HE3 MSE D 299 -10.36 -3.06 -42.09
N THR D 300 -16.27 -3.52 -45.41
CA THR D 300 -17.05 -4.26 -46.39
C THR D 300 -17.33 -3.38 -47.59
N THR D 301 -17.62 -2.10 -47.34
CA THR D 301 -17.91 -1.17 -48.43
C THR D 301 -16.69 -0.98 -49.34
N PHE D 302 -15.51 -0.88 -48.73
CA PHE D 302 -14.31 -0.64 -49.52
C PHE D 302 -13.73 -1.93 -50.10
N PHE D 303 -14.16 -3.06 -49.56
CA PHE D 303 -13.88 -4.35 -50.19
C PHE D 303 -14.66 -4.41 -51.50
N ASP D 304 -15.92 -4.02 -51.45
CA ASP D 304 -16.78 -3.96 -52.63
C ASP D 304 -16.19 -3.02 -53.67
N LEU D 305 -15.77 -1.83 -53.25
CA LEU D 305 -15.24 -0.82 -54.16
C LEU D 305 -13.92 -1.25 -54.79
N ALA D 306 -13.08 -1.94 -54.02
CA ALA D 306 -11.85 -2.50 -54.57
C ALA D 306 -12.15 -3.54 -55.66
N LEU D 307 -13.16 -4.39 -55.43
CA LEU D 307 -13.55 -5.40 -56.40
C LEU D 307 -14.15 -4.78 -57.67
N GLN D 308 -14.88 -3.69 -57.53
CA GLN D 308 -15.47 -3.03 -58.69
C GLN D 308 -14.38 -2.38 -59.55
N ASP D 309 -13.36 -1.85 -58.90
CA ASP D 309 -12.23 -1.28 -59.62
C ASP D 309 -11.39 -2.35 -60.30
N ASN D 310 -11.32 -3.53 -59.67
CA ASN D 310 -10.66 -4.67 -60.28
C ASN D 310 -11.33 -5.02 -61.61
N ASP D 311 -12.67 -5.01 -61.63
CA ASP D 311 -13.43 -5.30 -62.84
C ASP D 311 -13.16 -4.24 -63.90
N GLU D 312 -13.00 -3.01 -63.45
CA GLU D 312 -12.73 -1.88 -64.33
C GLU D 312 -11.40 -2.10 -65.02
N LYS D 313 -10.41 -2.49 -64.24
CA LYS D 313 -9.08 -2.76 -64.76
C LYS D 313 -9.06 -4.00 -65.64
N LEU D 314 -9.88 -4.99 -65.28
CA LEU D 314 -9.97 -6.21 -66.06
C LEU D 314 -10.60 -5.88 -67.43
N PHE D 315 -11.59 -5.00 -67.43
CA PHE D 315 -12.23 -4.56 -68.67
C PHE D 315 -11.23 -3.91 -69.62
N HIS D 316 -10.44 -2.96 -69.11
CA HIS D 316 -9.47 -2.27 -69.97
C HIS D 316 -8.36 -3.20 -70.41
N LEU D 317 -7.89 -4.03 -69.47
CA LEU D 317 -6.86 -5.01 -69.82
C LEU D 317 -7.33 -5.94 -70.92
N ALA D 318 -8.59 -6.35 -70.86
CA ALA D 318 -9.12 -7.28 -71.86
C ALA D 318 -9.15 -6.62 -73.24
N ARG D 319 -9.47 -5.33 -73.29
CA ARG D 319 -9.54 -4.65 -74.58
C ARG D 319 -8.17 -4.46 -75.19
N GLU D 320 -7.14 -4.29 -74.36
CA GLU D 320 -5.81 -4.01 -74.89
C GLU D 320 -5.10 -5.31 -75.25
N VAL D 321 -5.50 -6.41 -74.64
CA VAL D 321 -4.97 -7.71 -75.02
C VAL D 321 -5.55 -8.05 -76.39
N GLU D 322 -6.80 -7.66 -76.61
CA GLU D 322 -7.46 -7.92 -77.88
C GLU D 322 -6.94 -6.98 -78.96
N ASN D 323 -6.57 -5.75 -78.57
CA ASN D 323 -5.95 -4.82 -79.51
C ASN D 323 -4.61 -5.38 -79.98
N GLY D 324 -3.94 -6.09 -79.08
CA GLY D 324 -2.70 -6.77 -79.42
C GLY D 324 -2.94 -7.83 -80.49
N ARG D 325 -4.01 -8.61 -80.32
CA ARG D 325 -4.35 -9.67 -81.27
C ARG D 325 -4.74 -9.07 -82.61
N ILE D 326 -5.60 -8.06 -82.57
CA ILE D 326 -6.03 -7.37 -83.78
C ILE D 326 -4.81 -6.80 -84.52
N ALA D 327 -3.88 -6.20 -83.79
CA ALA D 327 -2.70 -5.62 -84.41
C ALA D 327 -1.90 -6.68 -85.17
N ARG D 328 -1.73 -7.86 -84.58
CA ARG D 328 -0.96 -8.91 -85.23
C ARG D 328 -1.71 -9.41 -86.46
N SER D 329 -3.04 -9.31 -86.43
CA SER D 329 -3.85 -9.69 -87.57
C SER D 329 -3.77 -8.66 -88.69
N LEU D 330 -3.74 -7.38 -88.32
CA LEU D 330 -3.67 -6.33 -89.32
C LEU D 330 -2.33 -6.35 -90.05
N MSE D 331 -1.28 -6.77 -89.34
CA MSE D 331 0.05 -6.86 -89.92
C MSE D 331 0.15 -8.00 -90.94
O MSE D 331 0.77 -7.85 -91.99
CB MSE D 331 1.10 -7.05 -88.82
CG MSE D 331 1.37 -5.77 -88.04
SE MSE D 331 2.93 -5.88 -86.88
CE MSE D 331 2.14 -6.76 -85.33
H MSE D 331 -1.32 -7.00 -88.51
HA MSE D 331 0.25 -6.03 -90.37
HB2 MSE D 331 0.78 -7.72 -88.19
HB3 MSE D 331 1.93 -7.34 -89.22
HG2 MSE D 331 1.52 -5.05 -88.67
HG3 MSE D 331 0.59 -5.57 -87.49
HE1 MSE D 331 2.84 -6.88 -84.65
HE2 MSE D 331 1.43 -6.21 -84.98
HE3 MSE D 331 1.80 -7.63 -85.61
N LYS D 332 -0.46 -9.14 -90.64
CA LYS D 332 -0.53 -10.24 -91.59
C LYS D 332 -1.33 -9.80 -92.81
N LEU D 333 -2.45 -9.12 -92.55
CA LEU D 333 -3.30 -8.62 -93.60
C LEU D 333 -2.52 -7.72 -94.56
N LEU D 334 -1.73 -6.79 -94.01
CA LEU D 334 -0.96 -5.87 -94.83
C LEU D 334 0.12 -6.59 -95.63
N THR D 335 0.61 -7.70 -95.08
CA THR D 335 1.65 -8.48 -95.73
C THR D 335 1.07 -9.23 -96.93
N ILE D 336 -0.18 -9.65 -96.82
CA ILE D 336 -0.82 -10.45 -97.86
C ILE D 336 -1.25 -9.61 -99.06
N LEU D 337 -1.80 -8.42 -98.82
CA LEU D 337 -2.41 -7.66 -99.89
C LEU D 337 -1.45 -6.78 -100.68
N GLU D 338 -1.71 -6.69 -101.98
CA GLU D 338 -0.91 -5.92 -102.94
C GLU D 338 0.57 -6.29 -102.91
N ARG D 339 0.88 -7.57 -102.70
CA ARG D 339 2.27 -8.02 -102.75
C ARG D 339 2.86 -7.85 -104.15
N GLY D 340 4.18 -7.96 -104.24
CA GLY D 340 4.87 -7.81 -105.51
C GLY D 340 4.72 -9.04 -106.37
N ASP D 341 4.99 -10.21 -105.78
CA ASP D 341 4.93 -11.49 -106.48
C ASP D 341 5.96 -11.55 -107.61
N VAL D 345 3.15 -16.80 -108.05
CA VAL D 345 2.32 -16.64 -109.24
C VAL D 345 2.03 -15.17 -109.49
N PRO D 346 1.72 -14.82 -110.76
CA PRO D 346 1.41 -13.42 -111.09
C PRO D 346 0.06 -12.97 -110.56
N SER D 347 -0.04 -11.71 -110.13
CA SER D 347 -1.29 -11.16 -109.61
C SER D 347 -1.82 -11.98 -108.45
N TRP D 348 -0.91 -12.56 -107.69
CA TRP D 348 -1.25 -13.45 -106.58
C TRP D 348 -2.21 -12.80 -105.59
N SER D 349 -2.01 -11.52 -105.33
CA SER D 349 -2.83 -10.79 -104.37
C SER D 349 -4.18 -10.34 -104.94
N GLU D 350 -4.37 -10.53 -106.25
CA GLU D 350 -5.59 -10.11 -106.92
C GLU D 350 -6.54 -11.25 -107.25
N THR D 351 -6.10 -12.48 -106.99
CA THR D 351 -6.84 -13.67 -107.43
C THR D 351 -7.13 -14.64 -106.29
N GLY D 352 -8.11 -15.51 -106.48
CA GLY D 352 -8.44 -16.54 -105.51
C GLY D 352 -8.90 -15.97 -104.18
N ASP D 353 -8.29 -16.43 -103.10
CA ASP D 353 -8.68 -16.00 -101.76
C ASP D 353 -8.36 -14.55 -101.46
N ARG D 354 -7.27 -14.05 -102.04
CA ARG D 354 -6.81 -12.72 -101.69
C ARG D 354 -7.73 -11.65 -102.26
N TYR D 355 -8.43 -11.96 -103.35
CA TYR D 355 -9.36 -10.99 -103.92
C TYR D 355 -10.49 -10.72 -102.95
N GLN D 356 -11.02 -11.78 -102.34
CA GLN D 356 -12.07 -11.63 -101.33
C GLN D 356 -11.52 -10.90 -100.09
N LEU D 357 -10.29 -11.21 -99.71
CA LEU D 357 -9.65 -10.52 -98.59
C LEU D 357 -9.50 -9.03 -98.89
N LYS D 358 -9.30 -8.67 -100.15
CA LYS D 358 -9.23 -7.26 -100.54
C LYS D 358 -10.57 -6.56 -100.33
N LEU D 359 -11.65 -7.25 -100.70
CA LEU D 359 -12.98 -6.70 -100.53
C LEU D 359 -13.32 -6.62 -99.04
N PHE D 360 -12.81 -7.56 -98.27
CA PHE D 360 -13.02 -7.56 -96.83
C PHE D 360 -12.34 -6.34 -96.22
N ARG D 361 -11.11 -6.08 -96.63
CA ARG D 361 -10.40 -4.89 -96.19
C ARG D 361 -11.22 -3.65 -96.52
N ASP D 362 -11.80 -3.62 -97.72
CA ASP D 362 -12.63 -2.50 -98.14
C ASP D 362 -13.87 -2.36 -97.26
N TYR D 363 -14.50 -3.49 -96.96
CA TYR D 363 -15.71 -3.51 -96.15
C TYR D 363 -15.44 -2.94 -94.76
N VAL D 364 -14.24 -3.18 -94.24
CA VAL D 364 -13.89 -2.78 -92.88
C VAL D 364 -13.35 -1.34 -92.83
N PHE D 365 -12.39 -1.01 -93.69
CA PHE D 365 -11.64 0.24 -93.56
C PHE D 365 -12.03 1.32 -94.58
N HIS D 366 -12.80 0.95 -95.61
CA HIS D 366 -13.19 1.87 -96.66
C HIS D 366 -14.70 2.15 -96.65
N ARG D 367 -15.30 2.16 -95.46
CA ARG D 367 -16.73 2.46 -95.34
C ARG D 367 -17.06 3.86 -95.83
N VAL D 368 -18.18 3.96 -96.56
CA VAL D 368 -18.67 5.23 -97.06
C VAL D 368 -20.17 5.37 -96.81
N ASP D 369 -20.61 6.58 -96.50
CA ASP D 369 -22.03 6.83 -96.28
C ASP D 369 -22.80 6.79 -97.59
N ALA D 370 -24.13 6.91 -97.51
CA ALA D 370 -24.97 6.89 -98.69
C ALA D 370 -24.65 8.06 -99.62
N ASP D 371 -24.23 9.17 -99.01
CA ASP D 371 -23.89 10.37 -99.78
C ASP D 371 -22.55 10.21 -100.49
N GLY D 372 -21.73 9.28 -100.01
CA GLY D 372 -20.40 9.06 -100.57
C GLY D 372 -19.31 9.51 -99.62
N LYS D 373 -19.71 10.13 -98.51
CA LYS D 373 -18.76 10.62 -97.53
C LYS D 373 -18.08 9.45 -96.84
N PRO D 374 -16.77 9.58 -96.53
CA PRO D 374 -16.06 8.48 -95.88
C PRO D 374 -16.42 8.32 -94.40
N ASN D 375 -16.54 7.07 -93.95
CA ASN D 375 -16.81 6.79 -92.54
C ASN D 375 -15.59 6.22 -91.82
N LEU D 376 -15.23 6.85 -90.70
CA LEU D 376 -14.00 6.49 -89.99
C LEU D 376 -14.29 5.97 -88.58
N SER D 377 -15.50 5.45 -88.38
CA SER D 377 -15.89 4.89 -87.09
C SER D 377 -14.96 3.73 -86.73
N ILE D 378 -14.30 3.85 -85.59
CA ILE D 378 -13.34 2.85 -85.15
C ILE D 378 -14.04 1.58 -84.67
N GLY D 379 -15.25 1.73 -84.13
CA GLY D 379 -15.97 0.62 -83.55
C GLY D 379 -16.22 -0.49 -84.56
N HIS D 380 -16.66 -0.11 -85.75
CA HIS D 380 -16.90 -1.08 -86.83
C HIS D 380 -15.61 -1.83 -87.17
N MSE D 381 -14.51 -1.09 -87.24
CA MSE D 381 -13.22 -1.67 -87.60
C MSE D 381 -12.80 -2.75 -86.60
O MSE D 381 -12.49 -3.88 -86.98
CB MSE D 381 -12.15 -0.58 -87.69
CG MSE D 381 -12.44 0.49 -88.73
SE MSE D 381 -11.12 1.94 -88.79
CE MSE D 381 -11.86 2.96 -90.27
H MSE D 381 -14.47 -0.25 -87.08
HA MSE D 381 -13.30 -2.08 -88.48
HB2 MSE D 381 -12.08 -0.15 -86.83
HB3 MSE D 381 -11.30 -1.00 -87.92
HG2 MSE D 381 -12.45 0.06 -89.61
HG3 MSE D 381 -13.30 0.88 -88.55
HE1 MSE D 381 -11.31 3.74 -90.43
HE2 MSE D 381 -11.88 2.40 -91.07
HE3 MSE D 381 -12.77 3.23 -90.05
N LEU D 382 -12.79 -2.39 -85.32
CA LEU D 382 -12.36 -3.29 -84.26
C LEU D 382 -13.28 -4.52 -84.17
N THR D 383 -14.59 -4.31 -84.29
CA THR D 383 -15.56 -5.39 -84.23
C THR D 383 -15.36 -6.43 -85.33
N CYS D 384 -15.12 -5.95 -86.55
CA CYS D 384 -14.97 -6.85 -87.69
C CYS D 384 -13.71 -7.70 -87.58
N MSE D 385 -12.62 -7.10 -87.08
CA MSE D 385 -11.36 -7.80 -86.96
C MSE D 385 -11.42 -8.86 -85.87
O MSE D 385 -10.78 -9.90 -85.95
CB MSE D 385 -10.21 -6.82 -86.65
CG MSE D 385 -9.83 -5.92 -87.80
SE MSE D 385 -9.42 -6.88 -89.46
CE MSE D 385 -7.96 -8.01 -88.80
H MSE D 385 -12.60 -6.28 -86.81
HA MSE D 385 -11.15 -8.24 -87.80
HB2 MSE D 385 -10.47 -6.27 -85.90
HB3 MSE D 385 -9.42 -7.34 -86.41
HG2 MSE D 385 -10.57 -5.32 -87.98
HG3 MSE D 385 -9.04 -5.40 -87.55
HE1 MSE D 385 -7.64 -8.57 -89.54
HE2 MSE D 385 -7.25 -7.45 -88.48
HE3 MSE D 385 -8.30 -8.58 -88.09
N SER D 386 -12.20 -8.57 -84.82
CA SER D 386 -12.38 -9.51 -83.72
C SER D 386 -13.16 -10.72 -84.20
N LYS D 387 -14.24 -10.46 -84.93
CA LYS D 387 -15.04 -11.54 -85.48
C LYS D 387 -14.22 -12.39 -86.44
N LEU D 388 -13.28 -11.78 -87.14
CA LEU D 388 -12.42 -12.51 -88.06
C LEU D 388 -11.56 -13.53 -87.30
N GLU D 389 -10.93 -13.08 -86.22
CA GLU D 389 -10.08 -13.97 -85.42
C GLU D 389 -10.89 -15.10 -84.77
N ALA D 390 -12.12 -14.79 -84.36
CA ALA D 390 -12.98 -15.76 -83.70
C ALA D 390 -13.63 -16.71 -84.70
N GLY D 391 -13.61 -16.33 -85.98
CA GLY D 391 -14.20 -17.14 -87.03
C GLY D 391 -15.69 -17.30 -86.81
N VAL D 392 -16.36 -16.20 -86.50
CA VAL D 392 -17.78 -16.22 -86.20
C VAL D 392 -18.59 -16.70 -87.38
N ASP D 393 -19.64 -17.46 -87.09
CA ASP D 393 -20.59 -17.93 -88.10
C ASP D 393 -21.67 -16.90 -88.38
N GLU D 394 -21.24 -15.67 -88.59
CA GLU D 394 -22.11 -14.56 -89.03
C GLU D 394 -21.76 -14.18 -90.47
N ASN D 395 -22.75 -13.88 -91.30
CA ASN D 395 -22.50 -13.54 -92.71
C ASN D 395 -22.40 -12.04 -92.96
N ILE D 396 -21.53 -11.65 -93.89
CA ILE D 396 -21.43 -10.26 -94.34
C ILE D 396 -21.44 -10.15 -95.85
N LEU D 397 -21.83 -8.98 -96.35
CA LEU D 397 -21.95 -8.74 -97.79
C LEU D 397 -20.75 -7.94 -98.34
N LEU D 398 -19.90 -8.63 -99.09
CA LEU D 398 -18.75 -8.01 -99.74
C LEU D 398 -19.10 -7.56 -101.15
N THR D 399 -18.79 -6.31 -101.47
CA THR D 399 -19.09 -5.72 -102.78
C THR D 399 -17.82 -5.28 -103.52
N SER D 400 -17.71 -5.66 -104.78
CA SER D 400 -16.57 -5.25 -105.59
C SER D 400 -16.59 -3.73 -105.84
N ARG D 401 -15.45 -3.17 -106.19
CA ARG D 401 -15.31 -1.73 -106.40
C ARG D 401 -16.16 -1.24 -107.58
N ASP D 402 -16.21 -2.03 -108.65
CA ASP D 402 -17.20 -1.79 -109.71
C ASP D 402 -18.64 -1.99 -109.24
N ASN D 403 -18.80 -2.53 -108.03
CA ASN D 403 -20.11 -2.74 -107.40
C ASN D 403 -21.10 -3.65 -108.14
N GLU D 404 -20.71 -4.20 -109.27
CA GLU D 404 -21.61 -5.03 -110.06
C GLU D 404 -21.80 -6.42 -109.43
N THR D 405 -20.77 -6.89 -108.73
CA THR D 405 -20.78 -8.21 -108.10
C THR D 405 -20.68 -8.13 -106.57
N VAL D 406 -21.40 -9.02 -105.89
CA VAL D 406 -21.37 -9.08 -104.42
C VAL D 406 -21.10 -10.51 -103.95
N PHE D 407 -20.61 -10.63 -102.73
CA PHE D 407 -20.26 -11.93 -102.16
C PHE D 407 -20.75 -12.00 -100.72
N VAL D 408 -21.46 -13.08 -100.39
CA VAL D 408 -21.85 -13.35 -99.01
C VAL D 408 -20.87 -14.34 -98.39
N LEU D 409 -20.18 -13.89 -97.35
CA LEU D 409 -19.19 -14.72 -96.66
C LEU D 409 -19.30 -14.60 -95.16
N SER D 410 -18.92 -15.67 -94.48
CA SER D 410 -18.89 -15.69 -93.03
C SER D 410 -17.47 -15.41 -92.56
N TYR D 411 -17.35 -14.93 -91.33
CA TYR D 411 -16.04 -14.68 -90.75
C TYR D 411 -15.26 -15.99 -90.63
N ARG D 412 -15.98 -17.09 -90.44
CA ARG D 412 -15.34 -18.41 -90.36
C ARG D 412 -14.64 -18.72 -91.68
N GLU D 413 -15.32 -18.42 -92.78
CA GLU D 413 -14.76 -18.61 -94.11
C GLU D 413 -13.62 -17.63 -94.37
N LEU D 414 -13.82 -16.37 -93.99
CA LEU D 414 -12.79 -15.35 -94.20
C LEU D 414 -11.54 -15.70 -93.40
N ARG D 415 -11.72 -16.26 -92.21
CA ARG D 415 -10.57 -16.70 -91.43
C ARG D 415 -9.88 -17.86 -92.14
N GLN D 416 -10.67 -18.70 -92.78
CA GLN D 416 -10.16 -19.85 -93.51
C GLN D 416 -9.24 -19.36 -94.63
N MSE D 417 -9.77 -18.49 -95.48
CA MSE D 417 -9.01 -17.89 -96.58
C MSE D 417 -7.81 -17.10 -96.05
O MSE D 417 -6.69 -17.23 -96.58
CB MSE D 417 -9.90 -16.95 -97.39
CG MSE D 417 -11.13 -17.60 -98.00
SE MSE D 417 -12.40 -16.26 -98.64
CE MSE D 417 -12.45 -16.72 -100.54
H MSE D 417 -10.58 -18.21 -95.43
HA MSE D 417 -8.70 -18.60 -97.16
HB2 MSE D 417 -10.20 -16.24 -96.81
HB3 MSE D 417 -9.37 -16.58 -98.11
HG2 MSE D 417 -10.86 -18.15 -98.76
HG3 MSE D 417 -11.58 -18.14 -97.34
HE1 MSE D 417 -13.06 -16.13 -101.00
HE2 MSE D 417 -11.56 -16.64 -100.90
HE3 MSE D 417 -12.76 -17.64 -100.63
N TYR D 418 -8.05 -16.29 -95.03
CA TYR D 418 -7.04 -15.44 -94.42
C TYR D 418 -5.82 -16.23 -93.95
N ASP D 419 -6.07 -17.35 -93.27
CA ASP D 419 -4.98 -18.18 -92.78
C ASP D 419 -4.30 -18.91 -93.94
N ARG D 420 -5.09 -19.34 -94.92
CA ARG D 420 -4.55 -20.06 -96.06
C ARG D 420 -3.64 -19.15 -96.88
N ALA D 421 -4.06 -17.90 -97.07
CA ALA D 421 -3.28 -16.96 -97.86
C ALA D 421 -1.93 -16.65 -97.23
N PHE D 422 -1.89 -16.62 -95.90
CA PHE D 422 -0.68 -16.25 -95.18
C PHE D 422 0.37 -17.36 -95.20
N ASN D 423 -0.05 -18.59 -94.91
CA ASN D 423 0.90 -19.70 -94.82
C ASN D 423 1.50 -20.08 -96.18
N GLU D 424 1.01 -19.47 -97.26
CA GLU D 424 1.67 -19.62 -98.55
C GLU D 424 2.98 -18.85 -98.54
N LEU D 425 3.00 -17.72 -97.82
CA LEU D 425 4.21 -16.91 -97.68
C LEU D 425 5.19 -17.58 -96.73
N VAL D 426 4.67 -18.26 -95.72
CA VAL D 426 5.50 -19.02 -94.79
C VAL D 426 6.14 -20.20 -95.53
N LYS D 427 5.43 -20.72 -96.52
CA LYS D 427 5.94 -21.80 -97.36
C LYS D 427 7.16 -21.32 -98.13
N ALA D 428 7.05 -20.16 -98.77
CA ALA D 428 8.16 -19.60 -99.54
C ALA D 428 9.34 -19.27 -98.63
N SER D 429 9.04 -19.04 -97.35
CA SER D 429 10.08 -18.73 -96.36
C SER D 429 10.89 -17.51 -96.76
N THR E 13 -6.79 8.31 63.95
CA THR E 13 -6.59 9.01 62.68
C THR E 13 -5.32 8.53 61.97
N TYR E 14 -5.25 8.78 60.67
CA TYR E 14 -4.12 8.34 59.85
C TYR E 14 -2.80 9.04 60.18
N ASP E 15 -2.87 10.30 60.59
CA ASP E 15 -1.66 11.10 60.81
C ASP E 15 -1.11 10.98 62.24
N PHE E 16 -1.37 9.85 62.88
CA PHE E 16 -0.98 9.64 64.27
C PHE E 16 0.50 9.89 64.54
N PHE E 17 1.37 9.39 63.67
CA PHE E 17 2.81 9.55 63.86
C PHE E 17 3.38 10.70 63.03
N MSE E 18 2.51 11.51 62.43
CA MSE E 18 2.96 12.56 61.50
C MSE E 18 3.03 13.93 62.15
O MSE E 18 2.01 14.46 62.59
CB MSE E 18 2.02 12.62 60.29
CG MSE E 18 1.83 11.29 59.58
SE MSE E 18 0.72 11.48 57.99
CE MSE E 18 0.44 9.58 57.57
H MSE E 18 1.66 11.47 62.53
HA MSE E 18 3.84 12.32 61.17
HB2 MSE E 18 1.15 12.93 60.58
HB3 MSE E 18 2.39 13.25 59.64
HG2 MSE E 18 2.69 10.94 59.31
HG3 MSE E 18 1.39 10.67 60.18
HE1 MSE E 18 -0.10 9.51 56.78
HE2 MSE E 18 1.31 9.16 57.42
HE3 MSE E 18 0.00 9.15 58.33
N PRO E 19 4.24 14.51 62.22
CA PRO E 19 4.35 15.87 62.79
C PRO E 19 3.55 16.89 61.98
N GLN E 20 3.03 17.90 62.67
CA GLN E 20 2.20 18.92 62.04
C GLN E 20 3.04 19.78 61.09
N ASN E 21 4.26 20.10 61.49
CA ASN E 21 5.17 20.87 60.66
C ASN E 21 6.57 20.26 60.66
N LEU E 22 6.81 19.37 59.69
CA LEU E 22 8.07 18.63 59.62
C LEU E 22 9.23 19.56 59.32
N ARG E 23 8.98 20.61 58.56
CA ARG E 23 10.01 21.56 58.15
C ARG E 23 10.58 22.28 59.38
N GLU E 24 9.71 22.93 60.13
CA GLU E 24 10.10 23.65 61.33
C GLU E 24 10.73 22.71 62.35
N ASP E 25 10.17 21.52 62.47
CA ASP E 25 10.63 20.53 63.45
C ASP E 25 12.08 20.13 63.20
N LEU E 26 12.42 19.87 61.94
CA LEU E 26 13.77 19.45 61.58
C LEU E 26 14.79 20.56 61.77
N GLN E 27 14.39 21.80 61.50
CA GLN E 27 15.30 22.94 61.63
C GLN E 27 15.68 23.13 63.09
N LYS E 28 14.67 23.14 63.97
CA LYS E 28 14.90 23.29 65.39
C LYS E 28 15.77 22.17 65.95
N LYS E 29 15.54 20.96 65.45
CA LYS E 29 16.30 19.80 65.94
C LYS E 29 17.74 19.88 65.46
N GLN E 30 17.94 20.45 64.29
CA GLN E 30 19.28 20.68 63.77
C GLN E 30 20.03 21.70 64.63
N PHE E 31 19.38 22.82 64.95
CA PHE E 31 19.99 23.84 65.79
C PHE E 31 20.34 23.27 67.17
N ALA E 32 19.41 22.51 67.74
CA ALA E 32 19.62 21.96 69.07
C ALA E 32 20.81 21.00 69.09
N THR E 33 21.09 20.36 67.96
CA THR E 33 22.16 19.38 67.88
C THR E 33 23.55 20.02 67.85
N LEU E 34 23.63 21.21 67.25
CA LEU E 34 24.92 21.87 67.08
C LEU E 34 25.24 22.89 68.18
N GLN E 35 24.24 23.22 68.99
CA GLN E 35 24.40 24.25 70.02
C GLN E 35 25.51 23.89 70.99
N VAL E 36 26.30 24.91 71.36
CA VAL E 36 27.29 24.77 72.40
C VAL E 36 27.23 26.01 73.29
N ILE E 37 27.54 25.82 74.57
CA ILE E 37 27.63 26.91 75.52
C ILE E 37 29.10 27.19 75.79
N PRO E 38 29.59 28.39 75.43
CA PRO E 38 31.03 28.66 75.49
C PRO E 38 31.74 28.33 76.81
N ASN E 39 31.31 28.88 77.95
CA ASN E 39 32.06 28.65 79.19
C ASN E 39 31.20 28.29 80.38
N SER E 40 30.87 27.01 80.48
CA SER E 40 30.11 26.50 81.60
C SER E 40 31.09 25.77 82.48
N GLY E 41 30.70 25.50 83.71
CA GLY E 41 31.56 24.80 84.64
C GLY E 41 31.78 23.34 84.26
N LEU E 42 31.07 22.88 83.24
CA LEU E 42 31.14 21.48 82.83
C LEU E 42 32.50 21.15 82.23
N PRO E 43 33.03 19.95 82.52
CA PRO E 43 34.38 19.56 82.11
C PRO E 43 34.47 18.97 80.71
N GLN E 44 35.70 18.66 80.29
CA GLN E 44 35.96 17.90 79.09
C GLN E 44 36.44 16.51 79.46
N LEU E 45 35.78 15.48 78.92
CA LEU E 45 36.11 14.09 79.21
C LEU E 45 37.15 13.57 78.22
N GLU E 46 37.65 12.36 78.45
CA GLU E 46 38.66 11.77 77.57
C GLU E 46 38.17 11.64 76.14
N HIS E 47 36.88 11.34 75.98
CA HIS E 47 36.32 11.08 74.66
C HIS E 47 35.07 11.91 74.35
N TRP E 48 34.76 12.86 75.23
CA TRP E 48 33.57 13.70 75.05
C TRP E 48 33.89 15.17 75.30
N HIS E 49 33.19 16.05 74.60
CA HIS E 49 33.39 17.48 74.78
C HIS E 49 32.15 18.27 74.36
N SER E 50 32.17 19.56 74.66
CA SER E 50 31.06 20.46 74.35
C SER E 50 29.76 19.99 75.01
N LEU E 51 29.83 19.66 76.29
CA LEU E 51 28.64 19.21 77.01
C LEU E 51 27.61 20.32 77.13
N VAL E 52 26.34 19.95 76.97
CA VAL E 52 25.21 20.87 77.09
C VAL E 52 24.13 20.24 77.97
N PRO E 53 23.74 20.92 79.07
CA PRO E 53 22.71 20.34 79.94
C PRO E 53 21.34 20.24 79.27
N LEU E 54 20.63 19.14 79.46
CA LEU E 54 19.29 18.97 78.92
C LEU E 54 18.19 19.06 79.99
N ASP E 55 18.57 19.00 81.26
CA ASP E 55 17.60 19.11 82.35
C ASP E 55 16.86 20.45 82.30
N THR E 56 15.54 20.39 82.13
CA THR E 56 14.70 21.59 82.08
C THR E 56 14.64 22.31 83.42
N SER E 57 14.52 21.54 84.49
CA SER E 57 14.48 22.09 85.84
C SER E 57 15.53 21.41 86.69
N ASN E 58 16.41 22.19 87.29
CA ASN E 58 17.45 21.65 88.14
C ASN E 58 16.98 21.49 89.58
N ARG E 59 16.04 20.56 89.79
CA ARG E 59 15.59 20.23 91.12
C ARG E 59 16.21 18.87 91.44
N LYS E 60 16.96 18.77 92.53
CA LYS E 60 17.66 17.53 92.83
C LYS E 60 16.72 16.46 93.37
N ASN E 61 16.34 15.54 92.49
CA ASN E 61 15.45 14.44 92.79
C ASN E 61 16.19 13.13 92.59
N THR E 62 16.02 12.21 93.52
CA THR E 62 16.75 10.95 93.53
C THR E 62 15.81 9.74 93.48
N SER E 63 14.53 10.01 93.21
CA SER E 63 13.48 9.00 93.28
C SER E 63 13.75 7.78 92.39
N CYS E 64 14.26 8.00 91.18
CA CYS E 64 14.35 6.93 90.20
C CYS E 64 15.50 5.96 90.46
N PHE E 65 16.68 6.49 90.78
CA PHE E 65 17.89 5.68 90.90
C PHE E 65 18.56 5.82 92.27
N GLY E 66 17.99 6.66 93.13
CA GLY E 66 18.56 6.91 94.44
C GLY E 66 19.71 7.91 94.40
N TYR E 67 20.01 8.41 93.21
CA TYR E 67 21.02 9.44 93.04
C TYR E 67 20.47 10.52 92.11
N PRO E 68 20.99 11.75 92.23
CA PRO E 68 20.55 12.78 91.28
C PRO E 68 20.99 12.42 89.87
N SER E 69 20.12 12.62 88.88
CA SER E 69 20.40 12.20 87.51
C SER E 69 20.42 13.39 86.56
N TRP E 70 21.53 13.54 85.85
CA TRP E 70 21.71 14.65 84.92
C TRP E 70 21.87 14.11 83.50
N VAL E 71 21.38 14.87 82.52
CA VAL E 71 21.54 14.48 81.12
C VAL E 71 22.26 15.57 80.32
N TYR E 72 23.33 15.19 79.61
CA TYR E 72 24.07 16.09 78.76
C TYR E 72 24.04 15.67 77.29
N LYS E 73 23.92 16.66 76.40
CA LYS E 73 24.26 16.48 75.00
C LYS E 73 25.76 16.68 74.87
N ALA E 74 26.47 15.69 74.36
CA ALA E 74 27.91 15.78 74.19
C ALA E 74 28.34 15.31 72.82
N GLN E 75 29.47 15.85 72.35
CA GLN E 75 30.04 15.44 71.08
C GLN E 75 31.18 14.48 71.33
N ASN E 76 31.13 13.33 70.66
CA ASN E 76 32.18 12.34 70.78
C ASN E 76 33.44 12.83 70.08
N SER E 77 34.61 12.49 70.60
CA SER E 77 35.86 12.97 70.05
C SER E 77 36.36 12.04 68.94
N ARG E 78 36.10 10.75 69.12
CA ARG E 78 36.56 9.74 68.16
C ARG E 78 35.80 9.91 66.85
N ASN E 79 34.47 9.78 66.92
CA ASN E 79 33.61 10.13 65.79
C ASN E 79 32.97 11.46 66.16
N GLY E 80 32.67 12.30 65.16
CA GLY E 80 32.14 13.62 65.44
C GLY E 80 30.67 13.67 65.82
N ARG E 81 30.10 12.54 66.24
CA ARG E 81 28.67 12.45 66.48
C ARG E 81 28.25 12.88 67.89
N HIS E 82 26.98 13.29 68.00
CA HIS E 82 26.40 13.73 69.26
C HIS E 82 25.69 12.58 69.97
N TYR E 83 25.83 12.53 71.30
CA TYR E 83 25.23 11.48 72.12
C TYR E 83 24.59 12.08 73.36
N ALA E 84 23.67 11.33 73.97
CA ALA E 84 23.06 11.71 75.24
C ALA E 84 23.79 11.01 76.38
N LEU E 85 24.38 11.79 77.28
CA LEU E 85 25.06 11.25 78.45
C LEU E 85 24.20 11.35 79.70
N ARG E 86 23.85 10.20 80.30
CA ARG E 86 23.17 10.19 81.59
C ARG E 86 24.18 10.08 82.71
N ARG E 87 24.14 11.06 83.62
CA ARG E 87 25.07 11.11 84.73
C ARG E 87 24.34 10.83 86.05
N LEU E 88 24.82 9.83 86.77
CA LEU E 88 24.38 9.59 88.14
C LEU E 88 25.36 10.25 89.10
N GLU E 89 24.92 11.31 89.76
CA GLU E 89 25.78 12.09 90.65
C GLU E 89 26.07 11.38 91.96
N GLY E 90 27.34 11.37 92.35
CA GLY E 90 27.77 10.89 93.65
C GLY E 90 27.87 9.37 93.76
N TYR E 91 27.75 8.68 92.63
CA TYR E 91 27.85 7.23 92.60
C TYR E 91 29.30 6.75 92.46
N ARG E 92 29.77 5.98 93.44
CA ARG E 92 31.12 5.42 93.40
C ARG E 92 31.08 3.95 93.00
N LEU E 93 31.80 3.63 91.94
CA LEU E 93 31.84 2.27 91.39
C LEU E 93 32.61 1.33 92.31
N THR E 94 31.96 0.26 92.74
CA THR E 94 32.56 -0.71 93.67
C THR E 94 33.00 -2.04 93.05
N ASN E 95 32.36 -2.44 91.95
CA ASN E 95 32.64 -3.73 91.33
C ASN E 95 32.83 -3.59 89.83
N GLU E 96 34.04 -3.89 89.35
CA GLU E 96 34.38 -3.74 87.95
C GLU E 96 33.71 -4.77 87.04
N LYS E 97 33.41 -5.95 87.56
CA LYS E 97 32.78 -7.01 86.78
C LYS E 97 31.32 -6.69 86.43
N ALA E 98 30.68 -5.90 87.29
CA ALA E 98 29.27 -5.54 87.12
C ALA E 98 28.98 -4.75 85.85
N ILE E 99 29.89 -3.83 85.51
CA ILE E 99 29.69 -2.94 84.38
C ILE E 99 29.75 -3.68 83.06
N LEU E 100 30.80 -4.48 82.90
CA LEU E 100 31.07 -5.18 81.64
C LEU E 100 29.96 -6.17 81.31
N ASN E 101 29.50 -6.90 82.33
CA ASN E 101 28.49 -7.93 82.12
C ASN E 101 27.13 -7.35 81.78
N VAL E 102 26.78 -6.22 82.39
CA VAL E 102 25.50 -5.58 82.09
C VAL E 102 25.56 -4.97 80.67
N MSE E 103 26.77 -4.58 80.26
CA MSE E 103 26.96 -3.98 78.95
C MSE E 103 26.78 -4.97 77.81
O MSE E 103 25.96 -4.76 76.92
CB MSE E 103 28.35 -3.34 78.87
CG MSE E 103 28.37 -1.83 79.11
SE MSE E 103 27.61 -0.80 77.63
CE MSE E 103 25.77 -0.63 78.27
H MSE E 103 27.48 -4.66 80.73
HA MSE E 103 26.31 -3.27 78.84
HB2 MSE E 103 28.92 -3.75 79.53
HB3 MSE E 103 28.71 -3.50 77.98
HG2 MSE E 103 27.85 -1.64 79.91
HG3 MSE E 103 29.29 -1.54 79.22
HE1 MSE E 103 25.25 -0.12 77.62
HE2 MSE E 103 25.38 -1.51 78.38
HE3 MSE E 103 25.77 -0.16 79.12
N LYS E 104 27.58 -6.04 77.84
CA LYS E 104 27.51 -7.07 76.80
C LYS E 104 26.09 -7.57 76.57
N ASP E 105 25.24 -7.46 77.57
CA ASP E 105 23.86 -7.92 77.47
C ASP E 105 22.98 -6.87 76.78
N TRP E 106 23.24 -5.60 77.05
CA TRP E 106 22.39 -4.52 76.54
C TRP E 106 22.94 -3.96 75.23
N LYS E 107 24.21 -4.24 74.95
CA LYS E 107 24.84 -3.79 73.72
C LYS E 107 24.17 -4.45 72.52
N LYS E 108 23.60 -5.64 72.74
CA LYS E 108 22.88 -6.35 71.72
C LYS E 108 21.59 -5.62 71.31
N ILE E 109 20.93 -5.03 72.31
CA ILE E 109 19.56 -4.55 72.15
C ILE E 109 19.44 -3.41 71.15
N LYS E 110 18.56 -3.61 70.18
CA LYS E 110 18.24 -2.63 69.16
C LYS E 110 16.74 -2.66 68.91
N ASN E 111 16.04 -1.63 69.36
CA ASN E 111 14.58 -1.59 69.29
C ASN E 111 14.09 -0.15 69.14
N ALA E 112 13.07 0.03 68.30
CA ALA E 112 12.58 1.36 67.98
C ALA E 112 12.00 2.10 69.18
N SER E 113 11.68 1.36 70.23
CA SER E 113 11.04 1.93 71.42
C SER E 113 11.99 1.95 72.62
N ILE E 114 13.28 1.75 72.35
CA ILE E 114 14.29 1.80 73.39
C ILE E 114 15.47 2.64 72.92
N VAL E 115 15.92 3.57 73.75
CA VAL E 115 17.10 4.36 73.43
C VAL E 115 18.35 3.48 73.56
N THR E 116 19.07 3.33 72.46
CA THR E 116 20.27 2.50 72.43
C THR E 116 21.33 3.01 73.39
N ILE E 117 21.91 2.09 74.15
CA ILE E 117 23.04 2.39 75.04
C ILE E 117 24.33 1.91 74.36
N HIS E 118 25.40 2.70 74.48
CA HIS E 118 26.66 2.39 73.78
C HIS E 118 27.82 2.07 74.70
N GLU E 119 27.88 2.77 75.83
CA GLU E 119 29.08 2.73 76.66
C GLU E 119 28.75 3.13 78.09
N VAL E 120 29.53 2.60 79.03
CA VAL E 120 29.40 2.97 80.43
C VAL E 120 30.77 3.14 81.06
N PHE E 121 30.95 4.27 81.73
CA PHE E 121 32.23 4.60 82.34
C PHE E 121 32.07 5.55 83.53
N THR E 122 33.05 5.52 84.43
CA THR E 122 33.07 6.40 85.59
C THR E 122 34.00 7.59 85.36
N THR E 123 33.70 8.70 86.02
CA THR E 123 34.51 9.89 85.88
C THR E 123 34.56 10.72 87.15
N ARG E 124 35.67 11.43 87.33
CA ARG E 124 35.84 12.33 88.46
C ARG E 124 35.97 13.78 87.96
N GLU E 125 35.82 13.96 86.66
CA GLU E 125 36.02 15.25 86.04
C GLU E 125 34.91 16.24 86.41
N PHE E 126 33.81 15.73 86.93
CA PHE E 126 32.65 16.54 87.30
C PHE E 126 32.74 17.16 88.70
N GLY E 127 33.81 16.86 89.42
CA GLY E 127 33.98 17.35 90.78
C GLY E 127 33.42 16.40 91.81
N ASP E 128 33.08 15.19 91.37
CA ASP E 128 32.54 14.15 92.25
C ASP E 128 32.69 12.80 91.55
N SER E 129 32.39 11.71 92.26
CA SER E 129 32.32 10.40 91.63
C SER E 129 30.97 10.24 90.91
N SER E 130 31.01 10.21 89.59
CA SER E 130 29.81 10.09 88.79
C SER E 130 29.86 8.86 87.88
N LEU E 131 28.69 8.28 87.62
CA LEU E 131 28.56 7.16 86.71
C LEU E 131 27.88 7.64 85.44
N ILE E 132 28.49 7.39 84.29
CA ILE E 132 28.00 7.94 83.02
C ILE E 132 27.51 6.83 82.07
N PHE E 133 26.30 7.01 81.55
CA PHE E 133 25.75 6.12 80.53
C PHE E 133 25.56 6.88 79.21
N ALA E 134 26.17 6.39 78.13
CA ALA E 134 26.11 7.07 76.83
C ALA E 134 25.03 6.49 75.92
N TYR E 135 24.07 7.33 75.57
CA TYR E 135 22.92 6.93 74.76
C TYR E 135 22.94 7.59 73.39
N ASP E 136 22.11 7.08 72.48
CA ASP E 136 21.74 7.80 71.27
C ASP E 136 21.22 9.16 71.70
N PHE E 137 21.29 10.15 70.82
CA PHE E 137 20.76 11.47 71.12
C PHE E 137 19.53 11.77 70.25
N HIS E 138 18.45 12.16 70.91
CA HIS E 138 17.21 12.52 70.22
C HIS E 138 16.84 13.97 70.54
N PRO E 139 17.20 14.91 69.64
CA PRO E 139 17.07 16.34 69.97
C PRO E 139 15.64 16.79 70.31
N LEU E 140 15.55 17.70 71.27
CA LEU E 140 14.28 18.28 71.71
C LEU E 140 13.28 17.22 72.18
N SER E 141 13.79 16.15 72.79
CA SER E 141 12.95 15.14 73.41
C SER E 141 12.41 15.63 74.75
N LYS E 142 11.16 15.31 75.06
CA LYS E 142 10.57 15.58 76.37
C LYS E 142 9.95 14.32 76.97
N THR E 143 10.03 14.21 78.30
CA THR E 143 9.50 13.06 79.02
C THR E 143 7.98 13.07 79.02
N LEU E 144 7.38 11.91 79.25
CA LEU E 144 5.92 11.84 79.42
C LEU E 144 5.49 12.65 80.65
N GLN E 145 6.34 12.68 81.67
CA GLN E 145 6.05 13.45 82.86
C GLN E 145 5.94 14.94 82.54
N GLU E 146 6.95 15.48 81.88
CA GLU E 146 6.97 16.87 81.48
C GLU E 146 5.83 17.21 80.52
N HIS E 147 5.46 16.25 79.69
CA HIS E 147 4.48 16.48 78.64
C HIS E 147 3.04 16.38 79.14
N HIS E 148 2.77 15.43 80.02
CA HIS E 148 1.40 15.14 80.44
C HIS E 148 1.02 15.70 81.81
N PHE E 149 2.00 15.93 82.68
CA PHE E 149 1.71 16.31 84.07
C PHE E 149 2.02 17.76 84.37
N GLN E 150 2.90 18.37 83.58
CA GLN E 150 3.22 19.78 83.75
C GLN E 150 1.98 20.63 83.51
N PRO E 161 -5.07 18.56 79.51
CA PRO E 161 -6.33 17.90 79.19
C PRO E 161 -6.25 16.38 79.33
N ALA E 162 -7.40 15.72 79.26
CA ALA E 162 -7.47 14.27 79.35
C ALA E 162 -6.78 13.63 78.15
N VAL E 163 -6.04 12.55 78.40
CA VAL E 163 -5.32 11.86 77.33
C VAL E 163 -6.29 11.01 76.50
N PRO E 164 -6.33 11.25 75.17
CA PRO E 164 -7.19 10.41 74.34
C PRO E 164 -6.85 8.93 74.45
N GLU E 165 -7.86 8.07 74.41
CA GLU E 165 -7.64 6.65 74.57
C GLU E 165 -6.74 6.09 73.46
N ASN E 166 -6.85 6.65 72.26
CA ASN E 166 -6.03 6.20 71.14
C ASN E 166 -4.54 6.43 71.38
N THR E 167 -4.20 7.54 72.04
CA THR E 167 -2.81 7.84 72.37
C THR E 167 -2.23 6.83 73.35
N ILE E 168 -3.05 6.41 74.32
CA ILE E 168 -2.63 5.46 75.34
C ILE E 168 -2.34 4.08 74.74
N TRP E 169 -3.23 3.60 73.87
CA TRP E 169 -2.99 2.33 73.19
C TRP E 169 -1.70 2.42 72.38
N GLY E 170 -1.46 3.58 71.78
CA GLY E 170 -0.23 3.83 71.06
C GLY E 170 0.99 3.63 71.94
N TYR E 171 0.94 4.21 73.13
CA TYR E 171 2.01 4.05 74.12
C TYR E 171 2.18 2.60 74.53
N ILE E 172 1.05 1.93 74.80
CA ILE E 172 1.06 0.54 75.23
C ILE E 172 1.76 -0.37 74.21
N CYS E 173 1.46 -0.17 72.94
CA CYS E 173 2.03 -1.00 71.89
C CYS E 173 3.55 -0.79 71.79
N GLN E 174 3.99 0.44 72.00
CA GLN E 174 5.41 0.75 71.91
C GLN E 174 6.15 0.21 73.13
N ILE E 175 5.52 0.31 74.30
CA ILE E 175 6.11 -0.27 75.51
C ILE E 175 6.11 -1.78 75.40
N ALA E 176 5.00 -2.34 74.92
CA ALA E 176 4.91 -3.77 74.69
C ALA E 176 6.01 -4.24 73.74
N ASN E 177 6.22 -3.47 72.67
CA ASN E 177 7.29 -3.75 71.72
C ASN E 177 8.64 -3.79 72.40
N ALA E 178 8.90 -2.79 73.24
CA ALA E 178 10.16 -2.73 73.99
C ALA E 178 10.32 -3.93 74.91
N LEU E 179 9.25 -4.27 75.63
CA LEU E 179 9.32 -5.37 76.58
C LEU E 179 9.53 -6.73 75.91
N LYS E 180 9.04 -6.90 74.68
CA LYS E 180 9.26 -8.15 73.97
C LYS E 180 10.74 -8.41 73.77
N THR E 181 11.44 -7.38 73.31
CA THR E 181 12.86 -7.49 73.01
C THR E 181 13.69 -7.64 74.28
N ILE E 182 13.32 -6.88 75.31
CA ILE E 182 14.03 -6.92 76.58
C ILE E 182 13.86 -8.28 77.26
N HIS E 183 12.61 -8.74 77.39
CA HIS E 183 12.32 -9.99 78.07
C HIS E 183 12.88 -11.19 77.32
N SER E 184 12.89 -11.10 75.99
CA SER E 184 13.42 -12.18 75.16
C SER E 184 14.92 -12.35 75.36
N ASN E 185 15.58 -11.30 75.82
CA ASN E 185 17.02 -11.35 76.09
C ASN E 185 17.30 -11.65 77.57
N ARG E 186 16.31 -12.20 78.25
CA ARG E 186 16.45 -12.58 79.66
C ARG E 186 16.82 -11.37 80.53
N LEU E 187 16.20 -10.23 80.21
CA LEU E 187 16.42 -9.00 80.96
C LEU E 187 15.07 -8.40 81.33
N ALA E 188 15.10 -7.34 82.13
CA ALA E 188 13.89 -6.62 82.52
C ALA E 188 14.10 -5.12 82.38
N ALA E 189 13.02 -4.41 82.06
CA ALA E 189 13.03 -2.96 82.08
C ALA E 189 12.78 -2.44 83.49
N ARG E 190 13.85 -2.35 84.28
CA ARG E 190 13.75 -1.96 85.69
C ARG E 190 12.93 -0.67 85.88
N CYS E 191 13.06 0.25 84.93
CA CYS E 191 12.48 1.58 85.07
C CYS E 191 11.46 1.93 83.98
N LEU E 192 10.21 2.11 84.40
CA LEU E 192 9.12 2.49 83.50
C LEU E 192 8.40 3.76 83.95
N GLU E 193 9.05 4.56 84.77
CA GLU E 193 8.43 5.80 85.26
C GLU E 193 8.27 6.82 84.12
N PRO E 194 7.23 7.67 84.20
CA PRO E 194 6.97 8.66 83.16
C PRO E 194 8.13 9.61 82.87
N SER E 195 9.02 9.79 83.83
CA SER E 195 10.13 10.71 83.66
C SER E 195 11.26 10.09 82.86
N LYS E 196 11.20 8.78 82.66
CA LYS E 196 12.25 8.05 81.94
C LYS E 196 11.70 7.41 80.67
N ILE E 197 10.58 7.96 80.20
CA ILE E 197 10.03 7.61 78.90
C ILE E 197 9.88 8.93 78.15
N ILE E 198 10.59 9.06 77.03
CA ILE E 198 10.68 10.32 76.31
C ILE E 198 9.93 10.30 74.98
N LEU E 199 9.28 11.41 74.68
CA LEU E 199 8.71 11.63 73.36
C LEU E 199 9.80 12.17 72.45
N THR E 200 10.30 11.32 71.55
CA THR E 200 11.34 11.73 70.61
C THR E 200 10.69 12.35 69.37
N ASP E 201 9.39 12.13 69.24
CA ASP E 201 8.60 12.79 68.20
C ASP E 201 7.13 12.58 68.56
N ILE E 202 6.21 13.12 67.75
CA ILE E 202 4.79 13.01 68.06
C ILE E 202 4.34 11.58 68.28
N ASN E 203 3.78 11.33 69.47
CA ASN E 203 3.25 10.01 69.84
C ASN E 203 4.27 8.89 69.72
N ARG E 204 5.54 9.25 69.67
CA ARG E 204 6.62 8.28 69.51
C ARG E 204 7.45 8.28 70.78
N ILE E 205 7.34 7.21 71.55
CA ILE E 205 8.01 7.12 72.84
C ILE E 205 9.11 6.06 72.83
N ARG E 206 10.12 6.28 73.68
CA ARG E 206 11.25 5.38 73.81
C ARG E 206 11.69 5.34 75.26
N LEU E 207 12.09 4.16 75.77
CA LEU E 207 12.59 4.05 77.13
C LEU E 207 14.01 4.62 77.21
N SER E 208 14.18 5.66 78.01
CA SER E 208 15.44 6.42 78.01
C SER E 208 16.47 5.92 79.01
N ALA E 209 16.04 5.09 79.96
CA ALA E 209 16.92 4.71 81.06
C ALA E 209 16.96 3.20 81.27
N CYS E 210 17.50 2.49 80.29
CA CYS E 210 17.68 1.05 80.41
C CYS E 210 19.09 0.73 80.89
N ALA E 211 19.18 -0.29 81.73
CA ALA E 211 20.43 -0.84 82.25
C ALA E 211 21.06 -0.01 83.36
N ILE E 212 20.49 1.14 83.70
CA ILE E 212 21.05 1.95 84.77
C ILE E 212 20.84 1.22 86.10
N LEU E 213 19.61 0.82 86.38
CA LEU E 213 19.30 0.10 87.60
C LEU E 213 19.95 -1.28 87.59
N ASP E 214 20.26 -1.80 86.42
CA ASP E 214 20.97 -3.08 86.32
C ASP E 214 22.37 -2.96 86.92
N VAL E 215 23.00 -1.82 86.71
CA VAL E 215 24.35 -1.59 87.21
C VAL E 215 24.32 -1.16 88.68
N VAL E 216 23.39 -0.29 89.03
CA VAL E 216 23.28 0.21 90.39
C VAL E 216 22.92 -0.89 91.38
N GLN E 217 21.99 -1.75 90.99
CA GLN E 217 21.51 -2.81 91.86
C GLN E 217 22.14 -4.16 91.59
N PHE E 218 23.28 -4.17 90.89
CA PHE E 218 23.93 -5.43 90.52
C PHE E 218 24.30 -6.29 91.73
N GLY E 219 25.02 -5.70 92.68
CA GLY E 219 25.47 -6.43 93.84
C GLY E 219 24.44 -6.54 94.94
N MSE E 220 23.40 -5.73 94.87
CA MSE E 220 22.39 -5.66 95.95
C MSE E 220 21.12 -6.43 95.61
O MSE E 220 20.45 -6.94 96.51
CB MSE E 220 22.05 -4.20 96.25
CG MSE E 220 23.15 -3.46 97.02
SE MSE E 220 24.61 -2.82 95.91
CE MSE E 220 23.95 -1.03 95.52
H MSE E 220 23.24 -5.19 94.22
HA MSE E 220 22.79 -6.05 96.74
HB2 MSE E 220 21.91 -3.74 95.41
HB3 MSE E 220 21.24 -4.17 96.79
HG2 MSE E 220 22.75 -2.69 97.46
HG3 MSE E 220 23.52 -4.06 97.69
HE1 MSE E 220 24.59 -0.57 94.95
HE2 MSE E 220 23.10 -1.11 95.06
HE3 MSE E 220 23.83 -0.55 96.35
N ASN E 221 20.78 -6.53 94.33
CA ASN E 221 19.56 -7.19 93.93
C ASN E 221 19.70 -8.70 94.08
N SER E 222 18.67 -9.34 94.63
CA SER E 222 18.68 -10.79 94.84
C SER E 222 17.54 -11.46 94.06
N ARG E 223 16.57 -10.64 93.65
CA ARG E 223 15.43 -11.13 92.88
C ARG E 223 15.88 -11.64 91.51
N SER E 224 15.20 -12.68 91.02
CA SER E 224 15.57 -13.31 89.76
C SER E 224 15.04 -12.51 88.58
N VAL E 225 15.38 -12.97 87.38
CA VAL E 225 14.97 -12.31 86.14
C VAL E 225 13.45 -12.29 86.03
N VAL E 226 12.82 -13.45 86.23
CA VAL E 226 11.38 -13.57 86.07
C VAL E 226 10.63 -12.66 87.05
N GLU E 227 11.12 -12.56 88.28
CA GLU E 227 10.47 -11.72 89.29
C GLU E 227 10.54 -10.25 88.88
N LEU E 228 11.70 -9.83 88.38
CA LEU E 228 11.86 -8.46 87.88
C LEU E 228 10.92 -8.18 86.72
N GLN E 229 10.65 -9.21 85.92
CA GLN E 229 9.76 -9.07 84.77
C GLN E 229 8.31 -8.92 85.20
N GLN E 230 7.93 -9.56 86.31
CA GLN E 230 6.58 -9.43 86.84
C GLN E 230 6.31 -8.00 87.30
N GLU E 231 7.31 -7.36 87.89
CA GLU E 231 7.15 -5.98 88.34
C GLU E 231 7.05 -5.01 87.17
N ASP E 232 7.73 -5.33 86.07
CA ASP E 232 7.66 -4.50 84.87
C ASP E 232 6.21 -4.34 84.45
N PHE E 233 5.44 -5.43 84.53
CA PHE E 233 4.03 -5.38 84.17
C PHE E 233 3.26 -4.53 85.16
N VAL E 234 3.61 -4.64 86.44
CA VAL E 234 3.00 -3.79 87.46
C VAL E 234 3.33 -2.32 87.19
N LYS E 235 4.62 -2.04 86.99
CA LYS E 235 5.08 -0.69 86.69
C LYS E 235 4.45 -0.17 85.40
N PHE E 236 4.30 -1.06 84.42
CA PHE E 236 3.64 -0.75 83.16
C PHE E 236 2.20 -0.33 83.46
N GLY E 237 1.53 -1.13 84.27
CA GLY E 237 0.15 -0.85 84.66
C GLY E 237 0.02 0.45 85.43
N LYS E 238 1.02 0.74 86.26
CA LYS E 238 1.01 1.96 87.06
C LYS E 238 1.24 3.19 86.18
N LEU E 239 2.02 3.01 85.12
CA LEU E 239 2.25 4.08 84.14
C LEU E 239 0.96 4.47 83.43
N ILE E 240 0.19 3.48 83.00
CA ILE E 240 -1.04 3.74 82.26
C ILE E 240 -2.08 4.42 83.16
N LEU E 241 -2.23 3.91 84.37
CA LEU E 241 -3.18 4.48 85.32
C LEU E 241 -2.85 5.94 85.60
N SER E 242 -1.56 6.24 85.71
CA SER E 242 -1.11 7.62 85.91
C SER E 242 -1.58 8.56 84.80
N LEU E 243 -1.46 8.10 83.55
CA LEU E 243 -1.82 8.93 82.40
C LEU E 243 -3.33 9.13 82.31
N ALA E 244 -4.09 8.12 82.70
CA ALA E 244 -5.54 8.16 82.63
C ALA E 244 -6.14 9.01 83.75
N THR E 245 -5.49 9.01 84.91
CA THR E 245 -6.02 9.68 86.09
C THR E 245 -5.31 11.00 86.38
N GLY E 246 -4.11 11.17 85.83
CA GLY E 246 -3.37 12.41 86.01
C GLY E 246 -2.57 12.46 87.31
N THR E 247 -2.36 11.30 87.92
CA THR E 247 -1.60 11.21 89.16
C THR E 247 -0.29 10.44 88.96
N LEU E 248 0.81 11.02 89.44
CA LEU E 248 2.13 10.39 89.33
C LEU E 248 2.10 9.01 89.97
N PRO E 249 2.88 8.06 89.42
CA PRO E 249 2.89 6.70 89.97
C PRO E 249 3.19 6.65 91.47
N ALA E 250 4.15 7.46 91.92
CA ALA E 250 4.55 7.46 93.32
C ALA E 250 3.46 7.98 94.26
N HIS E 251 2.47 8.67 93.70
CA HIS E 251 1.39 9.25 94.49
C HIS E 251 0.05 8.56 94.29
N LEU E 252 0.09 7.34 93.75
CA LEU E 252 -1.13 6.54 93.58
C LEU E 252 -1.42 5.75 94.84
N ASN E 253 -2.15 6.38 95.76
CA ASN E 253 -2.44 5.80 97.06
C ASN E 253 -3.60 4.81 97.01
N ASN E 254 -4.51 5.02 96.07
CA ASN E 254 -5.71 4.21 95.96
C ASN E 254 -5.84 3.63 94.55
N ILE E 255 -5.24 2.47 94.33
CA ILE E 255 -5.28 1.82 93.03
C ILE E 255 -6.72 1.49 92.65
N PRO E 256 -7.50 0.93 93.59
CA PRO E 256 -8.91 0.63 93.24
C PRO E 256 -9.71 1.86 92.81
N ALA E 257 -9.53 2.99 93.49
CA ALA E 257 -10.27 4.20 93.15
C ALA E 257 -9.83 4.75 91.81
N ALA E 258 -8.54 4.59 91.51
CA ALA E 258 -7.99 5.04 90.25
C ALA E 258 -8.52 4.16 89.12
N LEU E 259 -8.62 2.86 89.41
CA LEU E 259 -9.15 1.91 88.45
C LEU E 259 -10.60 2.22 88.13
N GLU E 260 -11.33 2.71 89.13
CA GLU E 260 -12.74 3.07 88.94
C GLU E 260 -12.86 4.37 88.16
N THR E 261 -11.91 5.27 88.35
CA THR E 261 -11.86 6.52 87.59
C THR E 261 -11.59 6.23 86.13
N LEU E 262 -10.61 5.37 85.87
CA LEU E 262 -10.26 4.95 84.52
C LEU E 262 -11.47 4.30 83.86
N GLY E 263 -12.18 3.47 84.62
CA GLY E 263 -13.33 2.75 84.10
C GLY E 263 -14.48 3.67 83.74
N ASN E 264 -14.53 4.84 84.38
CA ASN E 264 -15.59 5.80 84.13
C ASN E 264 -15.27 6.73 82.97
N LYS E 265 -13.98 6.89 82.68
CA LYS E 265 -13.53 7.78 81.62
C LYS E 265 -13.25 7.03 80.32
N TYR E 266 -12.92 5.75 80.44
CA TYR E 266 -12.48 4.96 79.30
C TYR E 266 -13.24 3.65 79.14
N SER E 267 -13.01 3.00 78.00
CA SER E 267 -13.68 1.77 77.64
C SER E 267 -13.30 0.62 78.57
N ALA E 268 -14.06 -0.47 78.49
CA ALA E 268 -13.82 -1.64 79.32
C ALA E 268 -12.55 -2.38 78.90
N ASN E 269 -12.21 -2.31 77.61
CA ASN E 269 -11.00 -2.96 77.10
C ASN E 269 -9.74 -2.48 77.79
N LEU E 270 -9.60 -1.15 77.91
CA LEU E 270 -8.44 -0.55 78.57
C LEU E 270 -8.38 -0.94 80.04
N LYS E 271 -9.52 -0.86 80.71
CA LYS E 271 -9.60 -1.20 82.13
C LYS E 271 -9.18 -2.66 82.36
N SER E 272 -9.52 -3.52 81.41
CA SER E 272 -9.17 -4.93 81.50
C SER E 272 -7.67 -5.14 81.37
N ALA E 273 -7.05 -4.40 80.45
CA ALA E 273 -5.61 -4.49 80.23
C ALA E 273 -4.82 -4.01 81.44
N VAL E 274 -5.22 -2.86 81.98
CA VAL E 274 -4.55 -2.29 83.15
C VAL E 274 -4.68 -3.22 84.35
N ASN E 275 -5.86 -3.81 84.52
CA ASN E 275 -6.10 -4.73 85.62
C ASN E 275 -5.24 -5.98 85.51
N TRP E 276 -5.06 -6.47 84.29
CA TRP E 276 -4.23 -7.66 84.05
C TRP E 276 -2.78 -7.34 84.38
N LEU E 277 -2.36 -6.13 84.04
CA LEU E 277 -0.99 -5.68 84.30
C LEU E 277 -0.75 -5.52 85.80
N LEU E 278 -1.73 -4.97 86.50
CA LEU E 278 -1.60 -4.74 87.94
C LEU E 278 -1.78 -6.03 88.75
N ASP E 279 -2.72 -6.88 88.32
CA ASP E 279 -3.08 -8.07 89.08
C ASP E 279 -1.92 -9.04 89.26
N THR E 280 -1.75 -9.51 90.49
CA THR E 280 -0.74 -10.51 90.83
C THR E 280 -1.38 -11.68 91.58
N SER E 281 -2.71 -11.65 91.67
CA SER E 281 -3.45 -12.62 92.48
C SER E 281 -3.95 -13.79 91.63
N SER E 282 -3.85 -13.66 90.31
CA SER E 282 -4.33 -14.69 89.40
C SER E 282 -3.58 -16.02 89.52
N GLY E 283 -2.44 -15.99 90.21
CA GLY E 283 -1.63 -17.18 90.39
C GLY E 283 -0.97 -17.66 89.11
N GLU E 284 -1.11 -16.88 88.05
CA GLU E 284 -0.54 -17.21 86.75
C GLU E 284 0.60 -16.25 86.43
N THR E 285 1.74 -16.79 86.01
CA THR E 285 2.87 -15.96 85.63
C THR E 285 2.56 -15.14 84.38
N LYS E 286 2.74 -13.83 84.50
CA LYS E 286 2.49 -12.93 83.38
C LYS E 286 3.67 -12.95 82.40
N THR E 287 3.35 -13.07 81.12
CA THR E 287 4.36 -13.06 80.07
C THR E 287 3.97 -12.03 79.02
N ILE E 288 4.97 -11.47 78.35
CA ILE E 288 4.73 -10.50 77.29
C ILE E 288 3.99 -11.15 76.11
N GLU E 289 4.19 -12.46 75.93
CA GLU E 289 3.48 -13.21 74.89
C GLU E 289 1.98 -13.14 75.08
N HIS E 290 1.53 -13.41 76.31
CA HIS E 290 0.10 -13.37 76.62
C HIS E 290 -0.47 -11.97 76.48
N PHE E 291 0.28 -10.97 76.93
CA PHE E 291 -0.19 -9.59 76.87
C PHE E 291 -0.33 -9.12 75.43
N MSE E 292 0.65 -9.47 74.60
CA MSE E 292 0.62 -9.11 73.19
C MSE E 292 -0.59 -9.70 72.49
O MSE E 292 -1.17 -9.09 71.59
CB MSE E 292 1.90 -9.57 72.48
CG MSE E 292 3.10 -8.67 72.72
SE MSE E 292 4.62 -9.15 71.58
CE MSE E 292 4.90 -10.98 72.20
H MSE E 292 1.36 -9.90 74.84
HA MSE E 292 0.59 -8.14 73.12
HB2 MSE E 292 2.13 -10.46 72.80
HB3 MSE E 292 1.74 -9.60 71.53
HG2 MSE E 292 2.86 -7.76 72.52
HG3 MSE E 292 3.39 -8.75 73.64
HE1 MSE E 292 5.65 -11.36 71.71
HE2 MSE E 292 5.10 -10.96 73.15
HE3 MSE E 292 4.10 -11.49 72.03
N THR E 293 -0.99 -10.91 72.91
CA THR E 293 -2.11 -11.61 72.32
C THR E 293 -3.42 -10.86 72.56
N GLY E 294 -3.52 -10.22 73.73
CA GLY E 294 -4.73 -9.51 74.12
C GLY E 294 -4.91 -8.16 73.45
N ILE E 295 -3.84 -7.58 72.93
CA ILE E 295 -3.88 -6.30 72.22
C ILE E 295 -3.53 -6.46 70.74
N ALA E 296 -3.75 -7.65 70.20
CA ALA E 296 -3.36 -7.95 68.82
C ALA E 296 -3.97 -6.96 67.83
N SER E 297 -5.24 -6.62 68.02
CA SER E 297 -5.94 -5.70 67.14
C SER E 297 -5.31 -4.30 67.17
N GLN E 298 -5.03 -3.79 68.38
CA GLN E 298 -4.43 -2.46 68.53
C GLN E 298 -3.06 -2.41 67.86
N MSE E 299 -2.29 -3.49 68.04
CA MSE E 299 -0.97 -3.59 67.42
C MSE E 299 -1.05 -3.50 65.89
O MSE E 299 -0.16 -2.94 65.25
CB MSE E 299 -0.30 -4.90 67.84
CG MSE E 299 1.16 -4.99 67.45
SE MSE E 299 2.24 -3.64 68.37
CE MSE E 299 2.06 -4.31 70.20
H MSE E 299 -2.51 -4.17 68.51
HA MSE E 299 -0.43 -2.86 67.75
HB2 MSE E 299 -0.36 -4.99 68.79
HB3 MSE E 299 -0.77 -5.64 67.40
HG2 MSE E 299 1.50 -5.86 67.69
HG3 MSE E 299 1.25 -4.85 66.50
HE1 MSE E 299 2.56 -3.73 70.80
HE2 MSE E 299 1.12 -4.32 70.45
HE3 MSE E 299 2.42 -5.22 70.24
N THR E 300 -2.12 -4.05 65.32
CA THR E 300 -2.28 -4.03 63.87
C THR E 300 -2.59 -2.63 63.36
N THR E 301 -3.41 -1.89 64.12
CA THR E 301 -3.78 -0.55 63.73
C THR E 301 -2.57 0.36 63.67
N PHE E 302 -1.66 0.20 64.64
CA PHE E 302 -0.48 1.05 64.74
C PHE E 302 0.65 0.54 63.84
N PHE E 303 0.54 -0.70 63.37
CA PHE E 303 1.43 -1.18 62.31
C PHE E 303 1.10 -0.40 61.05
N ASP E 304 -0.20 -0.28 60.76
CA ASP E 304 -0.68 0.47 59.62
C ASP E 304 -0.25 1.94 59.70
N LEU E 305 -0.42 2.54 60.87
CA LEU E 305 -0.12 3.96 61.05
C LEU E 305 1.39 4.27 60.91
N ALA E 306 2.23 3.37 61.38
CA ALA E 306 3.66 3.54 61.20
C ALA E 306 4.01 3.51 59.70
N LEU E 307 3.39 2.59 58.96
CA LEU E 307 3.63 2.47 57.52
C LEU E 307 3.09 3.65 56.72
N GLN E 308 1.97 4.24 57.14
CA GLN E 308 1.43 5.39 56.43
C GLN E 308 2.36 6.58 56.65
N ASP E 309 2.95 6.66 57.84
CA ASP E 309 3.94 7.70 58.12
C ASP E 309 5.22 7.44 57.35
N ASN E 310 5.53 6.17 57.15
CA ASN E 310 6.66 5.76 56.30
C ASN E 310 6.51 6.34 54.91
N ASP E 311 5.30 6.23 54.38
CA ASP E 311 4.97 6.75 53.06
C ASP E 311 5.05 8.28 53.05
N GLU E 312 4.64 8.89 54.16
CA GLU E 312 4.65 10.34 54.29
C GLU E 312 6.07 10.87 54.23
N LYS E 313 6.98 10.25 54.97
CA LYS E 313 8.38 10.68 54.98
C LYS E 313 9.04 10.41 53.64
N LEU E 314 8.64 9.33 52.98
CA LEU E 314 9.19 8.99 51.66
C LEU E 314 8.76 10.03 50.63
N PHE E 315 7.54 10.52 50.75
CA PHE E 315 7.02 11.57 49.87
C PHE E 315 7.88 12.84 49.93
N HIS E 316 8.17 13.31 51.14
CA HIS E 316 8.97 14.51 51.33
C HIS E 316 10.43 14.29 50.92
N LEU E 317 10.94 13.11 51.22
CA LEU E 317 12.31 12.77 50.84
C LEU E 317 12.49 12.82 49.33
N ALA E 318 11.47 12.39 48.60
CA ALA E 318 11.53 12.38 47.14
C ALA E 318 11.62 13.81 46.60
N ARG E 319 10.96 14.73 47.28
CA ARG E 319 10.95 16.14 46.89
C ARG E 319 12.30 16.80 47.20
N GLU E 320 12.92 16.35 48.29
CA GLU E 320 14.14 16.96 48.82
C GLU E 320 15.46 16.35 48.31
N VAL E 321 15.39 15.18 47.70
CA VAL E 321 16.58 14.42 47.34
C VAL E 321 17.58 15.14 46.42
N GLU E 322 17.09 16.05 45.58
CA GLU E 322 17.96 16.78 44.67
C GLU E 322 18.83 17.84 45.38
N ASN E 323 18.44 18.23 46.59
CA ASN E 323 19.17 19.23 47.34
C ASN E 323 20.64 18.91 47.55
N GLY E 324 20.96 17.63 47.76
CA GLY E 324 22.33 17.20 47.90
C GLY E 324 23.15 17.45 46.64
N ARG E 325 22.59 17.11 45.48
CA ARG E 325 23.29 17.31 44.22
C ARG E 325 23.51 18.79 43.91
N ILE E 326 22.48 19.60 44.11
CA ILE E 326 22.59 21.04 43.92
C ILE E 326 23.70 21.58 44.82
N ALA E 327 23.71 21.14 46.07
CA ALA E 327 24.69 21.60 47.03
C ALA E 327 26.11 21.28 46.57
N ARG E 328 26.32 20.06 46.09
CA ARG E 328 27.64 19.66 45.65
C ARG E 328 28.08 20.43 44.40
N SER E 329 27.14 20.84 43.57
CA SER E 329 27.50 21.58 42.36
C SER E 329 28.02 22.96 42.73
N LEU E 330 27.36 23.58 43.70
CA LEU E 330 27.76 24.90 44.17
C LEU E 330 29.09 24.85 44.89
N MSE E 331 29.27 23.82 45.72
CA MSE E 331 30.53 23.64 46.44
C MSE E 331 31.66 23.39 45.47
O MSE E 331 32.76 23.94 45.62
CB MSE E 331 30.43 22.49 47.44
CG MSE E 331 29.47 22.73 48.60
SE MSE E 331 29.22 21.17 49.75
CE MSE E 331 31.06 20.59 49.76
H MSE E 331 28.68 23.21 45.88
HA MSE E 331 30.72 24.45 46.94
HB2 MSE E 331 30.13 21.69 46.98
HB3 MSE E 331 31.31 22.34 47.82
HG2 MSE E 331 29.81 23.45 49.15
HG3 MSE E 331 28.60 22.97 48.24
HE1 MSE E 331 31.14 19.79 50.30
HE2 MSE E 331 31.34 20.40 48.85
HE3 MSE E 331 31.62 21.29 50.13
N LYS E 332 31.41 22.53 44.49
CA LYS E 332 32.39 22.28 43.44
C LYS E 332 32.79 23.59 42.79
N LEU E 333 31.81 24.41 42.41
CA LEU E 333 32.13 25.70 41.80
C LEU E 333 33.01 26.54 42.73
N LEU E 334 32.70 26.58 44.01
CA LEU E 334 33.46 27.39 44.97
C LEU E 334 34.91 26.92 45.20
N THR E 335 35.18 25.62 45.12
CA THR E 335 36.53 25.11 45.32
C THR E 335 37.47 25.33 44.12
N ILE E 336 36.95 25.33 42.88
CA ILE E 336 37.82 25.44 41.70
C ILE E 336 38.36 26.86 41.54
N LEU E 337 37.53 27.84 41.83
CA LEU E 337 37.87 29.23 41.53
C LEU E 337 38.71 29.84 42.66
N GLU E 338 39.56 30.80 42.29
CA GLU E 338 40.41 31.50 43.26
C GLU E 338 41.41 30.60 44.00
N ARG E 339 42.25 29.91 43.23
CA ARG E 339 43.32 29.10 43.78
C ARG E 339 44.28 29.96 44.60
N ASP E 353 41.20 28.46 31.06
CA ASP E 353 39.87 27.90 31.28
C ASP E 353 39.22 28.48 32.53
N ARG E 354 40.03 28.83 33.52
CA ARG E 354 39.49 29.33 34.77
C ARG E 354 38.87 30.71 34.54
N TYR E 355 39.39 31.41 33.53
CA TYR E 355 38.90 32.75 33.24
C TYR E 355 37.45 32.72 32.74
N GLN E 356 37.14 31.79 31.83
CA GLN E 356 35.78 31.66 31.32
C GLN E 356 34.82 31.24 32.42
N LEU E 357 35.27 30.34 33.28
CA LEU E 357 34.48 29.92 34.43
C LEU E 357 34.17 31.11 35.34
N LYS E 358 35.11 32.05 35.40
CA LYS E 358 34.93 33.26 36.21
C LYS E 358 33.79 34.11 35.64
N LEU E 359 33.74 34.25 34.32
CA LEU E 359 32.66 35.03 33.69
C LEU E 359 31.33 34.32 33.87
N PHE E 360 31.37 32.99 33.87
CA PHE E 360 30.16 32.21 34.07
C PHE E 360 29.62 32.41 35.49
N ARG E 361 30.51 32.34 36.46
CA ARG E 361 30.11 32.63 37.84
C ARG E 361 29.51 34.03 37.93
N ASP E 362 30.14 34.99 37.26
CA ASP E 362 29.63 36.35 37.23
C ASP E 362 28.27 36.40 36.55
N TYR E 363 28.15 35.65 35.45
CA TYR E 363 26.90 35.59 34.70
C TYR E 363 25.76 35.06 35.54
N VAL E 364 26.04 34.11 36.41
CA VAL E 364 25.00 33.47 37.19
C VAL E 364 24.70 34.21 38.50
N PHE E 365 25.73 34.56 39.26
CA PHE E 365 25.54 35.06 40.62
C PHE E 365 25.72 36.58 40.77
N HIS E 366 26.25 37.24 39.73
CA HIS E 366 26.50 38.67 39.79
C HIS E 366 25.66 39.49 38.81
N ARG E 367 24.44 39.05 38.56
CA ARG E 367 23.57 39.80 37.65
C ARG E 367 23.32 41.19 38.20
N VAL E 368 23.29 42.18 37.30
CA VAL E 368 23.03 43.56 37.67
C VAL E 368 21.98 44.19 36.75
N ASP E 369 21.15 45.03 37.33
CA ASP E 369 20.12 45.74 36.58
C ASP E 369 20.76 46.81 35.71
N ALA E 370 19.96 47.48 34.88
CA ALA E 370 20.47 48.53 34.02
C ALA E 370 21.04 49.68 34.84
N ASP E 371 20.50 49.89 36.03
CA ASP E 371 20.95 50.96 36.91
C ASP E 371 22.31 50.65 37.55
N GLY E 372 22.65 49.37 37.60
CA GLY E 372 23.87 48.93 38.24
C GLY E 372 23.56 48.17 39.54
N LYS E 373 22.29 48.17 39.93
CA LYS E 373 21.86 47.47 41.13
C LYS E 373 21.93 45.96 40.92
N PRO E 374 22.29 45.21 41.98
CA PRO E 374 22.42 43.76 41.87
C PRO E 374 21.08 43.04 41.79
N ASN E 375 21.01 42.00 40.97
CA ASN E 375 19.80 41.19 40.86
C ASN E 375 20.01 39.83 41.53
N LEU E 376 19.07 39.49 42.41
CA LEU E 376 19.21 38.33 43.29
C LEU E 376 18.16 37.25 43.02
N SER E 377 17.63 37.22 41.80
CA SER E 377 16.62 36.22 41.45
C SER E 377 17.18 34.81 41.63
N ILE E 378 16.51 34.02 42.45
CA ILE E 378 16.96 32.68 42.77
C ILE E 378 16.73 31.71 41.59
N GLY E 379 15.65 31.96 40.84
CA GLY E 379 15.27 31.10 39.74
C GLY E 379 16.35 31.00 38.68
N HIS E 380 16.93 32.15 38.34
CA HIS E 380 18.02 32.23 37.38
C HIS E 380 19.23 31.42 37.83
N MSE E 381 19.57 31.52 39.11
CA MSE E 381 20.73 30.81 39.65
C MSE E 381 20.56 29.29 39.58
O MSE E 381 21.49 28.58 39.21
CB MSE E 381 20.98 31.23 41.09
CG MSE E 381 21.28 32.71 41.28
SE MSE E 381 21.49 33.18 43.17
CE MSE E 381 21.78 35.11 42.96
H MSE E 381 19.15 31.99 39.68
HA MSE E 381 21.51 31.06 39.13
HB2 MSE E 381 20.18 31.03 41.62
HB3 MSE E 381 21.73 30.72 41.44
HG2 MSE E 381 22.12 32.91 40.82
HG3 MSE E 381 20.56 33.23 40.90
HE1 MSE E 381 21.91 35.51 43.83
HE2 MSE E 381 22.58 35.25 42.42
HE3 MSE E 381 21.01 35.50 42.52
N LEU E 382 19.37 28.81 39.94
CA LEU E 382 19.09 27.38 39.91
C LEU E 382 19.05 26.85 38.48
N THR E 383 18.43 27.62 37.59
CA THR E 383 18.33 27.23 36.18
C THR E 383 19.71 27.07 35.55
N CYS E 384 20.60 28.03 35.81
CA CYS E 384 21.93 28.02 35.21
C CYS E 384 22.79 26.88 35.72
N MSE E 385 22.68 26.54 37.00
CA MSE E 385 23.42 25.43 37.55
C MSE E 385 22.83 24.11 37.10
O MSE E 385 23.53 23.09 37.01
CB MSE E 385 23.45 25.50 39.09
CG MSE E 385 24.19 26.71 39.63
SE MSE E 385 26.04 26.85 39.03
CE MSE E 385 26.74 25.19 39.80
H MSE E 385 22.17 26.95 37.56
HA MSE E 385 24.35 25.48 37.25
HB2 MSE E 385 22.54 25.53 39.40
HB3 MSE E 385 23.89 24.70 39.42
HG2 MSE E 385 23.72 27.52 39.35
HG3 MSE E 385 24.19 26.66 40.60
HE1 MSE E 385 27.68 25.12 39.57
HE2 MSE E 385 26.63 25.22 40.77
HE3 MSE E 385 26.26 24.44 39.43
N SER E 386 21.54 24.11 36.83
CA SER E 386 20.87 22.90 36.36
C SER E 386 21.30 22.63 34.92
N LYS E 387 21.29 23.67 34.09
CA LYS E 387 21.72 23.54 32.70
C LYS E 387 23.19 23.16 32.61
N LEU E 388 23.99 23.66 33.55
CA LEU E 388 25.41 23.33 33.60
C LEU E 388 25.61 21.86 33.91
N GLU E 389 24.89 21.38 34.91
CA GLU E 389 25.00 19.98 35.33
C GLU E 389 24.57 19.07 34.18
N ALA E 390 23.53 19.48 33.47
CA ALA E 390 22.98 18.69 32.36
C ALA E 390 23.82 18.82 31.09
N GLY E 391 24.66 19.85 31.02
CA GLY E 391 25.50 20.08 29.86
C GLY E 391 24.70 20.35 28.61
N VAL E 392 23.68 21.20 28.73
CA VAL E 392 22.77 21.52 27.64
C VAL E 392 23.56 22.19 26.49
N ASP E 393 23.11 21.96 25.26
CA ASP E 393 23.75 22.56 24.09
C ASP E 393 23.30 24.00 23.85
N GLU E 394 22.66 24.59 24.84
CA GLU E 394 22.22 25.97 24.76
C GLU E 394 23.40 26.93 24.96
N ASN E 395 23.45 27.99 24.16
CA ASN E 395 24.54 28.97 24.22
C ASN E 395 24.19 30.18 25.07
N ILE E 396 25.19 30.73 25.73
CA ILE E 396 25.05 31.97 26.48
C ILE E 396 26.14 32.96 26.06
N LEU E 397 25.86 34.24 26.27
CA LEU E 397 26.80 35.30 25.92
C LEU E 397 27.50 35.80 27.18
N LEU E 398 28.77 35.42 27.33
CA LEU E 398 29.58 35.89 28.45
C LEU E 398 30.36 37.16 28.08
N THR E 399 30.20 38.19 28.89
CA THR E 399 30.87 39.46 28.67
C THR E 399 31.77 39.80 29.85
N SER E 400 33.01 40.16 29.59
CA SER E 400 33.90 40.62 30.65
C SER E 400 33.38 41.97 31.15
N ARG E 401 33.79 42.37 32.34
CA ARG E 401 33.30 43.63 32.91
C ARG E 401 33.73 44.77 32.01
N ASP E 402 34.97 44.72 31.53
CA ASP E 402 35.39 45.55 30.41
C ASP E 402 34.61 45.03 29.21
N ASN E 403 33.86 45.90 28.54
CA ASN E 403 33.00 45.46 27.45
C ASN E 403 33.73 44.96 26.22
N GLU E 404 35.06 44.98 26.21
CA GLU E 404 35.78 44.65 24.98
C GLU E 404 35.87 43.17 24.60
N THR E 405 35.88 42.23 25.55
CA THR E 405 35.99 40.82 25.19
C THR E 405 34.72 40.07 25.55
N VAL E 406 34.27 39.23 24.61
CA VAL E 406 33.08 38.43 24.76
C VAL E 406 33.32 36.99 24.33
N PHE E 407 32.51 36.08 24.87
CA PHE E 407 32.65 34.66 24.55
C PHE E 407 31.27 34.08 24.33
N VAL E 408 31.10 33.37 23.22
CA VAL E 408 29.88 32.61 22.99
C VAL E 408 30.22 31.17 23.35
N LEU E 409 29.55 30.64 24.37
CA LEU E 409 29.81 29.29 24.83
C LEU E 409 28.51 28.54 25.15
N SER E 410 28.55 27.23 25.00
CA SER E 410 27.41 26.39 25.36
C SER E 410 27.63 25.80 26.75
N TYR E 411 26.55 25.45 27.43
CA TYR E 411 26.65 24.82 28.74
C TYR E 411 27.39 23.49 28.64
N ARG E 412 27.28 22.85 27.49
CA ARG E 412 28.00 21.60 27.27
C ARG E 412 29.50 21.85 27.38
N GLU E 413 29.95 22.95 26.77
CA GLU E 413 31.36 23.30 26.82
C GLU E 413 31.77 23.71 28.21
N LEU E 414 30.94 24.51 28.88
CA LEU E 414 31.23 24.95 30.24
C LEU E 414 31.31 23.78 31.21
N ARG E 415 30.45 22.78 31.02
CA ARG E 415 30.48 21.59 31.86
C ARG E 415 31.81 20.87 31.66
N GLN E 416 32.31 20.89 30.43
CA GLN E 416 33.56 20.25 30.10
C GLN E 416 34.71 20.88 30.89
N MSE E 417 34.78 22.21 30.86
CA MSE E 417 35.83 22.95 31.55
C MSE E 417 35.65 22.79 33.05
O MSE E 417 36.60 22.53 33.79
CB MSE E 417 35.79 24.42 31.17
CG MSE E 417 35.72 24.70 29.69
SE MSE E 417 35.27 26.56 29.32
CE MSE E 417 37.04 27.31 29.47
H MSE E 417 34.22 22.71 30.43
HA MSE E 417 36.69 22.60 31.29
HB2 MSE E 417 35.00 24.83 31.58
HB3 MSE E 417 36.59 24.86 31.51
HG2 MSE E 417 36.60 24.52 29.28
HG3 MSE E 417 35.05 24.13 29.28
HE1 MSE E 417 37.00 28.26 29.31
HE2 MSE E 417 37.39 27.14 30.36
HE3 MSE E 417 37.63 26.89 28.80
N TYR E 418 34.41 22.98 33.49
CA TYR E 418 34.02 22.80 34.88
C TYR E 418 34.51 21.47 35.43
N ASP E 419 34.31 20.40 34.66
CA ASP E 419 34.76 19.08 35.05
C ASP E 419 36.28 18.91 34.92
N ARG E 420 36.86 19.49 33.88
CA ARG E 420 38.30 19.38 33.66
C ARG E 420 39.07 20.12 34.74
N ALA E 421 38.56 21.27 35.15
CA ALA E 421 39.21 22.08 36.18
C ALA E 421 39.21 21.36 37.51
N PHE E 422 38.15 20.59 37.77
CA PHE E 422 38.01 19.89 39.04
C PHE E 422 38.91 18.65 39.13
N ASN E 423 38.85 17.81 38.10
CA ASN E 423 39.62 16.56 38.13
C ASN E 423 41.12 16.83 38.03
N GLU E 424 41.48 18.09 37.76
CA GLU E 424 42.86 18.52 37.84
C GLU E 424 43.26 18.66 39.31
N LEU E 425 42.32 19.10 40.13
CA LEU E 425 42.56 19.24 41.57
C LEU E 425 42.55 17.88 42.25
N VAL E 426 41.73 16.96 41.75
CA VAL E 426 41.71 15.59 42.25
C VAL E 426 43.04 14.92 41.91
N LYS E 427 43.62 15.32 40.79
CA LYS E 427 44.93 14.83 40.38
C LYS E 427 46.00 15.26 41.39
N ALA E 428 45.96 16.53 41.76
CA ALA E 428 46.92 17.09 42.70
C ALA E 428 46.83 16.43 44.08
N SER E 429 45.68 15.85 44.39
CA SER E 429 45.48 15.16 45.66
C SER E 429 45.73 13.67 45.51
N ARG F 11 15.47 -13.76 64.14
CA ARG F 11 14.89 -14.03 62.83
C ARG F 11 15.06 -12.90 61.82
N ALA F 12 14.14 -11.95 61.80
CA ALA F 12 14.18 -10.88 60.80
C ALA F 12 15.27 -9.86 61.11
N THR F 13 15.76 -9.21 60.06
CA THR F 13 16.80 -8.20 60.19
C THR F 13 16.15 -6.85 60.45
N TYR F 14 16.89 -5.91 61.02
CA TYR F 14 16.35 -4.58 61.32
C TYR F 14 16.01 -3.86 60.02
N ASP F 15 16.76 -4.14 58.95
CA ASP F 15 16.60 -3.44 57.68
C ASP F 15 15.54 -4.10 56.78
N PHE F 16 14.56 -4.76 57.41
CA PHE F 16 13.54 -5.50 56.68
C PHE F 16 12.81 -4.64 55.65
N PHE F 17 12.43 -3.43 56.05
CA PHE F 17 11.72 -2.51 55.17
C PHE F 17 12.65 -1.46 54.55
N MSE F 18 13.96 -1.69 54.64
CA MSE F 18 14.93 -0.69 54.21
C MSE F 18 15.52 -0.99 52.83
O MSE F 18 16.05 -2.08 52.61
CB MSE F 18 16.07 -0.59 55.23
CG MSE F 18 15.62 -0.15 56.62
SE MSE F 18 17.10 0.16 57.84
CE MSE F 18 16.09 0.38 59.49
H MSE F 18 14.31 -2.41 54.94
HA MSE F 18 14.49 0.17 54.18
HB2 MSE F 18 16.50 -1.46 55.32
HB3 MSE F 18 16.72 0.07 54.92
HG2 MSE F 18 15.11 0.66 56.54
HG3 MSE F 18 15.07 -0.85 57.00
HE1 MSE F 18 16.70 0.54 60.22
HE2 MSE F 18 15.48 1.12 59.39
HE3 MSE F 18 15.59 -0.44 59.66
N PRO F 19 15.41 -0.04 51.90
CA PRO F 19 16.13 -0.17 50.61
C PRO F 19 17.64 -0.16 50.79
N GLN F 20 18.36 -0.90 49.95
CA GLN F 20 19.82 -0.96 50.03
C GLN F 20 20.42 0.38 49.61
N ASN F 21 19.83 1.00 48.59
CA ASN F 21 20.28 2.31 48.12
C ASN F 21 19.06 3.18 47.85
N LEU F 22 18.68 3.96 48.86
CA LEU F 22 17.45 4.73 48.84
C LEU F 22 17.51 5.85 47.78
N ARG F 23 18.68 6.44 47.58
CA ARG F 23 18.80 7.56 46.64
C ARG F 23 18.54 7.10 45.20
N GLU F 24 19.25 6.08 44.73
CA GLU F 24 19.02 5.57 43.37
C GLU F 24 17.59 5.08 43.19
N ASP F 25 17.05 4.45 44.23
CA ASP F 25 15.71 3.92 44.19
C ASP F 25 14.73 5.06 43.91
N LEU F 26 14.92 6.17 44.59
CA LEU F 26 14.07 7.35 44.40
C LEU F 26 14.27 7.98 43.02
N GLN F 27 15.51 7.96 42.55
CA GLN F 27 15.82 8.51 41.23
C GLN F 27 15.17 7.66 40.14
N LYS F 28 15.32 6.34 40.22
CA LYS F 28 14.70 5.45 39.25
C LYS F 28 13.18 5.59 39.24
N LYS F 29 12.59 5.75 40.42
CA LYS F 29 11.14 5.86 40.52
C LYS F 29 10.63 7.19 39.99
N GLN F 30 11.41 8.25 40.20
CA GLN F 30 11.06 9.56 39.68
C GLN F 30 11.13 9.53 38.15
N PHE F 31 12.18 8.91 37.63
CA PHE F 31 12.36 8.76 36.19
C PHE F 31 11.19 7.98 35.57
N ALA F 32 10.80 6.88 36.22
CA ALA F 32 9.71 6.04 35.74
C ALA F 32 8.37 6.77 35.78
N THR F 33 8.25 7.71 36.71
CA THR F 33 7.01 8.47 36.91
C THR F 33 6.80 9.50 35.82
N LEU F 34 7.89 10.01 35.26
CA LEU F 34 7.82 11.11 34.31
C LEU F 34 7.75 10.65 32.85
N GLN F 35 8.02 9.37 32.59
CA GLN F 35 8.08 8.85 31.22
C GLN F 35 6.77 9.02 30.44
N VAL F 36 6.91 9.43 29.19
CA VAL F 36 5.78 9.53 28.27
C VAL F 36 6.16 9.00 26.89
N ILE F 37 5.18 8.51 26.15
CA ILE F 37 5.39 8.12 24.75
C ILE F 37 4.78 9.21 23.87
N PRO F 38 5.63 9.98 23.14
CA PRO F 38 5.17 11.17 22.41
C PRO F 38 3.94 10.91 21.53
N ASN F 39 4.01 9.91 20.66
CA ASN F 39 2.92 9.64 19.74
C ASN F 39 2.55 8.15 19.69
N SER F 40 1.68 7.75 20.62
CA SER F 40 1.18 6.39 20.67
C SER F 40 -0.27 6.35 20.19
N GLY F 41 -0.75 5.15 19.86
CA GLY F 41 -2.12 4.98 19.42
C GLY F 41 -3.12 5.14 20.55
N LEU F 42 -2.61 5.26 21.77
CA LEU F 42 -3.46 5.36 22.96
C LEU F 42 -4.18 6.70 22.98
N PRO F 43 -5.45 6.71 23.44
CA PRO F 43 -6.24 7.93 23.39
C PRO F 43 -6.05 8.85 24.59
N GLN F 44 -6.69 10.01 24.54
CA GLN F 44 -6.77 10.90 25.69
C GLN F 44 -8.20 10.93 26.23
N LEU F 45 -8.33 10.71 27.53
CA LEU F 45 -9.64 10.73 28.18
C LEU F 45 -9.98 12.15 28.60
N GLU F 46 -11.20 12.37 29.08
CA GLU F 46 -11.64 13.72 29.43
C GLU F 46 -10.76 14.35 30.51
N HIS F 47 -10.26 13.52 31.42
CA HIS F 47 -9.45 14.00 32.54
C HIS F 47 -8.09 13.29 32.64
N TRP F 48 -7.76 12.48 31.64
CA TRP F 48 -6.50 11.74 31.67
C TRP F 48 -5.75 11.87 30.35
N HIS F 49 -4.43 11.87 30.42
CA HIS F 49 -3.59 11.97 29.22
C HIS F 49 -2.20 11.38 29.48
N SER F 50 -1.42 11.25 28.41
CA SER F 50 -0.07 10.71 28.47
C SER F 50 -0.07 9.29 29.04
N LEU F 51 -0.96 8.43 28.53
CA LEU F 51 -1.03 7.06 29.01
C LEU F 51 0.21 6.27 28.62
N VAL F 52 0.71 5.46 29.56
CA VAL F 52 1.88 4.62 29.32
C VAL F 52 1.59 3.21 29.84
N PRO F 53 1.68 2.19 28.98
CA PRO F 53 1.38 0.83 29.47
C PRO F 53 2.37 0.32 30.51
N LEU F 54 1.87 -0.38 31.53
CA LEU F 54 2.74 -0.98 32.55
C LEU F 54 2.81 -2.51 32.39
N ASP F 55 1.89 -3.09 31.64
CA ASP F 55 1.92 -4.53 31.37
C ASP F 55 3.17 -4.97 30.61
N THR F 56 3.95 -5.86 31.22
CA THR F 56 5.13 -6.43 30.58
C THR F 56 4.72 -7.29 29.39
N SER F 57 3.66 -8.07 29.59
CA SER F 57 3.11 -8.94 28.55
C SER F 57 1.63 -8.67 28.37
N ASN F 58 1.24 -8.37 27.15
CA ASN F 58 -0.16 -8.16 26.80
C ASN F 58 -0.76 -9.53 26.49
N ARG F 59 -0.89 -10.36 27.52
CA ARG F 59 -1.46 -11.68 27.35
C ARG F 59 -2.94 -11.49 27.54
N LYS F 60 -3.72 -11.86 26.53
CA LYS F 60 -5.15 -11.63 26.61
C LYS F 60 -5.64 -12.68 27.58
N ASN F 61 -5.67 -12.29 28.86
CA ASN F 61 -6.03 -13.18 29.95
C ASN F 61 -7.25 -12.66 30.67
N THR F 62 -8.16 -13.56 31.00
CA THR F 62 -9.43 -13.20 31.57
C THR F 62 -9.63 -13.85 32.94
N SER F 63 -8.56 -14.47 33.44
CA SER F 63 -8.61 -15.30 34.63
C SER F 63 -9.12 -14.58 35.88
N CYS F 64 -8.66 -13.35 36.10
CA CYS F 64 -8.94 -12.67 37.34
C CYS F 64 -10.33 -12.05 37.40
N PHE F 65 -10.75 -11.39 36.32
CA PHE F 65 -11.99 -10.61 36.36
C PHE F 65 -13.02 -11.01 35.30
N GLY F 66 -12.69 -11.98 34.45
CA GLY F 66 -13.62 -12.36 33.40
C GLY F 66 -13.55 -11.40 32.21
N TYR F 67 -12.64 -10.43 32.30
CA TYR F 67 -12.37 -9.52 31.18
C TYR F 67 -10.87 -9.34 30.96
N PRO F 68 -10.46 -9.02 29.72
CA PRO F 68 -9.04 -8.68 29.55
C PRO F 68 -8.73 -7.36 30.25
N SER F 69 -7.63 -7.28 30.98
CA SER F 69 -7.32 -6.07 31.75
C SER F 69 -5.95 -5.46 31.42
N TRP F 70 -5.93 -4.15 31.19
CA TRP F 70 -4.67 -3.40 31.03
C TRP F 70 -4.49 -2.35 32.12
N VAL F 71 -3.22 -2.11 32.46
CA VAL F 71 -2.86 -1.08 33.44
C VAL F 71 -2.00 -0.01 32.78
N TYR F 72 -2.45 1.24 32.92
CA TYR F 72 -1.73 2.39 32.39
C TYR F 72 -1.31 3.36 33.48
N LYS F 73 -0.11 3.93 33.33
CA LYS F 73 0.23 5.14 34.05
C LYS F 73 -0.34 6.31 33.27
N ALA F 74 -1.17 7.11 33.92
CA ALA F 74 -1.78 8.27 33.29
C ALA F 74 -1.65 9.49 34.21
N GLN F 75 -1.63 10.68 33.60
CA GLN F 75 -1.56 11.91 34.35
C GLN F 75 -2.94 12.56 34.40
N ASN F 76 -3.39 12.89 35.62
CA ASN F 76 -4.67 13.53 35.79
C ASN F 76 -4.61 14.97 35.30
N SER F 77 -5.73 15.47 34.77
CA SER F 77 -5.75 16.80 34.18
C SER F 77 -6.02 17.88 35.22
N ARG F 78 -6.82 17.54 36.24
CA ARG F 78 -7.20 18.51 37.25
C ARG F 78 -6.04 18.91 38.17
N ASN F 79 -5.42 17.93 38.82
CA ASN F 79 -4.29 18.18 39.72
C ASN F 79 -2.90 17.88 39.15
N GLY F 80 -2.84 17.36 37.93
CA GLY F 80 -1.58 17.04 37.29
C GLY F 80 -0.74 15.93 37.89
N ARG F 81 -1.34 15.12 38.79
CA ARG F 81 -0.60 14.01 39.40
C ARG F 81 -0.82 12.72 38.61
N HIS F 82 0.09 11.77 38.79
CA HIS F 82 0.03 10.51 38.06
C HIS F 82 -0.74 9.44 38.83
N TYR F 83 -1.51 8.66 38.08
CA TYR F 83 -2.33 7.59 38.64
C TYR F 83 -2.19 6.32 37.80
N ALA F 84 -2.54 5.19 38.40
CA ALA F 84 -2.57 3.93 37.68
C ALA F 84 -4.00 3.65 37.23
N LEU F 85 -4.20 3.58 35.92
CA LEU F 85 -5.51 3.29 35.37
C LEU F 85 -5.62 1.83 35.00
N ARG F 86 -6.55 1.15 35.65
CA ARG F 86 -6.88 -0.23 35.29
C ARG F 86 -8.05 -0.25 34.31
N ARG F 87 -7.83 -0.84 33.14
CA ARG F 87 -8.86 -0.90 32.10
C ARG F 87 -9.41 -2.31 31.89
N LEU F 88 -10.72 -2.47 32.03
CA LEU F 88 -11.39 -3.71 31.64
C LEU F 88 -11.99 -3.58 30.24
N GLU F 89 -11.40 -4.28 29.28
CA GLU F 89 -11.84 -4.18 27.90
C GLU F 89 -13.16 -4.93 27.72
N GLY F 90 -14.09 -4.31 26.99
CA GLY F 90 -15.31 -4.98 26.60
C GLY F 90 -16.42 -4.99 27.65
N TYR F 91 -16.26 -4.21 28.72
CA TYR F 91 -17.29 -4.13 29.75
C TYR F 91 -18.35 -3.14 29.32
N ARG F 92 -19.59 -3.61 29.19
CA ARG F 92 -20.72 -2.77 28.79
C ARG F 92 -21.58 -2.41 29.99
N LEU F 93 -21.74 -1.11 30.24
CA LEU F 93 -22.50 -0.65 31.39
C LEU F 93 -23.99 -0.93 31.21
N THR F 94 -24.52 -1.77 32.10
CA THR F 94 -25.95 -2.10 32.08
C THR F 94 -26.63 -1.44 33.27
N ASN F 95 -25.88 -1.28 34.35
CA ASN F 95 -26.39 -0.72 35.60
C ASN F 95 -25.39 0.28 36.18
N GLU F 96 -25.79 1.54 36.25
CA GLU F 96 -24.93 2.58 36.79
C GLU F 96 -24.74 2.40 38.28
N LYS F 97 -25.69 1.69 38.90
CA LYS F 97 -25.70 1.47 40.33
C LYS F 97 -24.51 0.64 40.82
N ALA F 98 -23.97 -0.20 39.94
CA ALA F 98 -22.84 -1.03 40.31
C ALA F 98 -21.64 -0.14 40.62
N ILE F 99 -21.44 0.88 39.80
CA ILE F 99 -20.32 1.80 39.97
C ILE F 99 -20.54 2.68 41.19
N LEU F 100 -21.74 3.27 41.30
CA LEU F 100 -22.02 4.20 42.39
C LEU F 100 -21.96 3.54 43.77
N ASN F 101 -22.57 2.37 43.90
CA ASN F 101 -22.63 1.70 45.19
C ASN F 101 -21.29 1.17 45.64
N VAL F 102 -20.53 0.59 44.72
CA VAL F 102 -19.23 0.01 45.04
C VAL F 102 -18.23 1.11 45.36
N MSE F 103 -18.26 2.17 44.56
CA MSE F 103 -17.33 3.28 44.73
C MSE F 103 -17.63 4.04 46.01
O MSE F 103 -16.72 4.54 46.67
CB MSE F 103 -17.39 4.21 43.52
CG MSE F 103 -16.39 5.34 43.53
SE MSE F 103 -16.32 6.26 41.80
CE MSE F 103 -15.79 8.04 42.38
H MSE F 103 -18.81 2.27 43.90
HA MSE F 103 -16.43 2.91 44.78
HB2 MSE F 103 -17.23 3.69 42.71
HB3 MSE F 103 -18.28 4.61 43.48
HG2 MSE F 103 -16.64 5.99 44.20
HG3 MSE F 103 -15.50 4.99 43.72
HE1 MSE F 103 -15.72 8.61 41.60
HE2 MSE F 103 -16.46 8.38 42.98
HE3 MSE F 103 -14.93 7.98 42.83
N LYS F 104 -18.90 4.11 46.38
CA LYS F 104 -19.31 4.77 47.60
C LYS F 104 -18.78 4.06 48.85
N ASP F 105 -18.58 2.74 48.74
CA ASP F 105 -18.08 1.95 49.86
C ASP F 105 -16.56 2.01 49.96
N TRP F 106 -15.89 2.08 48.80
CA TRP F 106 -14.44 1.94 48.76
C TRP F 106 -13.66 3.27 48.80
N LYS F 107 -14.32 4.38 48.52
CA LYS F 107 -13.64 5.68 48.58
C LYS F 107 -13.26 6.00 50.02
N LYS F 108 -13.99 5.43 50.97
CA LYS F 108 -13.70 5.62 52.38
C LYS F 108 -12.35 5.01 52.75
N ILE F 109 -12.03 3.87 52.14
CA ILE F 109 -10.91 3.05 52.57
C ILE F 109 -9.56 3.71 52.35
N LYS F 110 -8.77 3.79 53.43
CA LYS F 110 -7.41 4.31 53.36
C LYS F 110 -6.53 3.46 54.27
N ASN F 111 -5.66 2.67 53.65
CA ASN F 111 -4.87 1.68 54.38
C ASN F 111 -3.52 1.47 53.72
N ALA F 112 -2.48 1.33 54.53
CA ALA F 112 -1.12 1.24 54.02
C ALA F 112 -0.89 0.00 53.16
N SER F 113 -1.76 -0.99 53.29
CA SER F 113 -1.58 -2.26 52.59
C SER F 113 -2.62 -2.46 51.48
N ILE F 114 -3.29 -1.38 51.12
CA ILE F 114 -4.27 -1.39 50.02
C ILE F 114 -4.03 -0.19 49.11
N VAL F 115 -3.96 -0.43 47.80
CA VAL F 115 -3.86 0.64 46.83
C VAL F 115 -5.21 1.34 46.74
N THR F 116 -5.23 2.63 47.05
CA THR F 116 -6.45 3.43 47.07
C THR F 116 -7.12 3.52 45.72
N ILE F 117 -8.44 3.39 45.71
CA ILE F 117 -9.23 3.65 44.50
C ILE F 117 -9.84 5.03 44.64
N HIS F 118 -9.85 5.77 43.54
CA HIS F 118 -10.33 7.15 43.55
C HIS F 118 -11.59 7.30 42.71
N GLU F 119 -11.67 6.52 41.63
CA GLU F 119 -12.72 6.72 40.64
C GLU F 119 -12.95 5.45 39.83
N VAL F 120 -14.18 5.31 39.34
CA VAL F 120 -14.53 4.22 38.43
C VAL F 120 -15.46 4.80 37.37
N PHE F 121 -15.13 4.57 36.11
CA PHE F 121 -15.91 5.14 35.02
C PHE F 121 -15.78 4.33 33.74
N THR F 122 -16.78 4.49 32.86
CA THR F 122 -16.77 3.84 31.56
C THR F 122 -16.28 4.82 30.50
N THR F 123 -15.67 4.29 29.45
CA THR F 123 -15.16 5.14 28.38
C THR F 123 -15.24 4.45 27.02
N ARG F 124 -15.37 5.27 25.97
CA ARG F 124 -15.45 4.78 24.60
C ARG F 124 -14.20 5.21 23.81
N GLU F 125 -13.26 5.87 24.49
CA GLU F 125 -12.10 6.46 23.83
C GLU F 125 -11.11 5.41 23.33
N PHE F 126 -11.23 4.18 23.84
CA PHE F 126 -10.35 3.07 23.46
C PHE F 126 -10.84 2.36 22.20
N GLY F 127 -11.97 2.81 21.66
CA GLY F 127 -12.54 2.20 20.47
C GLY F 127 -13.50 1.08 20.82
N ASP F 128 -13.88 1.01 22.10
CA ASP F 128 -14.80 -0.02 22.58
C ASP F 128 -15.40 0.43 23.90
N SER F 129 -16.33 -0.34 24.42
CA SER F 129 -16.84 -0.11 25.76
C SER F 129 -15.85 -0.70 26.77
N SER F 130 -15.17 0.18 27.49
CA SER F 130 -14.21 -0.23 28.51
C SER F 130 -14.58 0.33 29.87
N LEU F 131 -14.25 -0.41 30.92
CA LEU F 131 -14.46 0.05 32.29
C LEU F 131 -13.11 0.38 32.90
N ILE F 132 -12.98 1.59 33.42
CA ILE F 132 -11.71 2.10 33.94
C ILE F 132 -11.76 2.30 35.45
N PHE F 133 -10.76 1.75 36.14
CA PHE F 133 -10.59 1.96 37.58
C PHE F 133 -9.31 2.76 37.81
N ALA F 134 -9.44 3.89 38.50
CA ALA F 134 -8.29 4.78 38.76
C ALA F 134 -7.73 4.56 40.16
N TYR F 135 -6.48 4.13 40.23
CA TYR F 135 -5.80 3.84 41.49
C TYR F 135 -4.66 4.83 41.77
N ASP F 136 -4.16 4.83 43.00
CA ASP F 136 -2.86 5.43 43.30
C ASP F 136 -1.84 4.81 42.36
N PHE F 137 -0.74 5.50 42.11
CA PHE F 137 0.34 4.99 41.28
C PHE F 137 1.58 4.74 42.13
N HIS F 138 2.14 3.54 42.02
CA HIS F 138 3.36 3.18 42.75
C HIS F 138 4.46 2.78 41.77
N PRO F 139 5.39 3.69 41.46
CA PRO F 139 6.36 3.45 40.38
C PRO F 139 7.24 2.21 40.57
N LEU F 140 7.50 1.52 39.47
CA LEU F 140 8.34 0.33 39.44
C LEU F 140 7.86 -0.78 40.39
N SER F 141 6.54 -0.88 40.54
CA SER F 141 5.94 -1.98 41.31
C SER F 141 5.92 -3.27 40.50
N LYS F 142 6.19 -4.39 41.17
CA LYS F 142 6.05 -5.70 40.54
C LYS F 142 5.16 -6.61 41.38
N THR F 143 4.40 -7.46 40.70
CA THR F 143 3.48 -8.36 41.39
C THR F 143 4.28 -9.46 42.09
N LEU F 144 3.67 -10.06 43.11
CA LEU F 144 4.27 -11.20 43.78
C LEU F 144 4.47 -12.35 42.80
N GLN F 145 3.57 -12.44 41.81
CA GLN F 145 3.72 -13.46 40.79
C GLN F 145 5.01 -13.24 40.02
N GLU F 146 5.19 -12.00 39.53
CA GLU F 146 6.38 -11.63 38.78
C GLU F 146 7.66 -11.81 39.60
N HIS F 147 7.57 -11.56 40.91
CA HIS F 147 8.75 -11.57 41.76
C HIS F 147 9.16 -12.96 42.24
N HIS F 148 8.19 -13.78 42.63
CA HIS F 148 8.47 -15.09 43.24
C HIS F 148 8.23 -16.31 42.33
N PHE F 149 7.38 -16.16 41.32
CA PHE F 149 6.94 -17.29 40.49
C PHE F 149 7.49 -17.24 39.06
N GLN F 150 8.01 -16.09 38.67
CA GLN F 150 8.56 -15.92 37.32
C GLN F 150 9.64 -16.99 37.11
N PRO F 151 9.55 -17.74 36.00
CA PRO F 151 10.53 -18.82 35.79
C PRO F 151 11.96 -18.31 35.60
N ILE F 152 12.91 -19.11 36.11
CA ILE F 152 14.32 -18.73 36.13
C ILE F 152 15.07 -19.36 34.96
N PRO F 161 13.90 -18.97 43.83
CA PRO F 161 14.40 -19.59 45.06
C PRO F 161 13.34 -19.63 46.17
N ALA F 162 13.62 -20.37 47.23
CA ALA F 162 12.68 -20.48 48.35
C ALA F 162 12.51 -19.14 49.08
N VAL F 163 11.26 -18.83 49.41
CA VAL F 163 10.91 -17.60 50.13
C VAL F 163 11.22 -17.75 51.61
N PRO F 164 12.03 -16.83 52.19
CA PRO F 164 12.29 -16.91 53.63
C PRO F 164 11.02 -16.84 54.47
N GLU F 165 10.98 -17.56 55.58
CA GLU F 165 9.80 -17.59 56.41
C GLU F 165 9.47 -16.20 56.99
N ASN F 166 10.50 -15.43 57.37
CA ASN F 166 10.26 -14.09 57.93
C ASN F 166 9.60 -13.18 56.90
N THR F 167 9.92 -13.37 55.63
CA THR F 167 9.29 -12.63 54.55
C THR F 167 7.81 -12.97 54.44
N ILE F 168 7.48 -14.24 54.61
CA ILE F 168 6.09 -14.68 54.55
C ILE F 168 5.29 -14.10 55.71
N TRP F 169 5.85 -14.15 56.92
CA TRP F 169 5.18 -13.56 58.08
C TRP F 169 4.96 -12.06 57.86
N GLY F 170 5.94 -11.39 57.26
CA GLY F 170 5.79 -10.00 56.89
C GLY F 170 4.59 -9.82 55.97
N TYR F 171 4.48 -10.67 54.95
CA TYR F 171 3.35 -10.62 54.03
C TYR F 171 2.03 -10.87 54.76
N ILE F 172 2.02 -11.87 55.64
CA ILE F 172 0.81 -12.21 56.38
C ILE F 172 0.31 -11.02 57.22
N CYS F 173 1.23 -10.34 57.90
CA CYS F 173 0.84 -9.21 58.74
C CYS F 173 0.26 -8.06 57.92
N GLN F 174 0.80 -7.84 56.74
CA GLN F 174 0.35 -6.75 55.90
C GLN F 174 -1.01 -7.06 55.26
N ILE F 175 -1.22 -8.30 54.84
CA ILE F 175 -2.52 -8.70 54.32
C ILE F 175 -3.56 -8.68 55.46
N ALA F 176 -3.17 -9.18 56.62
CA ALA F 176 -4.05 -9.13 57.79
C ALA F 176 -4.47 -7.68 58.08
N ASN F 177 -3.51 -6.76 58.00
CA ASN F 177 -3.79 -5.33 58.17
C ASN F 177 -4.86 -4.86 57.19
N ALA F 178 -4.72 -5.23 55.92
CA ALA F 178 -5.70 -4.89 54.90
C ALA F 178 -7.07 -5.49 55.20
N LEU F 179 -7.09 -6.77 55.58
CA LEU F 179 -8.36 -7.44 55.84
C LEU F 179 -9.08 -6.85 57.06
N LYS F 180 -8.33 -6.33 58.02
CA LYS F 180 -8.94 -5.70 59.18
C LYS F 180 -9.81 -4.51 58.73
N THR F 181 -9.24 -3.66 57.89
CA THR F 181 -9.93 -2.47 57.43
C THR F 181 -11.07 -2.84 56.48
N ILE F 182 -10.81 -3.76 55.57
CA ILE F 182 -11.81 -4.17 54.59
C ILE F 182 -13.00 -4.85 55.27
N HIS F 183 -12.75 -5.83 56.12
CA HIS F 183 -13.85 -6.56 56.76
C HIS F 183 -14.62 -5.69 57.75
N SER F 184 -13.93 -4.78 58.43
CA SER F 184 -14.58 -3.90 59.39
C SER F 184 -15.56 -2.94 58.69
N ASN F 185 -15.36 -2.72 57.40
CA ASN F 185 -16.25 -1.86 56.64
C ASN F 185 -17.33 -2.65 55.89
N ARG F 186 -17.58 -3.87 56.34
CA ARG F 186 -18.61 -4.74 55.76
C ARG F 186 -18.35 -5.00 54.28
N LEU F 187 -17.08 -5.20 53.94
CA LEU F 187 -16.66 -5.49 52.57
C LEU F 187 -15.77 -6.72 52.58
N ALA F 188 -15.39 -7.17 51.39
CA ALA F 188 -14.48 -8.29 51.25
C ALA F 188 -13.41 -7.99 50.23
N ALA F 189 -12.22 -8.54 50.44
CA ALA F 189 -11.16 -8.53 49.45
C ALA F 189 -11.38 -9.69 48.49
N ARG F 190 -12.23 -9.49 47.50
CA ARG F 190 -12.62 -10.55 46.57
C ARG F 190 -11.40 -11.25 45.95
N CYS F 191 -10.35 -10.49 45.68
CA CYS F 191 -9.20 -10.98 44.91
C CYS F 191 -7.90 -10.96 45.71
N LEU F 192 -7.32 -12.14 45.93
CA LEU F 192 -6.05 -12.28 46.64
C LEU F 192 -5.00 -13.04 45.81
N GLU F 193 -5.15 -13.07 44.49
CA GLU F 193 -4.20 -13.76 43.64
C GLU F 193 -2.82 -13.07 43.68
N PRO F 194 -1.73 -13.84 43.51
CA PRO F 194 -0.38 -13.27 43.54
C PRO F 194 -0.12 -12.18 42.48
N SER F 195 -0.89 -12.19 41.40
CA SER F 195 -0.69 -11.22 40.33
C SER F 195 -1.36 -9.89 40.67
N LYS F 196 -2.17 -9.89 41.72
CA LYS F 196 -2.91 -8.69 42.11
C LYS F 196 -2.50 -8.22 43.51
N ILE F 197 -1.30 -8.63 43.92
CA ILE F 197 -0.62 -8.10 45.09
C ILE F 197 0.75 -7.62 44.62
N ILE F 198 1.02 -6.33 44.78
CA ILE F 198 2.24 -5.73 44.24
C ILE F 198 3.23 -5.33 45.33
N LEU F 199 4.50 -5.56 45.06
CA LEU F 199 5.59 -5.02 45.87
C LEU F 199 5.88 -3.60 45.42
N THR F 200 5.45 -2.62 46.21
CA THR F 200 5.69 -1.22 45.88
C THR F 200 7.06 -0.77 46.40
N ASP F 201 7.64 -1.59 47.26
CA ASP F 201 9.01 -1.39 47.76
C ASP F 201 9.47 -2.68 48.43
N ILE F 202 10.70 -2.72 48.89
CA ILE F 202 11.25 -3.95 49.48
C ILE F 202 10.37 -4.46 50.62
N ASN F 203 9.89 -5.70 50.46
CA ASN F 203 9.03 -6.38 51.43
C ASN F 203 7.76 -5.63 51.78
N ARG F 204 7.37 -4.68 50.92
CA ARG F 204 6.18 -3.88 51.15
C ARG F 204 5.11 -4.21 50.12
N ILE F 205 4.03 -4.86 50.56
CA ILE F 205 2.99 -5.31 49.64
C ILE F 205 1.67 -4.56 49.84
N ARG F 206 0.91 -4.44 48.75
CA ARG F 206 -0.38 -3.74 48.75
C ARG F 206 -1.34 -4.45 47.79
N LEU F 207 -2.62 -4.53 48.15
CA LEU F 207 -3.60 -5.16 47.26
C LEU F 207 -3.91 -4.20 46.11
N SER F 208 -3.61 -4.61 44.88
CA SER F 208 -3.66 -3.71 43.73
C SER F 208 -5.00 -3.65 43.00
N ALA F 209 -5.89 -4.61 43.26
CA ALA F 209 -7.13 -4.68 42.49
C ALA F 209 -8.36 -4.85 43.38
N CYS F 210 -8.65 -3.83 44.19
CA CYS F 210 -9.83 -3.85 45.05
C CYS F 210 -11.00 -3.15 44.39
N ALA F 211 -12.19 -3.68 44.66
CA ALA F 211 -13.49 -3.16 44.19
C ALA F 211 -13.81 -3.52 42.74
N ILE F 212 -12.88 -4.15 42.05
CA ILE F 212 -13.13 -4.54 40.66
C ILE F 212 -14.17 -5.66 40.60
N LEU F 213 -13.94 -6.73 41.36
CA LEU F 213 -14.90 -7.84 41.36
C LEU F 213 -16.24 -7.42 41.94
N ASP F 214 -16.23 -6.36 42.74
CA ASP F 214 -17.47 -5.84 43.32
C ASP F 214 -18.37 -5.33 42.19
N VAL F 215 -17.76 -4.72 41.19
CA VAL F 215 -18.50 -4.15 40.07
C VAL F 215 -18.87 -5.21 39.03
N VAL F 216 -17.93 -6.09 38.72
CA VAL F 216 -18.15 -7.11 37.71
C VAL F 216 -19.24 -8.09 38.13
N GLN F 217 -19.23 -8.47 39.41
CA GLN F 217 -20.16 -9.46 39.92
C GLN F 217 -21.37 -8.81 40.59
N PHE F 218 -21.55 -7.52 40.34
CA PHE F 218 -22.66 -6.78 40.95
C PHE F 218 -23.99 -7.37 40.51
N GLY F 219 -24.89 -7.59 41.45
CA GLY F 219 -26.19 -8.16 41.13
C GLY F 219 -26.21 -9.67 41.01
N MSE F 220 -25.50 -10.21 40.03
CA MSE F 220 -25.53 -11.64 39.77
C MSE F 220 -25.06 -12.44 40.98
O MSE F 220 -25.50 -13.57 41.19
CB MSE F 220 -24.66 -12.00 38.55
CG MSE F 220 -24.66 -13.49 38.22
SE MSE F 220 -26.46 -14.23 38.04
CE MSE F 220 -26.11 -16.09 38.51
H MSE F 220 -24.97 -9.77 39.51
HA MSE F 220 -26.44 -11.90 39.57
HB2 MSE F 220 -25.02 -11.53 37.78
HB3 MSE F 220 -23.76 -11.73 38.73
HG2 MSE F 220 -24.19 -13.63 37.37
HG3 MSE F 220 -24.21 -13.97 38.93
HE1 MSE F 220 -26.94 -16.59 38.47
HE2 MSE F 220 -25.46 -16.46 37.90
HE3 MSE F 220 -25.76 -16.12 39.42
N ASN F 221 -24.17 -11.86 41.77
CA ASN F 221 -23.76 -12.48 43.01
C ASN F 221 -24.91 -12.62 44.00
N SER F 222 -24.97 -13.77 44.67
CA SER F 222 -26.00 -14.07 45.66
C SER F 222 -25.39 -14.32 47.04
N ARG F 223 -24.09 -14.59 47.08
CA ARG F 223 -23.40 -14.84 48.34
C ARG F 223 -23.38 -13.58 49.19
N SER F 224 -23.49 -13.74 50.51
CA SER F 224 -23.53 -12.61 51.42
C SER F 224 -22.13 -12.07 51.72
N VAL F 225 -22.06 -10.97 52.46
CA VAL F 225 -20.79 -10.36 52.79
C VAL F 225 -19.93 -11.31 53.63
N VAL F 226 -20.54 -11.87 54.67
CA VAL F 226 -19.81 -12.75 55.58
C VAL F 226 -19.28 -13.97 54.82
N GLU F 227 -20.08 -14.48 53.88
CA GLU F 227 -19.66 -15.62 53.08
C GLU F 227 -18.46 -15.25 52.22
N LEU F 228 -18.50 -14.06 51.62
CA LEU F 228 -17.37 -13.58 50.83
C LEU F 228 -16.12 -13.42 51.70
N GLN F 229 -16.33 -13.06 52.95
CA GLN F 229 -15.21 -12.89 53.88
C GLN F 229 -14.60 -14.23 54.25
N GLN F 230 -15.43 -15.27 54.30
CA GLN F 230 -14.93 -16.62 54.55
C GLN F 230 -14.03 -17.04 53.38
N GLU F 231 -14.40 -16.62 52.18
CA GLU F 231 -13.62 -16.94 51.00
C GLU F 231 -12.26 -16.23 51.01
N ASP F 232 -12.22 -15.02 51.57
CA ASP F 232 -10.97 -14.27 51.69
C ASP F 232 -9.90 -15.06 52.45
N PHE F 233 -10.30 -15.74 53.51
CA PHE F 233 -9.36 -16.51 54.32
C PHE F 233 -8.84 -17.73 53.56
N VAL F 234 -9.72 -18.40 52.82
CA VAL F 234 -9.32 -19.55 52.01
C VAL F 234 -8.30 -19.10 50.96
N LYS F 235 -8.62 -18.03 50.24
CA LYS F 235 -7.72 -17.45 49.26
C LYS F 235 -6.41 -16.99 49.88
N PHE F 236 -6.50 -16.45 51.11
CA PHE F 236 -5.34 -16.04 51.88
C PHE F 236 -4.44 -17.26 52.13
N GLY F 237 -5.05 -18.35 52.60
CA GLY F 237 -4.32 -19.57 52.87
C GLY F 237 -3.67 -20.17 51.64
N LYS F 238 -4.34 -20.07 50.50
CA LYS F 238 -3.79 -20.58 49.26
C LYS F 238 -2.63 -19.71 48.75
N LEU F 239 -2.69 -18.41 49.06
CA LEU F 239 -1.60 -17.49 48.70
C LEU F 239 -0.31 -17.87 49.41
N ILE F 240 -0.40 -18.18 50.71
CA ILE F 240 0.78 -18.53 51.49
C ILE F 240 1.32 -19.86 50.96
N LEU F 241 0.42 -20.79 50.69
CA LEU F 241 0.76 -22.11 50.19
C LEU F 241 1.51 -22.02 48.86
N SER F 242 1.08 -21.13 47.99
CA SER F 242 1.75 -20.89 46.72
C SER F 242 3.20 -20.43 46.91
N LEU F 243 3.39 -19.49 47.83
CA LEU F 243 4.71 -18.93 48.07
C LEU F 243 5.65 -19.96 48.70
N ALA F 244 5.07 -20.83 49.52
CA ALA F 244 5.85 -21.85 50.20
C ALA F 244 6.23 -23.01 49.27
N THR F 245 5.35 -23.29 48.30
CA THR F 245 5.54 -24.44 47.42
C THR F 245 6.05 -24.05 46.04
N GLY F 246 5.80 -22.80 45.65
CA GLY F 246 6.27 -22.29 44.38
C GLY F 246 5.36 -22.60 43.20
N THR F 247 4.14 -23.04 43.48
CA THR F 247 3.15 -23.28 42.43
C THR F 247 1.96 -22.35 42.66
N LEU F 248 1.54 -21.68 41.59
CA LEU F 248 0.45 -20.71 41.63
C LEU F 248 -0.85 -21.32 42.20
N PRO F 249 -1.67 -20.51 42.89
CA PRO F 249 -2.90 -21.01 43.52
C PRO F 249 -3.84 -21.78 42.59
N ALA F 250 -4.02 -21.28 41.37
CA ALA F 250 -4.94 -21.87 40.41
C ALA F 250 -4.49 -23.26 39.95
N HIS F 251 -3.23 -23.59 40.22
CA HIS F 251 -2.65 -24.87 39.80
C HIS F 251 -2.41 -25.82 40.97
N LEU F 252 -3.02 -25.51 42.12
CA LEU F 252 -2.92 -26.35 43.31
C LEU F 252 -3.97 -27.45 43.32
N ASN F 253 -3.62 -28.63 42.77
CA ASN F 253 -4.55 -29.74 42.65
C ASN F 253 -4.69 -30.53 43.95
N ASN F 254 -3.63 -30.55 44.74
CA ASN F 254 -3.57 -31.36 45.95
C ASN F 254 -3.17 -30.54 47.17
N ILE F 255 -4.15 -29.96 47.84
CA ILE F 255 -3.90 -29.08 48.99
C ILE F 255 -3.20 -29.83 50.12
N PRO F 256 -3.67 -31.05 50.46
CA PRO F 256 -2.95 -31.78 51.51
C PRO F 256 -1.48 -32.00 51.19
N ALA F 257 -1.16 -32.26 49.92
CA ALA F 257 0.23 -32.47 49.52
C ALA F 257 1.03 -31.16 49.62
N ALA F 258 0.36 -30.05 49.36
CA ALA F 258 1.00 -28.74 49.45
C ALA F 258 1.26 -28.35 50.90
N LEU F 259 0.31 -28.67 51.77
CA LEU F 259 0.44 -28.38 53.21
C LEU F 259 1.58 -29.17 53.80
N GLU F 260 1.79 -30.37 53.28
CA GLU F 260 2.87 -31.23 53.75
C GLU F 260 4.22 -30.76 53.21
N THR F 261 4.22 -30.16 52.02
CA THR F 261 5.44 -29.57 51.49
C THR F 261 5.83 -28.39 52.36
N LEU F 262 4.84 -27.58 52.69
CA LEU F 262 5.01 -26.42 53.55
C LEU F 262 5.54 -26.82 54.93
N GLY F 263 5.01 -27.91 55.46
CA GLY F 263 5.40 -28.37 56.79
C GLY F 263 6.84 -28.79 56.90
N ASN F 264 7.44 -29.18 55.77
CA ASN F 264 8.83 -29.63 55.74
C ASN F 264 9.82 -28.50 55.54
N LYS F 265 9.35 -27.39 54.97
CA LYS F 265 10.20 -26.24 54.70
C LYS F 265 10.09 -25.17 55.79
N TYR F 266 8.95 -25.13 56.47
CA TYR F 266 8.67 -24.05 57.41
C TYR F 266 8.24 -24.54 58.78
N SER F 267 8.16 -23.63 59.73
CA SER F 267 7.85 -23.96 61.12
C SER F 267 6.43 -24.47 61.25
N ALA F 268 6.13 -25.09 62.39
CA ALA F 268 4.80 -25.61 62.66
C ALA F 268 3.81 -24.47 62.82
N ASN F 269 4.31 -23.33 63.30
CA ASN F 269 3.50 -22.15 63.49
C ASN F 269 2.88 -21.68 62.17
N LEU F 270 3.69 -21.62 61.12
CA LEU F 270 3.20 -21.23 59.81
C LEU F 270 2.19 -22.25 59.30
N LYS F 271 2.51 -23.53 59.43
CA LYS F 271 1.62 -24.60 58.96
C LYS F 271 0.27 -24.52 59.67
N SER F 272 0.30 -24.15 60.94
CA SER F 272 -0.91 -24.02 61.74
C SER F 272 -1.76 -22.85 61.28
N ALA F 273 -1.11 -21.73 60.96
CA ALA F 273 -1.81 -20.53 60.50
C ALA F 273 -2.51 -20.78 59.16
N VAL F 274 -1.76 -21.36 58.22
CA VAL F 274 -2.29 -21.66 56.90
C VAL F 274 -3.45 -22.65 57.02
N ASN F 275 -3.30 -23.63 57.91
CA ASN F 275 -4.34 -24.62 58.12
C ASN F 275 -5.63 -24.00 58.66
N TRP F 276 -5.47 -23.01 59.54
CA TRP F 276 -6.62 -22.30 60.09
C TRP F 276 -7.33 -21.51 59.00
N LEU F 277 -6.54 -20.91 58.10
CA LEU F 277 -7.07 -20.13 57.00
C LEU F 277 -7.81 -21.01 56.00
N LEU F 278 -7.25 -22.18 55.69
CA LEU F 278 -7.83 -23.08 54.71
C LEU F 278 -9.05 -23.82 55.22
N ASP F 279 -9.04 -24.17 56.51
CA ASP F 279 -10.09 -24.99 57.09
C ASP F 279 -11.46 -24.33 56.97
N THR F 280 -12.44 -25.12 56.52
CA THR F 280 -13.82 -24.66 56.40
C THR F 280 -14.78 -25.62 57.09
N SER F 281 -14.21 -26.63 57.78
CA SER F 281 -15.03 -27.68 58.37
C SER F 281 -15.36 -27.39 59.83
N SER F 282 -14.66 -26.44 60.43
CA SER F 282 -14.91 -26.08 61.82
C SER F 282 -16.29 -25.44 61.90
N GLY F 283 -16.97 -25.62 63.03
CA GLY F 283 -18.30 -25.06 63.21
C GLY F 283 -18.26 -23.60 63.59
N GLU F 284 -17.08 -23.01 63.58
CA GLU F 284 -16.90 -21.61 63.97
C GLU F 284 -16.57 -20.72 62.77
N THR F 285 -17.28 -19.61 62.66
CA THR F 285 -17.05 -18.62 61.63
C THR F 285 -15.69 -17.97 61.84
N LYS F 286 -14.89 -17.93 60.77
CA LYS F 286 -13.57 -17.31 60.84
C LYS F 286 -13.70 -15.78 60.77
N THR F 287 -13.00 -15.10 61.68
CA THR F 287 -13.01 -13.64 61.72
C THR F 287 -11.58 -13.14 61.71
N ILE F 288 -11.38 -11.96 61.16
CA ILE F 288 -10.05 -11.36 61.14
C ILE F 288 -9.60 -11.05 62.58
N GLU F 289 -10.56 -10.80 63.46
CA GLU F 289 -10.25 -10.59 64.89
C GLU F 289 -9.55 -11.80 65.51
N HIS F 290 -10.09 -12.99 65.30
CA HIS F 290 -9.49 -14.20 65.83
C HIS F 290 -8.13 -14.50 65.19
N PHE F 291 -8.01 -14.26 63.89
CA PHE F 291 -6.76 -14.53 63.18
C PHE F 291 -5.62 -13.64 63.67
N MSE F 292 -5.91 -12.36 63.89
CA MSE F 292 -4.89 -11.43 64.39
C MSE F 292 -4.34 -11.84 65.76
O MSE F 292 -3.13 -11.79 66.00
CB MSE F 292 -5.47 -10.01 64.49
CG MSE F 292 -5.63 -9.31 63.15
SE MSE F 292 -6.34 -7.51 63.33
CE MSE F 292 -8.04 -7.93 64.19
H MSE F 292 -6.68 -12.00 63.78
HA MSE F 292 -4.16 -11.40 63.75
HB2 MSE F 292 -6.34 -10.06 64.92
HB3 MSE F 292 -4.87 -9.47 65.04
HG2 MSE F 292 -4.77 -9.25 62.72
HG3 MSE F 292 -6.24 -9.83 62.61
HE1 MSE F 292 -8.53 -7.10 64.35
HE2 MSE F 292 -8.56 -8.50 63.60
HE3 MSE F 292 -7.86 -8.37 65.03
N THR F 293 -5.24 -12.29 66.63
CA THR F 293 -4.88 -12.72 67.98
C THR F 293 -3.79 -13.80 67.94
N GLY F 294 -3.84 -14.66 66.92
CA GLY F 294 -2.88 -15.74 66.78
C GLY F 294 -1.52 -15.33 66.23
N ILE F 295 -1.44 -14.17 65.58
CA ILE F 295 -0.17 -13.67 65.02
C ILE F 295 0.28 -12.39 65.72
N ALA F 296 -0.17 -12.20 66.96
CA ALA F 296 0.13 -10.98 67.71
C ALA F 296 1.63 -10.74 67.86
N SER F 297 2.38 -11.80 68.12
CA SER F 297 3.82 -11.70 68.29
C SER F 297 4.49 -11.20 67.01
N GLN F 298 4.10 -11.77 65.87
CA GLN F 298 4.65 -11.33 64.59
C GLN F 298 4.30 -9.88 64.31
N MSE F 299 3.07 -9.50 64.63
CA MSE F 299 2.58 -8.15 64.34
C MSE F 299 3.41 -7.10 65.09
O MSE F 299 3.65 -6.01 64.56
CB MSE F 299 1.11 -8.02 64.71
CG MSE F 299 0.43 -6.75 64.20
SE MSE F 299 0.34 -6.63 62.23
CE MSE F 299 -0.73 -8.24 61.89
H MSE F 299 2.50 -9.99 65.02
HA MSE F 299 2.66 -7.98 63.39
HB2 MSE F 299 0.63 -8.78 64.35
HB3 MSE F 299 1.03 -8.02 65.68
HG2 MSE F 299 -0.47 -6.73 64.54
HG3 MSE F 299 0.93 -5.99 64.52
HE1 MSE F 299 -0.87 -8.32 60.94
HE2 MSE F 299 -0.26 -9.01 62.23
HE3 MSE F 299 -1.58 -8.15 62.34
N THR F 300 3.83 -7.44 66.30
CA THR F 300 4.64 -6.54 67.11
C THR F 300 6.04 -6.39 66.51
N THR F 301 6.59 -7.48 65.99
CA THR F 301 7.91 -7.45 65.39
C THR F 301 7.95 -6.56 64.16
N PHE F 302 6.91 -6.62 63.33
CA PHE F 302 6.91 -5.83 62.10
C PHE F 302 6.41 -4.41 62.34
N PHE F 303 5.78 -4.19 63.49
CA PHE F 303 5.51 -2.84 63.95
C PHE F 303 6.84 -2.17 64.26
N ASP F 304 7.69 -2.88 64.98
CA ASP F 304 9.03 -2.40 65.32
C ASP F 304 9.85 -2.09 64.09
N LEU F 305 9.85 -3.02 63.14
CA LEU F 305 10.66 -2.89 61.93
C LEU F 305 10.20 -1.71 61.09
N ALA F 306 8.90 -1.47 61.07
CA ALA F 306 8.35 -0.30 60.38
C ALA F 306 8.85 1.01 61.01
N LEU F 307 8.89 1.07 62.33
CA LEU F 307 9.36 2.27 63.02
C LEU F 307 10.86 2.49 62.81
N GLN F 308 11.62 1.41 62.73
CA GLN F 308 13.06 1.53 62.53
C GLN F 308 13.34 2.07 61.14
N ASP F 309 12.52 1.67 60.17
CA ASP F 309 12.65 2.18 58.82
C ASP F 309 12.17 3.63 58.73
N ASN F 310 11.17 3.97 59.54
CA ASN F 310 10.74 5.36 59.64
C ASN F 310 11.91 6.24 60.10
N ASP F 311 12.66 5.75 61.07
CA ASP F 311 13.83 6.48 61.56
C ASP F 311 14.88 6.60 60.45
N GLU F 312 15.02 5.56 59.64
CA GLU F 312 16.00 5.57 58.56
C GLU F 312 15.64 6.65 57.53
N LYS F 313 14.35 6.70 57.18
CA LYS F 313 13.87 7.69 56.22
C LYS F 313 13.96 9.09 56.81
N LEU F 314 13.73 9.22 58.10
CA LEU F 314 13.83 10.52 58.77
C LEU F 314 15.27 11.00 58.78
N PHE F 315 16.21 10.07 58.99
CA PHE F 315 17.63 10.42 58.97
C PHE F 315 18.05 11.02 57.63
N HIS F 316 17.68 10.35 56.53
CA HIS F 316 18.05 10.81 55.19
C HIS F 316 17.31 12.09 54.84
N LEU F 317 16.03 12.16 55.21
CA LEU F 317 15.25 13.36 54.95
C LEU F 317 15.86 14.59 55.66
N ALA F 318 16.31 14.41 56.90
CA ALA F 318 16.91 15.52 57.65
C ALA F 318 18.21 15.96 56.99
N ARG F 319 18.94 15.01 56.43
CA ARG F 319 20.22 15.32 55.80
C ARG F 319 20.03 16.09 54.50
N GLU F 320 18.94 15.82 53.78
CA GLU F 320 18.72 16.47 52.49
C GLU F 320 18.04 17.82 52.66
N VAL F 321 17.29 17.99 53.75
CA VAL F 321 16.66 19.28 54.02
C VAL F 321 17.75 20.27 54.41
N GLU F 322 18.78 19.78 55.09
CA GLU F 322 19.89 20.62 55.50
C GLU F 322 20.76 20.94 54.29
N ASN F 323 20.82 20.01 53.33
CA ASN F 323 21.54 20.25 52.09
C ASN F 323 20.88 21.40 51.33
N GLY F 324 19.55 21.47 51.42
CA GLY F 324 18.80 22.55 50.83
C GLY F 324 19.19 23.88 51.46
N ARG F 325 19.31 23.90 52.79
CA ARG F 325 19.65 25.11 53.51
C ARG F 325 21.08 25.53 53.13
N ILE F 326 21.99 24.58 53.14
CA ILE F 326 23.38 24.83 52.77
C ILE F 326 23.47 25.40 51.34
N ALA F 327 22.71 24.83 50.41
CA ALA F 327 22.73 25.28 49.03
C ALA F 327 22.36 26.77 48.93
N ARG F 328 21.35 27.18 49.68
CA ARG F 328 20.94 28.58 49.67
C ARG F 328 21.99 29.47 50.34
N SER F 329 22.76 28.89 51.25
CA SER F 329 23.84 29.64 51.88
C SER F 329 25.01 29.80 50.91
N LEU F 330 25.28 28.76 50.14
CA LEU F 330 26.37 28.78 49.18
C LEU F 330 26.09 29.75 48.05
N MSE F 331 24.82 29.82 47.63
CA MSE F 331 24.42 30.74 46.59
C MSE F 331 24.63 32.19 47.03
O MSE F 331 25.20 32.99 46.30
CB MSE F 331 22.96 30.50 46.20
CG MSE F 331 22.78 29.26 45.33
SE MSE F 331 20.99 29.09 44.57
CE MSE F 331 20.09 28.18 46.05
H MSE F 331 24.19 29.34 47.94
HA MSE F 331 24.97 30.58 45.80
HB2 MSE F 331 22.44 30.39 47.00
HB3 MSE F 331 22.64 31.27 45.69
HG2 MSE F 331 23.41 29.30 44.60
HG3 MSE F 331 22.94 28.48 45.88
HE1 MSE F 331 19.17 28.03 45.81
HE2 MSE F 331 20.54 27.34 46.22
HE3 MSE F 331 20.14 28.74 46.84
N LYS F 332 24.17 32.52 48.23
CA LYS F 332 24.39 33.84 48.79
C LYS F 332 25.89 34.13 48.88
N LEU F 333 26.66 33.16 49.33
CA LEU F 333 28.10 33.32 49.43
C LEU F 333 28.73 33.69 48.08
N LEU F 334 28.33 32.99 47.03
CA LEU F 334 28.85 33.26 45.68
C LEU F 334 28.44 34.63 45.17
N THR F 335 27.27 35.09 45.60
CA THR F 335 26.75 36.38 45.17
C THR F 335 27.54 37.51 45.80
N ILE F 336 28.00 37.29 47.04
CA ILE F 336 28.70 38.33 47.79
C ILE F 336 30.14 38.52 47.35
N LEU F 337 30.86 37.43 47.12
CA LEU F 337 32.30 37.52 46.91
C LEU F 337 32.69 37.80 45.45
N GLU F 338 33.77 38.56 45.29
CA GLU F 338 34.34 38.95 44.00
C GLU F 338 33.30 39.64 43.12
N ARG F 339 32.45 40.45 43.71
CA ARG F 339 31.47 41.20 42.93
C ARG F 339 32.14 42.18 41.97
N GLY F 340 31.37 42.73 41.04
CA GLY F 340 31.88 43.63 40.02
C GLY F 340 31.91 45.10 40.42
N ASP F 341 30.80 45.59 40.99
CA ASP F 341 30.67 47.00 41.37
C ASP F 341 30.77 47.89 40.13
N VAL F 345 30.36 50.90 46.73
CA VAL F 345 31.71 51.39 46.98
C VAL F 345 32.73 50.54 46.24
N PRO F 346 33.92 51.11 45.96
CA PRO F 346 34.98 50.36 45.24
C PRO F 346 35.63 49.29 46.12
N SER F 347 36.01 48.17 45.51
CA SER F 347 36.65 47.07 46.20
C SER F 347 35.77 46.55 47.34
N TRP F 348 34.46 46.66 47.15
CA TRP F 348 33.50 46.31 48.19
C TRP F 348 33.66 44.88 48.71
N SER F 349 33.96 43.95 47.80
CA SER F 349 34.11 42.55 48.19
C SER F 349 35.49 42.26 48.78
N GLU F 350 36.39 43.23 48.71
CA GLU F 350 37.75 43.05 49.18
C GLU F 350 38.00 43.73 50.53
N THR F 351 37.01 44.46 51.03
CA THR F 351 37.18 45.27 52.22
C THR F 351 36.12 44.99 53.30
N GLY F 352 36.42 45.37 54.53
CA GLY F 352 35.49 45.25 55.63
C GLY F 352 35.11 43.81 55.92
N ASP F 353 33.82 43.56 55.98
CA ASP F 353 33.31 42.24 56.31
C ASP F 353 33.53 41.17 55.22
N ARG F 354 33.49 41.58 53.97
CA ARG F 354 33.54 40.61 52.87
C ARG F 354 34.93 39.99 52.77
N TYR F 355 35.93 40.72 53.27
CA TYR F 355 37.30 40.22 53.26
C TYR F 355 37.42 38.99 54.17
N GLN F 356 36.78 39.05 55.33
CA GLN F 356 36.76 37.91 56.25
C GLN F 356 35.97 36.75 55.63
N LEU F 357 34.86 37.08 54.97
CA LEU F 357 34.06 36.07 54.31
C LEU F 357 34.88 35.37 53.23
N LYS F 358 35.78 36.10 52.60
CA LYS F 358 36.68 35.52 51.61
C LYS F 358 37.63 34.50 52.23
N LEU F 359 38.18 34.85 53.39
CA LEU F 359 39.10 33.95 54.08
C LEU F 359 38.37 32.72 54.61
N PHE F 360 37.11 32.90 54.99
CA PHE F 360 36.28 31.79 55.44
C PHE F 360 36.05 30.80 54.30
N ARG F 361 35.73 31.34 53.12
CA ARG F 361 35.59 30.51 51.93
C ARG F 361 36.85 29.69 51.70
N ASP F 362 38.01 30.32 51.87
CA ASP F 362 39.28 29.64 51.68
C ASP F 362 39.43 28.52 52.70
N TYR F 363 39.05 28.80 53.93
CA TYR F 363 39.15 27.83 55.02
C TYR F 363 38.30 26.59 54.73
N VAL F 364 37.15 26.80 54.09
CA VAL F 364 36.19 25.73 53.84
C VAL F 364 36.47 24.99 52.52
N PHE F 365 36.64 25.73 51.43
CA PHE F 365 36.69 25.12 50.09
C PHE F 365 38.09 25.05 49.49
N HIS F 366 39.05 25.75 50.08
CA HIS F 366 40.42 25.77 49.58
C HIS F 366 41.34 25.08 50.59
N ARG F 367 40.81 24.09 51.27
CA ARG F 367 41.57 23.34 52.26
C ARG F 367 42.76 22.65 51.59
N VAL F 368 43.91 22.70 52.25
CA VAL F 368 45.13 22.06 51.74
C VAL F 368 45.85 21.31 52.85
N ASP F 369 46.42 20.16 52.51
CA ASP F 369 47.19 19.37 53.47
C ASP F 369 48.53 20.04 53.76
N ALA F 370 49.25 19.49 54.72
CA ALA F 370 50.58 20.00 55.08
C ALA F 370 51.56 19.84 53.92
N ASP F 371 51.35 18.81 53.10
CA ASP F 371 52.23 18.52 51.97
C ASP F 371 52.02 19.53 50.85
N GLY F 372 50.87 20.18 50.84
CA GLY F 372 50.52 21.16 49.83
C GLY F 372 49.45 20.69 48.87
N LYS F 373 49.10 19.41 48.94
CA LYS F 373 48.04 18.87 48.08
C LYS F 373 46.69 19.39 48.53
N PRO F 374 45.77 19.66 47.58
CA PRO F 374 44.46 20.17 47.96
C PRO F 374 43.60 19.08 48.59
N ASN F 375 42.82 19.43 49.61
CA ASN F 375 41.94 18.47 50.25
C ASN F 375 40.49 18.76 49.87
N LEU F 376 39.81 17.71 49.41
CA LEU F 376 38.48 17.83 48.84
C LEU F 376 37.44 17.09 49.68
N SER F 377 37.74 16.93 50.97
CA SER F 377 36.83 16.26 51.88
C SER F 377 35.49 17.00 51.91
N ILE F 378 34.42 16.29 51.60
CA ILE F 378 33.10 16.89 51.52
C ILE F 378 32.59 17.19 52.93
N GLY F 379 33.00 16.34 53.88
CA GLY F 379 32.55 16.44 55.26
C GLY F 379 32.93 17.75 55.93
N HIS F 380 34.17 18.17 55.76
CA HIS F 380 34.63 19.43 56.34
C HIS F 380 33.80 20.58 55.82
N MSE F 381 33.47 20.53 54.54
CA MSE F 381 32.74 21.62 53.90
C MSE F 381 31.31 21.71 54.42
O MSE F 381 30.84 22.80 54.74
CB MSE F 381 32.77 21.46 52.38
CG MSE F 381 34.19 21.52 51.79
SE MSE F 381 34.34 21.08 49.88
CE MSE F 381 36.28 21.18 49.68
H MSE F 381 33.64 19.87 54.01
HA MSE F 381 33.20 22.46 54.12
HB2 MSE F 381 32.39 20.59 52.15
HB3 MSE F 381 32.24 22.16 51.98
HG2 MSE F 381 34.53 22.42 51.91
HG3 MSE F 381 34.76 20.90 52.28
HE1 MSE F 381 36.51 20.98 48.76
HE2 MSE F 381 36.58 22.08 49.91
HE3 MSE F 381 36.70 20.53 50.28
N LEU F 382 30.62 20.59 54.50
CA LEU F 382 29.23 20.57 54.96
C LEU F 382 29.12 20.97 56.44
N THR F 383 30.02 20.46 57.27
CA THR F 383 30.00 20.78 58.69
C THR F 383 30.16 22.28 58.92
N CYS F 384 31.08 22.89 58.17
CA CYS F 384 31.34 24.31 58.35
C CYS F 384 30.15 25.17 57.93
N MSE F 385 29.43 24.77 56.89
CA MSE F 385 28.30 25.56 56.42
C MSE F 385 27.11 25.43 57.37
O MSE F 385 26.34 26.38 57.52
CB MSE F 385 27.90 25.14 55.01
CG MSE F 385 28.96 25.42 53.95
SE MSE F 385 29.55 27.28 53.81
CE MSE F 385 27.83 28.13 53.46
H MSE F 385 29.58 24.06 56.45
HA MSE F 385 28.57 26.49 56.39
HB2 MSE F 385 27.72 24.19 55.01
HB3 MSE F 385 27.10 25.63 54.76
HG2 MSE F 385 29.74 24.88 54.15
HG3 MSE F 385 28.59 25.16 53.08
HE1 MSE F 385 27.96 29.09 53.36
HE2 MSE F 385 27.46 27.77 52.63
HE3 MSE F 385 27.22 27.96 54.19
N SER F 386 26.97 24.27 58.01
CA SER F 386 25.91 24.06 58.98
C SER F 386 26.19 24.87 60.25
N LYS F 387 27.43 24.85 60.70
CA LYS F 387 27.82 25.63 61.87
C LYS F 387 27.63 27.11 61.58
N LEU F 388 27.81 27.52 60.32
CA LEU F 388 27.60 28.91 59.93
C LEU F 388 26.14 29.32 60.07
N GLU F 389 25.23 28.49 59.55
CA GLU F 389 23.80 28.77 59.64
C GLU F 389 23.32 28.80 61.07
N ALA F 390 23.86 27.89 61.88
CA ALA F 390 23.47 27.77 63.28
C ALA F 390 24.14 28.84 64.14
N GLY F 391 25.19 29.48 63.60
CA GLY F 391 25.89 30.51 64.35
C GLY F 391 26.50 29.97 65.62
N VAL F 392 27.17 28.82 65.51
CA VAL F 392 27.76 28.15 66.67
C VAL F 392 28.81 29.04 67.34
N ASP F 393 28.89 28.95 68.67
CA ASP F 393 29.90 29.67 69.43
C ASP F 393 31.21 28.88 69.49
N GLU F 394 31.63 28.39 68.33
CA GLU F 394 32.90 27.70 68.16
C GLU F 394 33.85 28.57 67.35
N ASN F 395 35.13 28.60 67.72
CA ASN F 395 36.11 29.46 67.05
C ASN F 395 36.88 28.72 65.94
N ILE F 396 37.19 29.43 64.87
CA ILE F 396 38.09 28.91 63.84
C ILE F 396 39.19 29.92 63.51
N LEU F 397 40.30 29.41 63.00
CA LEU F 397 41.46 30.23 62.66
C LEU F 397 41.48 30.49 61.16
N LEU F 398 41.19 31.73 60.79
CA LEU F 398 41.22 32.11 59.38
C LEU F 398 42.64 32.55 59.06
N THR F 399 43.17 32.03 57.96
CA THR F 399 44.53 32.31 57.55
C THR F 399 44.47 33.11 56.26
N SER F 400 45.19 34.23 56.23
CA SER F 400 45.25 35.07 55.05
C SER F 400 46.00 34.35 53.93
N ARG F 401 45.80 34.80 52.70
CA ARG F 401 46.46 34.18 51.55
C ARG F 401 47.97 34.38 51.61
N ASP F 402 48.40 35.59 51.95
CA ASP F 402 49.78 35.83 52.35
C ASP F 402 50.09 35.15 53.69
N ASN F 403 49.03 34.80 54.42
CA ASN F 403 49.08 34.11 55.72
C ASN F 403 49.94 34.77 56.79
N GLU F 404 50.45 35.97 56.51
CA GLU F 404 51.28 36.67 57.47
C GLU F 404 50.39 37.15 58.61
N THR F 405 49.11 37.38 58.29
CA THR F 405 48.11 37.82 59.25
C THR F 405 47.01 36.77 59.36
N VAL F 406 46.53 36.55 60.58
CA VAL F 406 45.45 35.59 60.83
C VAL F 406 44.36 36.21 61.72
N PHE F 407 43.16 35.64 61.65
CA PHE F 407 42.02 36.14 62.42
C PHE F 407 41.25 34.99 63.08
N VAL F 408 40.98 35.15 64.36
CA VAL F 408 40.15 34.22 65.11
C VAL F 408 38.72 34.73 65.19
N LEU F 409 37.80 33.95 64.62
CA LEU F 409 36.38 34.30 64.60
C LEU F 409 35.51 33.10 64.93
N SER F 410 34.34 33.39 65.47
CA SER F 410 33.35 32.35 65.76
C SER F 410 32.36 32.29 64.61
N TYR F 411 31.70 31.15 64.42
CA TYR F 411 30.69 31.01 63.38
C TYR F 411 29.55 32.00 63.64
N ARG F 412 29.30 32.29 64.91
CA ARG F 412 28.26 33.25 65.28
C ARG F 412 28.61 34.63 64.71
N GLU F 413 29.89 34.98 64.81
CA GLU F 413 30.37 36.25 64.28
C GLU F 413 30.35 36.23 62.74
N LEU F 414 30.80 35.13 62.16
CA LEU F 414 30.80 34.99 60.70
C LEU F 414 29.39 35.06 60.14
N ARG F 415 28.42 34.50 60.84
CA ARG F 415 27.03 34.59 60.39
C ARG F 415 26.56 36.03 60.41
N GLN F 416 27.02 36.78 61.41
CA GLN F 416 26.65 38.17 61.55
C GLN F 416 27.17 38.97 60.36
N MSE F 417 28.46 38.78 60.05
CA MSE F 417 29.07 39.46 58.91
C MSE F 417 28.38 39.02 57.63
O MSE F 417 28.09 39.83 56.75
CB MSE F 417 30.57 39.15 58.84
CG MSE F 417 31.33 39.49 60.10
SE MSE F 417 33.16 38.82 60.07
CE MSE F 417 34.00 40.38 59.29
H MSE F 417 28.99 38.27 60.48
HA MSE F 417 28.97 40.42 59.01
HB2 MSE F 417 30.68 38.20 58.67
HB3 MSE F 417 30.95 39.66 58.11
HG2 MSE F 417 31.37 40.45 60.20
HG3 MSE F 417 30.88 39.09 60.86
HE1 MSE F 417 34.95 40.21 59.20
HE2 MSE F 417 33.61 40.53 58.41
HE3 MSE F 417 33.85 41.13 59.87
N TYR F 418 28.15 37.72 57.55
CA TYR F 418 27.52 37.09 56.40
C TYR F 418 26.12 37.65 56.11
N ASP F 419 25.30 37.80 57.14
CA ASP F 419 23.95 38.33 56.96
C ASP F 419 24.01 39.81 56.63
N ARG F 420 24.94 40.52 57.26
CA ARG F 420 25.08 41.95 57.03
C ARG F 420 25.58 42.22 55.61
N ALA F 421 26.50 41.41 55.11
CA ALA F 421 27.03 41.62 53.76
C ALA F 421 25.95 41.40 52.70
N PHE F 422 25.05 40.46 52.95
CA PHE F 422 24.03 40.12 51.97
C PHE F 422 22.91 41.15 51.90
N ASN F 423 22.41 41.59 53.06
CA ASN F 423 21.29 42.52 53.08
C ASN F 423 21.65 43.91 52.57
N GLU F 424 22.94 44.15 52.28
CA GLU F 424 23.35 45.36 51.60
C GLU F 424 22.91 45.31 50.14
N LEU F 425 22.95 44.10 49.58
CA LEU F 425 22.52 43.88 48.20
C LEU F 425 21.00 43.92 48.12
N VAL F 426 20.33 43.45 49.18
CA VAL F 426 18.89 43.53 49.26
C VAL F 426 18.45 44.99 49.36
N LYS F 427 19.28 45.82 49.98
CA LYS F 427 19.02 47.25 50.06
C LYS F 427 19.07 47.85 48.66
N ALA F 428 20.11 47.52 47.91
CA ALA F 428 20.26 48.03 46.55
C ALA F 428 19.13 47.54 45.66
N SER F 429 18.52 46.42 46.04
CA SER F 429 17.39 45.85 45.30
C SER F 429 17.75 45.61 43.84
N GLN G 10 -16.95 -23.91 -4.67
CA GLN G 10 -16.93 -25.27 -4.14
C GLN G 10 -18.27 -25.59 -3.47
N ARG G 11 -18.29 -26.51 -2.51
CA ARG G 11 -19.54 -26.91 -1.85
C ARG G 11 -19.47 -26.93 -0.33
N ALA G 12 -20.42 -26.21 0.27
CA ALA G 12 -20.52 -26.08 1.72
C ALA G 12 -21.09 -27.34 2.34
N THR G 13 -20.86 -27.50 3.64
CA THR G 13 -21.32 -28.64 4.40
C THR G 13 -22.77 -28.45 4.82
N TYR G 14 -23.39 -29.54 5.27
CA TYR G 14 -24.81 -29.59 5.62
C TYR G 14 -25.27 -28.63 6.72
N ASP G 15 -24.40 -28.29 7.66
CA ASP G 15 -24.81 -27.47 8.81
C ASP G 15 -24.69 -25.96 8.52
N PHE G 16 -24.82 -25.59 7.25
CA PHE G 16 -24.63 -24.21 6.80
C PHE G 16 -25.49 -23.20 7.55
N PHE G 17 -26.76 -23.52 7.75
CA PHE G 17 -27.67 -22.62 8.46
C PHE G 17 -27.86 -23.01 9.92
N MSE G 18 -27.09 -23.98 10.41
CA MSE G 18 -27.28 -24.52 11.76
C MSE G 18 -26.36 -23.85 12.80
O MSE G 18 -25.15 -23.99 12.72
CB MSE G 18 -27.06 -26.03 11.77
CG MSE G 18 -27.98 -26.81 10.85
SE MSE G 18 -27.62 -28.73 10.87
CE MSE G 18 -28.65 -29.27 9.30
H MSE G 18 -26.42 -24.34 9.98
HA MSE G 18 -28.21 -24.35 12.01
HB2 MSE G 18 -26.14 -26.21 11.49
HB3 MSE G 18 -27.19 -26.36 12.67
HG2 MSE G 18 -28.90 -26.67 11.13
HG3 MSE G 18 -27.86 -26.49 9.93
HE1 MSE G 18 -28.56 -30.23 9.18
HE2 MSE G 18 -29.58 -29.04 9.45
HE3 MSE G 18 -28.30 -28.81 8.52
N PRO G 19 -26.95 -23.15 13.79
CA PRO G 19 -26.13 -22.58 14.88
C PRO G 19 -25.34 -23.63 15.65
N GLN G 20 -24.17 -23.24 16.15
CA GLN G 20 -23.30 -24.15 16.88
C GLN G 20 -23.96 -24.53 18.21
N ASN G 21 -24.60 -23.57 18.86
CA ASN G 21 -25.36 -23.82 20.08
C ASN G 21 -26.68 -23.06 20.11
N LEU G 22 -27.74 -23.73 19.67
CA LEU G 22 -29.06 -23.13 19.55
C LEU G 22 -29.60 -22.72 20.92
N ARG G 23 -29.26 -23.48 21.95
CA ARG G 23 -29.76 -23.23 23.30
C ARG G 23 -29.26 -21.89 23.84
N GLU G 24 -27.94 -21.73 23.87
CA GLU G 24 -27.31 -20.50 24.36
C GLU G 24 -27.74 -19.28 23.55
N ASP G 25 -27.84 -19.47 22.24
CA ASP G 25 -28.22 -18.38 21.34
C ASP G 25 -29.62 -17.86 21.65
N LEU G 26 -30.56 -18.77 21.88
CA LEU G 26 -31.94 -18.41 22.16
C LEU G 26 -32.10 -17.71 23.51
N GLN G 27 -31.30 -18.11 24.49
CA GLN G 27 -31.35 -17.49 25.81
C GLN G 27 -30.89 -16.04 25.74
N LYS G 28 -29.76 -15.82 25.06
CA LYS G 28 -29.23 -14.47 24.88
C LYS G 28 -30.21 -13.58 24.15
N LYS G 29 -30.90 -14.15 23.16
CA LYS G 29 -31.85 -13.40 22.35
C LYS G 29 -33.11 -13.07 23.16
N GLN G 30 -33.50 -13.98 24.03
CA GLN G 30 -34.62 -13.75 24.95
C GLN G 30 -34.28 -12.63 25.92
N PHE G 31 -33.10 -12.68 26.50
CA PHE G 31 -32.67 -11.61 27.41
C PHE G 31 -32.60 -10.28 26.67
N ALA G 32 -32.03 -10.29 25.47
CA ALA G 32 -31.87 -9.06 24.71
C ALA G 32 -33.22 -8.44 24.35
N THR G 33 -34.24 -9.28 24.22
CA THR G 33 -35.57 -8.82 23.82
C THR G 33 -36.34 -8.13 24.95
N LEU G 34 -36.10 -8.56 26.18
CA LEU G 34 -36.83 -8.02 27.33
C LEU G 34 -36.09 -6.89 28.02
N GLN G 35 -34.82 -6.70 27.68
CA GLN G 35 -33.97 -5.71 28.34
C GLN G 35 -34.54 -4.30 28.25
N VAL G 36 -34.47 -3.55 29.35
CA VAL G 36 -34.82 -2.14 29.33
C VAL G 36 -33.85 -1.30 30.17
N ILE G 37 -33.64 -0.06 29.75
CA ILE G 37 -32.87 0.92 30.49
C ILE G 37 -33.84 1.91 31.14
N PRO G 38 -33.90 1.90 32.49
CA PRO G 38 -34.91 2.69 33.23
C PRO G 38 -34.99 4.18 32.87
N ASN G 39 -33.86 4.90 32.94
CA ASN G 39 -33.90 6.35 32.74
C ASN G 39 -32.83 6.87 31.79
N SER G 40 -33.11 6.77 30.50
CA SER G 40 -32.22 7.30 29.48
C SER G 40 -32.89 8.55 28.92
N GLY G 41 -32.13 9.36 28.21
CA GLY G 41 -32.67 10.58 27.64
C GLY G 41 -33.67 10.34 26.53
N LEU G 42 -33.84 9.07 26.13
CA LEU G 42 -34.75 8.74 25.03
C LEU G 42 -36.20 8.94 25.44
N PRO G 43 -37.04 9.42 24.51
CA PRO G 43 -38.43 9.75 24.84
C PRO G 43 -39.39 8.57 24.76
N GLN G 44 -40.64 8.84 25.10
CA GLN G 44 -41.72 7.88 24.90
C GLN G 44 -42.59 8.37 23.75
N LEU G 45 -42.80 7.51 22.76
CA LEU G 45 -43.61 7.86 21.60
C LEU G 45 -45.08 7.53 21.86
N GLU G 46 -45.94 7.92 20.94
CA GLU G 46 -47.39 7.73 21.10
C GLU G 46 -47.78 6.26 21.25
N HIS G 47 -47.09 5.39 20.52
CA HIS G 47 -47.43 3.96 20.52
C HIS G 47 -46.21 3.07 20.78
N TRP G 48 -45.11 3.70 21.18
CA TRP G 48 -43.87 2.97 21.45
C TRP G 48 -43.27 3.43 22.76
N HIS G 49 -42.58 2.52 23.46
CA HIS G 49 -41.94 2.86 24.72
C HIS G 49 -40.79 1.90 25.01
N SER G 50 -40.03 2.24 26.06
CA SER G 50 -38.89 1.44 26.47
C SER G 50 -37.86 1.29 25.36
N LEU G 51 -37.54 2.39 24.70
CA LEU G 51 -36.55 2.37 23.63
C LEU G 51 -35.18 2.00 24.17
N VAL G 52 -34.46 1.17 23.42
CA VAL G 52 -33.10 0.76 23.79
C VAL G 52 -32.21 0.90 22.55
N PRO G 53 -31.13 1.69 22.63
CA PRO G 53 -30.30 1.87 21.43
C PRO G 53 -29.60 0.58 21.01
N LEU G 54 -29.54 0.33 19.70
CA LEU G 54 -28.86 -0.85 19.17
C LEU G 54 -27.53 -0.48 18.48
N ASP G 55 -27.34 0.80 18.19
CA ASP G 55 -26.11 1.26 17.56
C ASP G 55 -24.91 0.94 18.44
N THR G 56 -23.98 0.15 17.91
CA THR G 56 -22.78 -0.27 18.65
C THR G 56 -21.86 0.89 18.99
N SER G 57 -21.66 1.80 18.04
CA SER G 57 -20.82 2.97 18.25
C SER G 57 -21.60 4.23 17.87
N ASN G 58 -21.69 5.18 18.78
CA ASN G 58 -22.41 6.42 18.48
C ASN G 58 -21.51 7.46 17.83
N ARG G 59 -21.04 7.12 16.63
CA ARG G 59 -20.28 8.05 15.79
C ARG G 59 -21.21 8.47 14.66
N LYS G 60 -21.38 9.77 14.45
CA LYS G 60 -22.32 10.23 13.43
C LYS G 60 -21.80 10.00 12.02
N ASN G 61 -22.65 9.35 11.22
CA ASN G 61 -22.35 9.05 9.83
C ASN G 61 -23.61 9.23 8.99
N THR G 62 -23.47 9.86 7.83
CA THR G 62 -24.62 10.19 6.98
C THR G 62 -24.48 9.58 5.60
N SER G 63 -23.52 8.67 5.45
CA SER G 63 -23.18 8.08 4.15
C SER G 63 -24.37 7.41 3.49
N CYS G 64 -25.17 6.70 4.27
CA CYS G 64 -26.21 5.84 3.70
C CYS G 64 -27.46 6.60 3.26
N PHE G 65 -27.94 7.52 4.08
CA PHE G 65 -29.22 8.19 3.80
C PHE G 65 -29.12 9.72 3.78
N GLY G 66 -27.93 10.25 4.04
CA GLY G 66 -27.74 11.69 4.07
C GLY G 66 -28.17 12.29 5.40
N TYR G 67 -28.63 11.43 6.30
CA TYR G 67 -29.00 11.84 7.65
C TYR G 67 -28.40 10.83 8.63
N PRO G 68 -28.14 11.26 9.88
CA PRO G 68 -27.67 10.27 10.85
C PRO G 68 -28.76 9.24 11.14
N SER G 69 -28.39 7.97 11.23
CA SER G 69 -29.38 6.90 11.39
C SER G 69 -29.16 6.18 12.72
N TRP G 70 -30.22 6.12 13.51
CA TRP G 70 -30.20 5.45 14.80
C TRP G 70 -31.19 4.29 14.78
N VAL G 71 -30.88 3.22 15.51
CA VAL G 71 -31.79 2.09 15.62
C VAL G 71 -32.14 1.79 17.09
N TYR G 72 -33.44 1.73 17.37
CA TYR G 72 -33.91 1.40 18.71
C TYR G 72 -34.73 0.12 18.73
N LYS G 73 -34.52 -0.68 19.78
CA LYS G 73 -35.47 -1.72 20.15
C LYS G 73 -36.56 -1.06 20.98
N ALA G 74 -37.81 -1.18 20.54
CA ALA G 74 -38.93 -0.58 21.26
C ALA G 74 -40.08 -1.56 21.38
N GLN G 75 -40.86 -1.39 22.44
CA GLN G 75 -42.06 -2.20 22.67
C GLN G 75 -43.29 -1.42 22.26
N ASN G 76 -44.14 -2.07 21.46
CA ASN G 76 -45.38 -1.46 21.02
C ASN G 76 -46.34 -1.38 22.20
N SER G 77 -47.17 -0.34 22.24
CA SER G 77 -48.08 -0.14 23.38
C SER G 77 -49.40 -0.86 23.13
N ARG G 78 -49.80 -0.93 21.87
CA ARG G 78 -51.08 -1.54 21.50
C ARG G 78 -51.00 -3.04 21.73
N ASN G 79 -50.05 -3.69 21.05
CA ASN G 79 -49.71 -5.08 21.32
C ASN G 79 -48.39 -5.02 22.07
N GLY G 80 -48.12 -5.98 22.94
CA GLY G 80 -46.91 -5.95 23.75
C GLY G 80 -45.65 -6.41 23.04
N ARG G 81 -45.64 -6.38 21.72
CA ARG G 81 -44.52 -6.95 20.97
C ARG G 81 -43.39 -5.95 20.72
N HIS G 82 -42.19 -6.48 20.51
CA HIS G 82 -41.00 -5.68 20.26
C HIS G 82 -40.72 -5.49 18.77
N TYR G 83 -40.29 -4.28 18.40
CA TYR G 83 -40.00 -3.92 17.02
C TYR G 83 -38.70 -3.14 16.96
N ALA G 84 -38.09 -3.10 15.78
CA ALA G 84 -36.89 -2.29 15.55
C ALA G 84 -37.27 -0.96 14.88
N LEU G 85 -36.96 0.14 15.57
CA LEU G 85 -37.24 1.47 15.02
C LEU G 85 -35.97 2.08 14.42
N ARG G 86 -36.01 2.36 13.11
CA ARG G 86 -34.94 3.11 12.46
C ARG G 86 -35.29 4.59 12.47
N ARG G 87 -34.39 5.39 13.04
CA ARG G 87 -34.60 6.83 13.15
C ARG G 87 -33.63 7.59 12.25
N LEU G 88 -34.19 8.42 11.37
CA LEU G 88 -33.37 9.37 10.61
C LEU G 88 -33.42 10.73 11.30
N GLU G 89 -32.28 11.13 11.86
CA GLU G 89 -32.20 12.37 12.62
C GLU G 89 -32.21 13.61 11.73
N GLY G 90 -33.02 14.58 12.12
CA GLY G 90 -33.05 15.89 11.47
C GLY G 90 -33.83 15.93 10.17
N TYR G 91 -34.56 14.87 9.87
CA TYR G 91 -35.40 14.83 8.68
C TYR G 91 -36.80 15.40 8.95
N ARG G 92 -37.16 16.47 8.24
CA ARG G 92 -38.49 17.06 8.36
C ARG G 92 -39.33 16.69 7.14
N LEU G 93 -40.46 16.05 7.38
CA LEU G 93 -41.36 15.60 6.32
C LEU G 93 -42.04 16.78 5.64
N THR G 94 -41.86 16.87 4.32
CA THR G 94 -42.43 17.95 3.53
C THR G 94 -43.66 17.48 2.74
N ASN G 95 -43.73 16.18 2.46
CA ASN G 95 -44.80 15.61 1.67
C ASN G 95 -45.36 14.33 2.30
N GLU G 96 -46.64 14.36 2.67
CA GLU G 96 -47.27 13.21 3.30
C GLU G 96 -47.45 12.04 2.35
N LYS G 97 -47.48 12.34 1.04
CA LYS G 97 -47.67 11.29 0.04
C LYS G 97 -46.47 10.34 0.02
N ALA G 98 -45.32 10.83 0.47
CA ALA G 98 -44.12 10.00 0.51
C ALA G 98 -44.33 8.81 1.43
N ILE G 99 -44.95 9.05 2.58
CA ILE G 99 -45.22 7.98 3.54
C ILE G 99 -46.31 7.05 3.04
N LEU G 100 -47.43 7.62 2.60
CA LEU G 100 -48.60 6.83 2.21
C LEU G 100 -48.33 5.97 0.97
N ASN G 101 -47.70 6.54 -0.03
CA ASN G 101 -47.46 5.83 -1.29
C ASN G 101 -46.41 4.73 -1.15
N VAL G 102 -45.34 5.03 -0.41
CA VAL G 102 -44.26 4.08 -0.23
C VAL G 102 -44.69 2.94 0.70
N MSE G 103 -45.67 3.21 1.57
CA MSE G 103 -46.16 2.19 2.48
C MSE G 103 -47.18 1.27 1.82
O MSE G 103 -47.26 0.10 2.14
CB MSE G 103 -46.78 2.83 3.73
CG MSE G 103 -45.77 3.17 4.81
SE MSE G 103 -44.75 1.61 5.41
CE MSE G 103 -43.16 1.84 4.28
H MSE G 103 -46.05 3.97 1.65
HA MSE G 103 -45.41 1.65 2.78
HB2 MSE G 103 -47.22 3.66 3.47
HB3 MSE G 103 -47.42 2.21 4.11
HG2 MSE G 103 -45.14 3.83 4.47
HG3 MSE G 103 -46.24 3.53 5.59
HE1 MSE G 103 -42.54 1.12 4.46
HE2 MSE G 103 -43.43 1.83 3.35
HE3 MSE G 103 -42.76 2.70 4.49
N LYS G 104 -47.96 1.83 0.90
CA LYS G 104 -48.92 1.03 0.15
C LYS G 104 -48.18 -0.04 -0.67
N ASP G 105 -46.96 0.29 -1.08
CA ASP G 105 -46.16 -0.60 -1.91
C ASP G 105 -45.36 -1.63 -1.10
N TRP G 106 -44.85 -1.23 0.05
CA TRP G 106 -43.93 -2.06 0.81
C TRP G 106 -44.62 -2.89 1.90
N LYS G 107 -45.84 -2.54 2.25
CA LYS G 107 -46.57 -3.31 3.25
C LYS G 107 -46.89 -4.70 2.72
N LYS G 108 -46.96 -4.83 1.41
CA LYS G 108 -47.20 -6.13 0.77
C LYS G 108 -46.05 -7.09 1.00
N ILE G 109 -44.83 -6.55 1.00
CA ILE G 109 -43.63 -7.36 0.91
C ILE G 109 -43.44 -8.26 2.14
N LYS G 110 -43.31 -9.55 1.88
CA LYS G 110 -43.06 -10.54 2.91
C LYS G 110 -42.07 -11.55 2.34
N ASN G 111 -40.83 -11.49 2.81
CA ASN G 111 -39.76 -12.31 2.25
C ASN G 111 -38.74 -12.64 3.33
N ALA G 112 -38.25 -13.87 3.31
CA ALA G 112 -37.33 -14.36 4.32
C ALA G 112 -36.00 -13.60 4.34
N SER G 113 -35.70 -12.87 3.27
CA SER G 113 -34.43 -12.14 3.14
C SER G 113 -34.63 -10.64 3.20
N ILE G 114 -35.81 -10.21 3.65
CA ILE G 114 -36.11 -8.79 3.83
C ILE G 114 -36.74 -8.60 5.20
N VAL G 115 -36.23 -7.63 5.97
CA VAL G 115 -36.84 -7.30 7.25
C VAL G 115 -38.15 -6.56 6.97
N THR G 116 -39.25 -7.13 7.45
CA THR G 116 -40.57 -6.57 7.20
C THR G 116 -40.72 -5.16 7.77
N ILE G 117 -41.31 -4.28 6.96
CA ILE G 117 -41.64 -2.92 7.40
C ILE G 117 -43.12 -2.85 7.74
N HIS G 118 -43.46 -2.16 8.83
CA HIS G 118 -44.85 -2.08 9.30
C HIS G 118 -45.44 -0.68 9.24
N GLU G 119 -44.62 0.32 9.50
CA GLU G 119 -45.11 1.68 9.73
C GLU G 119 -44.05 2.73 9.50
N VAL G 120 -44.48 3.93 9.10
CA VAL G 120 -43.59 5.08 8.97
C VAL G 120 -44.29 6.32 9.51
N PHE G 121 -43.61 7.05 10.38
CA PHE G 121 -44.20 8.23 11.00
C PHE G 121 -43.16 9.25 11.43
N THR G 122 -43.58 10.50 11.53
CA THR G 122 -42.72 11.58 11.99
C THR G 122 -42.99 11.85 13.46
N THR G 123 -41.97 12.32 14.18
CA THR G 123 -42.10 12.64 15.58
C THR G 123 -41.17 13.78 15.98
N ARG G 124 -41.59 14.56 16.97
CA ARG G 124 -40.76 15.64 17.50
C ARG G 124 -40.35 15.32 18.93
N GLU G 125 -40.70 14.11 19.38
CA GLU G 125 -40.47 13.73 20.76
C GLU G 125 -38.98 13.58 21.04
N PHE G 126 -38.18 13.47 19.99
CA PHE G 126 -36.73 13.33 20.12
C PHE G 126 -36.05 14.69 20.28
N GLY G 127 -36.82 15.77 20.24
CA GLY G 127 -36.27 17.11 20.37
C GLY G 127 -35.87 17.68 19.02
N ASP G 128 -36.32 17.03 17.95
CA ASP G 128 -35.99 17.44 16.59
C ASP G 128 -36.99 16.85 15.60
N SER G 129 -36.89 17.24 14.33
CA SER G 129 -37.67 16.60 13.29
C SER G 129 -37.01 15.29 12.90
N SER G 130 -37.63 14.17 13.28
CA SER G 130 -37.12 12.84 12.96
C SER G 130 -38.12 12.01 12.18
N LEU G 131 -37.59 11.14 11.33
CA LEU G 131 -38.41 10.19 10.58
C LEU G 131 -38.17 8.78 11.13
N ILE G 132 -39.26 8.09 11.49
CA ILE G 132 -39.17 6.78 12.14
C ILE G 132 -39.75 5.67 11.25
N PHE G 133 -38.98 4.60 11.08
CA PHE G 133 -39.43 3.41 10.38
C PHE G 133 -39.49 2.23 11.34
N ALA G 134 -40.66 1.57 11.41
CA ALA G 134 -40.86 0.43 12.31
C ALA G 134 -40.67 -0.90 11.58
N TYR G 135 -39.70 -1.69 12.02
CA TYR G 135 -39.38 -2.98 11.42
C TYR G 135 -39.66 -4.12 12.38
N ASP G 136 -39.68 -5.35 11.85
CA ASP G 136 -39.59 -6.54 12.68
C ASP G 136 -38.35 -6.41 13.55
N PHE G 137 -38.32 -7.10 14.69
CA PHE G 137 -37.15 -7.08 15.54
C PHE G 137 -36.46 -8.43 15.50
N HIS G 138 -35.16 -8.42 15.20
CA HIS G 138 -34.35 -9.63 15.16
C HIS G 138 -33.24 -9.48 16.20
N PRO G 139 -33.42 -10.10 17.38
CA PRO G 139 -32.50 -9.82 18.49
C PRO G 139 -31.05 -10.19 18.19
N LEU G 140 -30.15 -9.35 18.68
CA LEU G 140 -28.71 -9.55 18.56
C LEU G 140 -28.23 -9.72 17.10
N SER G 141 -28.87 -8.97 16.20
CA SER G 141 -28.41 -8.90 14.81
C SER G 141 -27.18 -8.00 14.64
N LYS G 142 -26.24 -8.42 13.79
CA LYS G 142 -25.10 -7.58 13.43
C LYS G 142 -25.01 -7.43 11.91
N THR G 143 -24.56 -6.26 11.46
CA THR G 143 -24.44 -5.96 10.04
C THR G 143 -23.27 -6.73 9.41
N LEU G 144 -23.32 -6.91 8.10
CA LEU G 144 -22.20 -7.52 7.39
C LEU G 144 -20.94 -6.65 7.56
N GLN G 145 -21.13 -5.35 7.66
CA GLN G 145 -19.99 -4.45 7.88
C GLN G 145 -19.33 -4.81 9.22
N GLU G 146 -20.13 -4.87 10.27
CA GLU G 146 -19.64 -5.19 11.61
C GLU G 146 -18.98 -6.56 11.66
N HIS G 147 -19.51 -7.51 10.91
CA HIS G 147 -19.08 -8.90 11.01
C HIS G 147 -17.83 -9.23 10.19
N HIS G 148 -17.74 -8.68 8.97
CA HIS G 148 -16.67 -9.06 8.04
C HIS G 148 -15.52 -8.08 7.94
N PHE G 149 -15.75 -6.81 8.26
CA PHE G 149 -14.74 -5.77 8.04
C PHE G 149 -14.13 -5.23 9.33
N GLN G 150 -14.81 -5.39 10.45
CA GLN G 150 -14.27 -4.96 11.73
C GLN G 150 -13.00 -5.74 12.06
N ALA G 162 -10.70 -14.12 5.86
CA ALA G 162 -11.16 -14.20 4.48
C ALA G 162 -12.50 -14.95 4.40
N VAL G 163 -13.40 -14.43 3.58
CA VAL G 163 -14.73 -15.02 3.43
C VAL G 163 -14.73 -16.27 2.55
N PRO G 164 -15.21 -17.41 3.09
CA PRO G 164 -15.32 -18.61 2.23
C PRO G 164 -16.24 -18.36 1.03
N GLU G 165 -15.91 -18.95 -0.12
CA GLU G 165 -16.71 -18.73 -1.32
C GLU G 165 -18.13 -19.22 -1.17
N ASN G 166 -18.32 -20.33 -0.49
CA ASN G 166 -19.65 -20.90 -0.30
C ASN G 166 -20.56 -19.98 0.51
N THR G 167 -19.95 -19.28 1.47
CA THR G 167 -20.66 -18.30 2.27
C THR G 167 -21.14 -17.17 1.37
N ILE G 168 -20.29 -16.78 0.41
CA ILE G 168 -20.60 -15.71 -0.52
C ILE G 168 -21.77 -16.10 -1.43
N TRP G 169 -21.75 -17.32 -1.95
CA TRP G 169 -22.87 -17.81 -2.76
C TRP G 169 -24.15 -17.83 -1.93
N GLY G 170 -24.03 -18.20 -0.66
CA GLY G 170 -25.16 -18.18 0.26
C GLY G 170 -25.79 -16.80 0.32
N TYR G 171 -24.94 -15.78 0.46
CA TYR G 171 -25.38 -14.39 0.50
C TYR G 171 -26.05 -13.99 -0.81
N ILE G 172 -25.43 -14.36 -1.92
CA ILE G 172 -25.94 -14.05 -3.25
C ILE G 172 -27.34 -14.63 -3.44
N CYS G 173 -27.53 -15.88 -3.06
CA CYS G 173 -28.81 -16.55 -3.24
C CYS G 173 -29.91 -15.89 -2.40
N GLN G 174 -29.55 -15.41 -1.22
CA GLN G 174 -30.50 -14.76 -0.34
C GLN G 174 -30.83 -13.35 -0.83
N ILE G 175 -29.83 -12.64 -1.34
CA ILE G 175 -30.05 -11.33 -1.94
C ILE G 175 -30.85 -11.48 -3.24
N ALA G 176 -30.49 -12.47 -4.04
CA ALA G 176 -31.25 -12.75 -5.27
C ALA G 176 -32.71 -12.98 -4.93
N ASN G 177 -32.95 -13.78 -3.88
CA ASN G 177 -34.28 -14.05 -3.39
C ASN G 177 -35.04 -12.76 -3.06
N ALA G 178 -34.38 -11.87 -2.32
CA ALA G 178 -34.96 -10.59 -1.95
C ALA G 178 -35.27 -9.74 -3.18
N LEU G 179 -34.32 -9.69 -4.11
CA LEU G 179 -34.49 -8.87 -5.32
C LEU G 179 -35.63 -9.40 -6.21
N LYS G 180 -35.88 -10.71 -6.17
CA LYS G 180 -36.99 -11.26 -6.95
C LYS G 180 -38.33 -10.68 -6.49
N THR G 181 -38.56 -10.67 -5.19
CA THR G 181 -39.83 -10.20 -4.65
C THR G 181 -39.94 -8.69 -4.82
N ILE G 182 -38.85 -7.98 -4.57
CA ILE G 182 -38.84 -6.52 -4.68
C ILE G 182 -39.09 -6.07 -6.12
N HIS G 183 -38.33 -6.61 -7.07
CA HIS G 183 -38.45 -6.21 -8.48
C HIS G 183 -39.77 -6.65 -9.08
N SER G 184 -40.29 -7.79 -8.65
CA SER G 184 -41.56 -8.29 -9.15
C SER G 184 -42.70 -7.35 -8.77
N ASN G 185 -42.48 -6.56 -7.72
CA ASN G 185 -43.47 -5.59 -7.27
C ASN G 185 -43.16 -4.19 -7.82
N ARG G 186 -42.35 -4.15 -8.87
CA ARG G 186 -41.99 -2.89 -9.53
C ARG G 186 -41.31 -1.93 -8.55
N LEU G 187 -40.43 -2.48 -7.72
CA LEU G 187 -39.69 -1.70 -6.74
C LEU G 187 -38.20 -2.00 -6.85
N ALA G 188 -37.39 -1.26 -6.10
CA ALA G 188 -35.95 -1.50 -6.06
C ALA G 188 -35.45 -1.45 -4.62
N ALA G 189 -34.44 -2.26 -4.33
CA ALA G 189 -33.71 -2.18 -3.07
C ALA G 189 -32.64 -1.11 -3.19
N ARG G 190 -33.02 0.13 -2.92
CA ARG G 190 -32.14 1.27 -3.12
C ARG G 190 -30.77 1.05 -2.46
N CYS G 191 -30.80 0.38 -1.32
CA CYS G 191 -29.61 0.24 -0.47
C CYS G 191 -29.18 -1.22 -0.28
N LEU G 192 -27.99 -1.55 -0.75
CA LEU G 192 -27.42 -2.89 -0.61
C LEU G 192 -26.06 -2.82 0.10
N GLU G 193 -25.83 -1.74 0.83
CA GLU G 193 -24.55 -1.57 1.52
C GLU G 193 -24.39 -2.59 2.65
N PRO G 194 -23.14 -2.98 2.95
CA PRO G 194 -22.89 -3.98 3.99
C PRO G 194 -23.42 -3.58 5.36
N SER G 195 -23.59 -2.28 5.60
CA SER G 195 -24.05 -1.81 6.88
C SER G 195 -25.58 -1.91 7.03
N LYS G 196 -26.28 -2.14 5.92
CA LYS G 196 -27.74 -2.19 5.95
C LYS G 196 -28.23 -3.58 5.54
N ILE G 197 -27.34 -4.55 5.70
CA ILE G 197 -27.65 -5.97 5.58
C ILE G 197 -27.23 -6.63 6.88
N ILE G 198 -28.19 -7.24 7.58
CA ILE G 198 -27.94 -7.77 8.90
C ILE G 198 -27.94 -9.30 8.92
N LEU G 199 -27.03 -9.87 9.71
CA LEU G 199 -27.04 -11.28 10.03
C LEU G 199 -27.98 -11.52 11.22
N THR G 200 -29.16 -12.08 10.95
CA THR G 200 -30.10 -12.37 12.02
C THR G 200 -29.80 -13.74 12.62
N ASP G 201 -28.99 -14.51 11.91
CA ASP G 201 -28.50 -15.80 12.41
C ASP G 201 -27.33 -16.25 11.54
N ILE G 202 -26.74 -17.39 11.87
CA ILE G 202 -25.57 -17.89 11.16
C ILE G 202 -25.85 -17.98 9.64
N ASN G 203 -25.03 -17.28 8.85
CA ASN G 203 -25.13 -17.26 7.38
C ASN G 203 -26.49 -16.85 6.86
N ARG G 204 -27.29 -16.21 7.70
CA ARG G 204 -28.65 -15.81 7.33
C ARG G 204 -28.75 -14.29 7.32
N ILE G 205 -28.91 -13.72 6.12
CA ILE G 205 -28.93 -12.27 5.95
C ILE G 205 -30.29 -11.75 5.48
N ARG G 206 -30.58 -10.50 5.84
CA ARG G 206 -31.85 -9.85 5.51
C ARG G 206 -31.60 -8.36 5.24
N LEU G 207 -32.29 -7.77 4.26
CA LEU G 207 -32.14 -6.34 3.99
C LEU G 207 -32.87 -5.55 5.10
N SER G 208 -32.11 -4.75 5.84
CA SER G 208 -32.63 -4.10 7.04
C SER G 208 -33.23 -2.72 6.79
N ALA G 209 -32.95 -2.15 5.61
CA ALA G 209 -33.33 -0.77 5.32
C ALA G 209 -34.05 -0.61 3.99
N CYS G 210 -35.25 -1.17 3.88
CA CYS G 210 -36.03 -1.02 2.66
C CYS G 210 -37.01 0.15 2.79
N ALA G 211 -37.18 0.86 1.68
CA ALA G 211 -38.13 1.97 1.53
C ALA G 211 -37.68 3.28 2.18
N ILE G 212 -36.52 3.28 2.83
CA ILE G 212 -36.04 4.52 3.44
C ILE G 212 -35.67 5.51 2.34
N LEU G 213 -34.82 5.09 1.40
CA LEU G 213 -34.43 5.97 0.30
C LEU G 213 -35.64 6.26 -0.59
N ASP G 214 -36.65 5.40 -0.55
CA ASP G 214 -37.88 5.64 -1.31
C ASP G 214 -38.59 6.89 -0.79
N VAL G 215 -38.57 7.08 0.52
CA VAL G 215 -39.23 8.22 1.14
C VAL G 215 -38.35 9.48 1.04
N VAL G 216 -37.06 9.33 1.31
CA VAL G 216 -36.14 10.47 1.30
C VAL G 216 -36.04 11.06 -0.10
N GLN G 217 -36.00 10.19 -1.09
CA GLN G 217 -35.83 10.59 -2.48
C GLN G 217 -37.18 10.63 -3.21
N PHE G 218 -38.27 10.72 -2.45
CA PHE G 218 -39.61 10.66 -3.02
C PHE G 218 -39.81 11.72 -4.10
N GLY G 219 -39.50 12.97 -3.77
CA GLY G 219 -39.67 14.05 -4.72
C GLY G 219 -38.51 14.19 -5.68
N MSE G 220 -37.30 14.24 -5.14
CA MSE G 220 -36.11 14.56 -5.92
C MSE G 220 -35.79 13.53 -7.01
O MSE G 220 -35.25 13.90 -8.06
CB MSE G 220 -34.89 14.71 -5.01
CG MSE G 220 -34.78 16.07 -4.33
SE MSE G 220 -35.92 16.23 -2.75
CE MSE G 220 -34.94 15.03 -1.56
H MSE G 220 -37.13 14.08 -4.31
HA MSE G 220 -36.26 15.42 -6.35
HB2 MSE G 220 -34.94 14.03 -4.32
HB3 MSE G 220 -34.09 14.58 -5.53
HG2 MSE G 220 -33.87 16.21 -4.05
HG3 MSE G 220 -35.05 16.75 -4.96
HE1 MSE G 220 -35.40 15.00 -0.70
HE2 MSE G 220 -34.93 14.14 -1.95
HE3 MSE G 220 -34.05 15.37 -1.44
N ASN G 221 -36.11 12.27 -6.76
CA ASN G 221 -35.70 11.21 -7.68
C ASN G 221 -36.40 11.39 -9.03
N SER G 222 -35.64 11.23 -10.11
CA SER G 222 -36.17 11.36 -11.46
C SER G 222 -36.01 10.07 -12.25
N ARG G 223 -35.14 9.20 -11.78
CA ARG G 223 -34.88 7.91 -12.42
C ARG G 223 -36.11 7.01 -12.34
N SER G 224 -36.31 6.22 -13.39
CA SER G 224 -37.47 5.34 -13.48
C SER G 224 -37.22 4.08 -12.64
N VAL G 225 -38.23 3.21 -12.59
CA VAL G 225 -38.14 1.98 -11.82
C VAL G 225 -37.00 1.10 -12.33
N VAL G 226 -36.96 0.91 -13.65
CA VAL G 226 -35.96 0.03 -14.25
C VAL G 226 -34.53 0.53 -14.01
N GLU G 227 -34.33 1.85 -14.09
CA GLU G 227 -32.99 2.42 -13.89
C GLU G 227 -32.50 2.17 -12.46
N LEU G 228 -33.39 2.37 -11.50
CA LEU G 228 -33.06 2.09 -10.10
C LEU G 228 -32.74 0.61 -9.91
N GLN G 229 -33.41 -0.24 -10.68
CA GLN G 229 -33.17 -1.68 -10.63
C GLN G 229 -31.82 -2.06 -11.23
N GLN G 230 -31.38 -1.33 -12.25
CA GLN G 230 -30.07 -1.59 -12.85
C GLN G 230 -28.97 -1.29 -11.84
N GLU G 231 -29.16 -0.25 -11.04
CA GLU G 231 -28.20 0.11 -10.02
C GLU G 231 -28.14 -0.91 -8.89
N ASP G 232 -29.26 -1.56 -8.60
CA ASP G 232 -29.29 -2.61 -7.57
C ASP G 232 -28.24 -3.66 -7.89
N PHE G 233 -28.14 -4.04 -9.16
CA PHE G 233 -27.19 -5.07 -9.57
C PHE G 233 -25.75 -4.57 -9.42
N VAL G 234 -25.50 -3.31 -9.77
CA VAL G 234 -24.18 -2.72 -9.59
C VAL G 234 -23.83 -2.72 -8.10
N LYS G 235 -24.75 -2.23 -7.28
CA LYS G 235 -24.58 -2.22 -5.83
C LYS G 235 -24.39 -3.63 -5.30
N PHE G 236 -25.14 -4.57 -5.87
CA PHE G 236 -25.03 -5.98 -5.53
C PHE G 236 -23.61 -6.48 -5.84
N GLY G 237 -23.12 -6.20 -7.04
CA GLY G 237 -21.79 -6.60 -7.44
C GLY G 237 -20.69 -5.96 -6.59
N LYS G 238 -20.91 -4.71 -6.20
CA LYS G 238 -19.92 -4.01 -5.37
C LYS G 238 -19.91 -4.57 -3.95
N LEU G 239 -21.06 -5.05 -3.50
CA LEU G 239 -21.16 -5.70 -2.20
C LEU G 239 -20.30 -6.96 -2.17
N ILE G 240 -20.40 -7.77 -3.21
CA ILE G 240 -19.67 -9.02 -3.29
C ILE G 240 -18.17 -8.74 -3.38
N LEU G 241 -17.81 -7.76 -4.20
CA LEU G 241 -16.42 -7.38 -4.38
C LEU G 241 -15.81 -6.95 -3.04
N SER G 242 -16.59 -6.21 -2.26
CA SER G 242 -16.15 -5.80 -0.92
C SER G 242 -15.84 -7.00 -0.04
N LEU G 243 -16.72 -8.00 -0.05
CA LEU G 243 -16.56 -9.19 0.80
C LEU G 243 -15.38 -10.04 0.35
N ALA G 244 -15.15 -10.08 -0.95
CA ALA G 244 -14.08 -10.89 -1.51
C ALA G 244 -12.71 -10.23 -1.33
N THR G 245 -12.69 -8.89 -1.36
CA THR G 245 -11.42 -8.15 -1.32
C THR G 245 -11.15 -7.53 0.04
N GLY G 246 -12.21 -7.35 0.85
CA GLY G 246 -12.05 -6.80 2.19
C GLY G 246 -12.03 -5.29 2.25
N THR G 247 -12.48 -4.64 1.17
CA THR G 247 -12.53 -3.18 1.10
C THR G 247 -13.97 -2.67 1.02
N LEU G 248 -14.29 -1.66 1.82
CA LEU G 248 -15.62 -1.08 1.84
C LEU G 248 -16.02 -0.59 0.44
N PRO G 249 -17.33 -0.69 0.10
CA PRO G 249 -17.78 -0.27 -1.23
C PRO G 249 -17.40 1.17 -1.59
N ALA G 250 -17.54 2.06 -0.62
CA ALA G 250 -17.27 3.49 -0.84
C ALA G 250 -15.78 3.75 -1.08
N HIS G 251 -14.94 2.78 -0.75
CA HIS G 251 -13.49 2.92 -0.89
C HIS G 251 -12.93 2.09 -2.04
N LEU G 252 -13.81 1.67 -2.95
CA LEU G 252 -13.39 0.94 -4.14
C LEU G 252 -13.05 1.91 -5.26
N ASN G 253 -11.81 2.38 -5.27
CA ASN G 253 -11.37 3.37 -6.25
C ASN G 253 -11.01 2.69 -7.56
N ASN G 254 -10.57 1.44 -7.47
CA ASN G 254 -10.10 0.69 -8.61
C ASN G 254 -10.84 -0.64 -8.73
N ILE G 255 -11.98 -0.63 -9.42
CA ILE G 255 -12.79 -1.84 -9.58
C ILE G 255 -12.00 -2.90 -10.33
N PRO G 256 -11.31 -2.53 -11.43
CA PRO G 256 -10.53 -3.55 -12.15
C PRO G 256 -9.50 -4.26 -11.28
N ALA G 257 -8.83 -3.53 -10.40
CA ALA G 257 -7.81 -4.12 -9.53
C ALA G 257 -8.47 -5.06 -8.52
N ALA G 258 -9.68 -4.72 -8.10
CA ALA G 258 -10.42 -5.54 -7.16
C ALA G 258 -10.90 -6.82 -7.82
N LEU G 259 -11.31 -6.72 -9.08
CA LEU G 259 -11.76 -7.88 -9.84
C LEU G 259 -10.66 -8.90 -10.04
N GLU G 260 -9.43 -8.41 -10.17
CA GLU G 260 -8.28 -9.30 -10.37
C GLU G 260 -7.90 -9.98 -9.06
N THR G 261 -8.10 -9.29 -7.94
CA THR G 261 -7.87 -9.88 -6.64
C THR G 261 -8.90 -10.99 -6.41
N LEU G 262 -10.16 -10.69 -6.74
CA LEU G 262 -11.23 -11.66 -6.64
C LEU G 262 -10.95 -12.87 -7.51
N GLY G 263 -10.44 -12.62 -8.71
CA GLY G 263 -10.15 -13.67 -9.67
C GLY G 263 -9.04 -14.60 -9.22
N ASN G 264 -8.15 -14.09 -8.38
CA ASN G 264 -7.03 -14.89 -7.89
C ASN G 264 -7.40 -15.69 -6.64
N LYS G 265 -8.41 -15.21 -5.92
CA LYS G 265 -8.83 -15.82 -4.67
C LYS G 265 -10.00 -16.79 -4.85
N TYR G 266 -10.82 -16.56 -5.87
CA TYR G 266 -12.07 -17.30 -6.05
C TYR G 266 -12.21 -17.90 -7.44
N SER G 267 -13.22 -18.75 -7.59
CA SER G 267 -13.46 -19.47 -8.83
C SER G 267 -13.87 -18.52 -9.95
N ALA G 268 -13.82 -19.04 -11.18
CA ALA G 268 -14.18 -18.25 -12.35
C ALA G 268 -15.68 -17.95 -12.39
N ASN G 269 -16.47 -18.85 -11.83
CA ASN G 269 -17.92 -18.68 -11.78
C ASN G 269 -18.32 -17.42 -11.02
N LEU G 270 -17.71 -17.23 -9.85
CA LEU G 270 -17.98 -16.05 -9.04
C LEU G 270 -17.55 -14.77 -9.76
N LYS G 271 -16.35 -14.81 -10.36
CA LYS G 271 -15.82 -13.67 -11.09
C LYS G 271 -16.75 -13.28 -12.23
N SER G 272 -17.35 -14.30 -12.85
CA SER G 272 -18.28 -14.07 -13.96
C SER G 272 -19.57 -13.43 -13.46
N ALA G 273 -20.04 -13.88 -12.31
CA ALA G 273 -21.27 -13.37 -11.72
C ALA G 273 -21.14 -11.91 -11.33
N VAL G 274 -20.06 -11.57 -10.65
CA VAL G 274 -19.81 -10.19 -10.22
C VAL G 274 -19.69 -9.28 -11.44
N ASN G 275 -19.01 -9.75 -12.47
CA ASN G 275 -18.82 -8.97 -13.69
C ASN G 275 -20.14 -8.68 -14.39
N TRP G 276 -21.05 -9.65 -14.37
CA TRP G 276 -22.36 -9.46 -14.98
C TRP G 276 -23.14 -8.42 -14.21
N LEU G 277 -23.00 -8.44 -12.89
CA LEU G 277 -23.69 -7.52 -12.01
C LEU G 277 -23.17 -6.10 -12.18
N LEU G 278 -21.85 -5.95 -12.33
CA LEU G 278 -21.24 -4.63 -12.47
C LEU G 278 -21.41 -4.06 -13.87
N ASP G 279 -21.31 -4.92 -14.88
CA ASP G 279 -21.30 -4.48 -16.28
C ASP G 279 -22.57 -3.75 -16.68
N THR G 280 -22.40 -2.62 -17.36
CA THR G 280 -23.52 -1.84 -17.90
C THR G 280 -23.31 -1.54 -19.39
N SER G 281 -22.26 -2.12 -19.96
CA SER G 281 -21.86 -1.84 -21.33
C SER G 281 -22.40 -2.85 -22.35
N SER G 282 -22.96 -3.94 -21.85
CA SER G 282 -23.46 -5.01 -22.71
C SER G 282 -24.62 -4.60 -23.60
N GLY G 283 -25.24 -3.46 -23.31
CA GLY G 283 -26.37 -2.97 -24.08
C GLY G 283 -27.64 -3.78 -23.84
N GLU G 284 -27.56 -4.72 -22.89
CA GLU G 284 -28.68 -5.58 -22.54
C GLU G 284 -29.19 -5.21 -21.15
N THR G 285 -30.52 -5.07 -21.01
CA THR G 285 -31.12 -4.80 -19.72
C THR G 285 -30.93 -5.99 -18.78
N LYS G 286 -30.37 -5.74 -17.61
CA LYS G 286 -30.17 -6.78 -16.61
C LYS G 286 -31.47 -7.06 -15.87
N THR G 287 -31.80 -8.34 -15.73
CA THR G 287 -33.02 -8.74 -15.01
C THR G 287 -32.67 -9.79 -13.96
N ILE G 288 -33.43 -9.80 -12.87
CA ILE G 288 -33.24 -10.78 -11.83
C ILE G 288 -33.57 -12.18 -12.33
N GLU G 289 -34.48 -12.27 -13.31
CA GLU G 289 -34.83 -13.54 -13.94
C GLU G 289 -33.59 -14.16 -14.57
N HIS G 290 -32.89 -13.35 -15.36
CA HIS G 290 -31.68 -13.79 -16.06
C HIS G 290 -30.58 -14.14 -15.07
N PHE G 291 -30.46 -13.34 -14.01
CA PHE G 291 -29.43 -13.57 -13.01
C PHE G 291 -29.68 -14.88 -12.29
N MSE G 292 -30.93 -15.09 -11.85
CA MSE G 292 -31.31 -16.34 -11.19
C MSE G 292 -30.99 -17.55 -12.05
O MSE G 292 -30.50 -18.56 -11.55
CB MSE G 292 -32.80 -16.34 -10.84
CG MSE G 292 -33.16 -15.53 -9.62
SE MSE G 292 -35.04 -15.69 -9.14
CE MSE G 292 -35.83 -15.21 -10.85
H MSE G 292 -31.57 -14.53 -11.94
HA MSE G 292 -30.81 -16.41 -10.35
HB2 MSE G 292 -33.29 -15.98 -11.59
HB3 MSE G 292 -33.08 -17.26 -10.68
HG2 MSE G 292 -32.63 -15.83 -8.86
HG3 MSE G 292 -32.97 -14.58 -9.79
HE1 MSE G 292 -36.80 -15.24 -10.77
HE2 MSE G 292 -35.55 -14.31 -11.08
HE3 MSE G 292 -35.53 -15.83 -11.53
N THR G 293 -31.26 -17.44 -13.34
CA THR G 293 -31.03 -18.52 -14.29
C THR G 293 -29.56 -18.95 -14.27
N GLY G 294 -28.67 -18.00 -14.07
CA GLY G 294 -27.25 -18.27 -14.09
C GLY G 294 -26.71 -18.92 -12.83
N ILE G 295 -27.46 -18.82 -11.73
CA ILE G 295 -27.08 -19.41 -10.45
C ILE G 295 -28.04 -20.50 -9.99
N ALA G 296 -28.71 -21.15 -10.95
CA ALA G 296 -29.74 -22.14 -10.64
C ALA G 296 -29.19 -23.27 -9.76
N SER G 297 -28.00 -23.74 -10.09
CA SER G 297 -27.38 -24.83 -9.35
C SER G 297 -27.13 -24.40 -7.89
N GLN G 298 -26.62 -23.19 -7.69
CA GLN G 298 -26.38 -22.69 -6.33
C GLN G 298 -27.68 -22.59 -5.54
N MSE G 299 -28.74 -22.12 -6.18
CA MSE G 299 -30.03 -21.97 -5.54
C MSE G 299 -30.60 -23.32 -5.09
O MSE G 299 -31.33 -23.41 -4.12
CB MSE G 299 -31.03 -21.30 -6.48
CG MSE G 299 -32.30 -20.83 -5.81
SE MSE G 299 -31.94 -19.41 -4.50
CE MSE G 299 -31.42 -18.00 -5.76
H MSE G 299 -28.73 -21.88 -7.02
HA MSE G 299 -29.93 -21.41 -4.76
HB2 MSE G 299 -30.60 -20.52 -6.89
HB3 MSE G 299 -31.28 -21.93 -7.17
HG2 MSE G 299 -32.90 -20.48 -6.47
HG3 MSE G 299 -32.70 -21.57 -5.33
HE1 MSE G 299 -31.21 -17.19 -5.26
HE2 MSE G 299 -30.65 -18.29 -6.26
HE3 MSE G 299 -32.17 -17.83 -6.36
N THR G 300 -30.25 -24.38 -5.82
CA THR G 300 -30.70 -25.71 -5.46
C THR G 300 -29.96 -26.20 -4.23
N THR G 301 -28.67 -25.89 -4.16
CA THR G 301 -27.85 -26.34 -3.04
C THR G 301 -28.34 -25.73 -1.73
N PHE G 302 -28.71 -24.45 -1.76
CA PHE G 302 -29.14 -23.77 -0.54
C PHE G 302 -30.62 -24.00 -0.24
N PHE G 303 -31.36 -24.48 -1.23
CA PHE G 303 -32.72 -24.98 -0.98
C PHE G 303 -32.61 -26.22 -0.10
N ASP G 304 -31.70 -27.12 -0.48
CA ASP G 304 -31.42 -28.34 0.26
C ASP G 304 -30.97 -28.05 1.69
N LEU G 305 -30.02 -27.13 1.83
CA LEU G 305 -29.44 -26.81 3.12
C LEU G 305 -30.48 -26.17 4.05
N ALA G 306 -31.35 -25.34 3.50
CA ALA G 306 -32.42 -24.77 4.30
C ALA G 306 -33.35 -25.87 4.83
N LEU G 307 -33.69 -26.84 3.99
CA LEU G 307 -34.56 -27.94 4.40
C LEU G 307 -33.88 -28.84 5.43
N GLN G 308 -32.56 -29.00 5.33
CA GLN G 308 -31.85 -29.82 6.30
C GLN G 308 -31.84 -29.11 7.66
N ASP G 309 -31.78 -27.78 7.63
CA ASP G 309 -31.87 -27.00 8.85
C ASP G 309 -33.29 -27.05 9.39
N ASN G 310 -34.25 -27.15 8.48
CA ASN G 310 -35.66 -27.35 8.84
C ASN G 310 -35.82 -28.62 9.68
N ASP G 311 -35.17 -29.70 9.26
CA ASP G 311 -35.23 -30.97 9.98
C ASP G 311 -34.55 -30.88 11.33
N GLU G 312 -33.45 -30.13 11.40
CA GLU G 312 -32.71 -29.99 12.65
C GLU G 312 -33.56 -29.28 13.68
N LYS G 313 -34.22 -28.21 13.28
CA LYS G 313 -35.05 -27.45 14.19
C LYS G 313 -36.26 -28.26 14.64
N LEU G 314 -36.78 -29.09 13.75
CA LEU G 314 -37.94 -29.93 14.09
C LEU G 314 -37.52 -30.98 15.12
N PHE G 315 -36.30 -31.50 14.96
CA PHE G 315 -35.72 -32.47 15.89
C PHE G 315 -35.63 -31.92 17.31
N HIS G 316 -35.11 -30.70 17.45
CA HIS G 316 -34.99 -30.07 18.77
C HIS G 316 -36.36 -29.72 19.32
N LEU G 317 -37.24 -29.24 18.46
CA LEU G 317 -38.60 -28.89 18.87
C LEU G 317 -39.32 -30.12 19.43
N ALA G 318 -39.10 -31.28 18.83
CA ALA G 318 -39.76 -32.51 19.26
C ALA G 318 -39.33 -32.86 20.68
N ARG G 319 -38.07 -32.55 21.02
CA ARG G 319 -37.56 -32.82 22.36
C ARG G 319 -38.10 -31.84 23.39
N GLU G 320 -38.31 -30.60 22.97
CA GLU G 320 -38.69 -29.50 23.86
C GLU G 320 -40.20 -29.31 24.03
N VAL G 321 -40.99 -29.94 23.16
CA VAL G 321 -42.43 -29.71 23.11
C VAL G 321 -43.16 -30.03 24.43
N GLU G 322 -42.62 -30.94 25.23
CA GLU G 322 -43.24 -31.30 26.50
C GLU G 322 -43.09 -30.21 27.56
N ASN G 323 -42.13 -29.31 27.37
CA ASN G 323 -41.91 -28.22 28.32
C ASN G 323 -43.15 -27.37 28.54
N GLY G 324 -43.93 -27.16 27.49
CA GLY G 324 -45.16 -26.38 27.62
C GLY G 324 -46.18 -27.02 28.54
N ARG G 325 -46.40 -28.32 28.38
CA ARG G 325 -47.37 -29.04 29.21
C ARG G 325 -46.94 -29.06 30.67
N ILE G 326 -45.67 -29.37 30.89
CA ILE G 326 -45.12 -29.38 32.24
C ILE G 326 -45.30 -28.01 32.92
N ALA G 327 -45.00 -26.94 32.19
CA ALA G 327 -45.11 -25.59 32.74
C ALA G 327 -46.55 -25.25 33.13
N ARG G 328 -47.50 -25.62 32.26
CA ARG G 328 -48.90 -25.32 32.51
C ARG G 328 -49.45 -26.14 33.67
N SER G 329 -48.87 -27.31 33.91
CA SER G 329 -49.30 -28.16 35.01
C SER G 329 -48.87 -27.53 36.33
N LEU G 330 -47.66 -26.98 36.34
CA LEU G 330 -47.12 -26.33 37.51
C LEU G 330 -47.86 -25.03 37.77
N MSE G 331 -48.20 -24.32 36.70
CA MSE G 331 -48.96 -23.09 36.81
C MSE G 331 -50.35 -23.35 37.37
O MSE G 331 -50.84 -22.62 38.23
CB MSE G 331 -49.07 -22.40 35.46
CG MSE G 331 -47.80 -21.70 35.04
SE MSE G 331 -47.96 -20.80 33.32
CE MSE G 331 -46.56 -19.47 33.59
H MSE G 331 -47.98 -24.53 35.90
HA MSE G 331 -48.50 -22.48 37.41
HB2 MSE G 331 -49.28 -23.06 34.78
HB3 MSE G 331 -49.78 -21.73 35.49
HG2 MSE G 331 -47.57 -21.03 35.71
HG3 MSE G 331 -47.09 -22.35 34.97
HE1 MSE G 331 -46.49 -18.91 32.80
HE2 MSE G 331 -46.78 -18.92 34.37
HE3 MSE G 331 -45.71 -19.92 33.75
N LYS G 332 -51.00 -24.41 36.86
CA LYS G 332 -52.30 -24.83 37.36
C LYS G 332 -52.28 -25.04 38.86
N LEU G 333 -51.28 -25.78 39.32
CA LEU G 333 -51.14 -26.08 40.74
C LEU G 333 -51.05 -24.79 41.54
N LEU G 334 -50.24 -23.85 41.05
CA LEU G 334 -50.04 -22.56 41.72
C LEU G 334 -51.31 -21.70 41.73
N THR G 335 -52.13 -21.85 40.69
CA THR G 335 -53.33 -21.04 40.56
C THR G 335 -54.46 -21.42 41.53
N ILE G 336 -54.64 -22.71 41.81
CA ILE G 336 -55.76 -23.14 42.66
C ILE G 336 -55.46 -22.98 44.16
N LEU G 337 -54.22 -23.24 44.59
CA LEU G 337 -53.92 -23.26 46.02
C LEU G 337 -53.63 -21.87 46.58
N GLU G 338 -53.97 -21.67 47.85
CA GLU G 338 -53.77 -20.40 48.56
C GLU G 338 -54.47 -19.20 47.93
N ARG G 339 -55.70 -19.38 47.48
CA ARG G 339 -56.51 -18.26 47.00
C ARG G 339 -56.78 -17.26 48.11
N GLY G 340 -57.20 -17.74 49.28
CA GLY G 340 -57.50 -16.88 50.40
C GLY G 340 -58.68 -15.97 50.13
N ASP G 353 -61.10 -30.46 49.85
CA ASP G 353 -60.34 -30.98 48.72
C ASP G 353 -58.99 -30.27 48.57
N ARG G 354 -58.95 -28.99 48.95
CA ARG G 354 -57.73 -28.21 48.80
C ARG G 354 -56.67 -28.71 49.79
N TYR G 355 -57.15 -29.30 50.89
CA TYR G 355 -56.26 -29.82 51.92
C TYR G 355 -55.41 -30.97 51.40
N GLN G 356 -56.03 -31.89 50.67
CA GLN G 356 -55.30 -33.03 50.07
C GLN G 356 -54.30 -32.58 49.01
N LEU G 357 -54.69 -31.63 48.17
CA LEU G 357 -53.78 -31.08 47.17
C LEU G 357 -52.59 -30.37 47.84
N LYS G 358 -52.85 -29.75 49.00
CA LYS G 358 -51.79 -29.09 49.76
C LYS G 358 -50.76 -30.10 50.24
N LEU G 359 -51.22 -31.24 50.73
CA LEU G 359 -50.33 -32.28 51.20
C LEU G 359 -49.55 -32.90 50.04
N PHE G 360 -50.20 -32.98 48.88
CA PHE G 360 -49.53 -33.50 47.70
C PHE G 360 -48.41 -32.53 47.28
N ARG G 361 -48.73 -31.24 47.27
CA ARG G 361 -47.70 -30.24 46.97
C ARG G 361 -46.53 -30.40 47.92
N ASP G 362 -46.81 -30.62 49.21
CA ASP G 362 -45.77 -30.80 50.20
C ASP G 362 -44.99 -32.08 49.90
N TYR G 363 -45.71 -33.13 49.53
CA TYR G 363 -45.11 -34.43 49.22
C TYR G 363 -44.12 -34.31 48.06
N VAL G 364 -44.44 -33.44 47.11
CA VAL G 364 -43.62 -33.30 45.92
C VAL G 364 -42.48 -32.29 46.10
N PHE G 365 -42.80 -31.11 46.61
CA PHE G 365 -41.86 -29.99 46.58
C PHE G 365 -41.21 -29.67 47.93
N HIS G 366 -41.74 -30.24 49.01
CA HIS G 366 -41.24 -29.96 50.36
C HIS G 366 -40.63 -31.19 51.05
N ARG G 367 -40.00 -32.05 50.26
CA ARG G 367 -39.33 -33.24 50.79
C ARG G 367 -38.21 -32.88 51.75
N VAL G 368 -38.08 -33.68 52.80
CA VAL G 368 -37.00 -33.52 53.78
C VAL G 368 -36.32 -34.85 54.05
N ASP G 369 -35.01 -34.80 54.23
CA ASP G 369 -34.21 -35.98 54.53
C ASP G 369 -34.49 -36.44 55.96
N ALA G 370 -33.90 -37.57 56.36
CA ALA G 370 -34.07 -38.10 57.71
C ALA G 370 -33.53 -37.13 58.75
N ASP G 371 -32.49 -36.37 58.39
CA ASP G 371 -31.88 -35.41 59.30
C ASP G 371 -32.74 -34.17 59.50
N GLY G 372 -33.64 -33.91 58.55
CA GLY G 372 -34.50 -32.74 58.56
C GLY G 372 -34.14 -31.76 57.46
N LYS G 373 -33.04 -32.03 56.77
CA LYS G 373 -32.59 -31.18 55.67
C LYS G 373 -33.54 -31.32 54.47
N PRO G 374 -33.74 -30.21 53.73
CA PRO G 374 -34.65 -30.25 52.58
C PRO G 374 -34.06 -31.02 51.41
N ASN G 375 -34.89 -31.77 50.70
CA ASN G 375 -34.42 -32.50 49.52
C ASN G 375 -34.95 -31.85 48.25
N LEU G 376 -34.02 -31.56 47.33
CA LEU G 376 -34.30 -30.78 46.13
C LEU G 376 -34.10 -31.61 44.86
N SER G 377 -34.22 -32.93 44.98
CA SER G 377 -34.07 -33.80 43.82
C SER G 377 -35.09 -33.42 42.77
N ILE G 378 -34.61 -33.07 41.58
CA ILE G 378 -35.48 -32.61 40.52
C ILE G 378 -36.25 -33.78 39.90
N GLY G 379 -35.63 -34.95 39.90
CA GLY G 379 -36.22 -36.13 39.31
C GLY G 379 -37.55 -36.47 39.95
N HIS G 380 -37.57 -36.38 41.27
CA HIS G 380 -38.78 -36.66 42.04
C HIS G 380 -39.94 -35.75 41.65
N MSE G 381 -39.64 -34.49 41.39
CA MSE G 381 -40.67 -33.50 41.11
C MSE G 381 -41.34 -33.74 39.76
O MSE G 381 -42.56 -33.67 39.63
CB MSE G 381 -40.09 -32.09 41.18
CG MSE G 381 -39.55 -31.72 42.55
SE MSE G 381 -38.68 -29.96 42.58
CE MSE G 381 -38.15 -29.92 44.46
H MSE G 381 -38.84 -34.17 41.37
HA MSE G 381 -41.36 -33.57 41.80
HB2 MSE G 381 -39.36 -32.02 40.53
HB3 MSE G 381 -40.79 -31.45 40.95
HG2 MSE G 381 -40.27 -31.72 43.20
HG3 MSE G 381 -38.88 -32.38 42.81
HE1 MSE G 381 -37.69 -29.09 44.64
HE2 MSE G 381 -38.93 -30.00 45.02
HE3 MSE G 381 -37.54 -30.67 44.63
N LEU G 382 -40.53 -34.02 38.74
CA LEU G 382 -41.05 -34.24 37.40
C LEU G 382 -41.86 -35.52 37.36
N THR G 383 -41.38 -36.55 38.03
CA THR G 383 -42.06 -37.84 38.07
C THR G 383 -43.46 -37.70 38.67
N CYS G 384 -43.58 -36.96 39.77
CA CYS G 384 -44.86 -36.81 40.46
C CYS G 384 -45.90 -36.03 39.67
N MSE G 385 -45.48 -34.94 39.05
CA MSE G 385 -46.37 -34.17 38.17
C MSE G 385 -46.75 -34.99 36.95
O MSE G 385 -47.84 -34.85 36.41
CB MSE G 385 -45.70 -32.86 37.73
CG MSE G 385 -45.39 -31.90 38.87
SE MSE G 385 -46.97 -31.48 39.96
CE MSE G 385 -48.08 -30.64 38.58
H MSE G 385 -44.69 -34.61 39.13
HA MSE G 385 -47.17 -33.95 38.66
HB2 MSE G 385 -44.87 -33.07 37.28
HB3 MSE G 385 -46.30 -32.40 37.11
HG2 MSE G 385 -44.73 -32.30 39.45
HG3 MSE G 385 -45.05 -31.08 38.50
HE1 MSE G 385 -48.92 -30.37 38.98
HE2 MSE G 385 -47.62 -29.87 38.22
HE3 MSE G 385 -48.25 -31.29 37.88
N SER G 386 -45.83 -35.85 36.51
CA SER G 386 -46.08 -36.67 35.33
C SER G 386 -47.13 -37.73 35.67
N LYS G 387 -46.96 -38.37 36.83
CA LYS G 387 -47.93 -39.35 37.31
C LYS G 387 -49.27 -38.69 37.58
N LEU G 388 -49.24 -37.45 38.04
CA LEU G 388 -50.46 -36.70 38.29
C LEU G 388 -51.19 -36.44 36.98
N GLU G 389 -50.42 -36.01 35.96
CA GLU G 389 -51.01 -35.70 34.66
C GLU G 389 -51.65 -36.92 34.01
N ALA G 390 -51.01 -38.08 34.13
CA ALA G 390 -51.51 -39.31 33.52
C ALA G 390 -52.60 -39.95 34.38
N GLY G 391 -52.66 -39.56 35.65
CA GLY G 391 -53.64 -40.10 36.59
C GLY G 391 -53.48 -41.59 36.80
N VAL G 392 -52.25 -42.03 36.99
CA VAL G 392 -51.92 -43.45 37.18
C VAL G 392 -52.58 -44.01 38.44
N ASP G 393 -52.94 -45.29 38.39
CA ASP G 393 -53.53 -45.98 39.52
C ASP G 393 -52.47 -46.45 40.52
N GLU G 394 -51.54 -45.56 40.81
CA GLU G 394 -50.50 -45.82 41.81
C GLU G 394 -50.82 -45.01 43.07
N ASN G 395 -50.65 -45.63 44.23
CA ASN G 395 -50.98 -44.99 45.51
C ASN G 395 -49.77 -44.33 46.15
N ILE G 396 -50.01 -43.21 46.82
CA ILE G 396 -48.99 -42.56 47.62
C ILE G 396 -49.57 -42.33 49.01
N LEU G 397 -48.69 -42.26 50.01
CA LEU G 397 -49.10 -42.09 51.40
C LEU G 397 -48.86 -40.65 51.84
N LEU G 398 -49.93 -39.88 51.96
CA LEU G 398 -49.84 -38.49 52.39
C LEU G 398 -49.99 -38.35 53.90
N THR G 399 -49.05 -37.64 54.51
CA THR G 399 -49.06 -37.40 55.95
C THR G 399 -49.18 -35.91 56.19
N SER G 400 -50.11 -35.52 57.04
CA SER G 400 -50.31 -34.12 57.40
C SER G 400 -49.09 -33.60 58.15
N ARG G 401 -48.97 -32.27 58.24
CA ARG G 401 -47.79 -31.68 58.84
C ARG G 401 -47.65 -32.13 60.29
N ASP G 402 -48.74 -32.10 61.05
CA ASP G 402 -48.80 -32.86 62.28
C ASP G 402 -48.86 -34.33 61.82
N ASN G 403 -47.94 -35.16 62.30
CA ASN G 403 -47.89 -36.57 61.89
C ASN G 403 -49.09 -37.41 62.31
N GLU G 404 -50.08 -36.77 62.91
CA GLU G 404 -51.23 -37.46 63.49
C GLU G 404 -52.28 -37.99 62.49
N THR G 405 -52.45 -37.37 61.33
CA THR G 405 -53.43 -37.87 60.33
C THR G 405 -52.76 -38.25 59.00
N VAL G 406 -53.25 -39.34 58.38
CA VAL G 406 -52.72 -39.80 57.09
C VAL G 406 -53.80 -40.11 56.05
N PHE G 407 -53.38 -40.10 54.79
CA PHE G 407 -54.27 -40.34 53.65
C PHE G 407 -53.59 -41.28 52.66
N VAL G 408 -54.29 -42.34 52.26
CA VAL G 408 -53.83 -43.20 51.17
C VAL G 408 -54.61 -42.79 49.92
N LEU G 409 -53.89 -42.27 48.92
CA LEU G 409 -54.53 -41.79 47.69
C LEU G 409 -53.78 -42.17 46.42
N SER G 410 -54.52 -42.32 45.34
CA SER G 410 -53.93 -42.60 44.03
C SER G 410 -53.81 -41.31 43.22
N TYR G 411 -52.89 -41.30 42.25
CA TYR G 411 -52.73 -40.13 41.38
C TYR G 411 -53.99 -39.87 40.58
N ARG G 412 -54.73 -40.94 40.28
CA ARG G 412 -56.00 -40.83 39.58
C ARG G 412 -56.97 -40.00 40.39
N GLU G 413 -57.00 -40.26 41.69
CA GLU G 413 -57.88 -39.53 42.60
C GLU G 413 -57.41 -38.08 42.73
N LEU G 414 -56.10 -37.88 42.87
CA LEU G 414 -55.55 -36.53 42.99
C LEU G 414 -55.79 -35.71 41.72
N ARG G 415 -55.74 -36.36 40.56
CA ARG G 415 -56.03 -35.69 39.29
C ARG G 415 -57.49 -35.25 39.27
N GLN G 416 -58.35 -36.06 39.88
CA GLN G 416 -59.78 -35.77 39.94
C GLN G 416 -60.02 -34.47 40.70
N MSE G 417 -59.40 -34.36 41.87
CA MSE G 417 -59.54 -33.18 42.73
C MSE G 417 -58.86 -32.00 42.06
O MSE G 417 -59.36 -30.87 42.09
CB MSE G 417 -58.92 -33.43 44.09
CG MSE G 417 -59.28 -34.76 44.74
SE MSE G 417 -58.26 -35.07 46.37
CE MSE G 417 -59.36 -34.00 47.56
H MSE G 417 -58.90 -34.97 42.21
HA MSE G 417 -60.48 -32.98 42.85
HB2 MSE G 417 -57.95 -33.39 44.01
HB3 MSE G 417 -59.21 -32.72 44.70
HG2 MSE G 417 -60.22 -34.74 44.97
HG3 MSE G 417 -59.09 -35.47 44.12
HE1 MSE G 417 -58.98 -34.04 48.45
HE2 MSE G 417 -59.36 -33.08 47.24
HE3 MSE G 417 -60.26 -34.35 47.57
N TYR G 418 -57.70 -32.28 41.48
CA TYR G 418 -56.89 -31.28 40.79
C TYR G 418 -57.68 -30.60 39.67
N ASP G 419 -58.37 -31.41 38.86
CA ASP G 419 -59.19 -30.88 37.77
C ASP G 419 -60.47 -30.22 38.27
N ARG G 420 -61.07 -30.78 39.32
CA ARG G 420 -62.31 -30.23 39.85
C ARG G 420 -62.08 -28.85 40.44
N ALA G 421 -60.96 -28.67 41.12
CA ALA G 421 -60.63 -27.40 41.75
C ALA G 421 -60.42 -26.29 40.72
N PHE G 422 -59.86 -26.65 39.57
CA PHE G 422 -59.56 -25.66 38.55
C PHE G 422 -60.80 -25.24 37.77
N ASN G 423 -61.58 -26.22 37.30
CA ASN G 423 -62.76 -25.91 36.49
C ASN G 423 -63.85 -25.26 37.33
N GLU G 424 -63.65 -25.24 38.65
CA GLU G 424 -64.51 -24.49 39.55
C GLU G 424 -64.21 -23.00 39.42
N LEU G 425 -62.94 -22.69 39.18
CA LEU G 425 -62.52 -21.30 38.99
C LEU G 425 -62.95 -20.80 37.63
N VAL G 426 -62.95 -21.70 36.65
CA VAL G 426 -63.43 -21.37 35.32
C VAL G 426 -64.93 -21.10 35.40
N LYS G 427 -65.59 -21.79 36.33
CA LYS G 427 -67.01 -21.57 36.59
C LYS G 427 -67.24 -20.15 37.09
N ALA G 428 -66.44 -19.77 38.07
CA ALA G 428 -66.54 -18.44 38.69
C ALA G 428 -66.25 -17.31 37.72
N SER G 429 -65.47 -17.60 36.67
CA SER G 429 -65.13 -16.59 35.67
C SER G 429 -66.18 -16.57 34.55
N THR H 13 -48.14 -19.66 -1.28
CA THR H 13 -48.48 -19.00 -0.02
C THR H 13 -47.30 -19.11 0.92
N TYR H 14 -47.26 -18.26 1.94
CA TYR H 14 -46.15 -18.25 2.89
C TYR H 14 -46.06 -19.55 3.70
N ASP H 15 -47.21 -20.17 3.96
CA ASP H 15 -47.27 -21.36 4.80
C ASP H 15 -47.14 -22.68 4.04
N PHE H 16 -46.45 -22.67 2.90
CA PHE H 16 -46.36 -23.86 2.05
C PHE H 16 -45.83 -25.08 2.80
N PHE H 17 -44.75 -24.89 3.56
CA PHE H 17 -44.13 -25.99 4.30
C PHE H 17 -44.58 -26.02 5.76
N MSE H 18 -45.61 -25.24 6.11
CA MSE H 18 -46.01 -25.08 7.51
C MSE H 18 -47.23 -25.93 7.90
O MSE H 18 -48.33 -25.74 7.34
CB MSE H 18 -46.33 -23.60 7.80
CG MSE H 18 -45.12 -22.67 7.72
SE MSE H 18 -45.53 -20.80 8.08
CE MSE H 18 -43.92 -19.98 7.35
H MSE H 18 -46.10 -24.80 5.54
HA MSE H 18 -45.27 -25.33 8.07
HB2 MSE H 18 -46.98 -23.29 7.15
HB3 MSE H 18 -46.70 -23.53 8.69
HG2 MSE H 18 -44.46 -22.96 8.38
HG3 MSE H 18 -44.73 -22.73 6.83
HE1 MSE H 18 -43.99 -19.01 7.45
HE2 MSE H 18 -43.15 -20.31 7.83
HE3 MSE H 18 -43.86 -20.20 6.41
N PRO H 19 -47.06 -26.85 8.85
CA PRO H 19 -48.20 -27.60 9.40
C PRO H 19 -49.23 -26.69 10.07
N GLN H 20 -50.51 -27.07 9.98
CA GLN H 20 -51.59 -26.28 10.57
C GLN H 20 -51.55 -26.30 12.09
N ASN H 21 -51.25 -27.48 12.65
CA ASN H 21 -51.11 -27.64 14.09
C ASN H 21 -49.86 -28.47 14.39
N LEU H 22 -48.75 -27.77 14.60
CA LEU H 22 -47.45 -28.41 14.71
C LEU H 22 -47.34 -29.28 15.97
N ARG H 23 -47.93 -28.85 17.08
CA ARG H 23 -47.83 -29.62 18.33
C ARG H 23 -48.56 -30.96 18.21
N GLU H 24 -49.83 -30.93 17.79
CA GLU H 24 -50.59 -32.17 17.63
C GLU H 24 -49.85 -33.09 16.66
N ASP H 25 -49.27 -32.50 15.62
CA ASP H 25 -48.53 -33.24 14.62
C ASP H 25 -47.36 -33.97 15.26
N LEU H 26 -46.62 -33.27 16.13
CA LEU H 26 -45.47 -33.85 16.82
C LEU H 26 -45.89 -34.93 17.81
N GLN H 27 -47.04 -34.74 18.45
CA GLN H 27 -47.55 -35.72 19.40
C GLN H 27 -47.92 -37.01 18.67
N LYS H 28 -48.66 -36.89 17.56
CA LYS H 28 -49.06 -38.05 16.78
C LYS H 28 -47.84 -38.80 16.27
N LYS H 29 -46.81 -38.07 15.84
CA LYS H 29 -45.62 -38.72 15.27
C LYS H 29 -44.79 -39.42 16.32
N GLN H 30 -44.72 -38.83 17.51
CA GLN H 30 -44.02 -39.44 18.63
C GLN H 30 -44.75 -40.70 19.07
N PHE H 31 -46.07 -40.61 19.14
CA PHE H 31 -46.89 -41.75 19.50
C PHE H 31 -46.64 -42.89 18.50
N ALA H 32 -46.61 -42.57 17.22
CA ALA H 32 -46.39 -43.57 16.17
C ALA H 32 -45.00 -44.20 16.25
N THR H 33 -44.04 -43.44 16.76
CA THR H 33 -42.66 -43.88 16.82
C THR H 33 -42.44 -44.91 17.92
N LEU H 34 -43.25 -44.81 18.98
CA LEU H 34 -43.05 -45.64 20.15
C LEU H 34 -43.83 -46.96 20.14
N GLN H 35 -44.81 -47.08 19.25
CA GLN H 35 -45.68 -48.26 19.22
C GLN H 35 -44.95 -49.57 18.95
N VAL H 36 -45.35 -50.61 19.69
CA VAL H 36 -44.88 -51.97 19.47
C VAL H 36 -46.04 -52.94 19.59
N ILE H 37 -45.94 -54.09 18.92
CA ILE H 37 -46.91 -55.18 19.08
C ILE H 37 -46.28 -56.26 19.97
N PRO H 38 -46.80 -56.43 21.20
CA PRO H 38 -46.18 -57.33 22.19
C PRO H 38 -45.86 -58.73 21.68
N ASN H 39 -46.83 -59.42 21.10
CA ASN H 39 -46.65 -60.80 20.66
C ASN H 39 -47.11 -60.98 19.22
N SER H 40 -46.22 -60.65 18.29
CA SER H 40 -46.48 -60.83 16.87
C SER H 40 -45.65 -61.99 16.33
N GLY H 41 -46.03 -62.49 15.16
CA GLY H 41 -45.29 -63.56 14.52
C GLY H 41 -43.96 -63.08 13.96
N LEU H 42 -43.74 -61.76 13.95
CA LEU H 42 -42.53 -61.21 13.37
C LEU H 42 -41.31 -61.56 14.20
N PRO H 43 -40.18 -61.83 13.54
CA PRO H 43 -38.99 -62.30 14.27
C PRO H 43 -38.12 -61.17 14.81
N GLN H 44 -37.07 -61.54 15.53
CA GLN H 44 -36.03 -60.61 15.93
C GLN H 44 -34.78 -60.89 15.12
N LEU H 45 -34.23 -59.84 14.52
CA LEU H 45 -33.01 -59.98 13.74
C LEU H 45 -31.84 -59.80 14.68
N GLU H 46 -30.62 -60.07 14.21
CA GLU H 46 -29.44 -59.99 15.07
C GLU H 46 -29.27 -58.59 15.64
N HIS H 47 -29.67 -57.57 14.88
CA HIS H 47 -29.49 -56.19 15.29
C HIS H 47 -30.77 -55.37 15.26
N TRP H 48 -31.91 -56.04 15.03
CA TRP H 48 -33.20 -55.36 14.98
C TRP H 48 -34.25 -56.11 15.80
N HIS H 49 -35.19 -55.35 16.38
CA HIS H 49 -36.28 -55.95 17.15
C HIS H 49 -37.48 -55.01 17.21
N SER H 50 -38.59 -55.53 17.74
CA SER H 50 -39.83 -54.77 17.87
C SER H 50 -40.36 -54.27 16.53
N LEU H 51 -40.38 -55.16 15.54
CA LEU H 51 -40.88 -54.83 14.22
C LEU H 51 -42.39 -54.55 14.23
N VAL H 52 -42.78 -53.51 13.51
CA VAL H 52 -44.19 -53.12 13.36
C VAL H 52 -44.48 -52.85 11.88
N PRO H 53 -45.48 -53.54 11.29
CA PRO H 53 -45.75 -53.30 9.87
C PRO H 53 -46.27 -51.89 9.58
N LEU H 54 -45.79 -51.28 8.50
CA LEU H 54 -46.28 -49.97 8.09
C LEU H 54 -47.20 -50.07 6.88
N ASP H 55 -47.15 -51.20 6.18
CA ASP H 55 -48.04 -51.42 5.05
C ASP H 55 -49.49 -51.42 5.52
N THR H 56 -50.28 -50.49 4.99
CA THR H 56 -51.70 -50.44 5.31
C THR H 56 -52.34 -51.71 4.77
N SER H 57 -51.91 -52.08 3.57
CA SER H 57 -52.33 -53.31 2.94
C SER H 57 -51.11 -54.07 2.47
N ASN H 58 -50.98 -55.32 2.92
CA ASN H 58 -49.91 -56.17 2.46
C ASN H 58 -50.39 -56.77 1.16
N ARG H 59 -49.51 -57.06 0.22
CA ARG H 59 -50.00 -57.54 -1.06
C ARG H 59 -48.92 -58.17 -1.91
N LYS H 60 -49.27 -59.30 -2.52
CA LYS H 60 -48.32 -60.00 -3.36
C LYS H 60 -48.21 -59.09 -4.58
N ASN H 61 -47.48 -57.99 -4.41
CA ASN H 61 -47.30 -57.00 -5.46
C ASN H 61 -45.82 -56.95 -5.77
N THR H 62 -45.52 -57.02 -7.06
CA THR H 62 -44.15 -57.16 -7.52
C THR H 62 -43.74 -56.07 -8.48
N SER H 63 -44.59 -55.06 -8.60
CA SER H 63 -44.44 -54.04 -9.65
C SER H 63 -43.11 -53.30 -9.61
N CYS H 64 -42.69 -52.86 -8.43
CA CYS H 64 -41.54 -51.97 -8.31
C CYS H 64 -40.19 -52.64 -8.39
N PHE H 65 -40.03 -53.78 -7.71
CA PHE H 65 -38.71 -54.40 -7.58
C PHE H 65 -38.66 -55.84 -8.08
N GLY H 66 -39.78 -56.37 -8.56
CA GLY H 66 -39.81 -57.74 -9.03
C GLY H 66 -39.93 -58.75 -7.91
N TYR H 67 -40.02 -58.25 -6.68
CA TYR H 67 -40.27 -59.10 -5.52
C TYR H 67 -41.33 -58.43 -4.64
N PRO H 68 -42.10 -59.22 -3.87
CA PRO H 68 -43.02 -58.62 -2.91
C PRO H 68 -42.29 -57.96 -1.74
N SER H 69 -42.70 -56.75 -1.36
CA SER H 69 -41.98 -55.98 -0.33
C SER H 69 -42.81 -55.50 0.86
N TRP H 70 -42.28 -55.70 2.05
CA TRP H 70 -42.88 -55.17 3.28
C TRP H 70 -41.99 -54.12 3.93
N VAL H 71 -42.63 -53.17 4.59
CA VAL H 71 -41.94 -52.12 5.32
C VAL H 71 -42.27 -52.19 6.80
N TYR H 72 -41.23 -52.29 7.61
CA TYR H 72 -41.39 -52.34 9.06
C TYR H 72 -40.72 -51.15 9.74
N LYS H 73 -41.37 -50.65 10.78
CA LYS H 73 -40.69 -49.82 11.77
C LYS H 73 -39.99 -50.77 12.73
N ALA H 74 -38.68 -50.61 12.87
CA ALA H 74 -37.90 -51.47 13.76
C ALA H 74 -36.96 -50.64 14.63
N GLN H 75 -36.62 -51.17 15.79
CA GLN H 75 -35.71 -50.49 16.69
C GLN H 75 -34.34 -51.15 16.59
N ASN H 76 -33.32 -50.31 16.36
CA ASN H 76 -31.95 -50.78 16.26
C ASN H 76 -31.40 -51.15 17.63
N SER H 77 -30.51 -52.12 17.69
CA SER H 77 -30.02 -52.62 18.98
C SER H 77 -28.84 -51.84 19.55
N ARG H 78 -27.91 -51.40 18.70
CA ARG H 78 -26.73 -50.70 19.22
C ARG H 78 -27.07 -49.29 19.71
N ASN H 79 -27.75 -48.49 18.89
CA ASN H 79 -28.11 -47.12 19.27
C ASN H 79 -29.54 -46.89 19.79
N GLY H 80 -30.36 -47.94 19.78
CA GLY H 80 -31.74 -47.83 20.23
C GLY H 80 -32.68 -46.91 19.46
N ARG H 81 -32.28 -46.48 18.26
CA ARG H 81 -33.12 -45.60 17.45
C ARG H 81 -33.99 -46.40 16.49
N HIS H 82 -35.08 -45.77 16.02
CA HIS H 82 -36.02 -46.41 15.13
C HIS H 82 -35.67 -46.15 13.67
N TYR H 83 -35.82 -47.19 12.85
CA TYR H 83 -35.51 -47.13 11.43
C TYR H 83 -36.62 -47.80 10.63
N ALA H 84 -36.70 -47.49 9.35
CA ALA H 84 -37.64 -48.17 8.46
C ALA H 84 -36.90 -49.28 7.73
N LEU H 85 -37.35 -50.51 7.94
CA LEU H 85 -36.75 -51.66 7.27
C LEU H 85 -37.60 -52.07 6.08
N ARG H 86 -36.98 -52.02 4.89
CA ARG H 86 -37.59 -52.53 3.68
C ARG H 86 -37.16 -53.97 3.46
N ARG H 87 -38.14 -54.86 3.38
CA ARG H 87 -37.87 -56.28 3.18
C ARG H 87 -38.32 -56.73 1.79
N LEU H 88 -37.39 -57.31 1.03
CA LEU H 88 -37.73 -57.98 -0.22
C LEU H 88 -37.81 -59.48 0.04
N GLU H 89 -39.03 -60.03 -0.03
CA GLU H 89 -39.26 -61.43 0.27
C GLU H 89 -38.82 -62.35 -0.87
N GLY H 90 -38.15 -63.45 -0.53
CA GLY H 90 -37.86 -64.48 -1.52
C GLY H 90 -36.66 -64.18 -2.38
N TYR H 91 -35.88 -63.18 -1.98
CA TYR H 91 -34.69 -62.82 -2.73
C TYR H 91 -33.57 -63.74 -2.26
N ARG H 92 -32.99 -64.49 -3.21
CA ARG H 92 -31.91 -65.42 -2.89
C ARG H 92 -30.58 -64.77 -3.22
N LEU H 93 -29.73 -64.64 -2.20
CA LEU H 93 -28.45 -63.96 -2.37
C LEU H 93 -27.50 -64.78 -3.21
N THR H 94 -27.11 -64.21 -4.35
CA THR H 94 -26.14 -64.84 -5.23
C THR H 94 -24.83 -64.07 -5.17
N ASN H 95 -24.93 -62.77 -4.95
CA ASN H 95 -23.73 -61.91 -4.96
C ASN H 95 -23.69 -60.89 -3.83
N GLU H 96 -22.72 -61.05 -2.94
CA GLU H 96 -22.52 -60.09 -1.85
C GLU H 96 -21.96 -58.80 -2.39
N LYS H 97 -21.30 -58.88 -3.55
CA LYS H 97 -20.68 -57.71 -4.16
C LYS H 97 -21.73 -56.70 -4.60
N ALA H 98 -22.94 -57.17 -4.85
CA ALA H 98 -24.01 -56.26 -5.24
C ALA H 98 -24.24 -55.30 -4.08
N ILE H 99 -24.21 -55.83 -2.87
CA ILE H 99 -24.40 -55.03 -1.66
C ILE H 99 -23.19 -54.13 -1.43
N LEU H 100 -21.99 -54.70 -1.52
CA LEU H 100 -20.78 -53.95 -1.24
C LEU H 100 -20.61 -52.79 -2.22
N ASN H 101 -20.83 -53.06 -3.51
CA ASN H 101 -20.65 -52.03 -4.53
C ASN H 101 -21.73 -50.95 -4.49
N VAL H 102 -22.97 -51.36 -4.27
CA VAL H 102 -24.09 -50.42 -4.21
C VAL H 102 -24.05 -49.59 -2.94
N MSE H 103 -23.92 -50.25 -1.80
CA MSE H 103 -23.95 -49.58 -0.50
C MSE H 103 -22.78 -48.62 -0.37
O MSE H 103 -22.87 -47.62 0.34
CB MSE H 103 -23.95 -50.62 0.62
CG MSE H 103 -24.20 -50.08 2.02
SE MSE H 103 -24.58 -51.51 3.29
CE MSE H 103 -23.71 -50.76 4.88
H MSE H 103 -23.82 -51.10 -1.75
HA MSE H 103 -24.78 -49.08 -0.44
HB2 MSE H 103 -24.63 -51.28 0.44
HB3 MSE H 103 -23.08 -51.06 0.63
HG2 MSE H 103 -23.41 -49.59 2.32
HG3 MSE H 103 -24.97 -49.48 1.98
HE1 MSE H 103 -23.82 -51.39 5.61
HE2 MSE H 103 -22.77 -50.64 4.70
HE3 MSE H 103 -24.13 -49.92 5.10
N LYS H 104 -21.67 -48.92 -1.04
CA LYS H 104 -20.50 -48.06 -1.00
C LYS H 104 -20.76 -46.73 -1.72
N ASP H 105 -21.66 -46.75 -2.68
CA ASP H 105 -21.99 -45.55 -3.44
C ASP H 105 -23.03 -44.70 -2.74
N TRP H 106 -23.98 -45.36 -2.06
CA TRP H 106 -25.15 -44.67 -1.52
C TRP H 106 -24.98 -44.23 -0.06
N LYS H 107 -24.00 -44.79 0.64
CA LYS H 107 -23.76 -44.38 2.02
C LYS H 107 -23.26 -42.93 2.07
N LYS H 108 -22.64 -42.48 0.99
CA LYS H 108 -22.16 -41.10 0.91
C LYS H 108 -23.35 -40.12 0.90
N ILE H 109 -24.42 -40.53 0.23
CA ILE H 109 -25.53 -39.64 -0.09
C ILE H 109 -26.29 -39.16 1.13
N LYS H 110 -26.42 -37.85 1.25
CA LYS H 110 -27.20 -37.21 2.30
C LYS H 110 -27.92 -36.01 1.70
N ASN H 111 -29.24 -36.11 1.60
CA ASN H 111 -30.03 -35.08 0.92
C ASN H 111 -31.41 -34.95 1.54
N ALA H 112 -31.89 -33.71 1.65
CA ALA H 112 -33.15 -33.43 2.31
C ALA H 112 -34.34 -34.09 1.62
N SER H 113 -34.15 -34.46 0.35
CA SER H 113 -35.25 -35.01 -0.45
C SER H 113 -35.05 -36.48 -0.77
N ILE H 114 -34.13 -37.12 -0.06
CA ILE H 114 -33.87 -38.55 -0.19
C ILE H 114 -33.84 -39.18 1.19
N VAL H 115 -34.57 -40.28 1.36
CA VAL H 115 -34.53 -41.01 2.60
C VAL H 115 -33.21 -41.76 2.65
N THR H 116 -32.40 -41.45 3.67
CA THR H 116 -31.08 -42.03 3.82
C THR H 116 -31.12 -43.54 3.99
N ILE H 117 -30.23 -44.22 3.27
CA ILE H 117 -30.03 -45.66 3.42
C ILE H 117 -28.79 -45.88 4.27
N HIS H 118 -28.88 -46.85 5.19
CA HIS H 118 -27.79 -47.12 6.12
C HIS H 118 -27.17 -48.48 5.93
N GLU H 119 -27.99 -49.44 5.53
CA GLU H 119 -27.54 -50.83 5.57
C GLU H 119 -28.33 -51.73 4.61
N VAL H 120 -27.66 -52.77 4.13
CA VAL H 120 -28.30 -53.78 3.32
C VAL H 120 -27.74 -55.13 3.74
N PHE H 121 -28.62 -56.07 4.04
CA PHE H 121 -28.19 -57.39 4.48
C PHE H 121 -29.27 -58.43 4.22
N THR H 122 -28.85 -59.69 4.13
CA THR H 122 -29.78 -60.80 3.95
C THR H 122 -30.07 -61.48 5.29
N THR H 123 -31.25 -62.07 5.41
CA THR H 123 -31.67 -62.74 6.63
C THR H 123 -32.54 -63.96 6.34
N ARG H 124 -32.50 -64.93 7.26
CA ARG H 124 -33.30 -66.14 7.15
C ARG H 124 -34.37 -66.19 8.24
N GLU H 125 -34.45 -65.13 9.05
CA GLU H 125 -35.31 -65.10 10.23
C GLU H 125 -36.80 -65.04 9.91
N PHE H 126 -37.13 -64.66 8.68
CA PHE H 126 -38.51 -64.53 8.24
C PHE H 126 -39.10 -65.86 7.76
N GLY H 127 -38.29 -66.92 7.81
CA GLY H 127 -38.72 -68.23 7.38
C GLY H 127 -38.45 -68.44 5.90
N ASP H 128 -37.65 -67.54 5.34
CA ASP H 128 -37.28 -67.61 3.92
C ASP H 128 -36.05 -66.75 3.73
N SER H 129 -35.49 -66.76 2.53
CA SER H 129 -34.40 -65.84 2.20
C SER H 129 -34.96 -64.46 1.87
N SER H 130 -34.71 -63.50 2.76
CA SER H 130 -35.16 -62.11 2.57
C SER H 130 -33.98 -61.16 2.52
N LEU H 131 -34.15 -60.09 1.75
CA LEU H 131 -33.16 -59.03 1.65
C LEU H 131 -33.70 -57.78 2.36
N ILE H 132 -32.92 -57.23 3.30
CA ILE H 132 -33.39 -56.11 4.11
C ILE H 132 -32.59 -54.84 3.83
N PHE H 133 -33.33 -53.74 3.59
CA PHE H 133 -32.73 -52.41 3.44
C PHE H 133 -33.17 -51.52 4.60
N ALA H 134 -32.21 -50.99 5.36
CA ALA H 134 -32.52 -50.16 6.53
C ALA H 134 -32.43 -48.67 6.20
N TYR H 135 -33.55 -47.96 6.34
CA TYR H 135 -33.63 -46.54 6.03
C TYR H 135 -33.86 -45.70 7.29
N ASP H 136 -33.68 -44.38 7.18
CA ASP H 136 -34.20 -43.47 8.19
C ASP H 136 -35.68 -43.74 8.32
N PHE H 137 -36.27 -43.41 9.47
CA PHE H 137 -37.70 -43.58 9.69
C PHE H 137 -38.37 -42.22 9.78
N HIS H 138 -39.45 -42.03 9.02
CA HIS H 138 -40.21 -40.79 9.06
C HIS H 138 -41.65 -41.06 9.46
N PRO H 139 -42.00 -40.82 10.73
CA PRO H 139 -43.31 -41.25 11.23
C PRO H 139 -44.52 -40.67 10.49
N LEU H 140 -45.53 -41.51 10.31
CA LEU H 140 -46.79 -41.16 9.66
C LEU H 140 -46.61 -40.62 8.24
N SER H 141 -45.62 -41.16 7.54
CA SER H 141 -45.41 -40.84 6.12
C SER H 141 -46.45 -41.55 5.26
N LYS H 142 -46.94 -40.85 4.24
CA LYS H 142 -47.82 -41.46 3.24
C LYS H 142 -47.24 -41.23 1.85
N THR H 143 -47.45 -42.21 0.98
CA THR H 143 -46.93 -42.14 -0.38
C THR H 143 -47.72 -41.11 -1.18
N LEU H 144 -47.13 -40.58 -2.25
CA LEU H 144 -47.90 -39.71 -3.15
C LEU H 144 -49.05 -40.49 -3.73
N GLN H 145 -48.86 -41.79 -3.91
CA GLN H 145 -49.95 -42.62 -4.40
C GLN H 145 -51.11 -42.61 -3.41
N GLU H 146 -50.81 -42.88 -2.15
CA GLU H 146 -51.85 -42.90 -1.12
C GLU H 146 -52.53 -41.54 -0.97
N HIS H 147 -51.78 -40.46 -1.16
CA HIS H 147 -52.29 -39.13 -0.89
C HIS H 147 -53.07 -38.53 -2.07
N HIS H 148 -52.59 -38.74 -3.28
CA HIS H 148 -53.15 -38.09 -4.47
C HIS H 148 -54.02 -38.95 -5.37
N PHE H 149 -53.87 -40.28 -5.29
CA PHE H 149 -54.57 -41.18 -6.21
C PHE H 149 -55.63 -42.02 -5.53
N GLN H 150 -55.54 -42.14 -4.20
CA GLN H 150 -56.52 -42.92 -3.46
C GLN H 150 -57.93 -42.37 -3.68
N PRO H 151 -58.89 -43.24 -4.06
CA PRO H 151 -60.26 -42.74 -4.28
C PRO H 151 -60.91 -42.25 -2.99
N PRO H 159 -62.84 -39.63 -6.16
CA PRO H 159 -61.45 -39.22 -6.35
C PRO H 159 -61.12 -37.94 -5.58
N PRO H 160 -59.82 -37.66 -5.38
CA PRO H 160 -59.33 -36.49 -4.64
C PRO H 160 -59.39 -35.23 -5.52
N PRO H 161 -59.08 -34.06 -4.96
CA PRO H 161 -59.18 -32.82 -5.75
C PRO H 161 -57.96 -32.64 -6.66
N ALA H 162 -58.05 -31.67 -7.58
CA ALA H 162 -56.94 -31.37 -8.47
C ALA H 162 -55.73 -30.85 -7.69
N VAL H 163 -54.55 -31.29 -8.07
CA VAL H 163 -53.32 -30.86 -7.42
C VAL H 163 -52.97 -29.44 -7.88
N PRO H 164 -52.85 -28.48 -6.94
CA PRO H 164 -52.44 -27.12 -7.30
C PRO H 164 -51.08 -27.06 -7.99
N GLU H 165 -50.93 -26.13 -8.93
CA GLU H 165 -49.68 -26.04 -9.69
C GLU H 165 -48.48 -25.73 -8.79
N ASN H 166 -48.65 -24.90 -7.78
CA ASN H 166 -47.55 -24.59 -6.87
C ASN H 166 -47.08 -25.82 -6.12
N THR H 167 -48.01 -26.71 -5.79
CA THR H 167 -47.65 -27.96 -5.14
C THR H 167 -46.82 -28.81 -6.08
N ILE H 168 -47.17 -28.83 -7.36
CA ILE H 168 -46.40 -29.60 -8.32
C ILE H 168 -45.01 -29.01 -8.50
N TRP H 169 -44.91 -27.70 -8.64
CA TRP H 169 -43.60 -27.05 -8.75
C TRP H 169 -42.75 -27.34 -7.51
N GLY H 170 -43.40 -27.31 -6.34
CA GLY H 170 -42.72 -27.66 -5.10
C GLY H 170 -42.15 -29.06 -5.20
N TYR H 171 -42.95 -30.01 -5.66
CA TYR H 171 -42.48 -31.39 -5.84
C TYR H 171 -41.32 -31.44 -6.83
N ILE H 172 -41.48 -30.72 -7.93
CA ILE H 172 -40.44 -30.67 -8.97
C ILE H 172 -39.13 -30.16 -8.41
N CYS H 173 -39.17 -29.08 -7.64
CA CYS H 173 -37.95 -28.52 -7.08
C CYS H 173 -37.28 -29.48 -6.12
N GLN H 174 -38.09 -30.24 -5.39
CA GLN H 174 -37.55 -31.18 -4.42
C GLN H 174 -36.95 -32.42 -5.10
N ILE H 175 -37.60 -32.93 -6.14
CA ILE H 175 -37.05 -34.05 -6.90
C ILE H 175 -35.78 -33.61 -7.63
N ALA H 176 -35.81 -32.42 -8.22
CA ALA H 176 -34.63 -31.87 -8.89
C ALA H 176 -33.45 -31.81 -7.91
N ASN H 177 -33.73 -31.37 -6.69
CA ASN H 177 -32.72 -31.36 -5.62
C ASN H 177 -32.13 -32.75 -5.42
N ALA H 178 -33.00 -33.76 -5.32
CA ALA H 178 -32.55 -35.14 -5.15
C ALA H 178 -31.71 -35.61 -6.33
N LEU H 179 -32.18 -35.32 -7.55
CA LEU H 179 -31.45 -35.77 -8.74
C LEU H 179 -30.09 -35.07 -8.87
N LYS H 180 -30.00 -33.83 -8.39
CA LYS H 180 -28.74 -33.12 -8.43
C LYS H 180 -27.68 -33.89 -7.66
N THR H 181 -28.02 -34.30 -6.45
CA THR H 181 -27.06 -35.03 -5.61
C THR H 181 -26.80 -36.43 -6.16
N ILE H 182 -27.84 -37.13 -6.59
CA ILE H 182 -27.70 -38.49 -7.11
C ILE H 182 -26.86 -38.50 -8.40
N HIS H 183 -27.20 -37.65 -9.35
CA HIS H 183 -26.48 -37.65 -10.63
C HIS H 183 -25.04 -37.18 -10.46
N SER H 184 -24.79 -36.29 -9.52
CA SER H 184 -23.43 -35.80 -9.26
C SER H 184 -22.53 -36.91 -8.74
N ASN H 185 -23.11 -37.94 -8.15
CA ASN H 185 -22.36 -39.07 -7.62
C ASN H 185 -22.32 -40.24 -8.61
N ARG H 186 -22.58 -39.95 -9.88
CA ARG H 186 -22.55 -40.96 -10.94
C ARG H 186 -23.56 -42.08 -10.67
N LEU H 187 -24.74 -41.69 -10.21
CA LEU H 187 -25.81 -42.64 -9.91
C LEU H 187 -27.11 -42.19 -10.55
N ALA H 188 -28.12 -43.04 -10.45
CA ALA H 188 -29.45 -42.72 -10.94
C ALA H 188 -30.48 -43.08 -9.88
N ALA H 189 -31.56 -42.32 -9.84
CA ALA H 189 -32.72 -42.66 -9.04
C ALA H 189 -33.58 -43.62 -9.85
N ARG H 190 -33.24 -44.91 -9.81
CA ARG H 190 -33.90 -45.92 -10.62
C ARG H 190 -35.42 -45.84 -10.52
N CYS H 191 -35.91 -45.50 -9.32
CA CYS H 191 -37.33 -45.58 -8.99
C CYS H 191 -37.95 -44.24 -8.66
N LEU H 192 -38.88 -43.79 -9.50
CA LEU H 192 -39.59 -42.53 -9.30
C LEU H 192 -41.12 -42.73 -9.28
N GLU H 193 -41.57 -43.92 -8.95
CA GLU H 193 -43.01 -44.19 -8.88
C GLU H 193 -43.65 -43.43 -7.72
N PRO H 194 -44.93 -43.04 -7.88
CA PRO H 194 -45.66 -42.32 -6.82
C PRO H 194 -45.76 -43.09 -5.50
N SER H 195 -45.65 -44.40 -5.56
CA SER H 195 -45.76 -45.20 -4.35
C SER H 195 -44.44 -45.23 -3.58
N LYS H 196 -43.37 -44.76 -4.22
CA LYS H 196 -42.05 -44.79 -3.61
C LYS H 196 -41.49 -43.37 -3.41
N ILE H 197 -42.41 -42.41 -3.36
CA ILE H 197 -42.12 -41.04 -2.94
C ILE H 197 -43.08 -40.76 -1.81
N ILE H 198 -42.54 -40.46 -0.62
CA ILE H 198 -43.35 -40.30 0.57
C ILE H 198 -43.43 -38.85 1.02
N LEU H 199 -44.62 -38.45 1.45
CA LEU H 199 -44.80 -37.18 2.14
C LEU H 199 -44.49 -37.34 3.62
N THR H 200 -43.35 -36.81 4.05
CA THR H 200 -42.94 -36.90 5.46
C THR H 200 -43.50 -35.76 6.31
N ASP H 201 -44.01 -34.73 5.65
CA ASP H 201 -44.73 -33.63 6.29
C ASP H 201 -45.43 -32.87 5.18
N ILE H 202 -46.20 -31.84 5.50
CA ILE H 202 -46.95 -31.12 4.48
C ILE H 202 -46.07 -30.61 3.34
N ASN H 203 -46.42 -31.04 2.13
CA ASN H 203 -45.73 -30.66 0.88
C ASN H 203 -44.26 -30.99 0.90
N ARG H 204 -43.86 -31.90 1.77
CA ARG H 204 -42.45 -32.28 1.89
C ARG H 204 -42.26 -33.73 1.45
N ILE H 205 -41.63 -33.91 0.29
CA ILE H 205 -41.47 -35.24 -0.28
C ILE H 205 -40.03 -35.72 -0.27
N ARG H 206 -39.88 -37.04 -0.21
CA ARG H 206 -38.58 -37.70 -0.18
C ARG H 206 -38.63 -39.03 -0.94
N LEU H 207 -37.57 -39.37 -1.66
CA LEU H 207 -37.50 -40.65 -2.37
C LEU H 207 -37.25 -41.77 -1.36
N SER H 208 -38.18 -42.72 -1.28
CA SER H 208 -38.16 -43.74 -0.23
C SER H 208 -37.44 -45.05 -0.57
N ALA H 209 -37.10 -45.27 -1.83
CA ALA H 209 -36.59 -46.58 -2.24
C ALA H 209 -35.29 -46.54 -3.05
N CYS H 210 -34.36 -45.67 -2.65
CA CYS H 210 -33.10 -45.59 -3.36
C CYS H 210 -32.19 -46.78 -3.06
N ALA H 211 -31.46 -47.18 -4.10
CA ALA H 211 -30.48 -48.28 -4.07
C ALA H 211 -31.09 -49.70 -4.13
N ILE H 212 -32.41 -49.82 -4.10
CA ILE H 212 -33.02 -51.15 -4.16
C ILE H 212 -32.82 -51.76 -5.55
N LEU H 213 -33.20 -51.02 -6.60
CA LEU H 213 -33.03 -51.55 -7.95
C LEU H 213 -31.56 -51.71 -8.34
N ASP H 214 -30.67 -50.97 -7.66
CA ASP H 214 -29.25 -51.11 -7.91
C ASP H 214 -28.80 -52.51 -7.54
N VAL H 215 -29.36 -53.04 -6.45
CA VAL H 215 -29.01 -54.36 -5.96
C VAL H 215 -29.76 -55.45 -6.72
N VAL H 216 -31.05 -55.23 -6.96
CA VAL H 216 -31.88 -56.22 -7.62
C VAL H 216 -31.43 -56.48 -9.06
N GLN H 217 -31.06 -55.42 -9.77
CA GLN H 217 -30.70 -55.52 -11.18
C GLN H 217 -29.18 -55.58 -11.37
N PHE H 218 -28.46 -55.79 -10.28
CA PHE H 218 -27.00 -55.82 -10.33
C PHE H 218 -26.53 -56.95 -11.25
N GLY H 219 -25.64 -56.63 -12.18
CA GLY H 219 -25.12 -57.61 -13.12
C GLY H 219 -26.02 -57.81 -14.33
N MSE H 220 -27.30 -58.09 -14.10
CA MSE H 220 -28.25 -58.31 -15.19
C MSE H 220 -28.48 -57.06 -16.03
O MSE H 220 -28.95 -57.15 -17.17
CB MSE H 220 -29.57 -58.82 -14.63
CG MSE H 220 -29.47 -60.21 -14.05
SE MSE H 220 -31.18 -60.85 -13.37
CE MSE H 220 -30.61 -62.49 -12.47
H MSE H 220 -27.65 -58.15 -13.31
HA MSE H 220 -27.89 -59.01 -15.76
HB2 MSE H 220 -29.87 -58.23 -13.92
HB3 MSE H 220 -30.23 -58.84 -15.34
HG2 MSE H 220 -29.17 -60.82 -14.75
HG3 MSE H 220 -28.83 -60.21 -13.32
HE1 MSE H 220 -31.38 -62.92 -12.08
HE2 MSE H 220 -30.19 -63.08 -13.11
HE3 MSE H 220 -29.97 -62.26 -11.77
N ASN H 221 -28.15 -55.90 -15.47
CA ASN H 221 -28.26 -54.65 -16.20
C ASN H 221 -27.10 -54.42 -17.17
N SER H 222 -27.43 -53.87 -18.34
CA SER H 222 -26.44 -53.58 -19.36
C SER H 222 -26.39 -52.08 -19.65
N ARG H 223 -27.43 -51.36 -19.23
CA ARG H 223 -27.49 -49.92 -19.43
C ARG H 223 -26.42 -49.20 -18.62
N SER H 224 -25.85 -48.14 -19.18
CA SER H 224 -24.80 -47.39 -18.51
C SER H 224 -25.39 -46.40 -17.53
N VAL H 225 -24.53 -45.70 -16.80
CA VAL H 225 -24.97 -44.72 -15.82
C VAL H 225 -25.75 -43.61 -16.52
N VAL H 226 -25.19 -43.06 -17.60
CA VAL H 226 -25.83 -41.95 -18.30
C VAL H 226 -27.19 -42.38 -18.86
N GLU H 227 -27.27 -43.61 -19.36
CA GLU H 227 -28.54 -44.13 -19.89
C GLU H 227 -29.57 -44.25 -18.76
N LEU H 228 -29.15 -44.75 -17.61
CA LEU H 228 -30.03 -44.84 -16.46
C LEU H 228 -30.52 -43.46 -16.06
N GLN H 229 -29.66 -42.46 -16.22
CA GLN H 229 -30.02 -41.09 -15.87
C GLN H 229 -31.04 -40.50 -16.83
N GLN H 230 -30.94 -40.87 -18.11
CA GLN H 230 -31.91 -40.41 -19.10
C GLN H 230 -33.29 -40.96 -18.74
N GLU H 231 -33.33 -42.18 -18.23
CA GLU H 231 -34.60 -42.78 -17.83
C GLU H 231 -35.21 -42.08 -16.63
N ASP H 232 -34.37 -41.58 -15.71
CA ASP H 232 -34.86 -40.83 -14.56
C ASP H 232 -35.73 -39.67 -15.00
N PHE H 233 -35.28 -38.95 -16.02
CA PHE H 233 -36.02 -37.77 -16.49
C PHE H 233 -37.35 -38.17 -17.10
N VAL H 234 -37.38 -39.25 -17.86
CA VAL H 234 -38.64 -39.73 -18.42
C VAL H 234 -39.60 -40.10 -17.28
N LYS H 235 -39.10 -40.88 -16.33
CA LYS H 235 -39.90 -41.26 -15.16
C LYS H 235 -40.34 -40.02 -14.38
N PHE H 236 -39.47 -39.03 -14.32
CA PHE H 236 -39.77 -37.74 -13.69
C PHE H 236 -40.96 -37.09 -14.39
N GLY H 237 -40.91 -37.05 -15.72
CA GLY H 237 -41.98 -36.48 -16.53
C GLY H 237 -43.30 -37.23 -16.40
N LYS H 238 -43.22 -38.54 -16.27
CA LYS H 238 -44.43 -39.34 -16.13
C LYS H 238 -45.09 -39.16 -14.76
N LEU H 239 -44.25 -38.89 -13.76
CA LEU H 239 -44.74 -38.62 -12.41
C LEU H 239 -45.61 -37.36 -12.40
N ILE H 240 -45.13 -36.30 -13.03
CA ILE H 240 -45.86 -35.03 -13.03
C ILE H 240 -47.16 -35.20 -13.77
N LEU H 241 -47.08 -35.89 -14.91
CA LEU H 241 -48.24 -36.14 -15.73
C LEU H 241 -49.32 -36.87 -14.95
N SER H 242 -48.91 -37.87 -14.17
CA SER H 242 -49.85 -38.60 -13.32
C SER H 242 -50.57 -37.69 -12.34
N LEU H 243 -49.83 -36.79 -11.69
CA LEU H 243 -50.41 -35.91 -10.67
C LEU H 243 -51.37 -34.92 -11.30
N ALA H 244 -51.05 -34.49 -12.52
CA ALA H 244 -51.86 -33.50 -13.21
C ALA H 244 -53.14 -34.09 -13.79
N THR H 245 -53.10 -35.35 -14.20
CA THR H 245 -54.25 -36.00 -14.86
C THR H 245 -54.99 -36.97 -13.95
N GLY H 246 -54.32 -37.42 -12.90
CA GLY H 246 -54.94 -38.32 -11.93
C GLY H 246 -54.89 -39.78 -12.31
N THR H 247 -54.06 -40.11 -13.30
CA THR H 247 -53.88 -41.51 -13.68
C THR H 247 -52.44 -41.92 -13.38
N LEU H 248 -52.30 -43.05 -12.69
CA LEU H 248 -51.01 -43.57 -12.27
C LEU H 248 -50.07 -43.76 -13.47
N PRO H 249 -48.74 -43.58 -13.28
CA PRO H 249 -47.81 -43.69 -14.40
C PRO H 249 -47.90 -45.00 -15.18
N ALA H 250 -48.06 -46.12 -14.47
CA ALA H 250 -48.11 -47.42 -15.11
C ALA H 250 -49.35 -47.56 -16.00
N HIS H 251 -50.31 -46.66 -15.81
CA HIS H 251 -51.56 -46.69 -16.54
C HIS H 251 -51.66 -45.55 -17.57
N LEU H 252 -50.53 -44.91 -17.84
CA LEU H 252 -50.46 -43.87 -18.87
C LEU H 252 -50.09 -44.46 -20.22
N ASN H 253 -51.08 -44.96 -20.94
CA ASN H 253 -50.87 -45.56 -22.25
C ASN H 253 -50.84 -44.50 -23.36
N ASN H 254 -51.47 -43.35 -23.10
CA ASN H 254 -51.58 -42.28 -24.09
C ASN H 254 -50.99 -40.97 -23.57
N ILE H 255 -49.69 -40.81 -23.79
CA ILE H 255 -48.96 -39.63 -23.33
C ILE H 255 -49.46 -38.34 -23.98
N PRO H 256 -49.65 -38.33 -25.32
CA PRO H 256 -50.13 -37.09 -25.94
C PRO H 256 -51.46 -36.59 -25.39
N ALA H 257 -52.38 -37.49 -25.11
CA ALA H 257 -53.70 -37.11 -24.58
C ALA H 257 -53.58 -36.55 -23.16
N ALA H 258 -52.63 -37.08 -22.40
CA ALA H 258 -52.39 -36.61 -21.04
C ALA H 258 -51.77 -35.22 -21.07
N LEU H 259 -50.87 -35.01 -22.04
CA LEU H 259 -50.20 -33.72 -22.20
C LEU H 259 -51.20 -32.63 -22.54
N GLU H 260 -52.26 -33.00 -23.25
CA GLU H 260 -53.29 -32.04 -23.60
C GLU H 260 -54.15 -31.71 -22.38
N THR H 261 -54.32 -32.69 -21.50
CA THR H 261 -55.03 -32.47 -20.26
C THR H 261 -54.21 -31.54 -19.37
N LEU H 262 -52.92 -31.85 -19.24
CA LEU H 262 -52.00 -31.05 -18.45
C LEU H 262 -51.93 -29.62 -18.98
N GLY H 263 -51.88 -29.49 -20.30
CA GLY H 263 -51.78 -28.19 -20.94
C GLY H 263 -53.02 -27.33 -20.75
N ASN H 264 -54.16 -27.99 -20.54
CA ASN H 264 -55.42 -27.29 -20.33
C ASN H 264 -55.68 -26.97 -18.85
N LYS H 265 -55.06 -27.71 -17.95
CA LYS H 265 -55.28 -27.51 -16.51
C LYS H 265 -54.21 -26.63 -15.88
N TYR H 266 -53.03 -26.63 -16.49
CA TYR H 266 -51.86 -25.97 -15.94
C TYR H 266 -51.18 -25.05 -16.95
N SER H 267 -50.22 -24.27 -16.47
CA SER H 267 -49.56 -23.26 -17.29
C SER H 267 -48.73 -23.87 -18.41
N ALA H 268 -48.34 -23.03 -19.36
CA ALA H 268 -47.53 -23.45 -20.49
C ALA H 268 -46.13 -23.82 -20.02
N ASN H 269 -45.69 -23.17 -18.94
CA ASN H 269 -44.37 -23.44 -18.36
C ASN H 269 -44.24 -24.87 -17.87
N LEU H 270 -45.27 -25.35 -17.17
CA LEU H 270 -45.27 -26.72 -16.67
C LEU H 270 -45.31 -27.72 -17.83
N LYS H 271 -46.16 -27.47 -18.82
CA LYS H 271 -46.26 -28.37 -19.97
C LYS H 271 -44.93 -28.47 -20.68
N SER H 272 -44.20 -27.35 -20.73
CA SER H 272 -42.90 -27.32 -21.37
C SER H 272 -41.88 -28.15 -20.61
N ALA H 273 -41.91 -28.05 -19.29
CA ALA H 273 -40.99 -28.79 -18.44
C ALA H 273 -41.25 -30.28 -18.59
N VAL H 274 -42.52 -30.66 -18.50
CA VAL H 274 -42.87 -32.07 -18.65
C VAL H 274 -42.47 -32.58 -20.03
N ASN H 275 -42.68 -31.75 -21.05
CA ASN H 275 -42.32 -32.14 -22.41
C ASN H 275 -40.81 -32.35 -22.57
N TRP H 276 -40.02 -31.50 -21.91
CA TRP H 276 -38.56 -31.62 -21.92
C TRP H 276 -38.10 -32.89 -21.21
N LEU H 277 -38.76 -33.23 -20.11
CA LEU H 277 -38.43 -34.43 -19.35
C LEU H 277 -38.77 -35.70 -20.15
N LEU H 278 -39.91 -35.69 -20.83
CA LEU H 278 -40.38 -36.85 -21.60
C LEU H 278 -39.63 -37.04 -22.91
N ASP H 279 -39.28 -35.93 -23.56
CA ASP H 279 -38.69 -35.96 -24.88
C ASP H 279 -37.38 -36.75 -24.93
N THR H 280 -37.28 -37.65 -25.91
CA THR H 280 -36.07 -38.44 -26.11
C THR H 280 -35.56 -38.33 -27.55
N SER H 281 -36.20 -37.47 -28.34
CA SER H 281 -35.90 -37.37 -29.76
C SER H 281 -34.88 -36.26 -30.05
N SER H 282 -34.66 -35.39 -29.08
CA SER H 282 -33.69 -34.31 -29.25
C SER H 282 -32.29 -34.89 -29.35
N GLY H 283 -31.41 -34.20 -30.07
CA GLY H 283 -30.05 -34.67 -30.26
C GLY H 283 -29.14 -34.32 -29.10
N GLU H 284 -29.71 -33.75 -28.04
CA GLU H 284 -28.95 -33.35 -26.87
C GLU H 284 -29.25 -34.23 -25.65
N THR H 285 -28.20 -34.71 -25.01
CA THR H 285 -28.34 -35.49 -23.78
C THR H 285 -28.86 -34.61 -22.66
N LYS H 286 -29.91 -35.08 -21.99
CA LYS H 286 -30.52 -34.33 -20.89
C LYS H 286 -29.67 -34.42 -19.62
N THR H 287 -29.45 -33.28 -18.99
CA THR H 287 -28.66 -33.20 -17.76
C THR H 287 -29.43 -32.47 -16.68
N ILE H 288 -29.19 -32.84 -15.43
CA ILE H 288 -29.86 -32.18 -14.31
C ILE H 288 -29.44 -30.71 -14.24
N GLU H 289 -28.22 -30.42 -14.69
CA GLU H 289 -27.73 -29.03 -14.76
C GLU H 289 -28.63 -28.16 -15.62
N HIS H 290 -28.93 -28.63 -16.83
CA HIS H 290 -29.76 -27.89 -17.76
C HIS H 290 -31.19 -27.74 -17.25
N PHE H 291 -31.73 -28.77 -16.63
CA PHE H 291 -33.10 -28.73 -16.14
C PHE H 291 -33.27 -27.70 -15.03
N MSE H 292 -32.31 -27.66 -14.11
CA MSE H 292 -32.33 -26.68 -13.02
C MSE H 292 -32.32 -25.25 -13.56
O MSE H 292 -33.06 -24.40 -13.06
CB MSE H 292 -31.15 -26.89 -12.09
CG MSE H 292 -31.29 -28.08 -11.19
SE MSE H 292 -29.77 -28.29 -10.00
CE MSE H 292 -28.37 -28.60 -11.31
H MSE H 292 -31.64 -28.21 -14.08
HA MSE H 292 -33.14 -26.81 -12.50
HB2 MSE H 292 -30.34 -27.02 -12.63
HB3 MSE H 292 -31.04 -26.10 -11.53
HG2 MSE H 292 -32.08 -27.99 -10.64
HG3 MSE H 292 -31.35 -28.89 -11.73
HE1 MSE H 292 -27.52 -28.72 -10.85
HE2 MSE H 292 -28.58 -29.40 -11.82
HE3 MSE H 292 -28.32 -27.84 -11.91
N THR H 293 -31.50 -25.00 -14.57
CA THR H 293 -31.40 -23.68 -15.17
C THR H 293 -32.77 -23.17 -15.60
N GLY H 294 -33.62 -24.08 -16.06
CA GLY H 294 -34.95 -23.74 -16.54
C GLY H 294 -35.99 -23.49 -15.47
N ILE H 295 -35.73 -23.97 -14.24
CA ILE H 295 -36.66 -23.78 -13.12
C ILE H 295 -36.03 -22.92 -12.01
N ALA H 296 -35.05 -22.09 -12.38
CA ALA H 296 -34.34 -21.27 -11.40
C ALA H 296 -35.29 -20.39 -10.60
N SER H 297 -36.26 -19.79 -11.28
CA SER H 297 -37.22 -18.91 -10.62
C SER H 297 -38.02 -19.67 -9.56
N GLN H 298 -38.49 -20.86 -9.92
CA GLN H 298 -39.24 -21.69 -8.98
C GLN H 298 -38.37 -22.09 -7.78
N MSE H 299 -37.13 -22.49 -8.06
CA MSE H 299 -36.21 -22.93 -7.03
C MSE H 299 -35.98 -21.82 -6.00
O MSE H 299 -35.86 -22.10 -4.80
CB MSE H 299 -34.88 -23.35 -7.65
CG MSE H 299 -33.95 -24.07 -6.68
SE MSE H 299 -34.69 -25.76 -6.01
CE MSE H 299 -34.80 -26.73 -7.71
H MSE H 299 -36.82 -22.54 -8.86
HA MSE H 299 -36.59 -23.70 -6.58
HB2 MSE H 299 -35.06 -23.94 -8.39
HB3 MSE H 299 -34.42 -22.55 -7.96
HG2 MSE H 299 -33.12 -24.27 -7.14
HG3 MSE H 299 -33.78 -23.50 -5.92
HE1 MSE H 299 -35.16 -27.61 -7.55
HE2 MSE H 299 -35.39 -26.24 -8.31
HE3 MSE H 299 -33.92 -26.79 -8.10
N THR H 300 -35.92 -20.59 -6.47
CA THR H 300 -35.72 -19.44 -5.61
C THR H 300 -36.94 -19.22 -4.73
N THR H 301 -38.13 -19.45 -5.28
CA THR H 301 -39.37 -19.28 -4.53
C THR H 301 -39.46 -20.25 -3.36
N PHE H 302 -39.02 -21.49 -3.58
CA PHE H 302 -39.10 -22.52 -2.55
C PHE H 302 -37.91 -22.49 -1.60
N PHE H 303 -36.85 -21.80 -2.00
CA PHE H 303 -35.78 -21.48 -1.08
C PHE H 303 -36.35 -20.51 -0.03
N ASP H 304 -37.08 -19.51 -0.52
CA ASP H 304 -37.73 -18.51 0.35
C ASP H 304 -38.71 -19.17 1.31
N LEU H 305 -39.56 -20.04 0.78
CA LEU H 305 -40.60 -20.68 1.57
C LEU H 305 -40.02 -21.63 2.62
N ALA H 306 -38.94 -22.31 2.27
CA ALA H 306 -38.25 -23.15 3.24
C ALA H 306 -37.68 -22.31 4.38
N LEU H 307 -37.10 -21.14 4.06
CA LEU H 307 -36.54 -20.27 5.09
C LEU H 307 -37.62 -19.67 5.98
N GLN H 308 -38.78 -19.37 5.41
CA GLN H 308 -39.87 -18.82 6.21
C GLN H 308 -40.40 -19.89 7.17
N ASP H 309 -40.41 -21.14 6.74
CA ASP H 309 -40.82 -22.23 7.63
C ASP H 309 -39.77 -22.46 8.72
N ASN H 310 -38.49 -22.27 8.38
CA ASN H 310 -37.43 -22.33 9.39
C ASN H 310 -37.66 -21.33 10.51
N ASP H 311 -38.07 -20.11 10.15
CA ASP H 311 -38.36 -19.07 11.13
C ASP H 311 -39.56 -19.48 12.01
N GLU H 312 -40.52 -20.15 11.39
CA GLU H 312 -41.72 -20.60 12.08
C GLU H 312 -41.37 -21.64 13.14
N LYS H 313 -40.51 -22.59 12.77
CA LYS H 313 -40.06 -23.63 13.68
C LYS H 313 -39.17 -23.03 14.76
N LEU H 314 -38.39 -22.02 14.37
CA LEU H 314 -37.51 -21.35 15.30
C LEU H 314 -38.35 -20.59 16.34
N PHE H 315 -39.45 -20.01 15.88
CA PHE H 315 -40.36 -19.30 16.79
C PHE H 315 -40.93 -20.23 17.87
N HIS H 316 -41.45 -21.38 17.46
CA HIS H 316 -42.05 -22.32 18.40
C HIS H 316 -41.00 -22.96 19.29
N LEU H 317 -39.85 -23.28 18.71
CA LEU H 317 -38.75 -23.84 19.47
C LEU H 317 -38.31 -22.85 20.56
N ALA H 318 -38.28 -21.57 20.23
CA ALA H 318 -37.84 -20.57 21.19
C ALA H 318 -38.82 -20.50 22.36
N ARG H 319 -40.12 -20.68 22.08
CA ARG H 319 -41.11 -20.61 23.16
C ARG H 319 -41.05 -21.83 24.07
N GLU H 320 -40.69 -22.99 23.52
CA GLU H 320 -40.72 -24.21 24.31
C GLU H 320 -39.44 -24.32 25.12
N VAL H 321 -38.37 -23.68 24.63
CA VAL H 321 -37.13 -23.66 25.38
C VAL H 321 -37.34 -22.75 26.59
N GLU H 322 -38.13 -21.68 26.39
CA GLU H 322 -38.42 -20.73 27.44
C GLU H 322 -39.43 -21.31 28.43
N ASN H 323 -40.33 -22.16 27.94
CA ASN H 323 -41.28 -22.86 28.79
C ASN H 323 -40.53 -23.77 29.75
N GLY H 324 -39.43 -24.34 29.26
CA GLY H 324 -38.56 -25.16 30.10
C GLY H 324 -37.96 -24.33 31.22
N ARG H 325 -37.50 -23.13 30.88
CA ARG H 325 -36.88 -22.26 31.87
C ARG H 325 -37.95 -21.85 32.89
N ILE H 326 -39.13 -21.48 32.41
CA ILE H 326 -40.23 -21.13 33.28
C ILE H 326 -40.62 -22.30 34.17
N ALA H 327 -40.69 -23.51 33.61
CA ALA H 327 -41.06 -24.69 34.38
C ALA H 327 -40.09 -24.91 35.53
N ARG H 328 -38.80 -24.77 35.27
CA ARG H 328 -37.79 -24.95 36.30
C ARG H 328 -37.85 -23.83 37.34
N SER H 329 -38.32 -22.66 36.93
CA SER H 329 -38.48 -21.54 37.84
C SER H 329 -39.70 -21.72 38.74
N LEU H 330 -40.78 -22.25 38.18
CA LEU H 330 -41.99 -22.46 38.97
C LEU H 330 -41.77 -23.54 40.00
N MSE H 331 -40.93 -24.52 39.66
CA MSE H 331 -40.61 -25.59 40.60
C MSE H 331 -39.87 -25.05 41.81
O MSE H 331 -40.14 -25.43 42.94
CB MSE H 331 -39.79 -26.68 39.92
CG MSE H 331 -40.64 -27.57 39.00
SE MSE H 331 -39.71 -29.14 38.33
CE MSE H 331 -38.47 -28.30 37.10
H MSE H 331 -40.52 -24.58 38.90
HA MSE H 331 -41.44 -25.99 40.90
HB2 MSE H 331 -39.10 -26.27 39.38
HB3 MSE H 331 -39.39 -27.25 40.59
HG2 MSE H 331 -41.41 -27.87 39.50
HG3 MSE H 331 -40.93 -27.04 38.25
HE1 MSE H 331 -37.93 -29.00 36.67
HE2 MSE H 331 -38.98 -27.82 36.42
HE3 MSE H 331 -37.91 -27.70 37.59
N LYS H 332 -38.92 -24.14 41.58
CA LYS H 332 -38.19 -23.53 42.68
C LYS H 332 -39.14 -22.72 43.55
N LEU H 333 -40.02 -21.95 42.91
CA LEU H 333 -41.00 -21.14 43.62
C LEU H 333 -41.88 -22.00 44.55
N LEU H 334 -42.36 -23.14 44.04
CA LEU H 334 -43.22 -24.03 44.82
C LEU H 334 -42.45 -24.65 45.99
N THR H 335 -41.14 -24.82 45.80
CA THR H 335 -40.29 -25.38 46.85
C THR H 335 -40.09 -24.36 47.98
N ILE H 336 -40.03 -23.09 47.62
CA ILE H 336 -39.75 -22.03 48.59
C ILE H 336 -40.98 -21.67 49.44
N LEU H 337 -42.15 -21.55 48.81
CA LEU H 337 -43.32 -21.01 49.49
C LEU H 337 -44.16 -22.05 50.23
N GLU H 338 -44.73 -21.60 51.35
CA GLU H 338 -45.58 -22.40 52.25
C GLU H 338 -44.87 -23.66 52.75
N ARG H 339 -43.56 -23.55 52.97
CA ARG H 339 -42.81 -24.66 53.55
C ARG H 339 -43.31 -24.92 54.96
N GLY H 340 -43.03 -26.11 55.48
CA GLY H 340 -43.48 -26.49 56.81
C GLY H 340 -42.60 -25.93 57.91
N ASP H 341 -41.29 -26.13 57.76
CA ASP H 341 -40.32 -25.67 58.75
C ASP H 341 -40.54 -26.34 60.10
N VAL H 345 -35.66 -21.99 60.53
CA VAL H 345 -36.29 -21.02 61.40
C VAL H 345 -37.82 -21.04 61.24
N PRO H 346 -38.55 -20.59 62.27
CA PRO H 346 -40.01 -20.60 62.19
C PRO H 346 -40.57 -19.53 61.24
N SER H 347 -41.64 -19.86 60.54
CA SER H 347 -42.30 -18.94 59.60
C SER H 347 -41.34 -18.47 58.51
N TRP H 348 -40.39 -19.33 58.16
CA TRP H 348 -39.34 -18.97 57.19
C TRP H 348 -39.93 -18.49 55.87
N SER H 349 -40.99 -19.14 55.41
CA SER H 349 -41.61 -18.79 54.13
C SER H 349 -42.55 -17.60 54.26
N GLU H 350 -42.80 -17.17 55.49
CA GLU H 350 -43.76 -16.10 55.77
C GLU H 350 -43.05 -14.78 56.10
N THR H 351 -41.73 -14.81 56.18
CA THR H 351 -40.96 -13.67 56.66
C THR H 351 -39.86 -13.25 55.69
N GLY H 352 -39.40 -12.01 55.86
CA GLY H 352 -38.29 -11.49 55.08
C GLY H 352 -38.58 -11.47 53.60
N ASP H 353 -37.67 -12.06 52.83
CA ASP H 353 -37.78 -12.07 51.38
C ASP H 353 -38.90 -12.96 50.83
N ARG H 354 -39.18 -14.07 51.50
CA ARG H 354 -40.14 -15.03 50.96
C ARG H 354 -41.54 -14.46 51.04
N TYR H 355 -41.76 -13.53 51.97
CA TYR H 355 -43.07 -12.91 52.11
C TYR H 355 -43.43 -12.12 50.85
N GLN H 356 -42.47 -11.38 50.32
CA GLN H 356 -42.68 -10.64 49.07
C GLN H 356 -42.91 -11.61 47.91
N LEU H 357 -42.18 -12.73 47.91
CA LEU H 357 -42.37 -13.75 46.88
C LEU H 357 -43.79 -14.29 46.91
N LYS H 358 -44.41 -14.33 48.09
CA LYS H 358 -45.81 -14.77 48.19
C LYS H 358 -46.76 -13.81 47.49
N LEU H 359 -46.56 -12.51 47.69
CA LEU H 359 -47.41 -11.52 47.02
C LEU H 359 -47.14 -11.54 45.53
N PHE H 360 -45.91 -11.86 45.14
CA PHE H 360 -45.57 -11.95 43.73
C PHE H 360 -46.34 -13.12 43.11
N ARG H 361 -46.36 -14.27 43.78
CA ARG H 361 -47.19 -15.39 43.34
C ARG H 361 -48.65 -14.97 43.22
N ASP H 362 -49.13 -14.21 44.20
CA ASP H 362 -50.51 -13.74 44.17
C ASP H 362 -50.72 -12.82 42.97
N TYR H 363 -49.75 -11.95 42.71
CA TYR H 363 -49.82 -11.00 41.61
C TYR H 363 -49.92 -11.69 40.26
N VAL H 364 -49.21 -12.82 40.12
CA VAL H 364 -49.13 -13.54 38.85
C VAL H 364 -50.27 -14.55 38.67
N PHE H 365 -50.54 -15.36 39.69
CA PHE H 365 -51.45 -16.50 39.54
C PHE H 365 -52.82 -16.30 40.18
N HIS H 366 -53.00 -15.25 40.97
CA HIS H 366 -54.27 -15.00 41.65
C HIS H 366 -54.96 -13.73 41.14
N ARG H 367 -54.79 -13.40 39.86
CA ARG H 367 -55.43 -12.22 39.28
C ARG H 367 -56.95 -12.31 39.34
N VAL H 368 -57.58 -11.17 39.65
CA VAL H 368 -59.03 -11.05 39.69
C VAL H 368 -59.50 -9.80 38.96
N ASP H 369 -60.64 -9.90 38.28
CA ASP H 369 -61.21 -8.78 37.56
C ASP H 369 -61.78 -7.75 38.53
N ALA H 370 -62.22 -6.61 37.98
CA ALA H 370 -62.81 -5.55 38.77
C ALA H 370 -64.10 -6.03 39.43
N ASP H 371 -64.80 -6.94 38.77
CA ASP H 371 -66.05 -7.47 39.28
C ASP H 371 -65.82 -8.44 40.45
N GLY H 372 -64.60 -8.95 40.53
CA GLY H 372 -64.24 -9.91 41.57
C GLY H 372 -64.04 -11.29 40.98
N LYS H 373 -64.36 -11.44 39.71
CA LYS H 373 -64.23 -12.73 39.03
C LYS H 373 -62.74 -13.06 38.87
N PRO H 374 -62.38 -14.35 38.98
CA PRO H 374 -60.97 -14.72 38.84
C PRO H 374 -60.52 -14.68 37.39
N ASN H 375 -59.30 -14.22 37.14
CA ASN H 375 -58.74 -14.19 35.80
C ASN H 375 -57.65 -15.24 35.64
N LEU H 376 -57.79 -16.06 34.60
CA LEU H 376 -56.94 -17.23 34.40
C LEU H 376 -56.12 -17.09 33.11
N SER H 377 -55.90 -15.85 32.68
CA SER H 377 -55.13 -15.58 31.48
C SER H 377 -53.70 -16.10 31.60
N ILE H 378 -53.32 -16.96 30.66
CA ILE H 378 -52.01 -17.59 30.67
C ILE H 378 -50.90 -16.61 30.26
N GLY H 379 -51.26 -15.65 29.41
CA GLY H 379 -50.28 -14.70 28.88
C GLY H 379 -49.59 -13.90 29.96
N HIS H 380 -50.37 -13.38 30.90
CA HIS H 380 -49.83 -12.61 32.02
C HIS H 380 -48.84 -13.45 32.83
N MSE H 381 -49.17 -14.73 32.98
CA MSE H 381 -48.38 -15.63 33.80
C MSE H 381 -47.00 -15.88 33.21
O MSE H 381 -45.99 -15.79 33.89
CB MSE H 381 -49.11 -16.95 34.00
CG MSE H 381 -50.44 -16.81 34.71
SE MSE H 381 -51.43 -18.50 34.88
CE MSE H 381 -52.93 -17.83 35.95
H MSE H 381 -49.85 -15.12 32.61
HA MSE H 381 -48.26 -15.23 34.68
HB2 MSE H 381 -49.28 -17.36 33.13
HB3 MSE H 381 -48.56 -17.55 34.53
HG2 MSE H 381 -50.29 -16.46 35.61
HG3 MSE H 381 -51.00 -16.19 34.21
HE1 MSE H 381 -53.53 -18.57 36.13
HE2 MSE H 381 -52.58 -17.48 36.79
HE3 MSE H 381 -53.39 -17.14 35.46
N LEU H 382 -46.96 -16.19 31.91
CA LEU H 382 -45.71 -16.47 31.22
C LEU H 382 -44.84 -15.23 31.15
N THR H 383 -45.46 -14.08 30.86
CA THR H 383 -44.74 -12.82 30.76
C THR H 383 -44.04 -12.45 32.07
N CYS H 384 -44.75 -12.61 33.19
CA CYS H 384 -44.19 -12.24 34.49
C CYS H 384 -43.01 -13.14 34.86
N MSE H 385 -43.13 -14.41 34.53
CA MSE H 385 -42.08 -15.38 34.87
C MSE H 385 -40.85 -15.18 33.99
O MSE H 385 -39.73 -15.45 34.42
CB MSE H 385 -42.60 -16.81 34.72
CG MSE H 385 -43.69 -17.17 35.72
SE MSE H 385 -43.12 -16.98 37.57
CE MSE H 385 -41.55 -18.15 37.53
H MSE H 385 -43.79 -14.75 34.11
HA MSE H 385 -41.83 -15.25 35.79
HB2 MSE H 385 -42.97 -16.92 33.83
HB3 MSE H 385 -41.86 -17.43 34.85
HG2 MSE H 385 -44.46 -16.59 35.58
HG3 MSE H 385 -43.95 -18.10 35.58
HE1 MSE H 385 -41.14 -18.15 38.41
HE2 MSE H 385 -41.83 -19.04 37.29
HE3 MSE H 385 -40.92 -17.81 36.88
N SER H 386 -41.07 -14.73 32.76
CA SER H 386 -39.96 -14.44 31.85
C SER H 386 -39.23 -13.18 32.31
N LYS H 387 -39.99 -12.16 32.66
CA LYS H 387 -39.40 -10.93 33.19
C LYS H 387 -38.65 -11.19 34.49
N LEU H 388 -39.16 -12.13 35.30
CA LEU H 388 -38.49 -12.50 36.55
C LEU H 388 -37.13 -13.13 36.26
N GLU H 389 -37.10 -14.06 35.31
CA GLU H 389 -35.85 -14.73 34.96
C GLU H 389 -34.84 -13.73 34.40
N ALA H 390 -35.32 -12.78 33.61
CA ALA H 390 -34.46 -11.80 32.96
C ALA H 390 -34.04 -10.68 33.92
N GLY H 391 -34.75 -10.56 35.05
CA GLY H 391 -34.46 -9.52 36.03
C GLY H 391 -34.66 -8.14 35.44
N VAL H 392 -35.79 -7.96 34.76
CA VAL H 392 -36.08 -6.70 34.08
C VAL H 392 -36.14 -5.55 35.06
N ASP H 393 -35.66 -4.40 34.63
CA ASP H 393 -35.71 -3.18 35.45
C ASP H 393 -37.07 -2.48 35.29
N GLU H 394 -38.13 -3.27 35.38
CA GLU H 394 -39.50 -2.78 35.36
C GLU H 394 -40.16 -2.96 36.74
N ASN H 395 -40.96 -1.98 37.18
CA ASN H 395 -41.59 -2.06 38.51
C ASN H 395 -43.03 -2.62 38.48
N ILE H 396 -43.38 -3.38 39.52
CA ILE H 396 -44.75 -3.85 39.72
C ILE H 396 -45.23 -3.55 41.14
N LEU H 397 -46.54 -3.46 41.30
CA LEU H 397 -47.17 -3.14 42.58
C LEU H 397 -47.73 -4.40 43.26
N LEU H 398 -47.07 -4.82 44.34
CA LEU H 398 -47.47 -5.98 45.12
C LEU H 398 -48.41 -5.57 46.25
N THR H 399 -49.53 -6.28 46.40
CA THR H 399 -50.53 -5.96 47.43
C THR H 399 -50.71 -7.07 48.47
N SER H 400 -50.67 -6.69 49.74
CA SER H 400 -50.90 -7.61 50.86
C SER H 400 -52.36 -8.07 50.92
N ARG H 401 -52.59 -9.19 51.61
CA ARG H 401 -53.94 -9.75 51.74
C ARG H 401 -54.91 -8.88 52.56
N ASP H 402 -54.42 -8.30 53.65
CA ASP H 402 -55.17 -7.27 54.38
C ASP H 402 -55.36 -5.99 53.56
N ASN H 403 -54.65 -5.89 52.44
CA ASN H 403 -54.74 -4.77 51.51
C ASN H 403 -54.24 -3.44 52.11
N GLU H 404 -53.75 -3.49 53.34
CA GLU H 404 -53.32 -2.28 54.06
C GLU H 404 -52.02 -1.72 53.48
N THR H 405 -51.14 -2.63 53.08
CA THR H 405 -49.80 -2.30 52.60
C THR H 405 -49.53 -2.77 51.18
N VAL H 406 -48.76 -1.98 50.43
CA VAL H 406 -48.35 -2.32 49.08
C VAL H 406 -46.84 -2.18 48.97
N PHE H 407 -46.24 -2.85 47.98
CA PHE H 407 -44.80 -2.84 47.80
C PHE H 407 -44.47 -2.62 46.33
N VAL H 408 -43.59 -1.66 46.07
CA VAL H 408 -43.08 -1.43 44.71
C VAL H 408 -41.72 -2.11 44.59
N LEU H 409 -41.65 -3.08 43.69
CA LEU H 409 -40.43 -3.85 43.46
C LEU H 409 -40.19 -4.05 41.97
N SER H 410 -38.93 -4.19 41.60
CA SER H 410 -38.56 -4.47 40.24
C SER H 410 -38.35 -5.97 40.08
N TYR H 411 -38.48 -6.47 38.86
CA TYR H 411 -38.23 -7.89 38.60
C TYR H 411 -36.78 -8.23 38.92
N ARG H 412 -35.90 -7.26 38.74
CA ARG H 412 -34.49 -7.45 39.08
C ARG H 412 -34.33 -7.74 40.56
N GLU H 413 -35.06 -6.97 41.38
CA GLU H 413 -35.03 -7.14 42.82
C GLU H 413 -35.69 -8.45 43.23
N LEU H 414 -36.83 -8.77 42.63
CA LEU H 414 -37.52 -10.01 42.93
C LEU H 414 -36.67 -11.22 42.56
N ARG H 415 -35.92 -11.13 41.46
CA ARG H 415 -35.05 -12.22 41.08
C ARG H 415 -33.96 -12.43 42.12
N GLN H 416 -33.49 -11.32 42.68
CA GLN H 416 -32.45 -11.35 43.70
C GLN H 416 -32.95 -12.10 44.93
N MSE H 417 -34.13 -11.71 45.43
CA MSE H 417 -34.73 -12.36 46.58
C MSE H 417 -35.01 -13.82 46.27
O MSE H 417 -34.70 -14.71 47.06
CB MSE H 417 -36.04 -11.66 46.97
CG MSE H 417 -35.94 -10.19 47.24
SE MSE H 417 -37.69 -9.33 47.21
CE MSE H 417 -38.07 -9.31 49.10
H MSE H 417 -34.59 -11.06 45.10
HA MSE H 417 -34.13 -12.29 47.34
HB2 MSE H 417 -36.68 -11.79 46.24
HB3 MSE H 417 -36.39 -12.08 47.76
HG2 MSE H 417 -35.55 -10.04 48.12
HG3 MSE H 417 -35.38 -9.77 46.56
HE1 MSE H 417 -38.94 -8.90 49.25
HE2 MSE H 417 -38.08 -10.22 49.43
HE3 MSE H 417 -37.39 -8.80 49.55
N TYR H 418 -35.59 -14.04 45.11
CA TYR H 418 -35.91 -15.37 44.62
C TYR H 418 -34.69 -16.28 44.63
N ASP H 419 -33.57 -15.78 44.12
CA ASP H 419 -32.34 -16.56 44.07
C ASP H 419 -31.74 -16.75 45.46
N ARG H 420 -31.82 -15.71 46.28
CA ARG H 420 -31.31 -15.78 47.63
C ARG H 420 -32.14 -16.75 48.45
N ALA H 421 -33.45 -16.73 48.26
CA ALA H 421 -34.33 -17.62 49.02
C ALA H 421 -34.07 -19.09 48.67
N PHE H 422 -33.71 -19.35 47.42
CA PHE H 422 -33.53 -20.73 47.00
C PHE H 422 -32.21 -21.31 47.50
N ASN H 423 -31.12 -20.55 47.34
CA ASN H 423 -29.81 -21.08 47.71
C ASN H 423 -29.63 -21.26 49.23
N GLU H 424 -30.60 -20.80 50.02
CA GLU H 424 -30.59 -21.12 51.45
C GLU H 424 -30.95 -22.59 51.66
N LEU H 425 -31.84 -23.10 50.80
CA LEU H 425 -32.21 -24.51 50.86
C LEU H 425 -31.09 -25.36 50.30
N VAL H 426 -30.38 -24.82 49.31
CA VAL H 426 -29.22 -25.50 48.74
C VAL H 426 -28.11 -25.58 49.79
N LYS H 427 -28.05 -24.56 50.65
CA LYS H 427 -27.09 -24.54 51.75
C LYS H 427 -27.41 -25.69 52.69
N ALA H 428 -28.68 -25.83 53.04
CA ALA H 428 -29.13 -26.87 53.96
C ALA H 428 -28.83 -28.25 53.38
N SER H 429 -28.71 -28.33 52.06
CA SER H 429 -28.38 -29.58 51.37
C SER H 429 -29.45 -30.62 51.59
PG ATP I . 40.74 8.78 -33.98
O1G ATP I . 41.40 9.65 -32.93
O2G ATP I . 40.63 9.42 -35.33
O3G ATP I . 41.26 7.37 -33.94
PB ATP I . 38.57 9.36 -32.25
O1B ATP I . 39.14 10.73 -32.10
O2B ATP I . 37.07 9.24 -32.36
O3B ATP I . 39.19 8.62 -33.53
PA ATP I . 39.97 8.72 -29.81
O1A ATP I . 41.02 7.64 -29.77
O2A ATP I . 40.43 10.15 -29.86
O3A ATP I . 39.01 8.36 -31.07
O5' ATP I . 39.00 8.59 -28.53
C5' ATP I . 37.90 7.67 -28.43
C4' ATP I . 37.03 8.06 -27.25
O4' ATP I . 37.75 7.88 -26.02
C3' ATP I . 36.59 9.52 -27.27
O3' ATP I . 35.16 9.63 -27.16
C2' ATP I . 37.24 10.18 -26.06
O2' ATP I . 36.42 11.16 -25.42
C1' ATP I . 37.49 8.99 -25.16
N9 ATP I . 38.62 9.23 -24.23
C8 ATP I . 39.88 9.60 -24.57
N7 ATP I . 40.64 9.71 -23.46
C5 ATP I . 39.86 9.44 -22.41
C6 ATP I . 40.01 9.38 -20.94
N6 ATP I . 41.21 9.66 -20.40
N1 ATP I . 38.96 9.04 -20.18
C2 ATP I . 37.77 8.75 -20.72
N3 ATP I . 37.56 8.78 -22.04
C4 ATP I . 38.54 9.12 -22.91
H5'1 ATP I . 37.31 7.70 -29.35
H5'2 ATP I . 38.29 6.66 -28.29
H4' ATP I . 36.13 7.42 -27.24
H3' ATP I . 36.94 10.01 -28.19
H2' ATP I . 38.20 10.61 -26.36
HO2' ATP I . 36.23 11.88 -26.04
H1' ATP I . 36.58 8.80 -24.57
H8 ATP I . 40.22 9.76 -25.59
HN61 ATP I . 41.33 9.62 -19.39
HN62 ATP I . 41.99 9.92 -20.98
H2 ATP I . 36.96 8.49 -20.05
MG MG J . 39.44 6.32 -31.98
PG ATP K . 37.86 46.02 14.07
O1G ATP K . 38.24 47.06 13.03
O2G ATP K . 38.52 46.20 15.40
O3G ATP K . 36.37 45.78 14.14
PB ATP K . 38.01 43.20 14.11
O1B ATP K . 39.25 42.42 14.52
O2B ATP K . 36.87 43.35 15.09
O3B ATP K . 38.48 44.63 13.53
PA ATP K . 36.03 42.61 12.16
O1A ATP K . 35.10 43.26 13.14
O2A ATP K . 36.18 43.18 10.77
O3A ATP K . 37.52 42.45 12.76
O5' ATP K . 35.61 41.07 12.08
C5' ATP K . 35.14 40.39 13.24
C4' ATP K . 34.97 38.92 12.92
O4' ATP K . 33.87 38.79 12.01
C3' ATP K . 36.20 38.34 12.24
O3' ATP K . 36.62 37.11 12.87
C2' ATP K . 35.77 38.07 10.82
O2' ATP K . 36.37 36.88 10.29
C1' ATP K . 34.26 37.92 10.94
N9 ATP K . 33.58 38.26 9.68
C8 ATP K . 33.67 39.40 8.97
N7 ATP K . 32.91 39.32 7.86
C5 ATP K . 32.32 38.11 7.86
C6 ATP K . 31.40 37.37 6.97
N6 ATP K . 30.94 37.95 5.85
N1 ATP K . 31.03 36.13 7.31
C2 ATP K . 31.48 35.54 8.42
N3 ATP K . 32.32 36.16 9.27
C4 ATP K . 32.77 37.41 9.04
H5'1 ATP K . 35.85 40.52 14.06
H5'2 ATP K . 34.18 40.82 13.54
H4' ATP K . 34.77 38.37 13.85
H3' ATP K . 37.02 39.07 12.25
H2' ATP K . 36.00 38.93 10.19
HO2' ATP K . 37.33 36.99 10.28
H1' ATP K . 34.03 36.88 11.23
H8 ATP K . 34.26 40.26 9.26
HN61 ATP K . 30.31 37.45 5.24
HN62 ATP K . 31.23 38.89 5.61
H2 ATP K . 31.15 34.54 8.65
MG MG L . 35.04 44.36 15.08
PG ATP M . -30.79 -26.17 -62.88
O1G ATP M . -30.14 -26.98 -61.79
O2G ATP M . -31.73 -26.96 -63.75
O3G ATP M . -31.31 -24.82 -62.44
PB ATP M . -28.19 -25.29 -63.24
O1B ATP M . -28.51 -24.67 -61.91
O2B ATP M . -27.14 -26.37 -63.32
O3B ATP M . -29.56 -25.83 -63.87
PA ATP M . -28.20 -22.60 -64.16
O1A ATP M . -29.47 -22.43 -64.96
O2A ATP M . -28.15 -22.13 -62.74
O3A ATP M . -27.77 -24.14 -64.28
O5' ATP M . -26.97 -21.93 -64.96
C5' ATP M . -26.58 -22.41 -66.24
C4' ATP M . -25.20 -21.89 -66.59
O4' ATP M . -25.29 -20.48 -66.85
C3' ATP M . -24.19 -22.09 -65.46
O3' ATP M . -23.03 -22.74 -65.97
C2' ATP M . -23.86 -20.69 -64.96
O2' ATP M . -22.49 -20.54 -64.60
C1' ATP M . -24.23 -19.82 -66.14
N9 ATP M . -24.70 -18.47 -65.76
C8 ATP M . -25.69 -18.17 -64.90
N7 ATP M . -25.83 -16.82 -64.82
C5 ATP M . -24.91 -16.27 -65.64
C6 ATP M . -24.53 -14.90 -66.02
N6 ATP M . -25.18 -13.86 -65.50
N1 ATP M . -23.53 -14.76 -66.91
C2 ATP M . -22.89 -15.81 -67.45
N3 ATP M . -23.19 -17.07 -67.14
C4 ATP M . -24.17 -17.36 -66.26
H5'1 ATP M . -26.58 -23.50 -66.24
H5'2 ATP M . -27.30 -22.07 -66.99
H4' ATP M . -24.83 -22.41 -67.48
H3' ATP M . -24.65 -22.68 -64.65
H2' ATP M . -24.51 -20.44 -64.11
HO2' ATP M . -22.27 -21.15 -63.88
H1' ATP M . -23.36 -19.73 -66.80
H8 ATP M . -26.27 -18.89 -64.36
HN61 ATP M . -25.92 -14.00 -64.83
HN62 ATP M . -24.93 -12.91 -65.75
H2 ATP M . -22.09 -15.62 -68.16
MG MG N . -30.47 -24.95 -65.92
PG ATP O . 10.56 15.33 -45.29
O1G ATP O . 10.38 14.46 -44.07
O2G ATP O . 10.46 16.81 -45.05
O3G ATP O . 11.73 14.90 -46.14
PB ATP O . 9.17 15.34 -47.77
O1B ATP O . 8.06 16.35 -48.01
O2B ATP O . 10.53 15.58 -48.38
O3B ATP O . 9.23 15.09 -46.18
PA ATP O . 9.55 12.65 -48.43
O1A ATP O . 10.99 13.06 -48.35
O2A ATP O . 9.07 11.57 -47.48
O3A ATP O . 8.58 13.92 -48.27
O5' ATP O . 9.20 12.21 -49.95
C5' ATP O . 9.58 13.04 -51.04
C4' ATP O . 8.84 12.60 -52.30
O4' ATP O . 9.20 11.25 -52.62
C3' ATP O . 7.33 12.64 -52.11
O3' ATP O . 6.66 13.37 -53.15
C2' ATP O . 6.91 11.18 -52.11
O2' ATP O . 5.62 10.98 -52.71
C1' ATP O . 8.02 10.49 -52.89
N9 ATP O . 8.15 9.07 -52.50
C8 ATP O . 8.32 8.57 -51.26
N7 ATP O . 8.38 7.21 -51.31
C5 ATP O . 8.24 6.84 -52.59
C6 ATP O . 8.19 5.57 -53.34
N6 ATP O . 8.34 4.40 -52.69
N1 ATP O . 8.03 5.61 -54.68
C2 ATP O . 7.89 6.78 -55.33
N3 ATP O . 7.91 7.97 -54.71
C4 ATP O . 8.07 8.07 -53.37
H5'1 ATP O . 10.66 12.97 -51.21
H5'2 ATP O . 9.34 14.09 -50.82
H4' ATP O . 9.11 13.26 -53.14
H3' ATP O . 7.10 13.08 -51.12
H2' ATP O . 6.90 10.81 -51.09
HO2' ATP O . 4.95 11.47 -52.20
H1' ATP O . 7.79 10.56 -53.95
H8 ATP O . 8.41 9.16 -50.36
HN61 ATP O . 8.31 3.53 -53.20
HN62 ATP O . 8.46 4.39 -51.68
H2 ATP O . 7.76 6.76 -56.41
MG MG P . 12.54 14.67 -48.12
PG ATP Q . 14.28 13.61 87.30
O1G ATP Q . 13.57 12.56 86.49
O2G ATP Q . 13.63 13.88 88.64
O3G ATP Q . 15.78 13.46 87.33
PB ATP Q . 14.08 15.04 84.88
O1B ATP Q . 12.91 14.29 84.30
O2B ATP Q . 14.30 16.49 84.50
O3B ATP Q . 14.03 14.98 86.49
PA ATP Q . 15.64 13.33 83.25
O1A ATP Q . 17.08 12.92 83.21
O2A ATP Q . 14.55 12.28 83.25
O3A ATP Q . 15.46 14.25 84.56
O5' ATP Q . 15.31 14.35 82.04
C5' ATP Q . 16.28 15.21 81.47
C4' ATP Q . 15.90 15.71 80.07
O4' ATP Q . 16.74 15.05 79.12
C3' ATP Q . 14.47 15.45 79.64
O3' ATP Q . 13.90 16.65 79.12
C2' ATP Q . 14.56 14.39 78.55
O2' ATP Q . 13.57 14.59 77.54
C1' ATP Q . 15.97 14.54 78.03
N9 ATP Q . 16.54 13.25 77.57
C8 ATP Q . 16.63 12.12 78.31
N7 ATP Q . 17.21 11.13 77.59
C5 ATP Q . 17.50 11.63 76.37
C6 ATP Q . 18.11 11.11 75.14
N6 ATP Q . 18.54 9.82 75.08
N1 ATP Q . 18.23 11.95 74.08
C2 ATP Q . 17.81 13.23 74.14
N3 ATP Q . 17.24 13.75 75.24
C4 ATP Q . 17.06 13.03 76.37
H5'1 ATP Q . 17.25 14.68 81.41
H5'2 ATP Q . 16.43 16.07 82.12
H4' ATP Q . 16.09 16.79 80.03
H3' ATP Q . 13.88 15.07 80.49
H2' ATP Q . 14.45 13.40 79.01
HO2' ATP Q . 12.69 14.51 77.91
H1' ATP Q . 15.97 15.26 77.20
H8 ATP Q . 16.29 12.02 79.33
HN61 ATP Q . 18.96 9.47 74.23
HN62 ATP Q . 18.44 9.21 75.88
H2 ATP Q . 17.93 13.85 73.27
MG MG R . 17.35 15.29 85.53
PG ATP S . -2.86 -10.34 34.38
O1G ATP S . -3.95 -10.73 35.37
O2G ATP S . -2.37 -11.48 33.52
O3G ATP S . -3.15 -9.07 33.65
PB ATP S . -0.32 -9.13 34.88
O1B ATP S . 0.92 -9.95 35.05
O2B ATP S . -0.59 -8.45 33.55
O3B ATP S . -1.58 -10.05 35.31
PA ATP S . -1.32 -6.81 36.14
O1A ATP S . -1.95 -6.58 34.79
O2A ATP S . -2.20 -6.92 37.35
O3A ATP S . -0.31 -8.07 36.09
O5' ATP S . -0.24 -5.64 36.38
C5' ATP S . 0.62 -5.23 35.32
C4' ATP S . 1.76 -4.41 35.88
O4' ATP S . 1.23 -3.20 36.41
C3' ATP S . 2.48 -5.13 37.02
O3' ATP S . 3.91 -5.10 36.87
C2' ATP S . 2.13 -4.35 38.27
O2' ATP S . 3.23 -4.31 39.18
C1' ATP S . 1.78 -2.98 37.71
N9 ATP S . 0.84 -2.29 38.60
C8 ATP S . -0.35 -2.72 39.06
N7 ATP S . -0.90 -1.78 39.86
C5 ATP S . -0.05 -0.75 39.93
C6 ATP S . 0.00 0.57 40.59
N6 ATP S . -1.01 0.98 41.38
N1 ATP S . 1.08 1.35 40.38
C2 ATP S . 2.10 0.97 39.60
N3 ATP S . 2.12 -0.21 38.96
C4 ATP S . 1.10 -1.08 39.10
H5'1 ATP S . 0.05 -4.63 34.59
H5'2 ATP S . 1.00 -6.11 34.79
H4' ATP S . 2.49 -4.21 35.09
H3' ATP S . 2.12 -6.17 37.12
H2' ATP S . 1.24 -4.79 38.74
HO2' ATP S . 3.44 -5.20 39.47
H1' ATP S . 2.71 -2.39 37.63
H8 ATP S . -0.80 -3.67 38.82
HN61 ATP S . -1.80 0.38 41.53
HN62 ATP S . -0.96 1.88 41.82
H2 ATP S . 2.94 1.64 39.47
MG MG T . -2.46 -7.05 32.77
PG ATP U . -24.04 3.57 10.14
O1G ATP U . -23.98 2.32 9.30
O2G ATP U . -22.88 4.50 9.92
O3G ATP U . -25.40 4.23 10.16
PB ATP U . -24.50 1.69 12.15
O1B ATP U . -23.96 0.54 11.35
O2B ATP U . -24.39 1.71 13.66
O3B ATP U . -23.83 3.07 11.64
PA ATP U . -27.06 0.71 11.46
O1A ATP U . -28.46 1.26 11.63
O2A ATP U . -26.64 0.11 10.14
O3A ATP U . -26.06 1.92 11.80
O5' ATP U . -26.73 -0.38 12.61
C5' ATP U . -27.35 -0.33 13.90
C4' ATP U . -27.45 -1.70 14.59
O4' ATP U . -28.83 -2.07 14.62
C3' ATP U . -26.70 -2.85 13.94
O3' ATP U . -25.90 -3.53 14.91
C2' ATP U . -27.77 -3.78 13.39
O2' ATP U . -27.42 -5.15 13.52
C1' ATP U . -29.00 -3.43 14.23
N9 ATP U . -30.25 -3.64 13.46
C8 ATP U . -30.55 -3.10 12.27
N7 ATP U . -31.78 -3.50 11.87
C5 ATP U . -32.27 -4.31 12.82
C6 ATP U . -33.52 -5.07 13.03
N6 ATP U . -34.51 -5.04 12.10
N1 ATP U . -33.64 -5.79 14.17
C2 ATP U . -32.67 -5.83 15.10
N3 ATP U . -31.51 -5.16 14.96
C4 ATP U . -31.26 -4.40 13.88
H5'1 ATP U . -28.36 0.09 13.80
H5'2 ATP U . -26.78 0.35 14.54
H4' ATP U . -27.09 -1.59 15.62
H3' ATP U . -26.08 -2.47 13.11
H2' ATP U . -27.97 -3.53 12.34
HO2' ATP U . -26.62 -5.34 13.01
H1' ATP U . -29.00 -4.07 15.12
H8 ATP U . -29.90 -2.44 11.71
HN61 ATP U . -35.37 -5.56 12.25
HN62 ATP U . -34.40 -4.49 11.26
H2 ATP U . -32.82 -6.42 16.00
MG MG V . -26.39 3.76 13.16
PG ATP W . -46.15 -51.45 -2.78
O1G ATP W . -45.13 -51.15 -3.85
O2G ATP W . -47.38 -52.16 -3.30
O3G ATP W . -45.57 -52.04 -1.53
PB ATP W . -47.29 -49.65 -0.90
O1B ATP W . -48.55 -48.83 -1.06
O2B ATP W . -47.34 -50.88 -0.01
O3B ATP W . -46.75 -50.01 -2.38
PA ATP W . -44.79 -49.07 0.34
O1A ATP W . -44.87 -50.53 0.71
O2A ATP W . -43.62 -48.56 -0.46
O3A ATP W . -46.15 -48.61 -0.39
O5' ATP W . -44.91 -48.22 1.71
C5' ATP W . -45.75 -48.70 2.76
C4' ATP W . -45.94 -47.61 3.81
O4' ATP W . -44.70 -47.41 4.49
C3' ATP W . -46.36 -46.28 3.20
O3' ATP W . -47.45 -45.69 3.91
C2' ATP W . -45.13 -45.41 3.34
O2' ATP W . -45.48 -44.05 3.57
C1' ATP W . -44.41 -46.02 4.51
N9 ATP W . -42.96 -45.74 4.46
C8 ATP W . -42.10 -45.99 3.44
N7 ATP W . -40.85 -45.57 3.78
C5 ATP W . -40.92 -45.05 5.02
C6 ATP W . -39.99 -44.43 5.99
N6 ATP W . -38.68 -44.28 5.69
N1 ATP W . -40.48 -44.02 7.18
C2 ATP W . -41.77 -44.15 7.50
N3 ATP W . -42.66 -44.71 6.67
C4 ATP W . -42.32 -45.16 5.45
H5'1 ATP W . -46.72 -48.98 2.34
H5'2 ATP W . -45.31 -49.58 3.21
H4' ATP W . -46.71 -47.94 4.52
H3' ATP W . -46.61 -46.41 2.15
H2' ATP W . -44.51 -45.50 2.43
HO2' ATP W . -46.00 -43.71 2.82
H1' ATP W . -44.82 -45.58 5.44
H8 ATP W . -42.36 -46.46 2.50
HN61 ATP W . -38.06 -43.85 6.36
HN62 ATP W . -38.33 -44.59 4.80
H2 ATP W . -42.10 -43.81 8.46
MG MG X . -45.67 -52.55 0.61
#